data_8QWB
#
_entry.id   8QWB
#
_cell.length_a   155.690
_cell.length_b   96.610
_cell.length_c   203.100
_cell.angle_alpha   90.00
_cell.angle_beta   110.41
_cell.angle_gamma   90.00
#
_symmetry.space_group_name_H-M   'P 1 21 1'
#
_entity_poly.entity_id   1
_entity_poly.type   'polypeptide(L)'
_entity_poly.pdbx_seq_one_letter_code
;MSDFLPGLEGVPATKSAISFIDGEKGILSYRGYPLETLAENSTFEETTLLLLDGELPTKKALNDFSQQLKDNYRIKYHIR
QMMRHFPHTGHPMDMLQTAVSSLGMFYPGTECLTDANSCEDLDYVRNMTVNIIAQMAPLVAMWEHIRNGWDPVNPKHDLS
VAENLLYMFNGEEPDPLMAKIMDVCLILHAEHTLNASTFAALVAGSTLATPYSVISAAIGTLSGPLHGGANQRVVGMLQE
IGSPKNVESWVDEKLKNKEVIWGMGHREYKVKDPRATILHKLVEQLVAERGGHLDDMFDTALKLEEVCADRLGHKGVYPN
VDFYSGILYSEMGIPEDEFTALFAVARSAGWLAHWREQISDNRIYRPTQIYVGSDMRDYTPIEERLVPRLEHHHHHH
;
_entity_poly.pdbx_strand_id   A,B,C,D,E,F,G,H,I,J,K,L
#
# COMPACT_ATOMS: atom_id res chain seq x y z
N LYS A 25 17.33 -16.76 -0.94
CA LYS A 25 17.29 -17.96 -0.07
C LYS A 25 17.97 -17.64 1.27
N GLY A 26 17.57 -16.53 1.91
CA GLY A 26 18.12 -16.18 3.23
C GLY A 26 17.55 -17.09 4.30
N ILE A 27 17.78 -18.40 4.18
CA ILE A 27 17.19 -19.39 5.13
C ILE A 27 17.83 -19.22 6.51
N LEU A 28 17.08 -19.47 7.58
CA LEU A 28 17.62 -19.40 8.96
C LEU A 28 18.11 -17.99 9.27
N SER A 29 17.41 -16.97 8.75
CA SER A 29 17.79 -15.56 9.05
C SER A 29 17.19 -15.16 10.41
N TYR A 30 17.63 -15.80 11.49
CA TYR A 30 17.11 -15.50 12.85
C TYR A 30 18.23 -14.92 13.72
N ARG A 31 18.39 -13.60 13.70
CA ARG A 31 19.43 -12.94 14.54
C ARG A 31 20.76 -13.68 14.35
N GLY A 32 21.07 -14.07 13.11
CA GLY A 32 22.34 -14.78 12.83
C GLY A 32 22.39 -16.14 13.49
N TYR A 33 21.28 -16.89 13.46
CA TYR A 33 21.26 -18.27 14.02
C TYR A 33 20.43 -19.17 13.10
N PRO A 34 20.89 -20.43 12.84
CA PRO A 34 20.13 -21.36 12.00
C PRO A 34 18.83 -21.81 12.68
N LEU A 35 17.72 -21.76 11.97
CA LEU A 35 16.40 -22.13 12.56
C LEU A 35 16.48 -23.56 13.07
N GLU A 36 17.11 -24.47 12.32
CA GLU A 36 17.16 -25.89 12.73
C GLU A 36 17.84 -25.96 14.11
N THR A 37 18.98 -25.29 14.27
CA THR A 37 19.69 -25.27 15.57
C THR A 37 18.75 -24.70 16.63
N LEU A 38 18.11 -23.57 16.33
CA LEU A 38 17.16 -22.93 17.28
C LEU A 38 16.01 -23.89 17.56
N ALA A 39 15.61 -24.66 16.54
CA ALA A 39 14.49 -25.62 16.72
C ALA A 39 14.77 -26.46 17.97
N GLU A 40 16.04 -26.70 18.27
CA GLU A 40 16.39 -27.41 19.54
C GLU A 40 17.17 -26.45 20.44
N ASN A 41 17.25 -26.75 21.74
CA ASN A 41 18.08 -25.92 22.66
C ASN A 41 17.58 -24.46 22.64
N SER A 42 16.33 -24.24 22.20
CA SER A 42 15.77 -22.86 22.22
C SER A 42 14.26 -22.93 22.49
N THR A 43 13.71 -21.86 23.07
CA THR A 43 12.26 -21.82 23.38
C THR A 43 11.64 -20.59 22.70
N PHE A 44 10.32 -20.55 22.57
CA PHE A 44 9.66 -19.35 22.00
C PHE A 44 10.08 -18.14 22.81
N GLU A 45 10.11 -18.27 24.14
CA GLU A 45 10.51 -17.15 25.03
C GLU A 45 11.96 -16.77 24.72
N GLU A 46 12.86 -17.75 24.68
CA GLU A 46 14.29 -17.48 24.38
C GLU A 46 14.39 -16.90 22.98
N THR A 47 13.75 -17.55 22.00
CA THR A 47 13.80 -17.07 20.59
C THR A 47 13.21 -15.65 20.53
N THR A 48 12.09 -15.44 21.24
CA THR A 48 11.44 -14.10 21.23
C THR A 48 12.45 -13.06 21.75
N LEU A 49 13.12 -13.37 22.86
CA LEU A 49 14.14 -12.45 23.41
C LEU A 49 15.21 -12.22 22.34
N LEU A 50 15.72 -13.30 21.77
CA LEU A 50 16.81 -13.18 20.75
C LEU A 50 16.38 -12.17 19.68
N LEU A 51 15.14 -12.27 19.21
CA LEU A 51 14.65 -11.36 18.15
C LEU A 51 14.50 -9.95 18.73
N LEU A 52 13.91 -9.83 19.92
CA LEU A 52 13.65 -8.49 20.51
C LEU A 52 14.98 -7.82 20.89
N ASP A 53 15.83 -8.51 21.65
CA ASP A 53 17.10 -7.88 22.12
C ASP A 53 18.15 -7.95 21.01
N GLY A 54 18.27 -9.10 20.34
CA GLY A 54 19.26 -9.25 19.26
C GLY A 54 20.31 -10.30 19.58
N GLU A 55 20.39 -10.74 20.84
CA GLU A 55 21.42 -11.73 21.26
C GLU A 55 20.81 -12.76 22.21
N LEU A 56 21.38 -13.96 22.24
CA LEU A 56 20.84 -15.04 23.12
C LEU A 56 20.74 -14.49 24.54
N PRO A 57 19.59 -14.61 25.23
CA PRO A 57 19.42 -14.03 26.56
C PRO A 57 20.19 -14.76 27.66
N THR A 58 20.72 -14.02 28.64
CA THR A 58 21.41 -14.67 29.79
C THR A 58 20.35 -15.34 30.67
N LYS A 59 20.74 -16.33 31.48
CA LYS A 59 19.75 -17.06 32.30
C LYS A 59 18.91 -16.04 33.08
N LYS A 60 19.56 -15.10 33.76
CA LYS A 60 18.81 -14.10 34.58
C LYS A 60 17.85 -13.34 33.65
N ALA A 61 18.34 -12.86 32.51
CA ALA A 61 17.50 -12.07 31.59
C ALA A 61 16.31 -12.91 31.15
N LEU A 62 16.57 -14.15 30.70
CA LEU A 62 15.48 -15.04 30.22
C LEU A 62 14.51 -15.29 31.38
N ASN A 63 15.03 -15.57 32.57
CA ASN A 63 14.16 -15.84 33.74
C ASN A 63 13.26 -14.64 33.96
N ASP A 64 13.83 -13.44 34.01
CA ASP A 64 13.04 -12.22 34.24
C ASP A 64 12.00 -12.07 33.13
N PHE A 65 12.42 -12.27 31.88
CA PHE A 65 11.50 -12.10 30.72
C PHE A 65 10.32 -13.05 30.89
N SER A 66 10.59 -14.34 31.13
CA SER A 66 9.50 -15.34 31.24
C SER A 66 8.57 -14.93 32.39
N GLN A 67 9.15 -14.55 33.54
CA GLN A 67 8.32 -14.20 34.72
C GLN A 67 7.43 -13.00 34.39
N GLN A 68 8.01 -11.96 33.79
CA GLN A 68 7.22 -10.76 33.40
C GLN A 68 6.13 -11.20 32.41
N LEU A 69 6.50 -12.00 31.42
CA LEU A 69 5.50 -12.51 30.44
C LEU A 69 4.43 -13.26 31.21
N LYS A 70 4.84 -14.10 32.17
CA LYS A 70 3.86 -14.93 32.94
C LYS A 70 2.92 -14.01 33.72
N ASP A 71 3.43 -12.93 34.30
CA ASP A 71 2.58 -12.04 35.14
C ASP A 71 1.81 -11.08 34.23
N ASN A 72 1.99 -11.20 32.91
CA ASN A 72 1.24 -10.34 31.97
C ASN A 72 0.14 -11.17 31.29
N TYR A 73 0.13 -12.48 31.52
CA TYR A 73 -0.90 -13.37 30.91
C TYR A 73 -2.30 -12.92 31.34
N ARG A 74 -2.38 -12.22 32.48
CA ARG A 74 -3.70 -11.79 33.02
C ARG A 74 -4.49 -11.02 31.95
N ILE A 75 -5.81 -11.16 31.93
CA ILE A 75 -6.67 -10.45 30.93
C ILE A 75 -7.70 -9.61 31.69
N LYS A 76 -7.86 -8.34 31.30
CA LYS A 76 -8.87 -7.46 31.94
C LYS A 76 -10.26 -8.07 31.77
N TYR A 77 -11.10 -7.97 32.81
CA TYR A 77 -12.47 -8.52 32.73
C TYR A 77 -13.25 -7.81 31.62
N HIS A 78 -12.88 -6.55 31.35
CA HIS A 78 -13.56 -5.77 30.29
C HIS A 78 -13.46 -6.53 28.96
N ILE A 79 -12.28 -7.08 28.66
CA ILE A 79 -12.06 -7.78 27.37
C ILE A 79 -13.02 -8.98 27.28
N ARG A 80 -13.07 -9.79 28.34
CA ARG A 80 -13.93 -11.01 28.30
C ARG A 80 -15.38 -10.56 28.13
N GLN A 81 -15.75 -9.44 28.77
CA GLN A 81 -17.15 -8.94 28.69
C GLN A 81 -17.49 -8.64 27.24
N MET A 82 -16.65 -7.87 26.54
CA MET A 82 -16.94 -7.49 25.14
C MET A 82 -17.00 -8.76 24.29
N MET A 83 -16.11 -9.73 24.58
CA MET A 83 -16.07 -10.98 23.78
C MET A 83 -17.44 -11.66 23.86
N ARG A 84 -18.00 -11.76 25.06
CA ARG A 84 -19.34 -12.39 25.23
C ARG A 84 -20.38 -11.57 24.45
N HIS A 85 -20.25 -10.24 24.48
CA HIS A 85 -21.22 -9.36 23.78
C HIS A 85 -21.25 -9.70 22.28
N PHE A 86 -20.09 -10.05 21.70
CA PHE A 86 -20.03 -10.31 20.24
C PHE A 86 -20.51 -11.72 19.91
N PRO A 87 -20.92 -12.02 18.66
CA PRO A 87 -21.47 -13.33 18.30
C PRO A 87 -20.42 -14.45 18.16
N HIS A 88 -20.86 -15.71 18.33
CA HIS A 88 -19.94 -16.87 18.23
C HIS A 88 -19.41 -17.01 16.80
N THR A 89 -20.25 -16.71 15.80
CA THR A 89 -19.85 -16.87 14.38
C THR A 89 -18.59 -16.06 14.11
N GLY A 90 -18.32 -15.02 14.90
CA GLY A 90 -17.14 -14.16 14.67
C GLY A 90 -15.88 -14.97 14.52
N HIS A 91 -15.05 -14.64 13.52
CA HIS A 91 -13.78 -15.38 13.28
C HIS A 91 -12.76 -15.01 14.35
N PRO A 92 -11.93 -15.96 14.84
CA PRO A 92 -10.97 -15.67 15.91
C PRO A 92 -10.05 -14.50 15.55
N MET A 93 -9.57 -14.45 14.30
CA MET A 93 -8.60 -13.39 13.91
C MET A 93 -9.24 -12.01 14.09
N ASP A 94 -10.50 -11.86 13.67
CA ASP A 94 -11.21 -10.56 13.81
C ASP A 94 -11.27 -10.21 15.30
N MET A 95 -11.61 -11.18 16.15
CA MET A 95 -11.69 -10.95 17.61
C MET A 95 -10.30 -10.55 18.12
N LEU A 96 -9.26 -11.27 17.69
CA LEU A 96 -7.88 -10.98 18.15
C LEU A 96 -7.53 -9.54 17.78
N GLN A 97 -7.77 -9.15 16.54
CA GLN A 97 -7.44 -7.77 16.08
C GLN A 97 -8.21 -6.78 16.95
N THR A 98 -9.52 -7.02 17.13
CA THR A 98 -10.35 -6.09 17.92
C THR A 98 -9.82 -6.03 19.36
N ALA A 99 -9.51 -7.18 19.95
CA ALA A 99 -9.04 -7.21 21.36
C ALA A 99 -7.73 -6.45 21.51
N VAL A 100 -6.79 -6.66 20.58
CA VAL A 100 -5.45 -5.99 20.69
C VAL A 100 -5.66 -4.49 20.62
N SER A 101 -6.49 -4.03 19.66
CA SER A 101 -6.78 -2.58 19.54
C SER A 101 -7.36 -2.08 20.86
N SER A 102 -8.25 -2.88 21.46
CA SER A 102 -8.89 -2.49 22.74
C SER A 102 -7.84 -2.43 23.86
N LEU A 103 -6.88 -3.37 23.85
CA LEU A 103 -5.87 -3.45 24.93
C LEU A 103 -5.13 -2.11 25.01
N GLY A 104 -4.90 -1.46 23.87
CA GLY A 104 -4.17 -0.19 23.85
C GLY A 104 -4.82 0.83 24.77
N MET A 105 -6.15 0.84 24.84
CA MET A 105 -6.87 1.82 25.68
C MET A 105 -6.49 1.62 27.14
N PHE A 106 -6.40 0.37 27.59
CA PHE A 106 -6.07 0.07 29.02
C PHE A 106 -4.65 0.53 29.33
N TYR A 107 -3.71 0.32 28.39
CA TYR A 107 -2.30 0.74 28.59
C TYR A 107 -1.94 1.75 27.50
N PRO A 108 -2.47 2.98 27.53
CA PRO A 108 -2.22 3.95 26.46
C PRO A 108 -0.90 4.70 26.60
N GLY A 109 -0.59 5.59 25.64
CA GLY A 109 0.66 6.37 25.70
C GLY A 109 1.20 6.65 24.32
N THR A 110 1.78 7.84 24.11
CA THR A 110 2.40 8.18 22.80
C THR A 110 3.91 8.31 23.00
N GLU A 111 4.71 7.65 22.14
CA GLU A 111 6.19 7.68 22.28
C GLU A 111 6.75 8.91 21.58
N CYS A 112 5.91 9.94 21.40
CA CYS A 112 6.38 11.20 20.77
C CYS A 112 7.53 11.77 21.61
N LEU A 113 7.50 11.52 22.92
CA LEU A 113 8.56 12.02 23.84
C LEU A 113 8.67 13.55 23.69
N CYS A 119 6.21 13.61 30.46
CA CYS A 119 5.73 13.02 29.19
C CYS A 119 5.65 11.49 29.34
N GLU A 120 6.67 10.78 28.87
CA GLU A 120 6.70 9.30 28.97
C GLU A 120 6.46 8.89 30.43
N ASP A 121 5.49 8.01 30.67
CA ASP A 121 5.16 7.57 32.05
C ASP A 121 6.07 6.41 32.44
N LEU A 122 6.10 5.35 31.62
CA LEU A 122 6.97 4.18 31.89
C LEU A 122 7.75 3.82 30.62
N ASP A 123 8.38 2.65 30.60
CA ASP A 123 9.11 2.20 29.37
C ASP A 123 8.08 1.62 28.39
N TYR A 124 7.47 2.48 27.57
CA TYR A 124 6.40 2.00 26.65
C TYR A 124 6.94 0.82 25.84
N VAL A 125 8.11 0.99 25.22
CA VAL A 125 8.74 -0.14 24.48
C VAL A 125 9.09 -1.24 25.48
N ARG A 126 9.06 -2.51 25.05
CA ARG A 126 9.37 -3.66 25.94
C ARG A 126 8.21 -3.89 26.92
N ASN A 127 7.94 -2.93 27.81
CA ASN A 127 6.88 -3.16 28.83
C ASN A 127 5.57 -3.50 28.11
N MET A 128 5.15 -2.64 27.17
CA MET A 128 3.92 -2.92 26.39
C MET A 128 4.11 -4.21 25.59
N THR A 129 5.29 -4.38 24.97
CA THR A 129 5.52 -5.56 24.11
C THR A 129 5.33 -6.84 24.92
N VAL A 130 5.96 -6.94 26.09
CA VAL A 130 5.88 -8.19 26.89
C VAL A 130 4.42 -8.42 27.31
N ASN A 131 3.74 -7.34 27.71
CA ASN A 131 2.31 -7.46 28.11
C ASN A 131 1.52 -8.01 26.92
N ILE A 132 1.75 -7.46 25.72
CA ILE A 132 1.02 -7.92 24.51
C ILE A 132 1.34 -9.39 24.26
N ILE A 133 2.62 -9.71 24.04
CA ILE A 133 2.99 -11.12 23.70
C ILE A 133 2.37 -12.04 24.75
N ALA A 134 2.38 -11.63 26.01
CA ALA A 134 1.87 -12.50 27.10
C ALA A 134 0.37 -12.72 26.96
N GLN A 135 -0.40 -11.66 26.68
CA GLN A 135 -1.88 -11.79 26.65
C GLN A 135 -2.34 -12.41 25.32
N MET A 136 -1.48 -12.42 24.31
CA MET A 136 -1.92 -12.92 22.97
C MET A 136 -2.54 -14.30 23.12
N ALA A 137 -1.80 -15.27 23.65
CA ALA A 137 -2.32 -16.66 23.75
C ALA A 137 -3.59 -16.69 24.61
N PRO A 138 -3.60 -16.14 25.84
CA PRO A 138 -4.77 -16.19 26.70
C PRO A 138 -5.99 -15.63 25.97
N LEU A 139 -5.81 -14.52 25.25
CA LEU A 139 -6.94 -13.87 24.53
C LEU A 139 -7.52 -14.88 23.53
N VAL A 140 -6.66 -15.55 22.77
CA VAL A 140 -7.15 -16.52 21.74
C VAL A 140 -7.99 -17.60 22.43
N ALA A 141 -7.45 -18.19 23.50
CA ALA A 141 -8.18 -19.27 24.21
C ALA A 141 -9.49 -18.71 24.77
N MET A 142 -9.45 -17.49 25.31
CA MET A 142 -10.66 -16.90 25.92
C MET A 142 -11.79 -16.91 24.88
N TRP A 143 -11.51 -16.41 23.67
CA TRP A 143 -12.57 -16.35 22.63
C TRP A 143 -13.07 -17.76 22.33
N GLU A 144 -12.16 -18.72 22.23
CA GLU A 144 -12.57 -20.11 21.88
C GLU A 144 -13.67 -20.57 22.84
N HIS A 145 -13.40 -20.50 24.14
CA HIS A 145 -14.38 -21.00 25.14
C HIS A 145 -15.64 -20.13 25.10
N ILE A 146 -15.45 -18.80 25.10
CA ILE A 146 -16.62 -17.87 25.13
C ILE A 146 -17.50 -18.12 23.90
N ARG A 147 -16.88 -18.27 22.72
CA ARG A 147 -17.67 -18.45 21.47
C ARG A 147 -18.37 -19.80 21.54
N ASN A 148 -17.84 -20.75 22.30
CA ASN A 148 -18.46 -22.09 22.44
C ASN A 148 -19.51 -22.04 23.56
N GLY A 149 -19.74 -20.85 24.13
CA GLY A 149 -20.77 -20.69 25.17
C GLY A 149 -20.29 -21.11 26.54
N TRP A 150 -18.97 -21.15 26.75
CA TRP A 150 -18.42 -21.61 28.05
C TRP A 150 -17.40 -20.60 28.59
N ASP A 151 -17.15 -20.63 29.90
CA ASP A 151 -16.22 -19.64 30.53
C ASP A 151 -14.77 -19.94 30.08
N PRO A 152 -13.91 -18.91 29.98
CA PRO A 152 -12.53 -19.10 29.51
C PRO A 152 -11.64 -19.87 30.49
N VAL A 153 -10.58 -20.51 29.99
CA VAL A 153 -9.62 -21.22 30.88
C VAL A 153 -8.45 -20.27 31.16
N ASN A 154 -8.32 -19.80 32.40
CA ASN A 154 -7.27 -18.81 32.73
C ASN A 154 -5.88 -19.43 32.56
N PRO A 155 -4.86 -18.67 32.11
CA PRO A 155 -3.51 -19.20 31.97
C PRO A 155 -2.83 -19.36 33.35
N LYS A 156 -1.73 -20.11 33.39
CA LYS A 156 -1.01 -20.36 34.67
C LYS A 156 0.32 -19.61 34.67
N HIS A 157 0.66 -18.93 35.78
CA HIS A 157 1.92 -18.17 35.87
C HIS A 157 3.11 -19.13 35.87
N ASP A 158 2.85 -20.43 36.11
CA ASP A 158 3.94 -21.44 36.11
C ASP A 158 3.93 -22.19 34.78
N LEU A 159 3.16 -21.70 33.80
CA LEU A 159 3.07 -22.36 32.47
C LEU A 159 3.60 -21.41 31.39
N SER A 160 4.37 -21.95 30.43
CA SER A 160 4.91 -21.13 29.33
C SER A 160 3.80 -20.85 28.31
N VAL A 161 4.09 -20.01 27.32
CA VAL A 161 3.07 -19.65 26.28
C VAL A 161 2.53 -20.95 25.66
N ALA A 162 3.45 -21.80 25.18
CA ALA A 162 3.04 -23.07 24.52
C ALA A 162 2.26 -23.92 25.54
N GLU A 163 2.79 -24.05 26.76
CA GLU A 163 2.12 -24.88 27.79
C GLU A 163 0.70 -24.37 28.01
N ASN A 164 0.56 -23.05 28.19
CA ASN A 164 -0.79 -22.46 28.42
C ASN A 164 -1.68 -22.76 27.22
N LEU A 165 -1.16 -22.55 25.99
CA LEU A 165 -1.99 -22.76 24.78
C LEU A 165 -2.69 -24.11 24.86
N LEU A 166 -1.92 -25.19 24.88
CA LEU A 166 -2.53 -26.55 24.88
C LEU A 166 -3.38 -26.73 26.15
N TYR A 167 -2.85 -26.31 27.30
CA TYR A 167 -3.58 -26.51 28.58
C TYR A 167 -4.94 -25.81 28.51
N MET A 168 -4.95 -24.55 28.09
CA MET A 168 -6.23 -23.78 28.06
C MET A 168 -7.16 -24.37 26.99
N PHE A 169 -6.63 -24.71 25.81
CA PHE A 169 -7.48 -25.22 24.71
C PHE A 169 -8.08 -26.57 25.09
N ASN A 170 -7.27 -27.46 25.65
CA ASN A 170 -7.76 -28.83 25.98
C ASN A 170 -8.33 -28.85 27.40
N GLY A 171 -8.12 -27.77 28.17
CA GLY A 171 -8.62 -27.71 29.55
C GLY A 171 -7.75 -28.52 30.49
N GLU A 172 -6.72 -29.19 29.94
CA GLU A 172 -5.80 -30.02 30.77
C GLU A 172 -4.37 -29.83 30.27
N GLU A 173 -3.40 -29.80 31.19
CA GLU A 173 -1.97 -29.64 30.79
C GLU A 173 -1.57 -30.81 29.90
N PRO A 174 -0.89 -30.57 28.75
CA PRO A 174 -0.56 -31.65 27.82
C PRO A 174 0.75 -32.36 28.18
N ASP A 175 1.04 -33.49 27.52
CA ASP A 175 2.33 -34.20 27.75
C ASP A 175 3.46 -33.28 27.26
N PRO A 176 4.70 -33.44 27.77
CA PRO A 176 5.80 -32.53 27.41
C PRO A 176 6.02 -32.51 25.89
N LEU A 177 5.94 -33.67 25.23
CA LEU A 177 6.22 -33.75 23.78
C LEU A 177 5.30 -32.79 23.03
N MET A 178 3.99 -32.85 23.29
CA MET A 178 3.03 -32.00 22.57
C MET A 178 3.39 -30.54 22.81
N ALA A 179 3.67 -30.18 24.07
CA ALA A 179 4.04 -28.80 24.41
C ALA A 179 5.29 -28.41 23.61
N LYS A 180 6.28 -29.31 23.57
CA LYS A 180 7.53 -29.04 22.83
C LYS A 180 7.20 -28.82 21.35
N ILE A 181 6.33 -29.66 20.79
CA ILE A 181 5.95 -29.53 19.35
C ILE A 181 5.37 -28.13 19.14
N MET A 182 4.45 -27.70 20.01
CA MET A 182 3.83 -26.37 19.88
C MET A 182 4.92 -25.30 19.95
N ASP A 183 5.87 -25.45 20.89
CA ASP A 183 6.95 -24.46 21.06
C ASP A 183 7.73 -24.35 19.74
N VAL A 184 8.07 -25.50 19.15
CA VAL A 184 8.83 -25.51 17.87
C VAL A 184 8.01 -24.73 16.84
N CYS A 185 6.70 -25.00 16.76
CA CYS A 185 5.83 -24.30 15.79
C CYS A 185 5.91 -22.80 16.05
N LEU A 186 5.80 -22.39 17.32
CA LEU A 186 5.85 -20.94 17.67
C LEU A 186 7.17 -20.37 17.16
N ILE A 187 8.27 -21.07 17.40
CA ILE A 187 9.62 -20.57 16.97
C ILE A 187 9.62 -20.45 15.43
N LEU A 188 9.06 -21.44 14.74
CA LEU A 188 9.07 -21.43 13.26
C LEU A 188 8.27 -20.23 12.75
N HIS A 189 7.10 -19.96 13.34
CA HIS A 189 6.23 -18.85 12.85
C HIS A 189 6.60 -17.55 13.56
N ALA A 190 7.64 -17.57 14.39
CA ALA A 190 8.00 -16.36 15.18
C ALA A 190 8.36 -15.20 14.24
N GLU A 191 9.24 -15.45 13.27
CA GLU A 191 9.71 -14.36 12.38
C GLU A 191 10.04 -14.93 11.00
N HIS A 192 9.86 -14.13 9.94
CA HIS A 192 10.25 -14.60 8.58
C HIS A 192 10.54 -13.40 7.67
N THR A 193 11.78 -12.90 7.69
CA THR A 193 12.17 -11.80 6.78
C THR A 193 11.14 -10.67 6.85
N LEU A 194 10.71 -10.16 5.70
CA LEU A 194 9.76 -9.02 5.67
C LEU A 194 8.45 -9.48 5.04
N ASN A 195 7.59 -10.14 5.83
CA ASN A 195 6.27 -10.59 5.33
C ASN A 195 5.31 -9.41 5.34
N ALA A 196 4.14 -9.56 4.71
CA ALA A 196 3.16 -8.45 4.62
C ALA A 196 2.75 -8.02 6.03
N SER A 197 2.52 -8.98 6.94
CA SER A 197 2.05 -8.64 8.30
C SER A 197 3.06 -7.70 8.97
N THR A 198 4.34 -8.09 8.98
CA THR A 198 5.40 -7.25 9.59
C THR A 198 5.49 -5.93 8.81
N PHE A 199 5.37 -6.00 7.48
CA PHE A 199 5.47 -4.80 6.63
C PHE A 199 4.39 -3.79 7.06
N ALA A 200 3.16 -4.28 7.23
CA ALA A 200 2.05 -3.41 7.67
C ALA A 200 2.39 -2.84 9.04
N ALA A 201 2.90 -3.69 9.94
CA ALA A 201 3.28 -3.23 11.30
C ALA A 201 4.30 -2.11 11.17
N LEU A 202 5.27 -2.27 10.27
CA LEU A 202 6.34 -1.24 10.10
C LEU A 202 5.71 0.08 9.65
N VAL A 203 4.82 0.02 8.66
CA VAL A 203 4.16 1.27 8.16
C VAL A 203 3.36 1.88 9.32
N ALA A 204 2.66 1.03 10.08
CA ALA A 204 1.86 1.52 11.23
C ALA A 204 2.79 2.19 12.24
N GLY A 205 3.88 1.51 12.59
CA GLY A 205 4.86 2.08 13.54
C GLY A 205 5.50 3.33 12.97
N SER A 206 5.59 3.42 11.64
CA SER A 206 6.23 4.59 10.98
C SER A 206 5.53 5.87 11.42
N THR A 207 4.23 5.79 11.70
CA THR A 207 3.45 6.99 12.12
C THR A 207 3.62 7.22 13.62
N LEU A 208 4.47 6.42 14.27
CA LEU A 208 4.65 6.53 15.74
C LEU A 208 3.32 6.21 16.44
N ALA A 209 2.63 5.16 15.99
CA ALA A 209 1.35 4.76 16.61
C ALA A 209 1.63 3.78 17.77
N THR A 210 0.62 3.53 18.61
CA THR A 210 0.80 2.62 19.77
C THR A 210 1.14 1.22 19.27
N PRO A 211 1.91 0.41 20.03
CA PRO A 211 2.25 -0.95 19.62
C PRO A 211 0.97 -1.78 19.45
N TYR A 212 0.00 -1.57 20.34
CA TYR A 212 -1.28 -2.33 20.27
C TYR A 212 -1.92 -2.07 18.90
N SER A 213 -1.96 -0.81 18.48
CA SER A 213 -2.58 -0.47 17.17
C SER A 213 -1.83 -1.16 16.03
N VAL A 214 -0.49 -1.11 16.05
CA VAL A 214 0.31 -1.70 14.94
C VAL A 214 0.08 -3.21 14.92
N ILE A 215 0.02 -3.83 16.10
CA ILE A 215 -0.21 -5.30 16.19
C ILE A 215 -1.60 -5.60 15.61
N SER A 216 -2.58 -4.75 15.92
CA SER A 216 -3.95 -4.94 15.36
C SER A 216 -3.87 -4.97 13.84
N ALA A 217 -3.15 -4.02 13.24
CA ALA A 217 -3.01 -3.96 11.77
C ALA A 217 -2.34 -5.25 11.29
N ALA A 218 -1.28 -5.69 11.96
CA ALA A 218 -0.53 -6.90 11.54
C ALA A 218 -1.48 -8.10 11.57
N ILE A 219 -2.33 -8.17 12.60
CA ILE A 219 -3.27 -9.33 12.74
C ILE A 219 -4.16 -9.40 11.50
N GLY A 220 -4.74 -8.26 11.11
CA GLY A 220 -5.61 -8.22 9.92
C GLY A 220 -4.84 -8.61 8.67
N THR A 221 -3.62 -8.07 8.52
CA THR A 221 -2.79 -8.40 7.34
C THR A 221 -2.53 -9.91 7.32
N LEU A 222 -2.23 -10.49 8.48
CA LEU A 222 -2.00 -11.95 8.58
C LEU A 222 -3.32 -12.68 8.28
N SER A 223 -4.44 -12.13 8.75
CA SER A 223 -5.76 -12.80 8.58
C SER A 223 -5.98 -13.16 7.10
N GLY A 224 -5.54 -12.28 6.20
CA GLY A 224 -5.77 -12.53 4.75
C GLY A 224 -5.30 -13.91 4.34
N PRO A 225 -6.04 -14.63 3.46
CA PRO A 225 -5.66 -15.98 3.06
C PRO A 225 -4.30 -16.00 2.37
N LEU A 226 -4.01 -14.95 1.59
CA LEU A 226 -2.71 -14.89 0.87
C LEU A 226 -1.57 -14.86 1.90
N HIS A 227 -1.83 -14.37 3.10
CA HIS A 227 -0.79 -14.30 4.17
C HIS A 227 -1.03 -15.43 5.20
N GLY A 228 -2.28 -15.66 5.58
CA GLY A 228 -2.61 -16.70 6.58
C GLY A 228 -3.62 -17.70 6.04
N GLY A 229 -3.35 -18.28 4.87
CA GLY A 229 -4.26 -19.28 4.29
C GLY A 229 -3.91 -20.67 4.77
N ALA A 230 -3.39 -20.78 6.00
CA ALA A 230 -3.06 -22.10 6.57
C ALA A 230 -4.32 -22.96 6.57
N ASN A 231 -5.44 -22.39 7.03
CA ASN A 231 -6.73 -23.12 7.03
C ASN A 231 -7.16 -23.34 5.57
N GLN A 232 -6.82 -22.39 4.69
CA GLN A 232 -7.18 -22.51 3.26
C GLN A 232 -6.50 -23.76 2.66
N ARG A 233 -5.42 -24.23 3.31
CA ARG A 233 -4.73 -25.45 2.82
C ARG A 233 -5.28 -26.68 3.55
N VAL A 234 -6.19 -26.45 4.51
CA VAL A 234 -6.80 -27.58 5.27
C VAL A 234 -7.98 -28.12 4.45
N VAL A 235 -8.39 -27.39 3.42
CA VAL A 235 -9.48 -27.89 2.53
C VAL A 235 -8.87 -28.86 1.51
N GLY A 236 -8.44 -30.03 1.97
CA GLY A 236 -7.85 -31.04 1.07
C GLY A 236 -8.85 -31.46 0.00
N MET A 237 -10.12 -31.66 0.38
CA MET A 237 -11.17 -32.05 -0.58
C MET A 237 -10.58 -32.99 -1.64
N LEU A 238 -9.92 -34.06 -1.18
CA LEU A 238 -9.28 -35.01 -2.12
C LEU A 238 -8.86 -36.27 -1.35
N GLN A 239 -8.49 -37.34 -2.06
CA GLN A 239 -8.01 -38.59 -1.40
C GLN A 239 -6.94 -39.25 -2.27
N GLU A 240 -5.73 -38.69 -2.29
CA GLU A 240 -4.62 -39.26 -3.11
C GLU A 240 -5.02 -39.21 -4.59
N ILE A 241 -5.72 -38.15 -5.01
CA ILE A 241 -6.09 -37.98 -6.44
C ILE A 241 -5.60 -36.60 -6.89
N GLY A 242 -4.39 -36.22 -6.49
CA GLY A 242 -3.86 -34.87 -6.80
C GLY A 242 -3.69 -34.64 -8.29
N SER A 243 -3.15 -35.63 -9.01
CA SER A 243 -2.86 -35.43 -10.45
C SER A 243 -4.10 -34.87 -11.16
N PRO A 244 -5.29 -35.48 -11.05
CA PRO A 244 -6.50 -34.92 -11.65
C PRO A 244 -6.75 -33.51 -11.14
N LYS A 245 -6.59 -33.30 -9.83
CA LYS A 245 -6.79 -31.95 -9.24
C LYS A 245 -5.55 -31.10 -9.55
N ASN A 246 -5.47 -30.55 -10.76
CA ASN A 246 -4.27 -29.78 -11.18
C ASN A 246 -4.69 -28.42 -11.74
N VAL A 247 -3.72 -27.53 -11.97
CA VAL A 247 -4.02 -26.18 -12.51
C VAL A 247 -4.58 -26.33 -13.93
N GLU A 248 -5.29 -25.30 -14.42
CA GLU A 248 -5.91 -25.36 -15.77
C GLU A 248 -6.62 -26.71 -15.94
N TRP A 262 -3.13 -25.90 -1.50
CA TRP A 262 -3.75 -24.57 -1.76
C TRP A 262 -2.65 -23.55 -2.08
N GLY A 263 -2.41 -23.31 -3.37
CA GLY A 263 -1.40 -22.31 -3.79
C GLY A 263 -0.04 -22.59 -3.18
N MET A 264 0.43 -23.84 -3.25
CA MET A 264 1.77 -24.20 -2.74
C MET A 264 2.81 -23.25 -3.35
N GLY A 265 3.68 -22.66 -2.53
CA GLY A 265 4.75 -21.79 -3.06
C GLY A 265 5.00 -20.58 -2.19
N HIS A 266 6.13 -19.89 -2.40
CA HIS A 266 6.47 -18.67 -1.62
C HIS A 266 7.29 -17.72 -2.51
N ARG A 267 7.14 -16.40 -2.30
CA ARG A 267 7.83 -15.42 -3.17
C ARG A 267 9.35 -15.56 -3.03
N GLU A 268 9.84 -15.72 -1.80
CA GLU A 268 11.30 -15.80 -1.57
C GLU A 268 11.75 -17.26 -1.57
N TYR A 269 10.88 -18.18 -1.16
CA TYR A 269 11.27 -19.61 -1.06
C TYR A 269 11.20 -20.26 -2.45
N LYS A 270 12.14 -19.91 -3.34
CA LYS A 270 12.17 -20.57 -4.67
C LYS A 270 12.40 -22.07 -4.44
N VAL A 271 12.59 -22.47 -3.17
CA VAL A 271 12.76 -23.91 -2.83
C VAL A 271 11.81 -24.23 -1.67
N LYS A 272 11.69 -25.51 -1.29
CA LYS A 272 10.75 -25.91 -0.21
C LYS A 272 11.06 -25.12 1.07
N ASP A 273 10.02 -24.64 1.75
CA ASP A 273 10.21 -23.88 3.01
C ASP A 273 10.82 -24.82 4.07
N PRO A 274 11.90 -24.42 4.76
CA PRO A 274 12.49 -25.25 5.81
C PRO A 274 11.46 -25.54 6.91
N ARG A 275 10.66 -24.53 7.28
CA ARG A 275 9.63 -24.72 8.32
C ARG A 275 8.72 -25.88 7.89
N ALA A 276 8.38 -25.94 6.60
CA ALA A 276 7.49 -27.01 6.10
C ALA A 276 8.11 -28.37 6.38
N THR A 277 9.41 -28.51 6.05
CA THR A 277 10.10 -29.80 6.29
C THR A 277 10.04 -30.14 7.78
N ILE A 278 10.32 -29.17 8.63
CA ILE A 278 10.30 -29.41 10.11
C ILE A 278 8.90 -29.85 10.51
N LEU A 279 7.87 -29.11 10.06
CA LEU A 279 6.48 -29.47 10.40
C LEU A 279 6.19 -30.88 9.91
N HIS A 280 6.68 -31.22 8.71
CA HIS A 280 6.42 -32.56 8.14
C HIS A 280 6.93 -33.65 9.09
N LYS A 281 8.17 -33.52 9.55
CA LYS A 281 8.76 -34.54 10.46
C LYS A 281 8.00 -34.52 11.79
N LEU A 282 7.63 -33.33 12.26
CA LEU A 282 6.83 -33.23 13.52
C LEU A 282 5.54 -34.01 13.34
N VAL A 283 4.86 -33.82 12.20
CA VAL A 283 3.59 -34.53 11.93
C VAL A 283 3.87 -36.03 11.93
N GLU A 284 4.97 -36.44 11.27
CA GLU A 284 5.32 -37.88 11.19
C GLU A 284 5.47 -38.44 12.62
N GLN A 285 6.19 -37.73 13.48
CA GLN A 285 6.42 -38.21 14.87
C GLN A 285 5.07 -38.33 15.58
N LEU A 286 4.24 -37.28 15.49
CA LEU A 286 2.94 -37.29 16.22
C LEU A 286 2.08 -38.46 15.72
N VAL A 287 1.95 -38.60 14.39
CA VAL A 287 1.09 -39.69 13.83
C VAL A 287 1.74 -41.03 14.20
N ALA A 288 3.07 -41.09 14.23
CA ALA A 288 3.77 -42.33 14.63
C ALA A 288 3.35 -42.70 16.05
N GLU A 289 3.13 -41.70 16.89
CA GLU A 289 2.71 -41.97 18.29
C GLU A 289 1.19 -41.81 18.40
N PHE A 298 -4.65 -39.08 9.54
CA PHE A 298 -3.45 -39.41 8.75
C PHE A 298 -3.78 -39.33 7.26
N ASP A 299 -5.07 -39.39 6.92
CA ASP A 299 -5.50 -39.35 5.50
C ASP A 299 -5.00 -38.05 4.86
N THR A 300 -5.18 -36.93 5.57
CA THR A 300 -4.72 -35.61 5.04
C THR A 300 -3.21 -35.66 4.82
N ALA A 301 -2.47 -36.21 5.78
CA ALA A 301 -0.99 -36.28 5.68
C ALA A 301 -0.63 -37.01 4.38
N LEU A 302 -1.22 -38.18 4.15
CA LEU A 302 -0.92 -38.97 2.92
C LEU A 302 -1.27 -38.12 1.69
N LYS A 303 -2.45 -37.51 1.68
CA LYS A 303 -2.89 -36.70 0.52
C LYS A 303 -1.90 -35.54 0.31
N LEU A 304 -1.56 -34.81 1.37
CA LEU A 304 -0.66 -33.63 1.24
C LEU A 304 0.71 -34.09 0.75
N GLU A 305 1.21 -35.21 1.28
CA GLU A 305 2.53 -35.74 0.86
C GLU A 305 2.47 -36.06 -0.63
N GLU A 306 1.35 -36.62 -1.10
CA GLU A 306 1.18 -36.92 -2.54
C GLU A 306 1.22 -35.60 -3.33
N VAL A 307 0.57 -34.56 -2.81
CA VAL A 307 0.55 -33.24 -3.49
C VAL A 307 2.00 -32.75 -3.65
N CYS A 308 2.77 -32.79 -2.56
CA CYS A 308 4.20 -32.39 -2.63
C CYS A 308 4.94 -33.34 -3.58
N ALA A 309 4.60 -34.62 -3.55
CA ALA A 309 5.26 -35.62 -4.42
C ALA A 309 5.10 -35.19 -5.88
N ASP A 310 3.95 -34.61 -6.22
CA ASP A 310 3.72 -34.13 -7.61
C ASP A 310 4.51 -32.83 -7.79
N ARG A 311 5.80 -32.85 -7.47
CA ARG A 311 6.67 -31.65 -7.65
C ARG A 311 6.94 -31.47 -9.15
N LEU A 312 6.80 -32.54 -9.93
CA LEU A 312 7.03 -32.46 -11.39
C LEU A 312 6.26 -31.25 -11.94
N GLY A 313 5.02 -31.07 -11.50
CA GLY A 313 4.20 -29.94 -11.97
C GLY A 313 4.82 -28.61 -11.62
N HIS A 314 5.40 -28.47 -10.42
CA HIS A 314 5.94 -27.16 -9.98
C HIS A 314 7.48 -27.19 -9.99
N LYS A 315 8.10 -26.44 -10.91
CA LYS A 315 9.58 -26.41 -11.00
C LYS A 315 10.11 -25.19 -10.23
N GLY A 316 9.30 -24.13 -10.12
CA GLY A 316 9.73 -22.92 -9.39
C GLY A 316 9.16 -22.87 -7.99
N VAL A 317 7.85 -23.07 -7.84
CA VAL A 317 7.19 -23.00 -6.51
C VAL A 317 7.36 -24.34 -5.79
N TYR A 318 7.33 -24.33 -4.46
CA TYR A 318 7.51 -25.59 -3.67
C TYR A 318 6.76 -25.46 -2.33
N PRO A 319 6.53 -26.57 -1.60
CA PRO A 319 5.76 -26.54 -0.35
C PRO A 319 6.02 -25.30 0.52
N ASN A 320 4.96 -24.65 0.99
CA ASN A 320 5.11 -23.48 1.90
C ASN A 320 4.98 -23.96 3.35
N VAL A 321 5.22 -23.06 4.31
CA VAL A 321 5.09 -23.42 5.76
C VAL A 321 3.64 -23.81 6.04
N ASP A 322 2.69 -23.11 5.43
CA ASP A 322 1.25 -23.38 5.68
C ASP A 322 0.87 -24.77 5.13
N PHE A 323 1.76 -25.39 4.35
CA PHE A 323 1.42 -26.69 3.71
C PHE A 323 1.13 -27.74 4.79
N TYR A 324 1.95 -27.80 5.84
CA TYR A 324 1.77 -28.87 6.87
C TYR A 324 1.39 -28.26 8.22
N SER A 325 1.37 -26.93 8.32
CA SER A 325 1.08 -26.26 9.62
C SER A 325 -0.28 -26.72 10.15
N GLY A 326 -1.32 -26.63 9.32
CA GLY A 326 -2.68 -26.99 9.76
C GLY A 326 -2.75 -28.44 10.21
N ILE A 327 -2.10 -29.34 9.47
CA ILE A 327 -2.17 -30.80 9.80
C ILE A 327 -1.68 -30.99 11.23
N LEU A 328 -0.53 -30.40 11.57
CA LEU A 328 0.06 -30.58 12.92
C LEU A 328 -0.91 -29.99 13.97
N TYR A 329 -1.43 -28.79 13.70
CA TYR A 329 -2.36 -28.14 14.67
C TYR A 329 -3.58 -29.03 14.87
N SER A 330 -4.18 -29.48 13.77
CA SER A 330 -5.38 -30.36 13.87
C SER A 330 -5.00 -31.63 14.62
N GLU A 331 -3.84 -32.20 14.30
CA GLU A 331 -3.38 -33.44 14.98
C GLU A 331 -3.22 -33.15 16.48
N MET A 332 -2.95 -31.89 16.82
CA MET A 332 -2.78 -31.50 18.25
C MET A 332 -4.14 -31.13 18.84
N GLY A 333 -5.22 -31.20 18.04
CA GLY A 333 -6.57 -30.94 18.56
C GLY A 333 -7.05 -29.53 18.30
N ILE A 334 -6.14 -28.63 17.90
CA ILE A 334 -6.51 -27.20 17.68
C ILE A 334 -7.56 -27.14 16.56
N PRO A 335 -8.66 -26.37 16.72
CA PRO A 335 -9.66 -26.21 15.67
C PRO A 335 -9.10 -25.42 14.48
N GLU A 336 -9.59 -25.72 13.27
CA GLU A 336 -9.09 -25.04 12.05
C GLU A 336 -9.22 -23.52 12.19
N ASP A 337 -10.34 -23.05 12.77
CA ASP A 337 -10.58 -21.60 12.84
C ASP A 337 -9.40 -20.89 13.49
N GLU A 338 -8.71 -21.55 14.42
CA GLU A 338 -7.64 -20.85 15.18
C GLU A 338 -6.27 -21.06 14.56
N PHE A 339 -6.15 -21.92 13.54
CA PHE A 339 -4.82 -22.22 12.98
C PHE A 339 -4.05 -20.91 12.78
N THR A 340 -4.62 -19.99 11.99
CA THR A 340 -3.91 -18.71 11.68
C THR A 340 -3.68 -17.94 12.97
N ALA A 341 -4.60 -18.03 13.92
CA ALA A 341 -4.47 -17.24 15.18
C ALA A 341 -3.19 -17.66 15.91
N LEU A 342 -2.93 -18.97 15.98
CA LEU A 342 -1.68 -19.45 16.62
C LEU A 342 -0.49 -18.81 15.90
N PHE A 343 -0.58 -18.70 14.57
CA PHE A 343 0.51 -18.10 13.77
C PHE A 343 0.74 -16.67 14.26
N ALA A 344 -0.34 -15.95 14.54
CA ALA A 344 -0.22 -14.55 15.01
C ALA A 344 0.53 -14.52 16.36
N VAL A 345 0.25 -15.48 17.24
CA VAL A 345 0.91 -15.51 18.56
C VAL A 345 2.43 -15.53 18.35
N ALA A 346 2.90 -16.37 17.42
CA ALA A 346 4.35 -16.49 17.18
C ALA A 346 4.87 -15.22 16.47
N ARG A 347 4.19 -14.77 15.42
CA ARG A 347 4.67 -13.60 14.63
C ARG A 347 4.70 -12.35 15.51
N SER A 348 3.94 -12.35 16.61
CA SER A 348 3.90 -11.17 17.51
C SER A 348 5.33 -10.79 17.89
N ALA A 349 6.15 -11.79 18.23
CA ALA A 349 7.55 -11.52 18.63
C ALA A 349 8.27 -10.79 17.49
N GLY A 350 8.24 -11.35 16.28
CA GLY A 350 8.93 -10.73 15.14
C GLY A 350 8.39 -9.33 14.89
N TRP A 351 7.07 -9.17 14.95
CA TRP A 351 6.45 -7.85 14.69
C TRP A 351 7.03 -6.82 15.67
N LEU A 352 7.02 -7.16 16.97
CA LEU A 352 7.50 -6.21 18.00
C LEU A 352 9.01 -6.01 17.85
N ALA A 353 9.73 -7.06 17.44
CA ALA A 353 11.18 -6.92 17.19
C ALA A 353 11.40 -5.87 16.12
N HIS A 354 10.68 -5.98 15.00
CA HIS A 354 10.79 -4.97 13.91
C HIS A 354 10.27 -3.62 14.41
N TRP A 355 9.23 -3.66 15.25
CA TRP A 355 8.69 -2.40 15.83
C TRP A 355 9.80 -1.70 16.61
N ARG A 356 10.59 -2.49 17.36
CA ARG A 356 11.75 -1.91 18.10
C ARG A 356 12.77 -1.40 17.08
N GLU A 357 12.94 -2.13 15.96
CA GLU A 357 13.94 -1.75 14.93
C GLU A 357 13.50 -0.45 14.27
N GLN A 358 12.32 0.05 14.62
CA GLN A 358 11.80 1.32 14.02
C GLN A 358 12.36 2.51 14.83
N ILE A 359 13.44 2.29 15.57
CA ILE A 359 14.07 3.42 16.32
C ILE A 359 14.34 4.55 15.33
N SER A 360 14.86 4.21 14.14
CA SER A 360 15.03 5.25 13.07
C SER A 360 13.69 5.48 12.40
N ASP A 361 12.70 5.97 13.15
CA ASP A 361 11.33 6.12 12.59
C ASP A 361 11.26 7.39 11.73
N ASN A 362 12.40 7.99 11.41
CA ASN A 362 12.38 9.17 10.50
C ASN A 362 11.56 8.78 9.26
N ARG A 363 11.61 7.50 8.89
CA ARG A 363 10.84 7.00 7.72
C ARG A 363 9.34 7.00 8.08
N ILE A 364 8.55 7.83 7.39
CA ILE A 364 7.08 7.85 7.63
C ILE A 364 6.45 6.77 6.75
N TYR A 365 7.26 6.13 5.90
CA TYR A 365 6.76 5.04 5.02
C TYR A 365 5.69 5.58 4.06
N ARG A 366 5.91 6.76 3.48
CA ARG A 366 4.96 7.27 2.44
C ARG A 366 5.52 6.94 1.06
N PRO A 367 4.86 6.10 0.24
CA PRO A 367 5.40 5.69 -1.06
C PRO A 367 5.22 6.74 -2.16
N THR A 368 5.51 6.37 -3.40
CA THR A 368 5.39 7.31 -4.55
C THR A 368 4.18 6.95 -5.41
N GLN A 369 3.38 7.95 -5.79
CA GLN A 369 2.19 7.71 -6.65
C GLN A 369 2.65 7.41 -8.07
N ILE A 370 2.21 6.29 -8.64
CA ILE A 370 2.57 5.94 -10.05
C ILE A 370 1.27 5.65 -10.81
N TYR A 371 0.16 5.50 -10.09
CA TYR A 371 -1.15 5.20 -10.74
C TYR A 371 -1.47 6.32 -11.75
N VAL A 372 -2.15 5.95 -12.84
CA VAL A 372 -2.47 6.96 -13.91
C VAL A 372 -3.62 7.84 -13.42
N GLY A 373 -3.30 9.03 -12.91
CA GLY A 373 -4.35 9.96 -12.45
C GLY A 373 -5.01 10.68 -13.62
N SER A 374 -5.74 9.95 -14.45
CA SER A 374 -6.36 10.54 -15.66
C SER A 374 -7.08 11.83 -15.29
N GLU B 24 -7.00 -21.59 -25.79
CA GLU B 24 -7.39 -21.07 -27.12
C GLU B 24 -6.14 -20.57 -27.86
N LYS B 25 -5.07 -20.28 -27.12
CA LYS B 25 -3.87 -19.71 -27.79
C LYS B 25 -2.62 -19.85 -26.91
N GLY B 26 -2.04 -21.05 -26.83
CA GLY B 26 -0.74 -21.18 -26.13
C GLY B 26 0.32 -20.61 -27.04
N ILE B 27 0.48 -19.28 -27.06
CA ILE B 27 1.38 -18.63 -28.07
C ILE B 27 2.77 -18.31 -27.52
N LEU B 28 3.81 -18.40 -28.37
CA LEU B 28 5.18 -17.98 -27.97
C LEU B 28 5.84 -18.98 -27.03
N SER B 29 5.44 -20.25 -27.05
CA SER B 29 6.00 -21.23 -26.09
C SER B 29 7.43 -21.62 -26.51
N TYR B 30 8.37 -20.68 -26.46
CA TYR B 30 9.79 -20.99 -26.80
C TYR B 30 10.67 -20.84 -25.56
N ARG B 31 10.88 -21.94 -24.82
CA ARG B 31 11.71 -21.91 -23.58
C ARG B 31 11.22 -20.80 -22.67
N GLY B 32 9.92 -20.47 -22.74
CA GLY B 32 9.35 -19.44 -21.86
C GLY B 32 9.58 -18.05 -22.40
N TYR B 33 10.29 -17.94 -23.52
CA TYR B 33 10.56 -16.62 -24.14
C TYR B 33 9.65 -16.45 -25.36
N PRO B 34 8.91 -15.33 -25.48
CA PRO B 34 7.97 -15.15 -26.58
C PRO B 34 8.67 -15.14 -27.95
N LEU B 35 8.01 -15.69 -28.96
CA LEU B 35 8.65 -15.78 -30.30
C LEU B 35 9.02 -14.38 -30.79
N GLU B 36 8.09 -13.44 -30.74
CA GLU B 36 8.38 -12.10 -31.32
C GLU B 36 9.68 -11.56 -30.72
N THR B 37 9.82 -11.63 -29.39
CA THR B 37 11.02 -11.04 -28.73
C THR B 37 12.26 -11.68 -29.36
N LEU B 38 12.16 -12.96 -29.75
CA LEU B 38 13.30 -13.66 -30.40
C LEU B 38 13.25 -13.36 -31.89
N ALA B 39 12.05 -13.42 -32.48
CA ALA B 39 11.91 -13.18 -33.93
C ALA B 39 12.85 -12.04 -34.30
N GLU B 40 12.78 -10.94 -33.55
CA GLU B 40 13.71 -9.83 -33.77
C GLU B 40 14.79 -9.91 -32.69
N ASN B 41 16.01 -9.49 -33.01
CA ASN B 41 17.08 -9.45 -31.97
C ASN B 41 17.73 -10.83 -31.79
N SER B 42 17.19 -11.88 -32.43
CA SER B 42 17.76 -13.23 -32.17
C SER B 42 18.22 -13.89 -33.46
N THR B 43 19.20 -14.79 -33.37
CA THR B 43 19.67 -15.54 -34.55
C THR B 43 19.16 -16.97 -34.44
N PHE B 44 18.92 -17.62 -35.58
CA PHE B 44 18.45 -19.02 -35.56
C PHE B 44 19.40 -19.84 -34.68
N GLU B 45 20.70 -19.57 -34.79
CA GLU B 45 21.70 -20.31 -34.00
C GLU B 45 21.40 -20.11 -32.51
N GLU B 46 21.17 -18.85 -32.10
CA GLU B 46 20.90 -18.55 -30.68
C GLU B 46 19.65 -19.32 -30.23
N THR B 47 18.56 -19.18 -30.99
CA THR B 47 17.29 -19.83 -30.59
C THR B 47 17.52 -21.34 -30.48
N THR B 48 18.24 -21.91 -31.44
CA THR B 48 18.47 -23.38 -31.44
C THR B 48 19.15 -23.77 -30.14
N LEU B 49 20.24 -23.08 -29.79
CA LEU B 49 21.00 -23.44 -28.56
C LEU B 49 20.08 -23.24 -27.37
N LEU B 50 19.33 -22.14 -27.37
CA LEU B 50 18.38 -21.87 -26.25
C LEU B 50 17.44 -23.06 -26.13
N LEU B 51 16.94 -23.55 -27.26
CA LEU B 51 15.97 -24.68 -27.23
C LEU B 51 16.67 -25.93 -26.71
N LEU B 52 17.88 -26.20 -27.22
CA LEU B 52 18.57 -27.47 -26.84
C LEU B 52 18.94 -27.45 -25.36
N ASP B 53 19.58 -26.39 -24.89
CA ASP B 53 20.05 -26.35 -23.47
C ASP B 53 18.89 -25.97 -22.55
N GLY B 54 18.07 -25.00 -22.97
CA GLY B 54 16.93 -24.55 -22.14
C GLY B 54 17.00 -23.07 -21.80
N GLU B 55 18.19 -22.48 -21.84
CA GLU B 55 18.34 -21.05 -21.43
C GLU B 55 19.25 -20.32 -22.42
N LEU B 56 19.03 -19.01 -22.60
CA LEU B 56 19.85 -18.21 -23.54
C LEU B 56 21.32 -18.55 -23.33
N PRO B 57 22.12 -18.75 -24.41
CA PRO B 57 23.51 -19.16 -24.27
C PRO B 57 24.46 -18.00 -23.95
N THR B 58 25.69 -18.31 -23.51
CA THR B 58 26.70 -17.26 -23.26
C THR B 58 27.37 -16.90 -24.58
N LYS B 59 28.10 -15.78 -24.62
CA LYS B 59 28.83 -15.40 -25.86
C LYS B 59 29.77 -16.55 -26.24
N LYS B 60 30.56 -17.04 -25.28
CA LYS B 60 31.52 -18.13 -25.57
C LYS B 60 30.73 -19.38 -26.01
N ALA B 61 29.69 -19.75 -25.26
CA ALA B 61 28.93 -20.97 -25.60
C ALA B 61 28.36 -20.85 -27.01
N LEU B 62 27.70 -19.72 -27.31
CA LEU B 62 27.07 -19.56 -28.65
C LEU B 62 28.16 -19.55 -29.72
N ASN B 63 29.26 -18.84 -29.47
CA ASN B 63 30.38 -18.79 -30.44
C ASN B 63 30.91 -20.21 -30.68
N ASP B 64 31.12 -20.96 -29.60
CA ASP B 64 31.63 -22.34 -29.72
C ASP B 64 30.62 -23.18 -30.50
N PHE B 65 29.33 -23.06 -30.15
CA PHE B 65 28.27 -23.81 -30.86
C PHE B 65 28.29 -23.44 -32.33
N SER B 66 28.41 -22.15 -32.62
CA SER B 66 28.45 -21.67 -34.04
C SER B 66 29.64 -22.29 -34.75
N GLN B 67 30.81 -22.27 -34.10
CA GLN B 67 32.04 -22.81 -34.73
C GLN B 67 31.87 -24.32 -34.97
N GLN B 68 31.36 -25.04 -33.97
CA GLN B 68 31.12 -26.50 -34.13
C GLN B 68 30.06 -26.70 -35.21
N LEU B 69 29.05 -25.83 -35.25
CA LEU B 69 28.04 -25.91 -36.35
C LEU B 69 28.79 -25.76 -37.66
N LYS B 70 29.73 -24.82 -37.71
CA LYS B 70 30.58 -24.66 -38.92
C LYS B 70 31.59 -25.81 -38.95
N ASP B 71 32.38 -25.93 -40.02
CA ASP B 71 33.39 -27.02 -40.15
C ASP B 71 32.65 -28.36 -40.04
N ASN B 72 31.32 -28.34 -40.04
CA ASN B 72 30.51 -29.59 -40.01
C ASN B 72 29.53 -29.54 -41.18
N TYR B 73 29.37 -28.37 -41.80
CA TYR B 73 28.45 -28.23 -42.97
C TYR B 73 28.95 -29.12 -44.10
N ARG B 74 30.26 -29.37 -44.15
CA ARG B 74 30.85 -30.19 -45.24
C ARG B 74 30.06 -31.48 -45.42
N ILE B 75 29.83 -31.90 -46.67
CA ILE B 75 29.05 -33.14 -46.94
C ILE B 75 30.02 -34.22 -47.42
N LYS B 76 29.94 -35.42 -46.84
CA LYS B 76 30.81 -36.55 -47.26
C LYS B 76 30.65 -36.74 -48.78
N TYR B 77 31.75 -36.99 -49.48
CA TYR B 77 31.68 -37.13 -50.97
C TYR B 77 30.68 -38.22 -51.32
N HIS B 78 30.56 -39.24 -50.45
CA HIS B 78 29.64 -40.36 -50.73
C HIS B 78 28.23 -39.82 -50.98
N ILE B 79 27.79 -38.90 -50.14
CA ILE B 79 26.40 -38.37 -50.26
C ILE B 79 26.24 -37.69 -51.63
N ARG B 80 27.18 -36.83 -52.01
CA ARG B 80 27.04 -36.08 -53.29
C ARG B 80 27.03 -37.10 -54.44
N GLN B 81 27.88 -38.12 -54.36
CA GLN B 81 27.97 -39.14 -55.44
C GLN B 81 26.62 -39.84 -55.57
N MET B 82 26.00 -40.22 -54.45
CA MET B 82 24.71 -40.96 -54.50
C MET B 82 23.66 -40.07 -55.18
N MET B 83 23.66 -38.78 -54.84
CA MET B 83 22.69 -37.83 -55.47
C MET B 83 22.96 -37.80 -56.97
N ARG B 84 24.24 -37.75 -57.36
CA ARG B 84 24.61 -37.73 -58.81
C ARG B 84 24.13 -39.02 -59.47
N HIS B 85 23.82 -40.05 -58.66
CA HIS B 85 23.39 -41.35 -59.23
C HIS B 85 21.88 -41.53 -59.03
N PHE B 86 21.16 -40.47 -58.69
CA PHE B 86 19.71 -40.63 -58.41
C PHE B 86 18.89 -39.76 -59.36
N PRO B 87 17.60 -40.11 -59.59
CA PRO B 87 16.77 -39.39 -60.54
C PRO B 87 16.50 -37.91 -60.20
N HIS B 88 16.41 -37.06 -61.21
CA HIS B 88 16.11 -35.62 -60.99
C HIS B 88 14.67 -35.47 -60.48
N THR B 89 13.77 -36.31 -60.97
CA THR B 89 12.34 -36.20 -60.59
C THR B 89 12.20 -36.27 -59.07
N GLY B 90 13.20 -36.81 -58.38
CA GLY B 90 13.12 -36.98 -56.91
C GLY B 90 12.69 -35.71 -56.22
N HIS B 91 11.73 -35.80 -55.31
CA HIS B 91 11.29 -34.61 -54.53
C HIS B 91 12.35 -34.30 -53.49
N PRO B 92 12.72 -33.02 -53.28
CA PRO B 92 13.80 -32.69 -52.37
C PRO B 92 13.63 -33.41 -51.02
N MET B 93 12.41 -33.43 -50.49
CA MET B 93 12.18 -34.02 -49.15
C MET B 93 12.63 -35.48 -49.15
N ASP B 94 12.27 -36.23 -50.18
CA ASP B 94 12.60 -37.68 -50.20
C ASP B 94 14.12 -37.84 -50.10
N MET B 95 14.87 -37.07 -50.89
CA MET B 95 16.35 -37.21 -50.89
C MET B 95 16.88 -36.85 -49.51
N LEU B 96 16.39 -35.75 -48.93
CA LEU B 96 16.95 -35.31 -47.62
C LEU B 96 16.83 -36.48 -46.65
N GLN B 97 15.68 -37.14 -46.63
CA GLN B 97 15.48 -38.30 -45.73
C GLN B 97 16.58 -39.31 -46.02
N THR B 98 16.75 -39.64 -47.30
CA THR B 98 17.78 -40.64 -47.68
C THR B 98 19.13 -40.14 -47.19
N ALA B 99 19.43 -38.86 -47.40
CA ALA B 99 20.76 -38.33 -47.04
C ALA B 99 20.99 -38.42 -45.53
N VAL B 100 20.01 -37.99 -44.73
CA VAL B 100 20.25 -37.97 -43.25
C VAL B 100 20.58 -39.40 -42.80
N SER B 101 19.77 -40.37 -43.21
CA SER B 101 20.02 -41.79 -42.83
C SER B 101 21.44 -42.18 -43.18
N SER B 102 21.87 -41.89 -44.42
CA SER B 102 23.23 -42.30 -44.86
C SER B 102 24.29 -41.66 -43.94
N LEU B 103 24.10 -40.39 -43.59
CA LEU B 103 25.11 -39.68 -42.76
C LEU B 103 25.41 -40.53 -41.51
N GLY B 104 24.40 -41.23 -40.99
CA GLY B 104 24.58 -42.03 -39.77
C GLY B 104 25.69 -43.04 -39.90
N MET B 105 25.79 -43.69 -41.07
CA MET B 105 26.81 -44.74 -41.28
C MET B 105 28.21 -44.13 -41.08
N PHE B 106 28.41 -42.90 -41.53
CA PHE B 106 29.73 -42.23 -41.41
C PHE B 106 30.02 -41.89 -39.94
N TYR B 107 28.98 -41.50 -39.20
CA TYR B 107 29.16 -41.14 -37.77
C TYR B 107 28.32 -42.11 -36.92
N PRO B 108 28.68 -43.40 -36.85
CA PRO B 108 27.86 -44.39 -36.14
C PRO B 108 28.16 -44.47 -34.64
N GLY B 109 27.49 -45.39 -33.94
CA GLY B 109 27.75 -45.59 -32.50
C GLY B 109 26.46 -45.55 -31.68
N THR B 110 25.86 -46.72 -31.43
CA THR B 110 24.67 -46.76 -30.54
C THR B 110 25.19 -46.70 -29.10
N GLU B 111 25.29 -45.49 -28.53
CA GLU B 111 25.90 -45.34 -27.18
C GLU B 111 24.87 -45.73 -26.11
N CYS B 112 24.61 -47.02 -25.93
CA CYS B 112 23.70 -47.47 -24.84
C CYS B 112 24.56 -47.65 -23.58
N LEU B 113 25.83 -47.23 -23.64
CA LEU B 113 26.74 -47.35 -22.48
C LEU B 113 26.98 -48.83 -22.18
N CYS B 119 32.71 -46.57 -22.58
CA CYS B 119 31.35 -46.87 -23.09
C CYS B 119 31.30 -46.64 -24.61
N GLU B 120 31.80 -45.48 -25.06
CA GLU B 120 31.79 -45.14 -26.52
C GLU B 120 32.92 -44.16 -26.82
N ASP B 121 32.83 -43.45 -27.95
CA ASP B 121 33.90 -42.51 -28.36
C ASP B 121 33.48 -41.07 -28.06
N LEU B 122 33.95 -40.50 -26.96
CA LEU B 122 33.65 -39.08 -26.63
C LEU B 122 32.13 -38.87 -26.51
N ASP B 123 31.69 -37.61 -26.64
CA ASP B 123 30.23 -37.30 -26.57
C ASP B 123 29.58 -37.78 -27.87
N TYR B 124 28.26 -37.95 -27.86
CA TYR B 124 27.53 -38.41 -29.07
C TYR B 124 26.29 -37.55 -29.27
N VAL B 125 25.49 -37.35 -28.21
CA VAL B 125 24.22 -36.59 -28.35
C VAL B 125 24.51 -35.21 -28.96
N ARG B 126 25.22 -34.34 -28.24
CA ARG B 126 25.47 -32.97 -28.75
C ARG B 126 26.27 -33.03 -30.05
N ASN B 127 27.30 -33.88 -30.10
CA ASN B 127 28.18 -33.93 -31.30
C ASN B 127 27.31 -34.24 -32.52
N MET B 128 26.53 -35.31 -32.45
CA MET B 128 25.68 -35.72 -33.61
C MET B 128 24.60 -34.66 -33.84
N THR B 129 24.07 -34.09 -32.76
CA THR B 129 23.04 -33.03 -32.88
C THR B 129 23.58 -31.91 -33.77
N VAL B 130 24.79 -31.42 -33.46
CA VAL B 130 25.40 -30.31 -34.25
C VAL B 130 25.58 -30.77 -35.70
N ASN B 131 26.15 -31.95 -35.90
CA ASN B 131 26.42 -32.44 -37.28
C ASN B 131 25.11 -32.45 -38.06
N ILE B 132 24.05 -32.99 -37.46
CA ILE B 132 22.75 -33.12 -38.19
C ILE B 132 22.21 -31.71 -38.53
N ILE B 133 22.13 -30.83 -37.54
CA ILE B 133 21.54 -29.48 -37.78
C ILE B 133 22.41 -28.73 -38.80
N ALA B 134 23.71 -29.01 -38.83
CA ALA B 134 24.62 -28.26 -39.73
C ALA B 134 24.49 -28.72 -41.18
N GLN B 135 24.52 -30.04 -41.44
CA GLN B 135 24.52 -30.53 -42.84
C GLN B 135 23.13 -30.40 -43.47
N MET B 136 22.11 -30.09 -42.68
CA MET B 136 20.72 -30.04 -43.23
C MET B 136 20.70 -29.13 -44.46
N ALA B 137 21.07 -27.86 -44.31
CA ALA B 137 21.01 -26.90 -45.43
C ALA B 137 21.92 -27.36 -46.57
N PRO B 138 23.21 -27.67 -46.33
CA PRO B 138 24.12 -28.06 -47.41
C PRO B 138 23.51 -29.18 -48.25
N LEU B 139 22.96 -30.20 -47.59
CA LEU B 139 22.37 -31.36 -48.33
C LEU B 139 21.24 -30.84 -49.22
N VAL B 140 20.35 -30.00 -48.67
CA VAL B 140 19.18 -29.52 -49.45
C VAL B 140 19.70 -28.78 -50.70
N ALA B 141 20.59 -27.82 -50.51
CA ALA B 141 21.11 -27.03 -51.65
C ALA B 141 21.86 -27.95 -52.62
N MET B 142 22.61 -28.91 -52.08
CA MET B 142 23.41 -29.82 -52.94
C MET B 142 22.45 -30.51 -53.92
N TRP B 143 21.34 -31.06 -53.41
CA TRP B 143 20.35 -31.71 -54.29
C TRP B 143 19.76 -30.68 -55.23
N GLU B 144 19.41 -29.50 -54.71
CA GLU B 144 18.81 -28.43 -55.55
C GLU B 144 19.65 -28.26 -56.81
N HIS B 145 20.98 -28.28 -56.67
CA HIS B 145 21.88 -28.08 -57.84
C HIS B 145 22.15 -29.41 -58.54
N ILE B 146 22.48 -30.46 -57.78
CA ILE B 146 22.77 -31.79 -58.38
C ILE B 146 21.55 -32.25 -59.17
N ARG B 147 20.36 -31.98 -58.65
CA ARG B 147 19.09 -32.37 -59.35
C ARG B 147 19.07 -31.71 -60.73
N ASN B 148 19.60 -30.50 -60.84
CA ASN B 148 19.57 -29.76 -62.13
C ASN B 148 20.82 -30.07 -62.94
N GLY B 149 21.58 -31.09 -62.53
CA GLY B 149 22.79 -31.48 -63.28
C GLY B 149 23.86 -30.41 -63.23
N TRP B 150 23.96 -29.67 -62.12
CA TRP B 150 25.00 -28.63 -61.97
C TRP B 150 25.83 -28.91 -60.72
N ASP B 151 27.10 -28.49 -60.72
CA ASP B 151 27.99 -28.75 -59.56
C ASP B 151 27.43 -28.06 -58.32
N PRO B 152 27.47 -28.69 -57.13
CA PRO B 152 26.89 -28.11 -55.92
C PRO B 152 27.61 -26.82 -55.50
N VAL B 153 26.90 -25.93 -54.81
CA VAL B 153 27.56 -24.67 -54.30
C VAL B 153 28.04 -24.95 -52.87
N ASN B 154 29.34 -25.18 -52.70
CA ASN B 154 29.89 -25.53 -51.36
C ASN B 154 29.60 -24.38 -50.39
N PRO B 155 29.19 -24.67 -49.13
CA PRO B 155 28.89 -23.62 -48.15
C PRO B 155 30.15 -22.91 -47.67
N LYS B 156 30.00 -21.79 -46.97
CA LYS B 156 31.17 -21.02 -46.48
C LYS B 156 31.30 -21.18 -44.97
N HIS B 157 32.53 -21.37 -44.48
CA HIS B 157 32.76 -21.58 -43.03
C HIS B 157 32.51 -20.28 -42.27
N ASP B 158 32.37 -19.16 -42.98
CA ASP B 158 32.18 -17.85 -42.31
C ASP B 158 30.71 -17.45 -42.36
N LEU B 159 30.01 -17.80 -43.44
CA LEU B 159 28.59 -17.41 -43.59
C LEU B 159 27.73 -18.18 -42.58
N SER B 160 26.67 -17.56 -42.07
CA SER B 160 25.76 -18.23 -41.11
C SER B 160 24.84 -19.19 -41.87
N VAL B 161 24.04 -19.97 -41.14
CA VAL B 161 23.16 -20.98 -41.80
C VAL B 161 22.29 -20.26 -42.82
N ALA B 162 21.62 -19.17 -42.40
CA ALA B 162 20.72 -18.42 -43.31
C ALA B 162 21.54 -17.87 -44.48
N GLU B 163 22.68 -17.25 -44.18
CA GLU B 163 23.54 -16.67 -45.25
C GLU B 163 23.94 -17.79 -46.21
N ASN B 164 24.45 -18.90 -45.68
CA ASN B 164 24.90 -20.04 -46.53
C ASN B 164 23.72 -20.53 -47.36
N LEU B 165 22.54 -20.66 -46.73
CA LEU B 165 21.35 -21.19 -47.46
C LEU B 165 21.13 -20.36 -48.72
N LEU B 166 20.90 -19.06 -48.56
CA LEU B 166 20.62 -18.19 -49.74
C LEU B 166 21.86 -18.16 -50.63
N TYR B 167 23.04 -18.07 -50.03
CA TYR B 167 24.30 -18.02 -50.83
C TYR B 167 24.39 -19.26 -51.71
N MET B 168 24.13 -20.44 -51.14
CA MET B 168 24.25 -21.70 -51.91
C MET B 168 23.16 -21.78 -52.98
N PHE B 169 21.91 -21.55 -52.59
CA PHE B 169 20.78 -21.66 -53.56
C PHE B 169 20.93 -20.57 -54.64
N ASN B 170 21.15 -19.32 -54.22
CA ASN B 170 21.28 -18.20 -55.18
C ASN B 170 22.65 -18.28 -55.87
N GLY B 171 23.62 -18.92 -55.22
CA GLY B 171 24.99 -19.01 -55.79
C GLY B 171 25.82 -17.78 -55.44
N GLU B 172 25.26 -16.88 -54.62
CA GLU B 172 25.98 -15.63 -54.26
C GLU B 172 25.56 -15.18 -52.85
N GLU B 173 26.44 -14.49 -52.14
CA GLU B 173 26.13 -14.05 -50.74
C GLU B 173 24.86 -13.19 -50.76
N PRO B 174 23.85 -13.50 -49.93
CA PRO B 174 22.58 -12.77 -49.96
C PRO B 174 22.67 -11.36 -49.35
N ASP B 175 21.71 -10.49 -49.70
CA ASP B 175 21.67 -9.13 -49.12
C ASP B 175 21.42 -9.26 -47.61
N PRO B 176 21.96 -8.35 -46.77
CA PRO B 176 21.81 -8.47 -45.32
C PRO B 176 20.33 -8.63 -44.94
N LEU B 177 19.46 -7.84 -45.56
CA LEU B 177 18.01 -7.90 -45.21
C LEU B 177 17.48 -9.31 -45.48
N MET B 178 17.78 -9.87 -46.65
CA MET B 178 17.26 -11.22 -47.00
C MET B 178 17.71 -12.22 -45.94
N ALA B 179 18.98 -12.14 -45.53
CA ALA B 179 19.51 -13.07 -44.51
C ALA B 179 18.69 -12.93 -43.22
N LYS B 180 18.43 -11.69 -42.80
CA LYS B 180 17.64 -11.45 -41.57
C LYS B 180 16.24 -12.03 -41.74
N ILE B 181 15.63 -11.81 -42.90
CA ILE B 181 14.25 -12.33 -43.18
C ILE B 181 14.28 -13.85 -43.05
N MET B 182 15.27 -14.50 -43.68
CA MET B 182 15.38 -15.97 -43.61
C MET B 182 15.57 -16.38 -42.14
N ASP B 183 16.39 -15.64 -41.40
CA ASP B 183 16.66 -15.96 -39.97
C ASP B 183 15.32 -15.96 -39.22
N VAL B 184 14.50 -14.93 -39.42
CA VAL B 184 13.18 -14.85 -38.73
C VAL B 184 12.37 -16.10 -39.10
N CYS B 185 12.34 -16.44 -40.39
CA CYS B 185 11.56 -17.62 -40.85
C CYS B 185 12.09 -18.87 -40.14
N LEU B 186 13.41 -19.03 -40.10
CA LEU B 186 14.02 -20.23 -39.46
C LEU B 186 13.54 -20.31 -38.01
N ILE B 187 13.54 -19.18 -37.29
CA ILE B 187 13.13 -19.17 -35.86
C ILE B 187 11.65 -19.56 -35.78
N LEU B 188 10.82 -19.06 -36.68
CA LEU B 188 9.35 -19.32 -36.62
C LEU B 188 9.09 -20.83 -36.77
N HIS B 189 9.87 -21.53 -37.60
CA HIS B 189 9.62 -22.97 -37.85
C HIS B 189 10.56 -23.81 -36.97
N ALA B 190 11.17 -23.20 -35.95
CA ALA B 190 12.17 -23.94 -35.12
C ALA B 190 11.51 -25.06 -34.32
N GLU B 191 10.40 -24.78 -33.62
CA GLU B 191 9.82 -25.82 -32.72
C GLU B 191 8.31 -25.97 -32.96
N HIS B 192 7.52 -24.99 -32.48
CA HIS B 192 6.04 -25.06 -32.62
C HIS B 192 5.48 -26.27 -31.86
N THR B 193 5.90 -26.47 -30.61
CA THR B 193 5.30 -27.57 -29.77
C THR B 193 5.55 -28.93 -30.41
N LEU B 194 4.85 -29.97 -29.93
CA LEU B 194 5.06 -31.34 -30.43
C LEU B 194 4.19 -31.60 -31.66
N ASN B 195 4.67 -31.22 -32.85
CA ASN B 195 3.92 -31.52 -34.10
C ASN B 195 4.08 -33.01 -34.40
N ALA B 196 3.29 -33.53 -35.34
CA ALA B 196 3.39 -34.96 -35.71
C ALA B 196 4.86 -35.31 -35.96
N SER B 197 5.56 -34.45 -36.71
CA SER B 197 7.00 -34.69 -37.01
C SER B 197 7.78 -34.73 -35.70
N THR B 198 7.55 -33.77 -34.81
CA THR B 198 8.29 -33.70 -33.53
C THR B 198 8.03 -34.98 -32.73
N PHE B 199 6.76 -35.38 -32.63
CA PHE B 199 6.42 -36.58 -31.81
C PHE B 199 7.04 -37.81 -32.47
N ALA B 200 6.90 -37.94 -33.79
CA ALA B 200 7.51 -39.09 -34.50
C ALA B 200 8.95 -39.24 -34.04
N ALA B 201 9.68 -38.11 -33.96
CA ALA B 201 11.09 -38.15 -33.52
C ALA B 201 11.16 -38.71 -32.11
N LEU B 202 10.24 -38.28 -31.23
CA LEU B 202 10.26 -38.76 -29.82
C LEU B 202 10.12 -40.27 -29.80
N VAL B 203 9.22 -40.81 -30.63
CA VAL B 203 9.01 -42.29 -30.70
C VAL B 203 10.31 -42.93 -31.18
N ALA B 204 10.94 -42.35 -32.20
CA ALA B 204 12.21 -42.88 -32.72
C ALA B 204 13.26 -42.85 -31.60
N GLY B 205 13.25 -41.79 -30.80
CA GLY B 205 14.21 -41.68 -29.67
C GLY B 205 13.90 -42.70 -28.60
N SER B 206 12.62 -42.97 -28.36
CA SER B 206 12.22 -43.92 -27.28
C SER B 206 12.85 -45.30 -27.53
N THR B 207 12.91 -45.71 -28.80
CA THR B 207 13.51 -47.03 -29.15
C THR B 207 15.03 -46.92 -29.09
N LEU B 208 15.54 -45.78 -28.62
CA LEU B 208 17.00 -45.57 -28.50
C LEU B 208 17.64 -45.74 -29.88
N ALA B 209 17.00 -45.20 -30.92
CA ALA B 209 17.54 -45.28 -32.30
C ALA B 209 18.57 -44.16 -32.50
N THR B 210 19.42 -44.29 -33.52
CA THR B 210 20.46 -43.27 -33.79
C THR B 210 19.77 -41.93 -34.09
N PRO B 211 20.36 -40.77 -33.68
CA PRO B 211 19.74 -39.48 -33.91
C PRO B 211 19.48 -39.28 -35.40
N TYR B 212 20.39 -39.77 -36.24
CA TYR B 212 20.22 -39.65 -37.71
C TYR B 212 18.92 -40.34 -38.13
N SER B 213 18.71 -41.56 -37.63
CA SER B 213 17.46 -42.30 -37.93
C SER B 213 16.27 -41.49 -37.43
N VAL B 214 16.38 -40.96 -36.20
CA VAL B 214 15.26 -40.18 -35.60
C VAL B 214 14.94 -38.99 -36.51
N ILE B 215 15.95 -38.22 -36.90
CA ILE B 215 15.71 -37.00 -37.73
C ILE B 215 15.15 -37.43 -39.09
N SER B 216 15.69 -38.51 -39.67
CA SER B 216 15.21 -39.00 -40.98
C SER B 216 13.71 -39.30 -40.88
N ALA B 217 13.29 -39.96 -39.81
CA ALA B 217 11.86 -40.28 -39.60
C ALA B 217 11.05 -38.99 -39.50
N ALA B 218 11.57 -38.01 -38.75
CA ALA B 218 10.86 -36.72 -38.59
C ALA B 218 10.72 -36.06 -39.96
N ILE B 219 11.75 -36.14 -40.80
CA ILE B 219 11.70 -35.55 -42.16
C ILE B 219 10.57 -36.22 -42.95
N GLY B 220 10.50 -37.55 -42.88
CA GLY B 220 9.41 -38.28 -43.57
C GLY B 220 8.05 -37.85 -43.05
N THR B 221 7.92 -37.72 -41.72
CA THR B 221 6.64 -37.27 -41.10
C THR B 221 6.34 -35.85 -41.59
N LEU B 222 7.38 -35.02 -41.73
CA LEU B 222 7.19 -33.62 -42.20
C LEU B 222 6.78 -33.65 -43.67
N SER B 223 7.22 -34.66 -44.42
CA SER B 223 6.90 -34.74 -45.87
C SER B 223 5.46 -35.22 -46.05
N GLY B 224 4.50 -34.45 -45.54
CA GLY B 224 3.07 -34.81 -45.66
C GLY B 224 2.25 -33.61 -46.07
N PRO B 225 1.24 -33.75 -46.96
CA PRO B 225 0.38 -32.65 -47.34
C PRO B 225 -0.27 -32.06 -46.07
N LEU B 226 -0.65 -32.93 -45.14
CA LEU B 226 -1.28 -32.48 -43.87
C LEU B 226 -0.25 -31.73 -43.03
N HIS B 227 1.00 -32.20 -43.02
CA HIS B 227 2.06 -31.57 -42.20
C HIS B 227 2.78 -30.50 -43.02
N GLY B 228 3.63 -30.92 -43.97
CA GLY B 228 4.32 -29.95 -44.85
C GLY B 228 3.46 -29.59 -46.05
N GLY B 229 2.33 -28.92 -45.82
CA GLY B 229 1.41 -28.56 -46.91
C GLY B 229 1.64 -27.14 -47.39
N ALA B 230 2.75 -26.52 -46.96
CA ALA B 230 3.08 -25.16 -47.43
C ALA B 230 3.26 -25.19 -48.95
N ASN B 231 3.92 -26.22 -49.47
CA ASN B 231 4.11 -26.35 -50.95
C ASN B 231 2.74 -26.50 -51.61
N GLN B 232 1.84 -27.26 -50.98
CA GLN B 232 0.48 -27.49 -51.56
C GLN B 232 -0.36 -26.23 -51.34
N ARG B 233 -0.01 -25.40 -50.36
CA ARG B 233 -0.80 -24.19 -50.04
C ARG B 233 -0.94 -23.33 -51.29
N VAL B 234 0.18 -23.06 -51.97
CA VAL B 234 0.14 -22.16 -53.17
C VAL B 234 -0.89 -22.73 -54.16
N VAL B 235 -1.86 -21.90 -54.55
CA VAL B 235 -2.93 -22.35 -55.49
C VAL B 235 -3.28 -21.20 -56.43
N GLY B 236 -2.86 -21.29 -57.69
CA GLY B 236 -3.12 -20.19 -58.66
C GLY B 236 -4.54 -20.23 -59.19
N MET B 237 -5.34 -21.18 -58.69
CA MET B 237 -6.74 -21.33 -59.17
C MET B 237 -7.50 -20.01 -58.93
N LEU B 238 -7.38 -19.42 -57.75
CA LEU B 238 -8.15 -18.18 -57.44
C LEU B 238 -7.39 -16.96 -57.93
N GLN B 239 -8.08 -15.82 -58.08
CA GLN B 239 -7.43 -14.56 -58.51
C GLN B 239 -8.28 -13.38 -58.03
N GLU B 240 -8.07 -12.93 -56.79
CA GLU B 240 -8.84 -11.79 -56.22
C GLU B 240 -10.30 -12.20 -56.04
N ILE B 241 -10.88 -12.89 -57.03
CA ILE B 241 -12.28 -13.36 -56.92
C ILE B 241 -12.27 -14.73 -56.22
N GLY B 242 -11.85 -14.76 -54.95
CA GLY B 242 -11.80 -16.03 -54.20
C GLY B 242 -13.13 -16.37 -53.57
N SER B 243 -14.06 -15.40 -53.55
CA SER B 243 -15.39 -15.62 -52.93
C SER B 243 -16.07 -16.86 -53.55
N PRO B 244 -16.13 -17.00 -54.90
CA PRO B 244 -16.83 -18.11 -55.52
C PRO B 244 -16.36 -19.45 -54.94
N LYS B 245 -15.04 -19.59 -54.73
CA LYS B 245 -14.49 -20.84 -54.15
C LYS B 245 -15.19 -21.09 -52.81
N ASN B 246 -15.76 -22.29 -52.62
CA ASN B 246 -16.52 -22.58 -51.38
C ASN B 246 -16.21 -24.00 -50.89
N VAL B 247 -16.57 -24.32 -49.65
CA VAL B 247 -16.31 -25.67 -49.08
C VAL B 247 -17.23 -26.69 -49.76
N GLU B 248 -16.75 -27.91 -49.94
CA GLU B 248 -17.57 -28.99 -50.56
C GLU B 248 -18.48 -28.38 -51.63
N TRP B 262 -6.91 -25.01 -47.91
CA TRP B 262 -5.52 -25.47 -47.65
C TRP B 262 -4.71 -24.34 -47.01
N GLY B 263 -3.76 -24.68 -46.13
CA GLY B 263 -2.90 -23.67 -45.51
C GLY B 263 -3.67 -22.69 -44.65
N MET B 264 -4.70 -23.17 -43.94
CA MET B 264 -5.44 -22.28 -43.00
C MET B 264 -5.71 -23.01 -41.70
N GLY B 265 -6.60 -24.01 -41.72
CA GLY B 265 -6.99 -24.69 -40.47
C GLY B 265 -5.80 -25.18 -39.67
N HIS B 266 -5.81 -24.96 -38.35
CA HIS B 266 -4.74 -25.47 -37.45
C HIS B 266 -5.40 -26.11 -36.23
N ARG B 267 -4.87 -27.23 -35.75
CA ARG B 267 -5.53 -27.95 -34.62
C ARG B 267 -5.44 -27.14 -33.34
N GLU B 268 -4.23 -26.78 -32.91
CA GLU B 268 -4.08 -26.07 -31.60
C GLU B 268 -4.55 -24.62 -31.73
N TYR B 269 -4.05 -23.88 -32.72
CA TYR B 269 -4.40 -22.44 -32.85
C TYR B 269 -5.87 -22.30 -33.25
N LYS B 270 -6.64 -21.52 -32.49
CA LYS B 270 -8.04 -21.25 -32.87
C LYS B 270 -8.12 -19.81 -33.36
N VAL B 271 -6.99 -19.11 -33.35
CA VAL B 271 -6.92 -17.71 -33.87
C VAL B 271 -5.72 -17.63 -34.81
N LYS B 272 -5.55 -16.51 -35.50
CA LYS B 272 -4.45 -16.42 -36.49
C LYS B 272 -3.14 -16.88 -35.84
N ASP B 273 -2.41 -17.79 -36.50
CA ASP B 273 -1.11 -18.26 -35.97
C ASP B 273 -0.15 -17.08 -35.89
N PRO B 274 0.45 -16.79 -34.72
CA PRO B 274 1.33 -15.63 -34.57
C PRO B 274 2.40 -15.71 -35.66
N ARG B 275 2.85 -16.93 -35.97
CA ARG B 275 3.87 -17.10 -37.04
C ARG B 275 3.35 -16.41 -38.30
N ALA B 276 2.09 -16.66 -38.66
CA ALA B 276 1.52 -16.10 -39.90
C ALA B 276 1.57 -14.57 -39.85
N THR B 277 1.19 -13.99 -38.72
CA THR B 277 1.15 -12.51 -38.63
C THR B 277 2.54 -11.96 -38.94
N ILE B 278 3.57 -12.53 -38.31
CA ILE B 278 4.96 -12.06 -38.54
C ILE B 278 5.26 -12.22 -40.03
N LEU B 279 4.94 -13.38 -40.59
CA LEU B 279 5.24 -13.64 -42.02
C LEU B 279 4.57 -12.56 -42.87
N HIS B 280 3.30 -12.26 -42.58
CA HIS B 280 2.55 -11.27 -43.39
C HIS B 280 3.32 -9.95 -43.37
N LYS B 281 3.76 -9.53 -42.19
CA LYS B 281 4.54 -8.27 -42.07
C LYS B 281 5.78 -8.39 -42.96
N LEU B 282 6.48 -9.52 -42.87
CA LEU B 282 7.73 -9.71 -43.65
C LEU B 282 7.41 -9.59 -45.14
N VAL B 283 6.36 -10.26 -45.60
CA VAL B 283 6.06 -10.25 -47.07
C VAL B 283 5.86 -8.80 -47.52
N GLU B 284 5.03 -8.06 -46.77
CA GLU B 284 4.74 -6.66 -47.17
C GLU B 284 6.06 -5.88 -47.17
N GLN B 285 6.91 -6.14 -46.18
CA GLN B 285 8.20 -5.42 -46.07
C GLN B 285 9.03 -5.70 -47.34
N LEU B 286 9.13 -6.96 -47.74
CA LEU B 286 9.97 -7.33 -48.92
C LEU B 286 9.38 -6.70 -50.19
N VAL B 287 8.08 -6.89 -50.43
CA VAL B 287 7.47 -6.38 -51.69
C VAL B 287 7.71 -4.88 -51.77
N ALA B 288 7.73 -4.20 -50.62
CA ALA B 288 7.89 -2.73 -50.61
C ALA B 288 9.11 -2.36 -51.47
N GLU B 289 10.21 -3.08 -51.32
CA GLU B 289 11.41 -2.81 -52.17
C GLU B 289 11.20 -3.48 -53.54
N MET B 297 3.13 -9.16 -55.85
CA MET B 297 1.82 -8.64 -56.32
C MET B 297 0.80 -9.76 -56.30
N PHE B 298 0.87 -10.67 -57.28
CA PHE B 298 -0.11 -11.78 -57.37
C PHE B 298 0.04 -12.70 -56.16
N ASP B 299 -1.05 -13.32 -55.72
CA ASP B 299 -1.01 -14.26 -54.56
C ASP B 299 -0.81 -13.46 -53.27
N THR B 300 0.33 -12.80 -53.11
CA THR B 300 0.63 -12.07 -51.85
C THR B 300 -0.45 -11.03 -51.57
N ALA B 301 -0.86 -10.26 -52.58
CA ALA B 301 -1.85 -9.19 -52.36
C ALA B 301 -3.05 -9.40 -53.29
N LEU B 302 -3.13 -10.54 -53.96
CA LEU B 302 -4.23 -10.76 -54.94
C LEU B 302 -5.05 -12.00 -54.55
N LYS B 303 -4.42 -12.99 -53.91
CA LYS B 303 -5.15 -14.26 -53.60
C LYS B 303 -5.14 -14.51 -52.09
N LEU B 304 -3.95 -14.65 -51.51
CA LEU B 304 -3.86 -15.00 -50.06
C LEU B 304 -4.65 -13.97 -49.24
N GLU B 305 -4.45 -12.68 -49.52
CA GLU B 305 -5.16 -11.62 -48.76
C GLU B 305 -6.68 -11.81 -48.94
N GLU B 306 -7.11 -12.12 -50.16
CA GLU B 306 -8.56 -12.31 -50.44
C GLU B 306 -9.11 -13.46 -49.58
N VAL B 307 -8.47 -14.63 -49.66
CA VAL B 307 -8.94 -15.82 -48.88
C VAL B 307 -8.78 -15.51 -47.39
N CYS B 308 -7.70 -14.83 -47.02
CA CYS B 308 -7.49 -14.43 -45.60
C CYS B 308 -8.62 -13.49 -45.19
N ALA B 309 -9.02 -12.59 -46.08
CA ALA B 309 -10.10 -11.62 -45.77
C ALA B 309 -11.38 -12.39 -45.44
N ASP B 310 -11.60 -13.55 -46.09
CA ASP B 310 -12.85 -14.31 -45.86
C ASP B 310 -12.74 -15.13 -44.58
N ARG B 311 -12.31 -14.51 -43.48
CA ARG B 311 -12.25 -15.21 -42.18
C ARG B 311 -13.68 -15.63 -41.78
N LEU B 312 -14.69 -14.93 -42.31
CA LEU B 312 -16.09 -15.23 -41.94
C LEU B 312 -16.36 -16.72 -42.15
N GLY B 313 -15.96 -17.26 -43.30
CA GLY B 313 -16.12 -18.71 -43.54
C GLY B 313 -15.37 -19.50 -42.50
N HIS B 314 -14.20 -19.01 -42.07
CA HIS B 314 -13.38 -19.71 -41.06
C HIS B 314 -13.93 -19.39 -39.66
N LYS B 315 -14.99 -20.09 -39.24
CA LYS B 315 -15.64 -19.79 -37.93
C LYS B 315 -14.66 -20.06 -36.79
N GLY B 316 -14.04 -21.25 -36.77
CA GLY B 316 -13.12 -21.61 -35.67
C GLY B 316 -11.70 -21.81 -36.14
N VAL B 317 -11.39 -21.38 -37.37
CA VAL B 317 -10.02 -21.59 -37.93
C VAL B 317 -9.51 -20.26 -38.51
N TYR B 318 -8.20 -20.14 -38.70
CA TYR B 318 -7.60 -18.91 -39.29
C TYR B 318 -6.32 -19.30 -40.04
N PRO B 319 -5.76 -18.43 -40.90
CA PRO B 319 -4.61 -18.80 -41.72
C PRO B 319 -3.52 -19.50 -40.88
N ASN B 320 -3.02 -20.64 -41.37
CA ASN B 320 -1.92 -21.36 -40.66
C ASN B 320 -0.58 -20.75 -41.09
N VAL B 321 0.53 -21.27 -40.55
CA VAL B 321 1.88 -20.74 -40.91
C VAL B 321 2.11 -21.00 -42.39
N ASP B 322 1.66 -22.15 -42.89
CA ASP B 322 1.92 -22.51 -44.31
C ASP B 322 1.21 -21.53 -45.24
N PHE B 323 0.30 -20.71 -44.72
CA PHE B 323 -0.50 -19.82 -45.60
C PHE B 323 0.41 -18.86 -46.36
N TYR B 324 1.25 -18.11 -45.66
CA TYR B 324 2.09 -17.08 -46.34
C TYR B 324 3.53 -17.58 -46.46
N SER B 325 3.82 -18.76 -45.91
CA SER B 325 5.22 -19.26 -45.91
C SER B 325 5.74 -19.27 -47.34
N GLY B 326 4.97 -19.82 -48.27
CA GLY B 326 5.43 -19.95 -49.66
C GLY B 326 5.75 -18.60 -50.28
N ILE B 327 4.83 -17.64 -50.13
CA ILE B 327 5.03 -16.33 -50.82
C ILE B 327 6.43 -15.81 -50.46
N LEU B 328 6.75 -15.79 -49.17
CA LEU B 328 8.05 -15.22 -48.75
C LEU B 328 9.17 -16.02 -49.42
N TYR B 329 9.12 -17.34 -49.32
CA TYR B 329 10.21 -18.17 -49.89
C TYR B 329 10.36 -17.82 -51.36
N SER B 330 9.25 -17.82 -52.10
CA SER B 330 9.32 -17.55 -53.56
C SER B 330 9.93 -16.17 -53.77
N GLU B 331 9.48 -15.19 -52.98
CA GLU B 331 9.99 -13.81 -53.12
C GLU B 331 11.49 -13.81 -52.80
N MET B 332 11.96 -14.84 -52.10
CA MET B 332 13.41 -14.95 -51.82
C MET B 332 14.05 -15.83 -52.90
N GLY B 333 13.24 -16.36 -53.81
CA GLY B 333 13.79 -17.13 -54.95
C GLY B 333 13.69 -18.64 -54.79
N ILE B 334 13.48 -19.13 -53.57
CA ILE B 334 13.46 -20.59 -53.33
C ILE B 334 12.38 -21.24 -54.19
N PRO B 335 12.64 -22.39 -54.84
CA PRO B 335 11.61 -23.08 -55.64
C PRO B 335 10.59 -23.78 -54.74
N GLU B 336 9.39 -24.06 -55.27
CA GLU B 336 8.30 -24.67 -54.46
C GLU B 336 8.72 -26.05 -53.95
N ASP B 337 9.47 -26.80 -54.75
CA ASP B 337 9.85 -28.19 -54.36
C ASP B 337 10.61 -28.17 -53.03
N GLU B 338 11.43 -27.15 -52.80
CA GLU B 338 12.30 -27.15 -51.59
C GLU B 338 11.61 -26.49 -50.39
N PHE B 339 10.33 -26.12 -50.52
CA PHE B 339 9.65 -25.37 -49.43
C PHE B 339 9.65 -26.21 -48.14
N THR B 340 8.98 -27.36 -48.17
CA THR B 340 8.88 -28.19 -46.95
C THR B 340 10.30 -28.55 -46.50
N ALA B 341 11.22 -28.61 -47.46
CA ALA B 341 12.63 -28.96 -47.15
C ALA B 341 13.24 -27.89 -46.25
N LEU B 342 13.11 -26.62 -46.63
CA LEU B 342 13.63 -25.52 -45.78
C LEU B 342 12.90 -25.58 -44.44
N PHE B 343 11.60 -25.91 -44.45
CA PHE B 343 10.86 -26.05 -43.18
C PHE B 343 11.63 -27.04 -42.29
N ALA B 344 12.12 -28.12 -42.90
CA ALA B 344 12.87 -29.14 -42.13
C ALA B 344 14.17 -28.53 -41.61
N VAL B 345 14.80 -27.66 -42.39
CA VAL B 345 16.11 -27.08 -41.99
C VAL B 345 15.95 -26.41 -40.62
N ALA B 346 14.71 -26.06 -40.26
CA ALA B 346 14.47 -25.35 -38.97
C ALA B 346 14.05 -26.34 -37.88
N ARG B 347 13.01 -27.15 -38.12
CA ARG B 347 12.50 -28.06 -37.07
C ARG B 347 13.63 -28.93 -36.52
N SER B 348 14.66 -29.18 -37.34
CA SER B 348 15.83 -29.95 -36.87
C SER B 348 16.13 -29.53 -35.43
N ALA B 349 16.25 -28.22 -35.21
CA ALA B 349 16.55 -27.72 -33.86
C ALA B 349 15.55 -28.31 -32.88
N GLY B 350 14.27 -28.03 -33.09
CA GLY B 350 13.24 -28.50 -32.14
C GLY B 350 13.27 -30.01 -32.03
N TRP B 351 13.33 -30.70 -33.16
CA TRP B 351 13.28 -32.18 -33.13
C TRP B 351 14.39 -32.68 -32.23
N LEU B 352 15.62 -32.20 -32.45
CA LEU B 352 16.78 -32.72 -31.67
C LEU B 352 16.65 -32.28 -30.22
N ALA B 353 16.07 -31.10 -29.97
CA ALA B 353 15.85 -30.65 -28.59
C ALA B 353 14.96 -31.67 -27.88
N HIS B 354 13.81 -31.98 -28.48
CA HIS B 354 12.87 -32.98 -27.90
C HIS B 354 13.56 -34.34 -27.82
N TRP B 355 14.38 -34.67 -28.82
CA TRP B 355 15.12 -35.96 -28.81
C TRP B 355 16.04 -36.00 -27.58
N ARG B 356 16.76 -34.90 -27.33
CA ARG B 356 17.67 -34.84 -26.16
C ARG B 356 16.84 -34.99 -24.88
N GLU B 357 15.63 -34.44 -24.87
CA GLU B 357 14.76 -34.54 -23.67
C GLU B 357 14.21 -35.97 -23.55
N GLN B 358 13.69 -36.51 -24.66
CA GLN B 358 13.07 -37.86 -24.62
C GLN B 358 14.14 -38.89 -24.21
N ILE B 359 15.34 -38.77 -24.78
CA ILE B 359 16.42 -39.77 -24.47
C ILE B 359 16.76 -39.66 -22.98
N SER B 360 16.71 -38.46 -22.42
CA SER B 360 16.95 -38.29 -20.96
C SER B 360 15.85 -39.03 -20.19
N ASP B 361 14.60 -38.92 -20.67
CA ASP B 361 13.45 -39.61 -20.02
C ASP B 361 13.62 -41.13 -20.16
N ASN B 362 14.04 -41.59 -21.35
CA ASN B 362 14.21 -43.05 -21.59
C ASN B 362 12.88 -43.77 -21.35
N ARG B 363 11.81 -43.34 -22.03
CA ARG B 363 10.50 -44.03 -21.92
C ARG B 363 10.04 -44.47 -23.30
N ILE B 364 9.82 -45.79 -23.49
CA ILE B 364 9.34 -46.31 -24.80
C ILE B 364 7.91 -45.83 -25.02
N TYR B 365 7.52 -45.60 -26.28
CA TYR B 365 6.14 -45.15 -26.59
C TYR B 365 5.30 -46.36 -27.05
N ARG B 366 4.40 -46.83 -26.18
CA ARG B 366 3.49 -47.94 -26.57
C ARG B 366 2.04 -47.44 -26.40
N PRO B 367 1.24 -47.32 -27.49
CA PRO B 367 -0.11 -46.76 -27.39
C PRO B 367 -1.01 -47.60 -26.47
N THR B 368 -0.65 -48.87 -26.25
CA THR B 368 -1.48 -49.76 -25.40
C THR B 368 -1.82 -49.07 -24.08
N GLN B 369 -0.84 -48.38 -23.47
CA GLN B 369 -1.06 -47.70 -22.17
C GLN B 369 -2.21 -46.71 -22.30
N ILE B 370 -2.29 -46.01 -23.44
CA ILE B 370 -3.37 -45.00 -23.66
C ILE B 370 -4.43 -45.62 -24.57
N TYR B 371 -4.11 -45.78 -25.87
CA TYR B 371 -5.05 -46.42 -26.81
C TYR B 371 -4.38 -47.66 -27.42
N VAL B 372 -4.53 -48.81 -26.75
CA VAL B 372 -3.97 -50.08 -27.32
C VAL B 372 -4.63 -50.33 -28.67
N GLY B 373 -5.94 -50.06 -28.77
CA GLY B 373 -6.68 -50.28 -30.02
C GLY B 373 -8.10 -50.72 -29.76
N SER B 374 -9.08 -49.97 -30.28
CA SER B 374 -10.51 -50.30 -30.04
C SER B 374 -10.82 -51.68 -30.62
N ASP B 375 -10.26 -52.00 -31.79
CA ASP B 375 -10.51 -53.31 -32.45
C ASP B 375 -11.98 -53.37 -32.89
N LYS C 25 1.79 18.83 -8.22
CA LYS C 25 1.63 17.68 -9.14
C LYS C 25 0.39 16.88 -8.74
N GLY C 26 0.22 16.61 -7.44
CA GLY C 26 -0.98 15.89 -6.96
C GLY C 26 -2.01 16.87 -6.44
N ILE C 27 -1.76 18.17 -6.60
CA ILE C 27 -2.71 19.21 -6.08
C ILE C 27 -4.05 19.09 -6.79
N LEU C 28 -5.16 19.09 -6.05
CA LEU C 28 -6.50 19.06 -6.68
C LEU C 28 -6.55 17.96 -7.73
N SER C 29 -6.34 16.70 -7.32
CA SER C 29 -6.34 15.57 -8.28
C SER C 29 -7.34 14.49 -7.83
N TYR C 30 -8.64 14.79 -7.90
CA TYR C 30 -9.67 13.77 -7.53
C TYR C 30 -10.24 13.16 -8.81
N ARG C 31 -9.73 12.00 -9.22
CA ARG C 31 -10.21 11.33 -10.46
C ARG C 31 -10.08 12.31 -11.64
N GLY C 32 -9.08 13.19 -11.60
CA GLY C 32 -8.88 14.17 -12.68
C GLY C 32 -9.72 15.41 -12.48
N TYR C 33 -10.53 15.43 -11.41
CA TYR C 33 -11.36 16.62 -11.10
C TYR C 33 -10.66 17.46 -10.02
N PRO C 34 -10.24 18.70 -10.32
CA PRO C 34 -9.59 19.56 -9.34
C PRO C 34 -10.45 19.68 -8.07
N LEU C 35 -9.84 19.50 -6.90
CA LEU C 35 -10.60 19.57 -5.62
C LEU C 35 -11.44 20.86 -5.62
N GLU C 36 -10.90 21.93 -6.19
CA GLU C 36 -11.63 23.22 -6.26
C GLU C 36 -12.95 22.99 -7.02
N THR C 37 -12.91 22.20 -8.10
CA THR C 37 -14.16 21.90 -8.86
C THR C 37 -15.14 21.21 -7.90
N LEU C 38 -14.63 20.36 -7.01
CA LEU C 38 -15.50 19.65 -6.03
C LEU C 38 -15.84 20.61 -4.89
N ALA C 39 -14.95 21.55 -4.59
CA ALA C 39 -15.20 22.51 -3.49
C ALA C 39 -16.67 22.88 -3.53
N GLU C 40 -17.18 23.19 -4.73
CA GLU C 40 -18.62 23.45 -4.89
C GLU C 40 -19.14 22.44 -5.90
N ASN C 41 -20.43 22.47 -6.22
CA ASN C 41 -20.97 21.57 -7.27
C ASN C 41 -20.70 20.11 -6.88
N SER C 42 -20.32 19.86 -5.63
CA SER C 42 -19.99 18.48 -5.21
C SER C 42 -20.23 18.29 -3.70
N THR C 43 -20.58 17.06 -3.30
CA THR C 43 -20.80 16.76 -1.87
C THR C 43 -19.97 15.52 -1.53
N PHE C 44 -19.66 15.29 -0.26
CA PHE C 44 -18.78 14.14 0.08
C PHE C 44 -19.36 12.89 -0.56
N GLU C 45 -20.69 12.80 -0.58
CA GLU C 45 -21.35 11.62 -1.20
C GLU C 45 -20.93 11.53 -2.66
N GLU C 46 -21.12 12.62 -3.41
CA GLU C 46 -20.72 12.63 -4.84
C GLU C 46 -19.20 12.44 -4.93
N THR C 47 -18.46 13.17 -4.09
CA THR C 47 -16.98 13.08 -4.11
C THR C 47 -16.59 11.63 -3.85
N THR C 48 -17.19 11.00 -2.84
CA THR C 48 -16.85 9.60 -2.49
C THR C 48 -17.15 8.72 -3.69
N LEU C 49 -18.35 8.84 -4.26
CA LEU C 49 -18.71 8.05 -5.46
C LEU C 49 -17.72 8.39 -6.57
N LEU C 50 -17.43 9.69 -6.74
CA LEU C 50 -16.49 10.09 -7.81
C LEU C 50 -15.19 9.33 -7.61
N LEU C 51 -14.67 9.34 -6.38
CA LEU C 51 -13.38 8.66 -6.10
C LEU C 51 -13.56 7.16 -6.31
N LEU C 52 -14.61 6.57 -5.74
CA LEU C 52 -14.80 5.10 -5.83
C LEU C 52 -14.99 4.69 -7.30
N ASP C 53 -16.05 5.19 -7.93
CA ASP C 53 -16.38 4.78 -9.32
C ASP C 53 -15.34 5.37 -10.28
N GLY C 54 -14.91 6.61 -10.04
CA GLY C 54 -13.90 7.25 -10.92
C GLY C 54 -14.52 8.32 -11.78
N GLU C 55 -15.85 8.32 -11.91
CA GLU C 55 -16.55 9.33 -12.75
C GLU C 55 -17.75 9.88 -11.98
N LEU C 56 -18.00 11.19 -12.12
CA LEU C 56 -19.14 11.82 -11.40
C LEU C 56 -20.37 10.95 -11.60
N PRO C 57 -21.12 10.60 -10.54
CA PRO C 57 -22.24 9.67 -10.68
C PRO C 57 -23.51 10.29 -11.27
N THR C 58 -24.42 9.45 -11.76
CA THR C 58 -25.71 9.95 -12.29
C THR C 58 -26.66 10.17 -11.12
N LYS C 59 -27.72 10.95 -11.32
CA LYS C 59 -28.69 11.23 -10.24
C LYS C 59 -29.09 9.89 -9.60
N LYS C 60 -29.47 8.91 -10.42
CA LYS C 60 -29.95 7.63 -9.87
C LYS C 60 -28.86 7.02 -8.99
N ALA C 61 -27.64 6.87 -9.53
CA ALA C 61 -26.58 6.21 -8.74
C ALA C 61 -26.37 6.96 -7.43
N LEU C 62 -26.26 8.29 -7.50
CA LEU C 62 -25.98 9.07 -6.27
C LEU C 62 -27.13 8.82 -5.28
N ASN C 63 -28.36 8.92 -5.76
CA ASN C 63 -29.52 8.76 -4.85
C ASN C 63 -29.44 7.38 -4.21
N ASP C 64 -29.22 6.35 -5.01
CA ASP C 64 -29.21 4.97 -4.48
C ASP C 64 -28.10 4.87 -3.42
N PHE C 65 -26.89 5.32 -3.76
CA PHE C 65 -25.76 5.22 -2.82
C PHE C 65 -26.13 5.98 -1.54
N SER C 66 -26.71 7.16 -1.72
CA SER C 66 -27.11 7.98 -0.56
C SER C 66 -28.10 7.18 0.29
N GLN C 67 -29.13 6.63 -0.34
CA GLN C 67 -30.17 5.90 0.42
C GLN C 67 -29.50 4.72 1.14
N GLN C 68 -28.61 4.01 0.45
CA GLN C 68 -27.94 2.83 1.07
C GLN C 68 -27.11 3.31 2.26
N LEU C 69 -26.41 4.44 2.10
CA LEU C 69 -25.65 5.02 3.24
C LEU C 69 -26.64 5.34 4.36
N LYS C 70 -27.69 6.10 4.05
CA LYS C 70 -28.67 6.52 5.07
C LYS C 70 -29.32 5.26 5.68
N ASP C 71 -29.10 4.09 5.08
CA ASP C 71 -29.72 2.84 5.57
C ASP C 71 -28.78 2.13 6.55
N ASN C 72 -27.46 2.21 6.31
CA ASN C 72 -26.51 1.46 7.18
C ASN C 72 -26.01 2.38 8.30
N TYR C 73 -26.53 3.60 8.37
CA TYR C 73 -26.14 4.52 9.47
C TYR C 73 -26.32 3.81 10.81
N ARG C 74 -27.37 2.98 10.91
CA ARG C 74 -27.69 2.30 12.18
C ARG C 74 -26.46 1.57 12.73
N ILE C 75 -26.38 1.42 14.05
CA ILE C 75 -25.23 0.72 14.67
C ILE C 75 -25.75 -0.46 15.50
N LYS C 76 -25.08 -1.61 15.43
CA LYS C 76 -25.51 -2.80 16.20
C LYS C 76 -25.42 -2.50 17.70
N TYR C 77 -26.39 -2.99 18.48
CA TYR C 77 -26.40 -2.70 19.94
C TYR C 77 -25.16 -3.30 20.59
N HIS C 78 -24.64 -4.36 20.01
CA HIS C 78 -23.44 -5.02 20.59
C HIS C 78 -22.31 -4.01 20.68
N ILE C 79 -22.13 -3.18 19.65
CA ILE C 79 -20.98 -2.22 19.64
C ILE C 79 -21.10 -1.28 20.83
N ARG C 80 -22.28 -0.69 21.04
CA ARG C 80 -22.43 0.32 22.12
C ARG C 80 -22.20 -0.35 23.48
N GLN C 81 -22.79 -1.54 23.68
CA GLN C 81 -22.61 -2.24 24.98
C GLN C 81 -21.11 -2.41 25.20
N MET C 82 -20.38 -2.82 24.17
CA MET C 82 -18.91 -2.99 24.28
C MET C 82 -18.31 -1.64 24.68
N MET C 83 -18.69 -0.58 23.96
CA MET C 83 -18.09 0.75 24.25
C MET C 83 -18.37 1.11 25.71
N ARG C 84 -19.57 0.81 26.21
CA ARG C 84 -19.93 1.22 27.58
C ARG C 84 -18.97 0.56 28.58
N HIS C 85 -18.67 -0.72 28.40
CA HIS C 85 -17.77 -1.44 29.32
C HIS C 85 -16.37 -0.83 29.28
N PHE C 86 -16.02 -0.19 28.16
CA PHE C 86 -14.67 0.41 28.01
C PHE C 86 -14.55 1.69 28.83
N PRO C 87 -13.33 2.16 29.16
CA PRO C 87 -13.15 3.34 30.01
C PRO C 87 -13.17 4.69 29.29
N HIS C 88 -13.51 5.76 30.01
CA HIS C 88 -13.60 7.11 29.39
C HIS C 88 -12.23 7.57 28.90
N THR C 89 -11.17 7.20 29.63
CA THR C 89 -9.80 7.65 29.27
C THR C 89 -9.49 7.24 27.83
N GLY C 90 -10.21 6.25 27.32
CA GLY C 90 -9.93 5.74 25.96
C GLY C 90 -9.85 6.85 24.93
N HIS C 91 -8.87 6.78 24.03
CA HIS C 91 -8.74 7.79 22.95
C HIS C 91 -9.71 7.46 21.82
N PRO C 92 -10.42 8.45 21.24
CA PRO C 92 -11.41 8.17 20.22
C PRO C 92 -10.84 7.28 19.10
N MET C 93 -9.62 7.56 18.65
CA MET C 93 -9.05 6.81 17.51
C MET C 93 -8.92 5.33 17.90
N ASP C 94 -8.42 5.05 19.10
CA ASP C 94 -8.21 3.65 19.52
C ASP C 94 -9.57 2.94 19.50
N MET C 95 -10.60 3.58 20.04
CA MET C 95 -11.96 2.98 20.05
C MET C 95 -12.41 2.80 18.60
N LEU C 96 -12.16 3.80 17.75
CA LEU C 96 -12.64 3.71 16.35
C LEU C 96 -12.05 2.46 15.70
N GLN C 97 -10.74 2.26 15.88
CA GLN C 97 -10.08 1.07 15.29
C GLN C 97 -10.78 -0.17 15.84
N THR C 98 -10.95 -0.23 17.16
CA THR C 98 -11.58 -1.41 17.79
C THR C 98 -12.96 -1.63 17.17
N ALA C 99 -13.74 -0.56 17.05
CA ALA C 99 -15.12 -0.69 16.54
C ALA C 99 -15.10 -1.22 15.11
N VAL C 100 -14.28 -0.64 14.24
CA VAL C 100 -14.30 -1.06 12.82
C VAL C 100 -14.00 -2.56 12.76
N SER C 101 -12.94 -3.00 13.45
CA SER C 101 -12.57 -4.43 13.42
C SER C 101 -13.75 -5.25 13.90
N SER C 102 -14.40 -4.80 14.97
CA SER C 102 -15.52 -5.58 15.56
C SER C 102 -16.64 -5.71 14.54
N LEU C 103 -16.97 -4.61 13.85
CA LEU C 103 -18.12 -4.65 12.90
C LEU C 103 -17.88 -5.81 11.93
N GLY C 104 -16.62 -6.13 11.64
CA GLY C 104 -16.30 -7.19 10.68
C GLY C 104 -16.82 -8.53 11.13
N MET C 105 -17.28 -8.62 12.38
CA MET C 105 -17.74 -9.92 12.92
C MET C 105 -19.27 -10.03 12.77
N PHE C 106 -19.88 -9.07 12.07
CA PHE C 106 -21.34 -9.14 11.81
C PHE C 106 -21.57 -9.38 10.31
N TYR C 107 -20.92 -8.59 9.46
CA TYR C 107 -21.03 -8.78 7.99
C TYR C 107 -19.81 -9.58 7.54
N PRO C 108 -19.88 -10.93 7.45
CA PRO C 108 -18.69 -11.73 7.16
C PRO C 108 -18.55 -12.34 5.77
N GLY C 109 -17.40 -12.98 5.52
CA GLY C 109 -17.18 -13.67 4.23
C GLY C 109 -15.77 -13.48 3.69
N THR C 110 -15.37 -14.27 2.68
CA THR C 110 -14.04 -14.11 2.03
C THR C 110 -14.23 -14.18 0.51
N GLU C 111 -13.51 -13.35 -0.25
CA GLU C 111 -13.69 -13.29 -1.73
C GLU C 111 -12.80 -14.32 -2.43
N CYS C 112 -13.22 -15.58 -2.47
CA CYS C 112 -12.46 -16.60 -3.24
C CYS C 112 -12.67 -16.33 -4.74
N LEU C 113 -13.83 -15.79 -5.10
CA LEU C 113 -14.15 -15.46 -6.52
C LEU C 113 -13.66 -16.58 -7.43
N CYS C 119 -19.74 -18.44 -4.05
CA CYS C 119 -19.75 -18.85 -2.62
C CYS C 119 -20.08 -17.64 -1.74
N GLU C 120 -19.61 -16.46 -2.15
CA GLU C 120 -19.92 -15.22 -1.39
C GLU C 120 -21.43 -15.13 -1.22
N ASP C 121 -21.88 -14.76 -0.02
CA ASP C 121 -23.35 -14.70 0.25
C ASP C 121 -23.92 -13.46 -0.45
N LEU C 122 -23.07 -12.54 -0.91
CA LEU C 122 -23.59 -11.28 -1.51
C LEU C 122 -22.48 -10.52 -2.23
N ASP C 123 -22.79 -9.33 -2.72
CA ASP C 123 -21.76 -8.48 -3.38
C ASP C 123 -20.89 -7.86 -2.29
N TYR C 124 -19.94 -8.64 -1.74
CA TYR C 124 -19.13 -8.13 -0.62
C TYR C 124 -18.68 -6.71 -0.91
N VAL C 125 -17.97 -6.53 -2.03
CA VAL C 125 -17.42 -5.17 -2.36
C VAL C 125 -18.60 -4.22 -2.55
N ARG C 126 -18.40 -2.93 -2.28
CA ARG C 126 -19.48 -1.91 -2.42
C ARG C 126 -20.46 -2.04 -1.25
N ASN C 127 -21.09 -3.21 -1.12
CA ASN C 127 -22.07 -3.42 -0.02
C ASN C 127 -21.34 -3.16 1.30
N MET C 128 -20.21 -3.83 1.53
CA MET C 128 -19.42 -3.60 2.76
C MET C 128 -18.86 -2.18 2.73
N THR C 129 -18.42 -1.74 1.55
CA THR C 129 -17.81 -0.39 1.44
C THR C 129 -18.79 0.64 1.97
N VAL C 130 -20.03 0.63 1.48
CA VAL C 130 -21.02 1.65 1.90
C VAL C 130 -21.26 1.49 3.41
N ASN C 131 -21.32 0.25 3.87
CA ASN C 131 -21.59 -0.01 5.31
C ASN C 131 -20.49 0.66 6.15
N ILE C 132 -19.23 0.41 5.79
CA ILE C 132 -18.09 0.95 6.59
C ILE C 132 -18.19 2.47 6.60
N ILE C 133 -18.32 3.10 5.42
CA ILE C 133 -18.33 4.58 5.35
C ILE C 133 -19.52 5.09 6.16
N ALA C 134 -20.66 4.45 6.04
CA ALA C 134 -21.88 4.94 6.73
C ALA C 134 -21.72 4.86 8.24
N GLN C 135 -21.06 3.81 8.74
CA GLN C 135 -20.99 3.62 10.22
C GLN C 135 -19.78 4.36 10.81
N MET C 136 -18.90 4.92 9.97
CA MET C 136 -17.67 5.56 10.50
C MET C 136 -18.07 6.70 11.45
N ALA C 137 -18.74 7.72 10.93
CA ALA C 137 -19.07 8.90 11.76
C ALA C 137 -19.95 8.49 12.94
N PRO C 138 -21.04 7.72 12.76
CA PRO C 138 -21.92 7.39 13.86
C PRO C 138 -21.10 6.82 15.02
N LEU C 139 -20.17 5.91 14.70
CA LEU C 139 -19.36 5.26 15.75
C LEU C 139 -18.59 6.32 16.53
N VAL C 140 -17.95 7.25 15.81
CA VAL C 140 -17.12 8.29 16.49
C VAL C 140 -18.01 9.04 17.49
N ALA C 141 -19.19 9.48 17.04
CA ALA C 141 -20.08 10.26 17.92
C ALA C 141 -20.49 9.42 19.13
N MET C 142 -20.82 8.15 18.90
CA MET C 142 -21.27 7.28 20.02
C MET C 142 -20.20 7.31 21.09
N TRP C 143 -18.93 7.19 20.69
CA TRP C 143 -17.83 7.17 21.68
C TRP C 143 -17.86 8.47 22.48
N GLU C 144 -18.01 9.61 21.79
CA GLU C 144 -17.97 10.91 22.50
C GLU C 144 -18.97 10.87 23.65
N HIS C 145 -20.22 10.52 23.36
CA HIS C 145 -21.27 10.57 24.41
C HIS C 145 -21.02 9.49 25.47
N ILE C 146 -20.76 8.25 25.04
CA ILE C 146 -20.54 7.13 26.00
C ILE C 146 -19.32 7.48 26.85
N ARG C 147 -18.28 8.03 26.22
CA ARG C 147 -17.06 8.43 26.97
C ARG C 147 -17.48 9.36 28.09
N ASN C 148 -18.48 10.22 27.82
CA ASN C 148 -18.93 11.20 28.84
C ASN C 148 -20.07 10.58 29.65
N GLY C 149 -20.30 9.26 29.50
CA GLY C 149 -21.30 8.57 30.32
C GLY C 149 -22.73 8.96 29.98
N TRP C 150 -22.95 9.50 28.79
CA TRP C 150 -24.31 9.89 28.36
C TRP C 150 -24.76 9.06 27.16
N ASP C 151 -26.06 8.80 27.04
CA ASP C 151 -26.59 7.96 25.93
C ASP C 151 -26.22 8.60 24.60
N PRO C 152 -25.98 7.82 23.53
CA PRO C 152 -25.55 8.37 22.25
C PRO C 152 -26.68 9.08 21.50
N VAL C 153 -26.33 9.89 20.49
CA VAL C 153 -27.36 10.56 19.65
C VAL C 153 -27.46 9.79 18.33
N ASN C 154 -28.53 9.00 18.17
CA ASN C 154 -28.67 8.14 16.97
C ASN C 154 -28.76 9.02 15.71
N PRO C 155 -28.23 8.59 14.55
CA PRO C 155 -28.23 9.40 13.34
C PRO C 155 -29.62 9.46 12.69
N LYS C 156 -29.82 10.43 11.79
CA LYS C 156 -31.13 10.57 11.09
C LYS C 156 -30.95 10.15 9.63
N HIS C 157 -31.86 9.33 9.11
CA HIS C 157 -31.75 8.84 7.72
C HIS C 157 -31.76 10.04 6.76
N ASP C 158 -32.64 11.00 6.99
CA ASP C 158 -32.78 12.14 6.06
C ASP C 158 -31.49 12.95 6.00
N LEU C 159 -30.91 13.31 7.16
CA LEU C 159 -29.71 14.19 7.18
C LEU C 159 -28.55 13.53 6.43
N SER C 160 -27.65 14.34 5.87
CA SER C 160 -26.46 13.81 5.16
C SER C 160 -25.44 13.33 6.19
N VAL C 161 -24.38 12.67 5.73
CA VAL C 161 -23.30 12.23 6.67
C VAL C 161 -22.85 13.46 7.45
N ALA C 162 -22.50 14.53 6.72
CA ALA C 162 -22.01 15.76 7.38
C ALA C 162 -23.12 16.31 8.29
N GLU C 163 -24.34 16.39 7.76
CA GLU C 163 -25.45 16.97 8.56
C GLU C 163 -25.64 16.11 9.81
N ASN C 164 -25.70 14.79 9.63
CA ASN C 164 -25.88 13.89 10.79
C ASN C 164 -24.73 14.11 11.76
N LEU C 165 -23.50 14.24 11.25
CA LEU C 165 -22.32 14.37 12.13
C LEU C 165 -22.57 15.49 13.14
N LEU C 166 -22.82 16.71 12.64
CA LEU C 166 -22.96 17.87 13.58
C LEU C 166 -24.17 17.60 14.48
N TYR C 167 -25.24 17.05 13.92
CA TYR C 167 -26.45 16.75 14.72
C TYR C 167 -26.08 15.81 15.87
N MET C 168 -25.36 14.73 15.56
CA MET C 168 -25.03 13.73 16.60
C MET C 168 -24.13 14.37 17.67
N PHE C 169 -23.08 15.07 17.25
CA PHE C 169 -22.13 15.65 18.24
C PHE C 169 -22.81 16.79 19.00
N ASN C 170 -23.30 17.79 18.27
CA ASN C 170 -23.89 18.98 18.94
C ASN C 170 -25.18 18.56 19.65
N GLY C 171 -25.94 17.63 19.06
CA GLY C 171 -27.20 17.18 19.67
C GLY C 171 -28.41 17.86 19.05
N GLU C 172 -28.20 18.63 17.98
CA GLU C 172 -29.32 19.36 17.33
C GLU C 172 -28.91 19.73 15.91
N GLU C 173 -29.89 20.10 15.07
CA GLU C 173 -29.60 20.43 13.65
C GLU C 173 -28.65 21.63 13.60
N PRO C 174 -27.50 21.54 12.90
CA PRO C 174 -26.60 22.67 12.76
C PRO C 174 -27.09 23.59 11.62
N ASP C 175 -26.53 24.80 11.54
CA ASP C 175 -26.92 25.72 10.43
C ASP C 175 -26.39 25.16 9.11
N PRO C 176 -27.10 25.36 7.98
CA PRO C 176 -26.65 24.86 6.70
C PRO C 176 -25.21 25.35 6.48
N LEU C 177 -24.90 26.54 7.00
CA LEU C 177 -23.53 27.09 6.84
C LEU C 177 -22.53 26.07 7.36
N MET C 178 -22.59 25.77 8.66
CA MET C 178 -21.59 24.84 9.25
C MET C 178 -21.64 23.52 8.48
N ALA C 179 -22.86 23.05 8.18
CA ALA C 179 -23.01 21.75 7.49
C ALA C 179 -22.26 21.80 6.16
N LYS C 180 -22.51 22.84 5.38
CA LYS C 180 -21.83 22.99 4.06
C LYS C 180 -20.33 22.99 4.31
N ILE C 181 -19.89 23.78 5.30
CA ILE C 181 -18.43 23.88 5.59
C ILE C 181 -17.93 22.47 5.93
N MET C 182 -18.64 21.77 6.79
CA MET C 182 -18.18 20.42 7.22
C MET C 182 -18.05 19.55 5.98
N ASP C 183 -19.08 19.56 5.13
CA ASP C 183 -19.07 18.70 3.91
C ASP C 183 -17.82 19.06 3.12
N VAL C 184 -17.53 20.36 3.01
CA VAL C 184 -16.35 20.81 2.22
C VAL C 184 -15.09 20.20 2.86
N CYS C 185 -14.91 20.42 4.17
CA CYS C 185 -13.74 19.87 4.87
C CYS C 185 -13.61 18.38 4.54
N LEU C 186 -14.75 17.67 4.49
CA LEU C 186 -14.73 16.21 4.22
C LEU C 186 -14.07 15.95 2.87
N ILE C 187 -14.48 16.71 1.83
CA ILE C 187 -13.94 16.48 0.47
C ILE C 187 -12.42 16.70 0.50
N LEU C 188 -11.97 17.70 1.26
CA LEU C 188 -10.51 18.02 1.30
C LEU C 188 -9.73 16.83 1.88
N HIS C 189 -10.22 16.23 2.96
CA HIS C 189 -9.48 15.11 3.61
C HIS C 189 -9.95 13.77 3.06
N ALA C 190 -10.75 13.79 1.98
CA ALA C 190 -11.29 12.54 1.41
C ALA C 190 -10.17 11.65 0.86
N GLU C 191 -9.29 12.21 0.02
CA GLU C 191 -8.21 11.40 -0.60
C GLU C 191 -6.92 12.21 -0.65
N HIS C 192 -5.78 11.55 -0.38
CA HIS C 192 -4.46 12.24 -0.41
C HIS C 192 -3.39 11.31 -0.98
N THR C 193 -3.45 11.00 -2.28
CA THR C 193 -2.40 10.18 -2.93
C THR C 193 -2.20 8.89 -2.12
N LEU C 194 -0.97 8.60 -1.73
CA LEU C 194 -0.66 7.35 -0.98
C LEU C 194 -0.12 7.71 0.41
N ASN C 195 -0.97 8.23 1.29
CA ASN C 195 -0.54 8.53 2.67
C ASN C 195 -0.28 7.21 3.40
N ALA C 196 0.47 7.25 4.50
CA ALA C 196 0.82 5.98 5.20
C ALA C 196 -0.44 5.16 5.47
N SER C 197 -1.51 5.80 5.94
CA SER C 197 -2.76 5.06 6.26
C SER C 197 -3.30 4.39 5.00
N THR C 198 -3.37 5.15 3.89
CA THR C 198 -3.87 4.59 2.61
C THR C 198 -2.99 3.41 2.20
N PHE C 199 -1.66 3.60 2.24
CA PHE C 199 -0.72 2.53 1.81
C PHE C 199 -0.93 1.31 2.70
N ALA C 200 -1.12 1.53 4.00
CA ALA C 200 -1.35 0.41 4.94
C ALA C 200 -2.61 -0.35 4.53
N ALA C 201 -3.67 0.38 4.17
CA ALA C 201 -4.91 -0.27 3.69
C ALA C 201 -4.57 -1.14 2.48
N LEU C 202 -3.75 -0.61 1.57
CA LEU C 202 -3.37 -1.37 0.35
C LEU C 202 -2.59 -2.62 0.75
N VAL C 203 -1.63 -2.50 1.67
CA VAL C 203 -0.78 -3.68 2.01
C VAL C 203 -1.68 -4.78 2.57
N ALA C 204 -2.61 -4.40 3.43
CA ALA C 204 -3.53 -5.39 4.02
C ALA C 204 -4.41 -5.97 2.91
N GLY C 205 -4.96 -5.09 2.07
CA GLY C 205 -5.81 -5.56 0.95
C GLY C 205 -5.06 -6.60 0.16
N SER C 206 -3.77 -6.38 -0.06
CA SER C 206 -2.97 -7.33 -0.85
C SER C 206 -3.17 -8.74 -0.29
N THR C 207 -3.55 -8.81 0.99
CA THR C 207 -3.71 -10.14 1.63
C THR C 207 -5.16 -10.59 1.47
N LEU C 208 -5.95 -9.83 0.73
CA LEU C 208 -7.38 -10.16 0.55
C LEU C 208 -7.98 -10.36 1.95
N ALA C 209 -8.10 -9.29 2.72
CA ALA C 209 -8.60 -9.43 4.11
C ALA C 209 -9.90 -8.63 4.26
N THR C 210 -10.74 -9.03 5.22
CA THR C 210 -12.05 -8.38 5.36
C THR C 210 -11.85 -6.87 5.29
N PRO C 211 -12.66 -6.16 4.48
CA PRO C 211 -12.55 -4.72 4.37
C PRO C 211 -12.46 -4.10 5.76
N TYR C 212 -13.27 -4.62 6.68
CA TYR C 212 -13.31 -4.03 8.04
C TYR C 212 -11.90 -4.10 8.63
N SER C 213 -11.27 -5.26 8.55
CA SER C 213 -9.92 -5.41 9.14
C SER C 213 -8.97 -4.40 8.48
N VAL C 214 -9.02 -4.30 7.16
CA VAL C 214 -8.10 -3.39 6.43
C VAL C 214 -8.34 -1.96 6.88
N ILE C 215 -9.60 -1.53 6.90
CA ILE C 215 -9.90 -0.13 7.25
C ILE C 215 -9.50 0.12 8.70
N SER C 216 -9.76 -0.84 9.58
CA SER C 216 -9.36 -0.70 11.01
C SER C 216 -7.86 -0.44 11.06
N ALA C 217 -7.10 -1.19 10.29
CA ALA C 217 -5.64 -1.00 10.25
C ALA C 217 -5.34 0.41 9.76
N ALA C 218 -6.02 0.84 8.71
CA ALA C 218 -5.83 2.20 8.22
C ALA C 218 -6.05 3.15 9.39
N ILE C 219 -7.08 2.87 10.19
CA ILE C 219 -7.40 3.76 11.34
C ILE C 219 -6.21 3.74 12.31
N GLY C 220 -5.57 2.59 12.45
CA GLY C 220 -4.38 2.53 13.31
C GLY C 220 -3.29 3.44 12.76
N THR C 221 -2.93 3.28 11.49
CA THR C 221 -1.81 4.06 10.92
C THR C 221 -2.08 5.54 11.20
N LEU C 222 -3.21 6.05 10.73
CA LEU C 222 -3.49 7.50 10.87
C LEU C 222 -3.35 7.87 12.34
N SER C 223 -3.70 6.95 13.25
CA SER C 223 -3.68 7.29 14.70
C SER C 223 -2.32 7.89 15.06
N GLY C 224 -1.28 7.50 14.32
CA GLY C 224 0.08 8.01 14.59
C GLY C 224 0.13 9.51 14.47
N PRO C 225 0.78 10.23 15.42
CA PRO C 225 0.84 11.69 15.39
C PRO C 225 1.51 12.15 14.08
N LEU C 226 2.51 11.41 13.63
CA LEU C 226 3.23 11.77 12.38
C LEU C 226 2.24 11.81 11.22
N HIS C 227 1.39 10.77 11.10
CA HIS C 227 0.39 10.72 10.02
C HIS C 227 -0.73 11.72 10.29
N GLY C 228 -1.27 11.72 11.51
CA GLY C 228 -2.37 12.65 11.86
C GLY C 228 -2.16 13.25 13.25
N GLY C 229 -1.90 14.55 13.33
CA GLY C 229 -1.67 15.21 14.62
C GLY C 229 -2.24 16.62 14.64
N ALA C 230 -3.39 16.82 13.98
CA ALA C 230 -4.03 18.16 13.94
C ALA C 230 -4.28 18.63 15.38
N ASN C 231 -4.74 17.72 16.24
CA ASN C 231 -4.98 18.08 17.66
C ASN C 231 -3.68 18.56 18.29
N GLN C 232 -2.58 17.83 18.03
CA GLN C 232 -1.26 18.22 18.59
C GLN C 232 -0.88 19.61 18.08
N ARG C 233 -1.11 19.88 16.80
CA ARG C 233 -0.72 21.18 16.19
C ARG C 233 -1.66 22.30 16.65
N VAL C 234 -2.97 22.05 16.64
CA VAL C 234 -3.96 23.11 16.99
C VAL C 234 -3.57 23.78 18.31
N VAL C 235 -2.83 23.07 19.18
CA VAL C 235 -2.50 23.63 20.52
C VAL C 235 -1.10 24.25 20.48
N GLY C 236 -0.92 25.41 21.13
CA GLY C 236 0.39 26.07 21.18
C GLY C 236 0.89 26.17 22.62
N MET C 237 2.20 26.38 22.80
CA MET C 237 2.79 26.44 24.16
C MET C 237 2.53 27.82 24.77
N LEU C 238 1.26 28.25 24.81
CA LEU C 238 0.91 29.57 25.39
C LEU C 238 1.86 30.62 24.80
N GLN C 239 2.05 30.60 23.48
CA GLN C 239 3.00 31.54 22.83
C GLN C 239 2.60 32.98 23.17
N GLU C 240 3.60 33.82 23.49
CA GLU C 240 3.32 35.24 23.84
C GLU C 240 3.29 36.07 22.56
N ILE C 241 2.44 35.68 21.59
CA ILE C 241 2.32 36.44 20.30
C ILE C 241 3.70 36.93 19.89
N GLY C 242 4.67 36.02 19.75
CA GLY C 242 6.04 36.40 19.36
C GLY C 242 6.66 35.37 18.43
N SER C 243 7.89 35.62 17.98
CA SER C 243 8.59 34.67 17.08
C SER C 243 9.94 34.27 17.69
N PRO C 244 9.98 33.70 18.92
CA PRO C 244 11.23 33.25 19.52
C PRO C 244 11.54 31.80 19.12
N LYS C 245 10.51 31.07 18.65
CA LYS C 245 10.71 29.64 18.26
C LYS C 245 11.88 29.54 17.28
N ASN C 246 12.74 28.53 17.48
CA ASN C 246 13.91 28.33 16.57
C ASN C 246 14.02 26.85 16.20
N VAL C 247 14.66 26.56 15.07
CA VAL C 247 14.87 25.13 14.67
C VAL C 247 15.68 24.44 15.76
N GLU C 248 15.24 23.26 16.21
CA GLU C 248 15.95 22.52 17.28
C GLU C 248 16.34 23.50 18.40
N GLU C 268 5.72 14.79 -1.06
CA GLU C 268 5.36 15.76 0.01
C GLU C 268 5.45 17.18 -0.55
N TYR C 269 4.31 17.88 -0.63
CA TYR C 269 4.29 19.28 -1.14
C TYR C 269 5.23 20.13 -0.29
N LYS C 270 6.13 20.88 -0.93
CA LYS C 270 7.06 21.78 -0.19
C LYS C 270 6.40 23.15 -0.04
N VAL C 271 5.42 23.45 -0.90
CA VAL C 271 4.73 24.77 -0.86
C VAL C 271 3.40 24.59 -0.10
N LYS C 272 2.76 25.69 0.28
CA LYS C 272 1.50 25.63 1.09
C LYS C 272 0.54 24.60 0.50
N ASP C 273 -0.12 23.81 1.37
CA ASP C 273 -1.11 22.80 0.91
C ASP C 273 -2.31 23.53 0.26
N PRO C 274 -2.88 23.01 -0.84
CA PRO C 274 -4.06 23.63 -1.45
C PRO C 274 -5.25 23.59 -0.48
N ARG C 275 -5.46 22.44 0.16
CA ARG C 275 -6.58 22.30 1.13
C ARG C 275 -6.37 23.32 2.25
N ALA C 276 -5.12 23.58 2.62
CA ALA C 276 -4.82 24.58 3.66
C ALA C 276 -5.42 25.92 3.24
N THR C 277 -5.17 26.34 1.99
CA THR C 277 -5.71 27.63 1.49
C THR C 277 -7.24 27.61 1.61
N ILE C 278 -7.86 26.48 1.26
CA ILE C 278 -9.34 26.37 1.32
C ILE C 278 -9.79 26.62 2.76
N LEU C 279 -9.19 25.92 3.72
CA LEU C 279 -9.55 26.11 5.15
C LEU C 279 -9.28 27.56 5.54
N HIS C 280 -8.16 28.12 5.06
CA HIS C 280 -7.81 29.52 5.38
C HIS C 280 -8.98 30.43 5.03
N LYS C 281 -9.53 30.26 3.82
CA LYS C 281 -10.68 31.10 3.38
C LYS C 281 -11.86 30.86 4.32
N LEU C 282 -12.20 29.58 4.55
CA LEU C 282 -13.35 29.25 5.43
C LEU C 282 -13.11 29.84 6.81
N VAL C 283 -11.87 29.79 7.29
CA VAL C 283 -11.54 30.32 8.65
C VAL C 283 -11.96 31.79 8.70
N GLU C 284 -11.51 32.59 7.74
CA GLU C 284 -11.85 34.04 7.72
C GLU C 284 -13.37 34.20 7.60
N GLN C 285 -13.99 33.40 6.73
CA GLN C 285 -15.46 33.48 6.53
C GLN C 285 -16.16 33.22 7.86
N LEU C 286 -15.78 32.16 8.57
CA LEU C 286 -16.47 31.79 9.82
C LEU C 286 -16.34 32.93 10.84
N VAL C 287 -15.11 33.42 11.05
CA VAL C 287 -14.89 34.49 12.07
C VAL C 287 -15.62 35.75 11.62
N ALA C 288 -15.71 35.97 10.30
CA ALA C 288 -16.42 37.15 9.77
C ALA C 288 -17.90 37.10 10.20
N GLU C 289 -18.51 35.92 10.13
CA GLU C 289 -19.94 35.76 10.55
C GLU C 289 -20.00 34.78 11.73
N ASP C 299 -10.34 35.10 16.36
CA ASP C 299 -9.61 35.31 17.65
C ASP C 299 -8.45 34.31 17.73
N THR C 300 -8.76 33.04 18.04
CA THR C 300 -7.71 32.00 18.11
C THR C 300 -7.09 31.80 16.73
N ALA C 301 -7.92 31.85 15.68
CA ALA C 301 -7.40 31.68 14.30
C ALA C 301 -6.43 32.82 13.99
N LEU C 302 -6.71 34.02 14.48
CA LEU C 302 -5.85 35.19 14.17
C LEU C 302 -4.39 34.81 14.36
N LYS C 303 -4.03 34.28 15.53
CA LYS C 303 -2.62 33.93 15.80
C LYS C 303 -2.11 33.01 14.69
N LEU C 304 -2.98 32.09 14.24
CA LEU C 304 -2.60 31.18 13.13
C LEU C 304 -2.42 32.00 11.85
N GLU C 305 -3.29 32.99 11.62
CA GLU C 305 -3.10 33.86 10.44
C GLU C 305 -1.75 34.56 10.61
N GLU C 306 -1.40 34.90 11.85
CA GLU C 306 -0.08 35.53 12.12
C GLU C 306 1.01 34.53 11.75
N VAL C 307 0.85 33.27 12.17
CA VAL C 307 1.86 32.22 11.82
C VAL C 307 1.75 31.94 10.32
N CYS C 308 0.66 32.37 9.69
CA CYS C 308 0.54 32.18 8.21
C CYS C 308 1.64 33.01 7.53
N ALA C 309 2.17 34.01 8.22
CA ALA C 309 3.29 34.81 7.67
C ALA C 309 4.45 33.87 7.33
N ASP C 310 4.80 32.96 8.24
CA ASP C 310 5.89 31.97 7.98
C ASP C 310 6.87 32.54 6.96
N TYR C 318 0.58 27.03 8.13
CA TYR C 318 0.55 27.54 6.73
C TYR C 318 0.78 26.38 5.75
N PRO C 319 1.84 25.56 5.92
CA PRO C 319 2.16 24.51 4.95
C PRO C 319 1.11 23.39 4.87
N ASN C 320 0.64 22.88 6.01
CA ASN C 320 -0.28 21.71 5.98
C ASN C 320 -1.74 22.17 6.14
N VAL C 321 -2.68 21.37 5.61
CA VAL C 321 -4.12 21.69 5.79
C VAL C 321 -4.41 21.64 7.29
N ASP C 322 -3.72 20.72 7.99
CA ASP C 322 -3.96 20.57 9.44
C ASP C 322 -3.81 21.94 10.10
N PHE C 323 -2.95 22.80 9.54
CA PHE C 323 -2.67 24.11 10.18
C PHE C 323 -3.98 24.71 10.72
N TYR C 324 -5.08 24.55 9.97
CA TYR C 324 -6.36 25.16 10.38
C TYR C 324 -7.42 24.07 10.56
N SER C 325 -7.01 22.80 10.38
CA SER C 325 -8.00 21.70 10.45
C SER C 325 -8.74 21.76 11.79
N GLY C 326 -8.02 21.88 12.89
CA GLY C 326 -8.66 21.85 14.22
C GLY C 326 -9.50 23.07 14.53
N ILE C 327 -8.99 24.27 14.24
CA ILE C 327 -9.73 25.51 14.63
C ILE C 327 -11.15 25.43 14.08
N LEU C 328 -11.30 25.15 12.78
CA LEU C 328 -12.65 25.09 12.17
C LEU C 328 -13.47 24.08 12.97
N TYR C 329 -12.96 22.86 13.10
CA TYR C 329 -13.67 21.83 13.89
C TYR C 329 -14.05 22.43 15.24
N SER C 330 -13.10 23.12 15.87
CA SER C 330 -13.34 23.67 17.23
C SER C 330 -14.58 24.58 17.20
N GLU C 331 -14.63 25.48 16.24
CA GLU C 331 -15.76 26.44 16.17
C GLU C 331 -17.05 25.63 15.99
N MET C 332 -16.98 24.54 15.21
CA MET C 332 -18.17 23.67 15.02
C MET C 332 -18.49 22.97 16.34
N GLY C 333 -17.58 23.03 17.31
CA GLY C 333 -17.84 22.44 18.64
C GLY C 333 -17.19 21.08 18.80
N ILE C 334 -16.39 20.66 17.83
CA ILE C 334 -15.77 19.30 17.88
C ILE C 334 -14.65 19.31 18.92
N PRO C 335 -14.65 18.36 19.88
CA PRO C 335 -13.57 18.26 20.86
C PRO C 335 -12.24 17.95 20.16
N GLU C 336 -11.12 18.30 20.79
CA GLU C 336 -9.78 18.06 20.18
C GLU C 336 -9.58 16.55 19.99
N ASP C 337 -10.00 15.74 20.95
CA ASP C 337 -9.77 14.28 20.87
C ASP C 337 -10.36 13.72 19.58
N GLU C 338 -11.38 14.37 19.03
CA GLU C 338 -12.09 13.82 17.84
C GLU C 338 -11.50 14.38 16.54
N PHE C 339 -10.52 15.27 16.63
CA PHE C 339 -9.98 15.91 15.39
C PHE C 339 -9.47 14.83 14.43
N THR C 340 -8.55 13.99 14.90
CA THR C 340 -7.96 12.96 14.02
C THR C 340 -9.08 12.04 13.53
N ALA C 341 -10.05 11.75 14.41
CA ALA C 341 -11.16 10.84 14.05
C ALA C 341 -11.94 11.42 12.86
N LEU C 342 -12.25 12.71 12.92
CA LEU C 342 -13.04 13.33 11.84
C LEU C 342 -12.28 13.08 10.53
N PHE C 343 -10.97 13.26 10.56
CA PHE C 343 -10.16 13.05 9.34
C PHE C 343 -10.42 11.63 8.81
N ALA C 344 -10.44 10.65 9.72
CA ALA C 344 -10.66 9.25 9.30
C ALA C 344 -12.01 9.13 8.61
N VAL C 345 -13.04 9.74 9.20
CA VAL C 345 -14.41 9.65 8.61
C VAL C 345 -14.30 10.01 7.12
N ALA C 346 -13.32 10.83 6.77
CA ALA C 346 -13.18 11.27 5.36
C ALA C 346 -12.21 10.35 4.61
N ARG C 347 -11.00 10.17 5.12
CA ARG C 347 -9.99 9.37 4.37
C ARG C 347 -10.53 7.96 4.15
N SER C 348 -11.60 7.61 4.87
CA SER C 348 -12.23 6.28 4.68
C SER C 348 -12.51 6.08 3.19
N ALA C 349 -13.16 7.07 2.57
CA ALA C 349 -13.54 6.93 1.15
C ALA C 349 -12.31 6.55 0.33
N GLY C 350 -11.24 7.33 0.49
CA GLY C 350 -10.03 7.07 -0.32
C GLY C 350 -9.50 5.68 -0.06
N TRP C 351 -9.39 5.30 1.21
CA TRP C 351 -8.82 3.97 1.53
C TRP C 351 -9.64 2.92 0.78
N LEU C 352 -10.96 2.98 0.91
CA LEU C 352 -11.82 1.96 0.27
C LEU C 352 -11.69 2.08 -1.25
N ALA C 353 -11.56 3.30 -1.76
CA ALA C 353 -11.40 3.50 -3.21
C ALA C 353 -10.18 2.72 -3.70
N HIS C 354 -9.02 2.95 -3.08
CA HIS C 354 -7.78 2.28 -3.52
C HIS C 354 -7.94 0.76 -3.37
N TRP C 355 -8.59 0.34 -2.28
CA TRP C 355 -8.74 -1.12 -2.03
C TRP C 355 -9.45 -1.77 -3.21
N ARG C 356 -10.48 -1.10 -3.75
CA ARG C 356 -11.25 -1.70 -4.87
C ARG C 356 -10.31 -1.93 -6.05
N GLU C 357 -9.56 -0.90 -6.44
CA GLU C 357 -8.69 -1.06 -7.63
C GLU C 357 -7.60 -2.08 -7.31
N GLN C 358 -7.14 -2.10 -6.06
CA GLN C 358 -6.10 -3.08 -5.67
C GLN C 358 -6.67 -4.48 -5.89
N ILE C 359 -7.81 -4.78 -5.28
CA ILE C 359 -8.38 -6.15 -5.39
C ILE C 359 -8.62 -6.48 -6.87
N SER C 360 -8.85 -5.45 -7.71
CA SER C 360 -9.01 -5.68 -9.16
C SER C 360 -7.70 -6.26 -9.71
N ASP C 361 -6.57 -5.60 -9.43
CA ASP C 361 -5.24 -6.12 -9.84
C ASP C 361 -4.39 -6.19 -8.58
N ASN C 362 -4.59 -7.23 -7.76
CA ASN C 362 -3.90 -7.28 -6.44
C ASN C 362 -2.74 -8.28 -6.42
N ARG C 363 -1.59 -7.86 -5.91
CA ARG C 363 -0.45 -8.80 -5.73
C ARG C 363 0.09 -8.56 -4.31
N ILE C 364 0.16 -9.62 -3.48
CA ILE C 364 0.58 -9.41 -2.07
C ILE C 364 1.87 -8.59 -2.05
N TYR C 365 1.90 -7.53 -1.24
CA TYR C 365 3.12 -6.67 -1.13
C TYR C 365 4.16 -7.42 -0.29
N ARG C 366 5.23 -7.90 -0.93
CA ARG C 366 6.28 -8.65 -0.21
C ARG C 366 7.64 -8.01 -0.50
N PRO C 367 7.99 -6.88 0.15
CA PRO C 367 9.26 -6.20 -0.10
C PRO C 367 10.43 -6.92 0.60
N THR C 368 11.67 -6.50 0.31
CA THR C 368 12.85 -7.12 0.94
C THR C 368 13.92 -6.06 1.23
N GLN C 369 14.65 -6.20 2.34
CA GLN C 369 15.73 -5.24 2.69
C GLN C 369 16.89 -6.00 3.33
N ILE C 370 18.12 -5.54 3.13
CA ILE C 370 19.32 -6.23 3.69
C ILE C 370 19.42 -5.94 5.19
N TYR C 371 20.01 -6.86 5.96
CA TYR C 371 20.15 -6.66 7.42
C TYR C 371 21.42 -7.38 7.90
N VAL C 372 22.30 -6.65 8.61
CA VAL C 372 23.56 -7.25 9.13
C VAL C 372 23.22 -8.21 10.28
N GLY C 373 24.01 -9.27 10.45
CA GLY C 373 23.76 -10.26 11.52
C GLY C 373 24.65 -11.48 11.38
N SER C 374 24.94 -11.88 10.14
CA SER C 374 25.80 -13.07 9.88
C SER C 374 25.17 -14.32 10.50
N ASP C 375 25.99 -15.21 11.08
CA ASP C 375 25.48 -16.46 11.67
C ASP C 375 26.44 -16.94 12.76
N GLU D 24 -67.10 -34.39 9.66
CA GLU D 24 -66.20 -34.03 8.53
C GLU D 24 -66.04 -32.51 8.48
N LYS D 25 -66.81 -31.78 9.29
CA LYS D 25 -66.77 -30.31 9.17
C LYS D 25 -67.14 -29.60 10.48
N GLY D 26 -66.25 -29.59 11.47
CA GLY D 26 -66.51 -28.75 12.66
C GLY D 26 -66.16 -27.35 12.20
N ILE D 27 -66.67 -26.94 11.03
CA ILE D 27 -66.27 -25.66 10.38
C ILE D 27 -66.88 -24.43 11.03
N LEU D 28 -66.10 -23.35 11.13
CA LEU D 28 -66.65 -22.05 11.60
C LEU D 28 -67.51 -22.26 12.85
N SER D 29 -66.95 -22.90 13.87
CA SER D 29 -67.75 -23.19 15.09
C SER D 29 -67.23 -22.35 16.26
N TYR D 30 -66.97 -21.06 16.01
CA TYR D 30 -66.47 -20.16 17.08
C TYR D 30 -67.63 -19.69 17.95
N ARG D 31 -67.81 -20.32 19.11
CA ARG D 31 -68.88 -19.90 20.05
C ARG D 31 -70.21 -19.84 19.29
N GLY D 32 -70.36 -20.68 18.26
CA GLY D 32 -71.62 -20.72 17.49
C GLY D 32 -71.61 -19.74 16.34
N TYR D 33 -70.71 -18.77 16.38
CA TYR D 33 -70.60 -17.78 15.27
C TYR D 33 -69.62 -18.33 14.24
N PRO D 34 -70.06 -18.52 12.98
CA PRO D 34 -69.18 -19.00 11.92
C PRO D 34 -68.07 -18.00 11.61
N LEU D 35 -66.94 -18.46 11.06
CA LEU D 35 -65.79 -17.56 10.81
C LEU D 35 -66.08 -16.57 9.67
N GLU D 36 -66.69 -17.02 8.57
CA GLU D 36 -66.86 -16.12 7.41
C GLU D 36 -67.49 -14.80 7.87
N THR D 37 -68.57 -14.86 8.64
CA THR D 37 -69.26 -13.62 9.07
C THR D 37 -68.30 -12.81 9.94
N LEU D 38 -67.68 -13.46 10.92
CA LEU D 38 -66.74 -12.77 11.83
C LEU D 38 -65.60 -12.16 11.01
N ALA D 39 -65.17 -12.87 9.96
CA ALA D 39 -64.04 -12.39 9.14
C ALA D 39 -64.38 -11.04 8.50
N GLU D 40 -65.65 -10.66 8.50
CA GLU D 40 -66.04 -9.39 7.83
C GLU D 40 -66.66 -8.43 8.85
N ASN D 41 -67.23 -8.94 9.94
CA ASN D 41 -67.93 -8.06 10.91
C ASN D 41 -67.27 -8.13 12.29
N SER D 42 -66.05 -8.69 12.37
CA SER D 42 -65.39 -8.86 13.69
C SER D 42 -63.90 -8.57 13.60
N THR D 43 -63.21 -8.52 14.74
CA THR D 43 -61.75 -8.26 14.77
C THR D 43 -61.10 -9.22 15.75
N PHE D 44 -59.77 -9.33 15.71
CA PHE D 44 -59.07 -10.26 16.62
C PHE D 44 -59.50 -9.94 18.06
N GLU D 45 -59.60 -8.65 18.37
CA GLU D 45 -59.95 -8.24 19.76
C GLU D 45 -61.36 -8.76 20.11
N GLU D 46 -62.34 -8.45 19.27
CA GLU D 46 -63.74 -8.87 19.57
C GLU D 46 -63.81 -10.39 19.52
N THR D 47 -63.22 -11.00 18.49
CA THR D 47 -63.23 -12.48 18.37
C THR D 47 -62.64 -13.07 19.64
N THR D 48 -61.53 -12.47 20.12
CA THR D 48 -60.86 -13.00 21.33
C THR D 48 -61.83 -12.96 22.50
N LEU D 49 -62.46 -11.81 22.75
CA LEU D 49 -63.35 -11.68 23.92
C LEU D 49 -64.53 -12.64 23.76
N LEU D 50 -65.06 -12.76 22.54
CA LEU D 50 -66.19 -13.70 22.28
C LEU D 50 -65.73 -15.09 22.69
N LEU D 51 -64.50 -15.44 22.35
CA LEU D 51 -63.97 -16.79 22.69
C LEU D 51 -63.88 -16.90 24.21
N LEU D 52 -63.37 -15.86 24.88
CA LEU D 52 -63.17 -15.93 26.35
C LEU D 52 -64.52 -15.86 27.07
N ASP D 53 -65.32 -14.82 26.77
CA ASP D 53 -66.63 -14.65 27.44
C ASP D 53 -67.61 -15.71 26.93
N GLY D 54 -67.63 -15.95 25.62
CA GLY D 54 -68.59 -16.91 25.04
C GLY D 54 -69.67 -16.19 24.25
N GLU D 55 -69.84 -14.88 24.50
CA GLU D 55 -70.87 -14.08 23.78
C GLU D 55 -70.26 -12.75 23.34
N LEU D 56 -70.71 -12.21 22.19
CA LEU D 56 -70.11 -10.96 21.66
C LEU D 56 -70.09 -9.89 22.75
N PRO D 57 -69.02 -9.09 22.88
CA PRO D 57 -68.90 -8.12 23.97
C PRO D 57 -69.66 -6.82 23.70
N THR D 58 -70.17 -6.18 24.76
CA THR D 58 -70.84 -4.87 24.60
C THR D 58 -69.76 -3.84 24.28
N LYS D 59 -70.15 -2.71 23.69
CA LYS D 59 -69.13 -1.71 23.28
C LYS D 59 -68.22 -1.43 24.47
N LYS D 60 -68.80 -1.24 25.65
CA LYS D 60 -68.01 -0.96 26.87
C LYS D 60 -67.03 -2.11 27.13
N ALA D 61 -67.55 -3.33 27.30
CA ALA D 61 -66.68 -4.48 27.62
C ALA D 61 -65.56 -4.59 26.59
N LEU D 62 -65.90 -4.49 25.31
CA LEU D 62 -64.88 -4.63 24.23
C LEU D 62 -63.83 -3.53 24.40
N ASN D 63 -64.28 -2.29 24.62
CA ASN D 63 -63.33 -1.15 24.82
C ASN D 63 -62.50 -1.42 26.07
N ASP D 64 -63.14 -1.90 27.15
CA ASP D 64 -62.41 -2.19 28.41
C ASP D 64 -61.33 -3.22 28.10
N PHE D 65 -61.69 -4.31 27.40
CA PHE D 65 -60.71 -5.35 27.04
C PHE D 65 -59.63 -4.73 26.14
N SER D 66 -60.06 -3.91 25.17
CA SER D 66 -59.10 -3.27 24.23
C SER D 66 -58.11 -2.43 25.04
N GLN D 67 -58.63 -1.61 25.96
CA GLN D 67 -57.75 -0.73 26.77
C GLN D 67 -56.85 -1.61 27.66
N GLN D 68 -57.42 -2.64 28.28
CA GLN D 68 -56.63 -3.56 29.14
C GLN D 68 -55.58 -4.25 28.28
N LEU D 69 -55.96 -4.69 27.08
CA LEU D 69 -54.98 -5.30 26.15
C LEU D 69 -53.92 -4.23 25.87
N LYS D 70 -54.36 -2.99 25.68
CA LYS D 70 -53.40 -1.87 25.50
C LYS D 70 -52.81 -1.55 26.87
N ASP D 71 -51.86 -0.61 26.94
CA ASP D 71 -51.20 -0.28 28.23
C ASP D 71 -50.80 -1.59 28.92
N ASN D 72 -50.60 -2.65 28.14
CA ASN D 72 -50.18 -3.97 28.69
C ASN D 72 -49.24 -4.64 27.69
N TYR D 73 -48.96 -3.97 26.56
CA TYR D 73 -48.03 -4.52 25.54
C TYR D 73 -46.59 -4.28 26.01
N ARG D 74 -46.42 -3.50 27.07
CA ARG D 74 -45.05 -3.16 27.55
C ARG D 74 -44.29 -4.44 27.92
N ILE D 75 -42.97 -4.44 27.74
CA ILE D 75 -42.13 -5.63 28.09
C ILE D 75 -41.13 -5.21 29.17
N LYS D 76 -41.10 -5.93 30.30
CA LYS D 76 -40.15 -5.63 31.39
C LYS D 76 -38.73 -5.63 30.84
N TYR D 77 -37.91 -4.67 31.25
CA TYR D 77 -36.53 -4.57 30.70
C TYR D 77 -35.82 -5.92 30.83
N HIS D 78 -36.07 -6.63 31.94
CA HIS D 78 -35.36 -7.91 32.16
C HIS D 78 -35.51 -8.78 30.90
N ILE D 79 -36.71 -8.81 30.32
CA ILE D 79 -36.96 -9.70 29.15
C ILE D 79 -36.02 -9.31 28.00
N ARG D 80 -36.02 -8.04 27.60
CA ARG D 80 -35.21 -7.65 26.43
C ARG D 80 -33.74 -7.94 26.73
N GLN D 81 -33.30 -7.60 27.94
CA GLN D 81 -31.87 -7.79 28.30
C GLN D 81 -31.52 -9.27 28.13
N MET D 82 -32.41 -10.15 28.61
CA MET D 82 -32.17 -11.61 28.48
C MET D 82 -31.98 -11.93 27.00
N MET D 83 -32.88 -11.43 26.14
CA MET D 83 -32.80 -11.77 24.70
C MET D 83 -31.44 -11.34 24.14
N ARG D 84 -30.95 -10.17 24.53
CA ARG D 84 -29.68 -9.66 23.97
C ARG D 84 -28.56 -10.64 24.31
N HIS D 85 -28.73 -11.41 25.38
CA HIS D 85 -27.65 -12.34 25.81
C HIS D 85 -27.80 -13.68 25.08
N PHE D 86 -28.84 -13.85 24.26
CA PHE D 86 -29.07 -15.17 23.63
C PHE D 86 -28.60 -15.16 22.16
N PRO D 87 -28.34 -16.33 21.55
CA PRO D 87 -27.80 -16.40 20.19
C PRO D 87 -28.72 -15.85 19.09
N HIS D 88 -28.13 -15.41 17.97
CA HIS D 88 -28.92 -14.90 16.83
C HIS D 88 -29.38 -16.06 15.96
N THR D 89 -28.90 -17.28 16.27
CA THR D 89 -29.24 -18.46 15.46
C THR D 89 -30.42 -19.18 16.10
N GLY D 90 -31.01 -18.59 17.14
CA GLY D 90 -32.13 -19.24 17.85
C GLY D 90 -33.45 -19.02 17.12
N HIS D 91 -34.29 -20.06 17.07
CA HIS D 91 -35.57 -19.96 16.33
C HIS D 91 -36.55 -19.10 17.14
N PRO D 92 -37.35 -18.22 16.49
CA PRO D 92 -38.24 -17.33 17.21
C PRO D 92 -39.14 -18.11 18.19
N MET D 93 -39.61 -19.28 17.78
CA MET D 93 -40.56 -20.05 18.64
C MET D 93 -39.85 -20.43 19.95
N ASP D 94 -38.57 -20.82 19.87
CA ASP D 94 -37.83 -21.24 21.08
C ASP D 94 -37.77 -20.06 22.06
N MET D 95 -37.50 -18.86 21.56
CA MET D 95 -37.42 -17.66 22.43
C MET D 95 -38.78 -17.38 23.04
N LEU D 96 -39.84 -17.44 22.23
CA LEU D 96 -41.19 -17.10 22.75
C LEU D 96 -41.49 -17.98 23.96
N GLN D 97 -41.25 -19.29 23.83
CA GLN D 97 -41.55 -20.21 24.95
C GLN D 97 -40.76 -19.74 26.16
N THR D 98 -39.46 -19.52 25.96
CA THR D 98 -38.60 -19.07 27.07
C THR D 98 -39.19 -17.78 27.65
N ALA D 99 -39.57 -16.84 26.79
CA ALA D 99 -40.06 -15.54 27.28
C ALA D 99 -41.34 -15.72 28.10
N VAL D 100 -42.32 -16.43 27.56
CA VAL D 100 -43.62 -16.51 28.27
C VAL D 100 -43.36 -17.05 29.68
N SER D 101 -42.54 -18.10 29.78
CA SER D 101 -42.24 -18.69 31.11
C SER D 101 -41.64 -17.60 31.99
N SER D 102 -40.70 -16.83 31.45
CA SER D 102 -40.01 -15.79 32.25
C SER D 102 -41.03 -14.77 32.75
N LEU D 103 -41.98 -14.38 31.89
CA LEU D 103 -42.95 -13.33 32.28
C LEU D 103 -43.63 -13.75 33.58
N GLY D 104 -43.90 -15.04 33.75
CA GLY D 104 -44.61 -15.51 34.95
C GLY D 104 -43.88 -15.11 36.22
N MET D 105 -42.55 -14.99 36.17
CA MET D 105 -41.75 -14.68 37.38
C MET D 105 -41.93 -13.21 37.77
N PHE D 106 -42.70 -12.44 36.99
CA PHE D 106 -42.97 -11.03 37.35
C PHE D 106 -44.40 -10.93 37.85
N TYR D 107 -45.36 -11.50 37.11
CA TYR D 107 -46.77 -11.53 37.57
C TYR D 107 -47.04 -12.94 38.05
N PRO D 108 -46.67 -13.31 39.30
CA PRO D 108 -46.81 -14.69 39.76
C PRO D 108 -47.98 -15.00 40.69
N GLY D 109 -48.14 -16.27 41.05
CA GLY D 109 -49.20 -16.67 42.00
C GLY D 109 -49.85 -17.99 41.64
N THR D 110 -50.41 -18.70 42.63
CA THR D 110 -51.15 -19.95 42.37
C THR D 110 -52.53 -19.82 43.03
N GLU D 111 -53.60 -19.98 42.25
CA GLU D 111 -54.98 -19.76 42.78
C GLU D 111 -55.40 -20.94 43.67
N CYS D 112 -54.47 -21.84 43.98
CA CYS D 112 -54.79 -22.96 44.89
C CYS D 112 -55.34 -22.36 46.20
N LEU D 113 -54.78 -21.23 46.62
CA LEU D 113 -55.27 -20.56 47.85
C LEU D 113 -55.45 -21.61 48.95
N CYS D 119 -56.87 -15.44 48.35
CA CYS D 119 -55.60 -15.08 49.02
C CYS D 119 -54.66 -14.40 48.02
N GLU D 120 -54.89 -14.61 46.72
CA GLU D 120 -54.06 -13.97 45.66
C GLU D 120 -54.29 -12.46 45.71
N ASP D 121 -53.31 -11.67 45.23
CA ASP D 121 -53.42 -10.19 45.29
C ASP D 121 -54.65 -9.71 44.52
N LEU D 122 -54.83 -10.18 43.29
CA LEU D 122 -55.94 -9.67 42.44
C LEU D 122 -56.59 -10.82 41.67
N ASP D 123 -57.43 -10.50 40.67
CA ASP D 123 -58.07 -11.54 39.83
C ASP D 123 -57.01 -12.09 38.87
N TYR D 124 -56.44 -13.26 39.19
CA TYR D 124 -55.36 -13.83 38.35
C TYR D 124 -55.90 -14.01 36.92
N VAL D 125 -57.10 -14.58 36.80
CA VAL D 125 -57.72 -14.78 35.46
C VAL D 125 -58.04 -13.41 34.86
N ARG D 126 -58.19 -13.33 33.54
CA ARG D 126 -58.51 -12.05 32.85
C ARG D 126 -57.27 -11.14 32.89
N ASN D 127 -56.83 -10.75 34.08
CA ASN D 127 -55.68 -9.82 34.20
C ASN D 127 -54.44 -10.50 33.58
N MET D 128 -54.07 -11.67 34.09
CA MET D 128 -52.91 -12.40 33.51
C MET D 128 -53.26 -12.81 32.09
N THR D 129 -54.51 -13.19 31.85
CA THR D 129 -54.94 -13.61 30.50
C THR D 129 -54.68 -12.48 29.50
N VAL D 130 -55.18 -11.28 29.80
CA VAL D 130 -55.01 -10.13 28.87
C VAL D 130 -53.51 -9.84 28.75
N ASN D 131 -52.78 -9.95 29.86
CA ASN D 131 -51.32 -9.69 29.84
C ASN D 131 -50.66 -10.63 28.83
N ILE D 132 -50.97 -11.92 28.93
CA ILE D 132 -50.32 -12.92 28.03
C ILE D 132 -50.65 -12.57 26.58
N ILE D 133 -51.93 -12.33 26.27
CA ILE D 133 -52.34 -12.04 24.87
C ILE D 133 -51.64 -10.76 24.42
N ALA D 134 -51.58 -9.75 25.28
CA ALA D 134 -50.99 -8.45 24.89
C ALA D 134 -49.49 -8.60 24.60
N GLN D 135 -48.76 -9.35 25.44
CA GLN D 135 -47.29 -9.45 25.28
C GLN D 135 -46.92 -10.32 24.07
N MET D 136 -47.80 -11.24 23.67
CA MET D 136 -47.44 -12.19 22.58
C MET D 136 -46.81 -11.42 21.41
N ALA D 137 -47.54 -10.45 20.84
CA ALA D 137 -47.02 -9.71 19.66
C ALA D 137 -45.70 -9.03 20.00
N PRO D 138 -45.64 -8.12 20.99
CA PRO D 138 -44.42 -7.38 21.29
C PRO D 138 -43.21 -8.33 21.40
N LEU D 139 -43.36 -9.45 22.11
CA LEU D 139 -42.21 -10.38 22.31
C LEU D 139 -41.67 -10.84 20.96
N VAL D 140 -42.54 -11.31 20.07
CA VAL D 140 -42.07 -11.84 18.76
C VAL D 140 -41.30 -10.75 18.03
N ALA D 141 -41.90 -9.55 17.93
CA ALA D 141 -41.25 -8.44 17.20
C ALA D 141 -39.92 -8.10 17.87
N MET D 142 -39.89 -8.04 19.20
CA MET D 142 -38.67 -7.65 19.93
C MET D 142 -37.53 -8.60 19.52
N TRP D 143 -37.78 -9.91 19.53
CA TRP D 143 -36.70 -10.88 19.23
C TRP D 143 -36.20 -10.64 17.80
N GLU D 144 -37.13 -10.52 16.84
CA GLU D 144 -36.74 -10.35 15.42
C GLU D 144 -35.63 -9.28 15.33
N HIS D 145 -35.86 -8.11 15.93
CA HIS D 145 -34.89 -7.00 15.84
C HIS D 145 -33.63 -7.33 16.66
N ILE D 146 -33.82 -7.77 17.90
CA ILE D 146 -32.64 -8.04 18.78
C ILE D 146 -31.82 -9.16 18.13
N ARG D 147 -32.50 -10.10 17.47
CA ARG D 147 -31.80 -11.22 16.81
C ARG D 147 -30.88 -10.68 15.71
N ASN D 148 -31.39 -9.75 14.90
CA ASN D 148 -30.59 -9.20 13.78
C ASN D 148 -29.52 -8.27 14.35
N GLY D 149 -29.62 -7.91 15.63
CA GLY D 149 -28.58 -7.07 16.26
C GLY D 149 -29.02 -5.64 16.43
N TRP D 150 -30.28 -5.34 16.11
CA TRP D 150 -30.76 -3.94 16.19
C TRP D 150 -31.73 -3.79 17.37
N ASP D 151 -31.88 -2.57 17.88
CA ASP D 151 -32.73 -2.34 19.08
C ASP D 151 -34.20 -2.64 18.75
N PRO D 152 -35.04 -2.92 19.75
CA PRO D 152 -36.44 -3.28 19.52
C PRO D 152 -37.34 -2.10 19.12
N VAL D 153 -38.49 -2.40 18.50
CA VAL D 153 -39.47 -1.34 18.11
C VAL D 153 -40.62 -1.36 19.11
N ASN D 154 -40.66 -0.37 20.01
CA ASN D 154 -41.71 -0.35 21.06
C ASN D 154 -43.08 -0.18 20.42
N PRO D 155 -44.16 -0.73 21.02
CA PRO D 155 -45.51 -0.64 20.45
C PRO D 155 -46.22 0.66 20.84
N LYS D 156 -47.17 1.09 20.02
CA LYS D 156 -47.95 2.34 20.32
C LYS D 156 -49.27 1.94 20.95
N HIS D 157 -49.74 2.70 21.94
CA HIS D 157 -50.99 2.34 22.65
C HIS D 157 -52.19 2.42 21.70
N ASP D 158 -52.23 3.45 20.86
CA ASP D 158 -53.41 3.64 19.96
C ASP D 158 -53.54 2.47 18.99
N LEU D 159 -52.42 2.03 18.41
CA LEU D 159 -52.46 0.94 17.39
C LEU D 159 -53.05 -0.35 17.99
N SER D 160 -53.57 -1.22 17.14
CA SER D 160 -54.16 -2.51 17.61
C SER D 160 -53.09 -3.62 17.53
N VAL D 161 -53.46 -4.84 17.90
CA VAL D 161 -52.49 -5.98 17.88
C VAL D 161 -51.94 -6.12 16.46
N ALA D 162 -52.83 -6.22 15.47
CA ALA D 162 -52.38 -6.40 14.06
C ALA D 162 -51.55 -5.18 13.63
N GLU D 163 -52.04 -3.98 13.93
CA GLU D 163 -51.31 -2.74 13.53
C GLU D 163 -49.91 -2.77 14.17
N ASN D 164 -49.85 -3.00 15.47
CA ASN D 164 -48.54 -3.03 16.19
C ASN D 164 -47.66 -4.10 15.56
N LEU D 165 -48.22 -5.29 15.33
CA LEU D 165 -47.44 -6.40 14.72
C LEU D 165 -46.72 -5.88 13.49
N LEU D 166 -47.48 -5.41 12.49
CA LEU D 166 -46.87 -4.91 11.24
C LEU D 166 -45.99 -3.72 11.57
N TYR D 167 -46.47 -2.81 12.41
CA TYR D 167 -45.70 -1.58 12.74
C TYR D 167 -44.37 -1.96 13.38
N MET D 168 -44.38 -2.87 14.35
CA MET D 168 -43.13 -3.24 15.06
C MET D 168 -42.16 -3.90 14.09
N PHE D 169 -42.64 -4.86 13.29
CA PHE D 169 -41.75 -5.59 12.36
C PHE D 169 -41.28 -4.66 11.23
N ASN D 170 -42.21 -3.98 10.57
CA ASN D 170 -41.87 -3.10 9.42
C ASN D 170 -41.17 -1.84 9.93
N GLY D 171 -41.50 -1.40 11.15
CA GLY D 171 -40.93 -0.16 11.69
C GLY D 171 -41.76 1.05 11.32
N GLU D 172 -42.85 0.83 10.58
CA GLU D 172 -43.75 1.95 10.16
C GLU D 172 -45.20 1.48 10.23
N GLU D 173 -46.14 2.41 10.43
CA GLU D 173 -47.57 2.03 10.56
C GLU D 173 -48.05 1.53 9.19
N PRO D 174 -48.79 0.41 9.13
CA PRO D 174 -49.20 -0.16 7.84
C PRO D 174 -50.48 0.46 7.27
N ASP D 175 -50.71 0.30 5.96
CA ASP D 175 -51.96 0.81 5.34
C ASP D 175 -53.15 0.09 5.96
N PRO D 176 -54.32 0.73 6.12
CA PRO D 176 -55.44 0.09 6.81
C PRO D 176 -55.73 -1.30 6.24
N LEU D 177 -55.57 -1.47 4.92
CA LEU D 177 -55.90 -2.78 4.28
C LEU D 177 -55.05 -3.88 4.90
N MET D 178 -53.73 -3.71 4.90
CA MET D 178 -52.83 -4.78 5.41
C MET D 178 -53.23 -5.08 6.85
N ALA D 179 -53.54 -4.03 7.62
CA ALA D 179 -53.94 -4.22 9.03
C ALA D 179 -55.16 -5.13 9.06
N LYS D 180 -56.16 -4.83 8.23
CA LYS D 180 -57.39 -5.64 8.19
C LYS D 180 -57.00 -7.08 7.87
N ILE D 181 -56.12 -7.27 6.89
CA ILE D 181 -55.73 -8.64 6.47
C ILE D 181 -55.12 -9.36 7.67
N MET D 182 -54.15 -8.74 8.33
CA MET D 182 -53.48 -9.40 9.47
C MET D 182 -54.54 -9.69 10.54
N ASP D 183 -55.38 -8.71 10.81
CA ASP D 183 -56.45 -8.89 11.83
C ASP D 183 -57.22 -10.16 11.45
N VAL D 184 -57.64 -10.25 10.19
CA VAL D 184 -58.42 -11.43 9.72
C VAL D 184 -57.57 -12.68 9.94
N CYS D 185 -56.31 -12.64 9.52
CA CYS D 185 -55.46 -13.84 9.62
C CYS D 185 -55.42 -14.27 11.08
N LEU D 186 -55.25 -13.31 12.00
CA LEU D 186 -55.21 -13.65 13.44
C LEU D 186 -56.52 -14.33 13.80
N ILE D 187 -57.65 -13.77 13.34
CA ILE D 187 -58.98 -14.32 13.69
C ILE D 187 -59.03 -15.78 13.21
N LEU D 188 -58.50 -16.05 12.01
CA LEU D 188 -58.56 -17.42 11.45
C LEU D 188 -57.73 -18.37 12.30
N HIS D 189 -56.54 -17.93 12.74
CA HIS D 189 -55.64 -18.80 13.53
C HIS D 189 -55.97 -18.67 15.02
N ALA D 190 -57.13 -18.11 15.35
CA ALA D 190 -57.50 -17.89 16.77
C ALA D 190 -57.58 -19.22 17.52
N GLU D 191 -58.46 -20.14 17.11
CA GLU D 191 -58.64 -21.39 17.89
C GLU D 191 -59.07 -22.54 16.98
N HIS D 192 -58.82 -23.79 17.40
CA HIS D 192 -59.25 -24.98 16.63
C HIS D 192 -59.75 -26.03 17.61
N THR D 193 -60.65 -26.92 17.18
CA THR D 193 -61.25 -27.91 18.11
C THR D 193 -60.17 -28.83 18.70
N LEU D 194 -59.97 -28.76 20.02
CA LEU D 194 -59.02 -29.68 20.70
C LEU D 194 -57.76 -29.87 19.85
N ASN D 195 -57.15 -28.78 19.36
CA ASN D 195 -55.87 -28.92 18.61
C ASN D 195 -54.80 -29.37 19.61
N ALA D 196 -53.74 -30.02 19.13
CA ALA D 196 -52.72 -30.58 20.04
C ALA D 196 -52.24 -29.49 21.02
N SER D 197 -51.89 -28.31 20.50
CA SER D 197 -51.37 -27.22 21.38
C SER D 197 -52.45 -26.83 22.41
N THR D 198 -53.69 -26.69 21.97
CA THR D 198 -54.81 -26.36 22.90
C THR D 198 -54.94 -27.50 23.91
N PHE D 199 -54.95 -28.75 23.43
CA PHE D 199 -55.07 -29.92 24.33
C PHE D 199 -53.96 -29.83 25.38
N ALA D 200 -52.74 -29.50 24.96
CA ALA D 200 -51.61 -29.38 25.91
C ALA D 200 -52.00 -28.39 27.01
N ALA D 201 -52.45 -27.20 26.61
CA ALA D 201 -52.82 -26.17 27.60
C ALA D 201 -53.75 -26.82 28.63
N LEU D 202 -54.71 -27.60 28.15
CA LEU D 202 -55.65 -28.28 29.07
C LEU D 202 -54.87 -29.24 29.96
N VAL D 203 -54.02 -30.08 29.36
CA VAL D 203 -53.29 -31.10 30.16
C VAL D 203 -52.46 -30.38 31.23
N ALA D 204 -51.98 -29.18 30.92
CA ALA D 204 -51.11 -28.45 31.87
C ALA D 204 -51.98 -27.71 32.90
N GLY D 205 -52.91 -26.88 32.42
CA GLY D 205 -53.77 -26.10 33.33
C GLY D 205 -54.50 -27.01 34.29
N SER D 206 -54.73 -28.27 33.88
CA SER D 206 -55.43 -29.24 34.75
C SER D 206 -54.69 -29.32 36.08
N THR D 207 -53.35 -29.24 36.05
CA THR D 207 -52.55 -29.29 37.30
C THR D 207 -52.75 -27.98 38.06
N LEU D 208 -53.52 -27.05 37.48
CA LEU D 208 -53.75 -25.73 38.12
C LEU D 208 -52.42 -25.01 38.19
N ALA D 209 -51.54 -25.25 37.22
CA ALA D 209 -50.23 -24.57 37.18
C ALA D 209 -50.41 -23.12 36.70
N THR D 210 -49.35 -22.31 36.79
CA THR D 210 -49.43 -20.89 36.37
C THR D 210 -49.88 -20.81 34.92
N PRO D 211 -50.73 -19.82 34.55
CA PRO D 211 -51.17 -19.68 33.16
C PRO D 211 -49.96 -19.51 32.25
N TYR D 212 -48.99 -18.70 32.69
CA TYR D 212 -47.80 -18.43 31.84
C TYR D 212 -47.13 -19.75 31.49
N SER D 213 -46.91 -20.61 32.47
CA SER D 213 -46.24 -21.91 32.22
C SER D 213 -47.07 -22.73 31.24
N VAL D 214 -48.40 -22.69 31.40
CA VAL D 214 -49.30 -23.48 30.51
C VAL D 214 -49.07 -23.04 29.07
N ILE D 215 -49.13 -21.74 28.81
CA ILE D 215 -49.01 -21.25 27.41
C ILE D 215 -47.61 -21.55 26.88
N SER D 216 -46.60 -21.48 27.75
CA SER D 216 -45.22 -21.85 27.31
C SER D 216 -45.27 -23.24 26.70
N ALA D 217 -45.93 -24.17 27.37
CA ALA D 217 -46.03 -25.56 26.86
C ALA D 217 -46.70 -25.54 25.50
N ALA D 218 -47.76 -24.74 25.36
CA ALA D 218 -48.49 -24.71 24.07
C ALA D 218 -47.55 -24.25 22.97
N ILE D 219 -46.77 -23.21 23.23
CA ILE D 219 -45.87 -22.65 22.16
C ILE D 219 -44.95 -23.77 21.68
N GLY D 220 -44.35 -24.51 22.61
CA GLY D 220 -43.41 -25.59 22.23
C GLY D 220 -44.13 -26.68 21.46
N THR D 221 -45.31 -27.08 21.95
CA THR D 221 -46.09 -28.13 21.26
C THR D 221 -46.36 -27.66 19.84
N LEU D 222 -46.63 -26.37 19.66
CA LEU D 222 -46.88 -25.81 18.31
C LEU D 222 -45.58 -25.81 17.51
N SER D 223 -44.44 -25.57 18.19
CA SER D 223 -43.14 -25.49 17.49
C SER D 223 -42.99 -26.72 16.61
N GLY D 224 -43.51 -27.85 17.06
CA GLY D 224 -43.39 -29.10 16.29
C GLY D 224 -43.83 -28.92 14.85
N PRO D 225 -43.09 -29.46 13.87
CA PRO D 225 -43.42 -29.27 12.47
C PRO D 225 -44.82 -29.81 12.16
N LEU D 226 -45.22 -30.90 12.84
CA LEU D 226 -46.53 -31.53 12.55
C LEU D 226 -47.65 -30.57 12.94
N HIS D 227 -47.32 -29.51 13.69
CA HIS D 227 -48.33 -28.52 14.11
C HIS D 227 -47.94 -27.14 13.56
N GLY D 228 -46.64 -26.91 13.37
CA GLY D 228 -46.16 -25.63 12.81
C GLY D 228 -45.45 -25.84 11.49
N GLY D 229 -46.08 -26.56 10.56
CA GLY D 229 -45.47 -26.84 9.25
C GLY D 229 -45.58 -25.67 8.31
N ALA D 230 -46.22 -24.59 8.77
CA ALA D 230 -46.41 -23.39 7.91
C ALA D 230 -45.05 -22.93 7.39
N ASN D 231 -44.01 -23.00 8.22
CA ASN D 231 -42.65 -22.55 7.82
C ASN D 231 -42.22 -23.35 6.58
N GLN D 232 -42.58 -24.63 6.52
CA GLN D 232 -42.26 -25.46 5.33
C GLN D 232 -43.30 -25.18 4.24
N ARG D 233 -42.99 -24.29 3.29
CA ARG D 233 -43.96 -23.91 2.24
C ARG D 233 -43.35 -24.14 0.86
N VAL D 234 -44.04 -24.89 -0.01
CA VAL D 234 -43.53 -25.17 -1.39
C VAL D 234 -42.01 -25.35 -1.31
N VAL D 235 -41.55 -26.22 -0.41
CA VAL D 235 -40.08 -26.46 -0.27
C VAL D 235 -39.54 -26.93 -1.63
N GLY D 236 -38.30 -26.54 -1.97
CA GLY D 236 -37.78 -26.87 -3.30
C GLY D 236 -38.35 -25.92 -4.34
N MET D 237 -39.38 -25.15 -3.95
CA MET D 237 -39.98 -24.14 -4.85
C MET D 237 -40.29 -24.75 -6.22
N LEU D 238 -40.90 -25.93 -6.24
CA LEU D 238 -41.32 -26.53 -7.54
C LEU D 238 -41.98 -25.43 -8.37
N GLN D 239 -41.35 -24.99 -9.46
CA GLN D 239 -41.89 -23.84 -10.24
C GLN D 239 -43.01 -24.30 -11.19
N GLU D 240 -44.21 -24.54 -10.66
CA GLU D 240 -45.37 -24.89 -11.53
C GLU D 240 -45.08 -26.20 -12.28
N ILE D 241 -43.92 -26.81 -12.02
CA ILE D 241 -43.57 -28.11 -12.67
C ILE D 241 -44.60 -29.14 -12.21
N GLY D 242 -45.01 -29.07 -10.94
CA GLY D 242 -46.00 -30.02 -10.40
C GLY D 242 -45.52 -31.46 -10.55
N SER D 243 -46.44 -32.38 -10.83
CA SER D 243 -46.08 -33.81 -11.00
C SER D 243 -45.08 -34.22 -9.91
N PRO D 244 -45.36 -33.98 -8.61
CA PRO D 244 -44.39 -34.29 -7.55
C PRO D 244 -44.19 -35.81 -7.46
N LYS D 245 -45.30 -36.57 -7.47
CA LYS D 245 -45.21 -38.06 -7.44
C LYS D 245 -44.24 -38.47 -6.34
N ASN D 246 -44.29 -37.77 -5.19
CA ASN D 246 -43.40 -38.11 -4.04
C ASN D 246 -43.76 -39.53 -3.56
N VAL D 247 -45.04 -39.88 -3.58
CA VAL D 247 -45.49 -41.23 -3.16
C VAL D 247 -44.73 -42.28 -3.98
N TRP D 262 -46.85 -30.21 1.20
CA TRP D 262 -46.82 -29.90 2.66
C TRP D 262 -48.02 -29.03 3.02
N GLY D 263 -48.50 -29.12 4.26
CA GLY D 263 -49.63 -28.30 4.71
C GLY D 263 -50.88 -28.54 3.88
N MET D 264 -51.27 -29.80 3.71
CA MET D 264 -52.52 -30.12 2.96
C MET D 264 -53.42 -31.01 3.84
N GLY D 265 -53.06 -32.29 4.00
CA GLY D 265 -53.92 -33.21 4.76
C GLY D 265 -54.31 -32.67 6.12
N HIS D 266 -55.58 -32.80 6.51
CA HIS D 266 -56.04 -32.35 7.84
C HIS D 266 -56.82 -33.49 8.51
N ARG D 267 -56.57 -33.73 9.80
CA ARG D 267 -57.21 -34.88 10.49
C ARG D 267 -58.72 -34.70 10.56
N GLU D 268 -59.20 -33.50 10.94
CA GLU D 268 -60.65 -33.28 11.11
C GLU D 268 -61.31 -32.90 9.78
N TYR D 269 -60.75 -31.90 9.08
CA TYR D 269 -61.37 -31.44 7.81
C TYR D 269 -61.13 -32.49 6.71
N LYS D 270 -62.21 -33.11 6.23
CA LYS D 270 -62.08 -34.10 5.12
C LYS D 270 -62.19 -33.34 3.80
N VAL D 271 -62.40 -32.02 3.86
CA VAL D 271 -62.50 -31.18 2.65
C VAL D 271 -61.59 -29.96 2.84
N LYS D 272 -61.52 -29.06 1.86
CA LYS D 272 -60.60 -27.90 1.96
C LYS D 272 -60.86 -27.15 3.27
N ASP D 273 -59.79 -26.84 4.01
CA ASP D 273 -59.94 -26.08 5.28
C ASP D 273 -60.62 -24.75 4.97
N PRO D 274 -61.75 -24.40 5.63
CA PRO D 274 -62.46 -23.16 5.34
C PRO D 274 -61.52 -21.96 5.48
N ARG D 275 -60.66 -21.98 6.51
CA ARG D 275 -59.69 -20.86 6.71
C ARG D 275 -58.83 -20.73 5.46
N ALA D 276 -58.39 -21.85 4.88
CA ALA D 276 -57.51 -21.80 3.69
C ALA D 276 -58.21 -21.03 2.57
N THR D 277 -59.51 -21.26 2.40
CA THR D 277 -60.27 -20.57 1.32
C THR D 277 -60.17 -19.06 1.53
N ILE D 278 -60.43 -18.60 2.77
CA ILE D 278 -60.34 -17.15 3.08
C ILE D 278 -58.92 -16.68 2.76
N LEU D 279 -57.92 -17.43 3.23
CA LEU D 279 -56.50 -17.05 2.99
C LEU D 279 -56.24 -16.96 1.49
N HIS D 280 -56.79 -17.92 0.73
CA HIS D 280 -56.57 -17.94 -0.74
C HIS D 280 -57.06 -16.61 -1.34
N LYS D 281 -58.28 -16.20 -0.99
CA LYS D 281 -58.83 -14.93 -1.51
C LYS D 281 -57.92 -13.77 -1.06
N LEU D 282 -57.53 -13.78 0.22
CA LEU D 282 -56.66 -12.71 0.76
C LEU D 282 -55.37 -12.65 -0.06
N VAL D 283 -54.74 -13.80 -0.28
CA VAL D 283 -53.45 -13.84 -1.04
C VAL D 283 -53.68 -13.21 -2.42
N GLU D 284 -54.77 -13.60 -3.08
CA GLU D 284 -55.06 -13.07 -4.43
C GLU D 284 -55.12 -11.54 -4.37
N GLN D 285 -55.84 -10.99 -3.38
CA GLN D 285 -55.99 -9.53 -3.28
C GLN D 285 -54.62 -8.85 -3.17
N LEU D 286 -53.78 -9.30 -2.24
CA LEU D 286 -52.45 -8.65 -2.03
C LEU D 286 -51.62 -8.78 -3.31
N VAL D 287 -51.58 -9.99 -3.88
CA VAL D 287 -50.75 -10.22 -5.10
C VAL D 287 -51.27 -9.29 -6.20
N ALA D 288 -52.59 -9.14 -6.32
CA ALA D 288 -53.17 -8.27 -7.35
C ALA D 288 -52.68 -6.83 -7.14
N GLU D 289 -52.62 -6.39 -5.88
CA GLU D 289 -52.18 -5.01 -5.58
C GLU D 289 -50.66 -4.99 -5.38
N ASP D 299 -41.45 -17.36 -9.54
CA ASP D 299 -42.79 -16.92 -9.06
C ASP D 299 -43.37 -18.00 -8.14
N THR D 300 -43.91 -17.61 -6.98
CA THR D 300 -44.55 -18.59 -6.06
C THR D 300 -46.06 -18.40 -6.12
N ALA D 301 -46.79 -18.93 -5.14
CA ALA D 301 -48.27 -18.78 -5.09
C ALA D 301 -48.90 -19.57 -6.24
N LEU D 302 -48.56 -19.24 -7.48
CA LEU D 302 -49.08 -20.01 -8.64
C LEU D 302 -48.62 -21.47 -8.49
N LYS D 303 -47.39 -21.67 -8.02
CA LYS D 303 -46.87 -23.05 -7.80
C LYS D 303 -47.78 -23.74 -6.79
N LEU D 304 -48.14 -23.03 -5.71
CA LEU D 304 -49.05 -23.60 -4.68
C LEU D 304 -50.39 -23.90 -5.33
N GLU D 305 -50.88 -22.99 -6.17
CA GLU D 305 -52.18 -23.20 -6.86
C GLU D 305 -52.10 -24.50 -7.66
N GLU D 306 -50.97 -24.74 -8.32
CA GLU D 306 -50.79 -25.98 -9.12
C GLU D 306 -50.92 -27.18 -8.19
N VAL D 307 -50.22 -27.15 -7.05
CA VAL D 307 -50.29 -28.27 -6.07
C VAL D 307 -51.73 -28.41 -5.60
N CYS D 308 -52.39 -27.29 -5.30
CA CYS D 308 -53.82 -27.32 -4.88
C CYS D 308 -54.65 -27.94 -6.00
N ALA D 309 -54.34 -27.60 -7.25
CA ALA D 309 -55.12 -28.12 -8.40
C ALA D 309 -54.78 -29.60 -8.63
N ASP D 310 -53.78 -30.12 -7.91
CA ASP D 310 -53.41 -31.55 -8.03
C ASP D 310 -54.27 -32.38 -7.08
N ARG D 311 -55.47 -31.87 -6.74
CA ARG D 311 -56.37 -32.60 -5.82
C ARG D 311 -56.77 -33.95 -6.43
N LEU D 312 -56.45 -34.15 -7.72
CA LEU D 312 -56.73 -35.48 -8.34
C LEU D 312 -56.13 -36.55 -7.43
N GLY D 313 -54.85 -36.43 -7.09
CA GLY D 313 -54.24 -37.37 -6.14
C GLY D 313 -54.78 -37.14 -4.74
N HIS D 314 -55.16 -35.89 -4.43
CA HIS D 314 -55.72 -35.56 -3.10
C HIS D 314 -57.22 -35.85 -3.10
N LYS D 315 -57.60 -37.10 -3.35
CA LYS D 315 -59.04 -37.48 -3.35
C LYS D 315 -59.60 -37.33 -1.92
N GLY D 316 -58.87 -37.82 -0.92
CA GLY D 316 -59.33 -37.74 0.47
C GLY D 316 -58.78 -36.51 1.18
N VAL D 317 -57.53 -36.13 0.87
CA VAL D 317 -56.90 -34.95 1.53
C VAL D 317 -57.17 -33.71 0.70
N TYR D 318 -57.10 -32.53 1.31
CA TYR D 318 -57.35 -31.25 0.60
C TYR D 318 -56.50 -30.15 1.24
N PRO D 319 -56.30 -28.98 0.60
CA PRO D 319 -55.41 -27.94 1.15
C PRO D 319 -55.67 -27.61 2.62
N ASN D 320 -54.60 -27.34 3.38
CA ASN D 320 -54.74 -27.00 4.83
C ASN D 320 -54.53 -25.49 5.02
N VAL D 321 -54.67 -25.01 6.26
CA VAL D 321 -54.51 -23.56 6.55
C VAL D 321 -53.07 -23.14 6.24
N ASP D 322 -52.10 -24.00 6.55
CA ASP D 322 -50.67 -23.64 6.35
C ASP D 322 -50.36 -23.55 4.85
N PHE D 323 -51.24 -24.05 3.99
CA PHE D 323 -50.95 -24.08 2.53
C PHE D 323 -50.75 -22.67 2.00
N TYR D 324 -51.60 -21.71 2.39
CA TYR D 324 -51.51 -20.33 1.84
C TYR D 324 -51.09 -19.34 2.93
N SER D 325 -50.91 -19.80 4.16
CA SER D 325 -50.60 -18.87 5.29
C SER D 325 -49.24 -18.20 5.06
N GLY D 326 -48.22 -18.99 4.73
CA GLY D 326 -46.86 -18.42 4.58
C GLY D 326 -46.79 -17.34 3.52
N ILE D 327 -47.36 -17.59 2.34
CA ILE D 327 -47.26 -16.60 1.23
C ILE D 327 -47.90 -15.28 1.68
N LEU D 328 -49.03 -15.36 2.40
CA LEU D 328 -49.72 -14.13 2.87
C LEU D 328 -48.78 -13.37 3.81
N TYR D 329 -48.23 -14.05 4.81
CA TYR D 329 -47.34 -13.38 5.79
C TYR D 329 -46.14 -12.78 5.06
N SER D 330 -45.56 -13.55 4.15
CA SER D 330 -44.37 -13.07 3.39
C SER D 330 -44.74 -11.79 2.63
N GLU D 331 -45.90 -11.80 1.96
CA GLU D 331 -46.37 -10.59 1.23
C GLU D 331 -46.47 -9.45 2.23
N MET D 332 -46.95 -9.74 3.44
CA MET D 332 -47.08 -8.71 4.49
C MET D 332 -45.68 -8.35 5.00
N GLY D 333 -44.67 -9.13 4.62
CA GLY D 333 -43.28 -8.81 4.99
C GLY D 333 -42.71 -9.69 6.10
N ILE D 334 -43.58 -10.41 6.83
CA ILE D 334 -43.11 -11.24 7.97
C ILE D 334 -42.05 -12.22 7.47
N PRO D 335 -40.90 -12.35 8.15
CA PRO D 335 -39.89 -13.32 7.75
C PRO D 335 -40.43 -14.74 7.96
N GLU D 336 -39.84 -15.72 7.30
CA GLU D 336 -40.32 -17.13 7.38
C GLU D 336 -40.05 -17.68 8.79
N ASP D 337 -38.92 -17.33 9.38
CA ASP D 337 -38.53 -17.90 10.70
C ASP D 337 -39.64 -17.66 11.72
N GLU D 338 -40.38 -16.56 11.60
CA GLU D 338 -41.38 -16.21 12.65
C GLU D 338 -42.80 -16.51 12.17
N PHE D 339 -42.97 -17.33 11.14
CA PHE D 339 -44.31 -17.62 10.59
C PHE D 339 -45.18 -18.32 11.63
N THR D 340 -44.70 -19.45 12.17
CA THR D 340 -45.48 -20.22 13.17
C THR D 340 -45.76 -19.35 14.39
N ALA D 341 -44.88 -18.38 14.65
CA ALA D 341 -45.02 -17.54 15.86
C ALA D 341 -46.32 -16.74 15.79
N LEU D 342 -46.58 -16.09 14.65
CA LEU D 342 -47.82 -15.30 14.48
C LEU D 342 -49.02 -16.20 14.76
N PHE D 343 -48.92 -17.48 14.36
CA PHE D 343 -50.01 -18.45 14.63
C PHE D 343 -50.21 -18.54 16.14
N ALA D 344 -49.10 -18.57 16.89
CA ALA D 344 -49.18 -18.63 18.37
C ALA D 344 -49.85 -17.36 18.89
N VAL D 345 -49.52 -16.21 18.31
CA VAL D 345 -50.09 -14.91 18.77
C VAL D 345 -51.61 -15.04 18.72
N ALA D 346 -52.15 -15.67 17.67
CA ALA D 346 -53.62 -15.82 17.53
C ALA D 346 -54.12 -16.97 18.41
N ARG D 347 -53.44 -18.13 18.35
CA ARG D 347 -53.90 -19.31 19.12
C ARG D 347 -53.90 -19.01 20.62
N SER D 348 -53.14 -17.98 21.02
CA SER D 348 -53.07 -17.60 22.46
C SER D 348 -54.49 -17.49 23.02
N ALA D 349 -55.36 -16.76 22.31
CA ALA D 349 -56.74 -16.56 22.81
C ALA D 349 -57.42 -17.92 23.00
N GLY D 350 -57.35 -18.79 22.00
CA GLY D 350 -58.00 -20.11 22.09
C GLY D 350 -57.44 -20.89 23.26
N TRP D 351 -56.13 -20.92 23.40
CA TRP D 351 -55.49 -21.67 24.52
C TRP D 351 -56.01 -21.14 25.84
N LEU D 352 -55.99 -19.82 26.02
CA LEU D 352 -56.44 -19.21 27.30
C LEU D 352 -57.94 -19.44 27.51
N ALA D 353 -58.72 -19.39 26.42
CA ALA D 353 -60.18 -19.64 26.52
C ALA D 353 -60.41 -21.05 27.04
N HIS D 354 -59.72 -22.04 26.47
CA HIS D 354 -59.84 -23.44 26.96
C HIS D 354 -59.25 -23.53 28.37
N TRP D 355 -58.16 -22.78 28.63
CA TRP D 355 -57.59 -22.76 29.99
C TRP D 355 -58.65 -22.24 30.96
N ARG D 356 -59.43 -21.24 30.52
CA ARG D 356 -60.51 -20.69 31.37
C ARG D 356 -61.57 -21.77 31.61
N GLU D 357 -61.91 -22.53 30.57
CA GLU D 357 -62.96 -23.58 30.70
C GLU D 357 -62.44 -24.67 31.63
N GLN D 358 -61.18 -24.60 32.02
CA GLN D 358 -60.58 -25.63 32.93
C GLN D 358 -60.73 -25.17 34.37
N ILE D 359 -61.39 -24.03 34.61
CA ILE D 359 -61.65 -23.58 36.01
C ILE D 359 -62.50 -24.66 36.69
N SER D 360 -63.47 -25.22 35.96
CA SER D 360 -64.33 -26.30 36.53
C SER D 360 -63.84 -27.65 35.99
N ASP D 361 -62.57 -27.73 35.60
CA ASP D 361 -62.02 -28.99 35.01
C ASP D 361 -62.26 -30.15 35.97
N ASN D 362 -61.85 -30.00 37.23
CA ASN D 362 -61.99 -31.10 38.22
C ASN D 362 -61.36 -32.36 37.60
N ARG D 363 -60.37 -32.18 36.72
CA ARG D 363 -59.72 -33.33 36.05
C ARG D 363 -58.21 -33.10 35.99
N ILE D 364 -57.42 -34.10 36.39
CA ILE D 364 -55.94 -33.96 36.38
C ILE D 364 -55.42 -34.46 35.03
N TYR D 365 -56.32 -34.92 34.17
CA TYR D 365 -55.92 -35.40 32.81
C TYR D 365 -54.82 -36.44 32.94
N ARG D 366 -54.99 -37.41 33.84
CA ARG D 366 -54.00 -38.53 33.94
C ARG D 366 -54.57 -39.75 33.23
N PRO D 367 -54.06 -40.12 32.03
CA PRO D 367 -54.62 -41.22 31.25
C PRO D 367 -54.09 -42.61 31.65
N THR D 368 -54.64 -43.67 31.05
CA THR D 368 -54.20 -45.06 31.35
C THR D 368 -53.05 -45.43 30.41
N GLN D 369 -52.69 -46.72 30.38
CA GLN D 369 -51.52 -47.15 29.55
C GLN D 369 -51.57 -48.65 29.26
N ILE D 370 -51.00 -49.08 28.14
CA ILE D 370 -50.89 -50.54 27.85
C ILE D 370 -49.44 -50.93 28.09
N TYR D 371 -49.18 -51.86 29.01
CA TYR D 371 -47.78 -52.18 29.38
C TYR D 371 -46.94 -52.51 28.13
N VAL D 372 -47.39 -53.48 27.34
CA VAL D 372 -46.59 -53.91 26.15
C VAL D 372 -45.17 -54.19 26.62
N GLY D 373 -45.01 -54.71 27.84
CA GLY D 373 -43.68 -54.98 28.42
C GLY D 373 -43.61 -56.37 29.04
N SER D 374 -42.62 -56.61 29.90
CA SER D 374 -42.46 -57.95 30.51
C SER D 374 -42.36 -57.83 32.04
N ASP D 375 -42.65 -58.91 32.76
CA ASP D 375 -42.61 -58.89 34.25
C ASP D 375 -43.53 -57.77 34.75
N GLU E 24 -52.49 -52.11 39.16
CA GLU E 24 -51.40 -52.56 40.06
C GLU E 24 -51.81 -52.28 41.52
N LYS E 25 -51.91 -53.34 42.33
CA LYS E 25 -52.29 -53.17 43.75
C LYS E 25 -51.02 -53.07 44.60
N GLY E 26 -50.43 -51.87 44.67
CA GLY E 26 -49.21 -51.66 45.48
C GLY E 26 -47.96 -52.09 44.73
N ILE E 27 -48.05 -52.24 43.41
CA ILE E 27 -46.88 -52.76 42.64
C ILE E 27 -46.41 -51.74 41.61
N LEU E 28 -45.11 -51.45 41.58
CA LEU E 28 -44.54 -50.51 40.57
C LEU E 28 -43.27 -51.14 40.00
N SER E 29 -43.19 -51.34 38.69
CA SER E 29 -42.02 -52.02 38.10
C SER E 29 -41.41 -51.18 36.98
N TYR E 30 -40.15 -50.79 37.13
CA TYR E 30 -39.46 -50.05 36.05
C TYR E 30 -38.92 -51.09 35.06
N ARG E 31 -39.38 -51.03 33.81
CA ARG E 31 -38.95 -52.01 32.79
C ARG E 31 -39.12 -53.42 33.36
N GLY E 32 -40.17 -53.63 34.16
CA GLY E 32 -40.43 -54.97 34.74
C GLY E 32 -39.81 -55.13 36.11
N TYR E 33 -38.55 -54.72 36.27
CA TYR E 33 -37.86 -54.90 37.57
C TYR E 33 -38.65 -54.17 38.65
N PRO E 34 -38.95 -54.80 39.80
CA PRO E 34 -39.67 -54.14 40.88
C PRO E 34 -38.86 -52.98 41.44
N LEU E 35 -39.53 -51.90 41.85
CA LEU E 35 -38.80 -50.69 42.33
C LEU E 35 -37.93 -51.06 43.53
N GLU E 36 -38.46 -51.82 44.47
CA GLU E 36 -37.69 -52.12 45.71
C GLU E 36 -36.35 -52.76 45.31
N THR E 37 -36.39 -53.79 44.46
CA THR E 37 -35.13 -54.48 44.10
C THR E 37 -34.21 -53.42 43.50
N LEU E 38 -34.78 -52.40 42.88
CA LEU E 38 -33.97 -51.31 42.28
C LEU E 38 -33.61 -50.31 43.38
N ALA E 39 -34.48 -50.19 44.39
CA ALA E 39 -34.24 -49.22 45.47
C ALA E 39 -32.79 -49.37 45.94
N GLU E 40 -32.39 -50.60 46.26
CA GLU E 40 -30.97 -50.85 46.64
C GLU E 40 -30.34 -51.62 45.49
N ASN E 41 -29.01 -51.64 45.40
CA ASN E 41 -28.32 -52.42 44.35
C ASN E 41 -28.54 -51.75 42.99
N SER E 42 -28.85 -50.45 42.98
CA SER E 42 -29.05 -49.71 41.70
C SER E 42 -28.79 -48.22 41.91
N THR E 43 -28.56 -47.48 40.80
CA THR E 43 -28.28 -46.02 40.88
C THR E 43 -29.17 -45.29 39.88
N PHE E 44 -29.42 -44.01 40.12
CA PHE E 44 -30.22 -43.20 39.17
C PHE E 44 -29.58 -43.31 37.79
N GLU E 45 -28.26 -43.28 37.75
CA GLU E 45 -27.56 -43.43 36.45
C GLU E 45 -28.01 -44.75 35.83
N GLU E 46 -27.91 -45.84 36.59
CA GLU E 46 -28.33 -47.17 36.08
C GLU E 46 -29.83 -47.12 35.77
N THR E 47 -30.63 -46.61 36.72
CA THR E 47 -32.09 -46.56 36.54
C THR E 47 -32.42 -45.79 35.26
N THR E 48 -31.79 -44.62 35.07
CA THR E 48 -32.09 -43.79 33.89
C THR E 48 -31.84 -44.60 32.61
N LEU E 49 -30.69 -45.28 32.54
CA LEU E 49 -30.36 -46.09 31.34
C LEU E 49 -31.42 -47.18 31.16
N LEU E 50 -31.78 -47.86 32.26
CA LEU E 50 -32.81 -48.93 32.19
C LEU E 50 -34.10 -48.34 31.61
N LEU E 51 -34.51 -47.17 32.13
CA LEU E 51 -35.77 -46.53 31.66
C LEU E 51 -35.62 -46.16 30.18
N LEU E 52 -34.49 -45.56 29.80
CA LEU E 52 -34.30 -45.11 28.39
C LEU E 52 -34.20 -46.31 27.46
N ASP E 53 -33.43 -47.33 27.85
CA ASP E 53 -33.21 -48.50 26.95
C ASP E 53 -34.25 -49.58 27.24
N GLY E 54 -34.19 -50.21 28.42
CA GLY E 54 -35.13 -51.29 28.76
C GLY E 54 -34.42 -52.49 29.37
N GLU E 55 -33.09 -52.43 29.47
CA GLU E 55 -32.32 -53.55 30.09
C GLU E 55 -31.27 -52.96 31.03
N LEU E 56 -30.82 -53.76 32.02
CA LEU E 56 -29.80 -53.30 32.99
C LEU E 56 -28.53 -52.93 32.21
N PRO E 57 -27.92 -51.74 32.45
CA PRO E 57 -26.76 -51.31 31.65
C PRO E 57 -25.48 -52.12 31.97
N THR E 58 -24.74 -52.51 30.94
CA THR E 58 -23.46 -53.21 31.17
C THR E 58 -22.49 -52.26 31.88
N LYS E 59 -21.48 -52.79 32.57
CA LYS E 59 -20.55 -51.93 33.34
C LYS E 59 -20.04 -50.82 32.42
N LYS E 60 -19.51 -51.19 31.25
CA LYS E 60 -18.98 -50.18 30.30
C LYS E 60 -20.12 -49.24 29.89
N ALA E 61 -21.28 -49.80 29.56
CA ALA E 61 -22.42 -48.96 29.09
C ALA E 61 -22.77 -47.93 30.16
N LEU E 62 -22.95 -48.38 31.40
CA LEU E 62 -23.34 -47.44 32.50
C LEU E 62 -22.21 -46.42 32.70
N ASN E 63 -20.97 -46.89 32.74
CA ASN E 63 -19.81 -45.98 32.95
C ASN E 63 -19.79 -44.94 31.83
N ASP E 64 -19.94 -45.39 30.58
CA ASP E 64 -19.88 -44.45 29.42
C ASP E 64 -21.01 -43.43 29.55
N PHE E 65 -22.23 -43.90 29.79
CA PHE E 65 -23.39 -42.97 29.94
C PHE E 65 -23.14 -42.04 31.13
N SER E 66 -22.59 -42.58 32.22
CA SER E 66 -22.32 -41.74 33.42
C SER E 66 -21.33 -40.64 33.04
N GLN E 67 -20.25 -41.01 32.34
CA GLN E 67 -19.24 -40.01 31.92
C GLN E 67 -19.90 -39.05 30.92
N GLN E 68 -20.75 -39.58 30.04
CA GLN E 68 -21.46 -38.73 29.06
C GLN E 68 -22.41 -37.80 29.83
N LEU E 69 -23.04 -38.31 30.89
CA LEU E 69 -23.89 -37.45 31.74
C LEU E 69 -22.97 -36.35 32.30
N LYS E 70 -21.77 -36.73 32.72
CA LYS E 70 -20.78 -35.72 33.15
C LYS E 70 -20.29 -35.01 31.88
N ASP E 71 -19.48 -33.96 32.01
CA ASP E 71 -19.05 -33.18 30.82
C ASP E 71 -20.24 -32.38 30.31
N ASN E 72 -21.45 -32.76 30.69
CA ASN E 72 -22.68 -32.02 30.28
C ASN E 72 -23.21 -31.25 31.49
N TYR E 73 -22.66 -31.51 32.67
CA TYR E 73 -23.08 -30.78 33.90
C TYR E 73 -22.83 -29.29 33.70
N ARG E 74 -21.86 -28.94 32.85
CA ARG E 74 -21.51 -27.51 32.63
C ARG E 74 -22.72 -26.76 32.07
N ILE E 75 -22.83 -25.46 32.38
CA ILE E 75 -23.98 -24.65 31.92
C ILE E 75 -23.47 -23.49 31.06
N LYS E 76 -24.09 -23.27 29.89
CA LYS E 76 -23.69 -22.12 29.03
C LYS E 76 -23.77 -20.84 29.84
N TYR E 77 -22.70 -20.03 29.81
CA TYR E 77 -22.67 -18.79 30.63
C TYR E 77 -23.93 -17.98 30.38
N HIS E 78 -24.47 -18.05 29.17
CA HIS E 78 -25.65 -17.21 28.82
C HIS E 78 -26.77 -17.51 29.83
N ILE E 79 -26.93 -18.78 30.21
CA ILE E 79 -28.04 -19.17 31.12
C ILE E 79 -27.87 -18.45 32.46
N ARG E 80 -26.68 -18.53 33.06
CA ARG E 80 -26.51 -17.92 34.40
C ARG E 80 -26.75 -16.41 34.29
N GLN E 81 -26.26 -15.81 33.21
CA GLN E 81 -26.38 -14.34 33.06
C GLN E 81 -27.86 -13.97 33.02
N MET E 82 -28.67 -14.72 32.27
CA MET E 82 -30.12 -14.42 32.16
C MET E 82 -30.75 -14.60 33.54
N MET E 83 -30.31 -15.63 34.27
CA MET E 83 -30.86 -15.87 35.63
C MET E 83 -30.63 -14.63 36.50
N ARG E 84 -29.44 -14.05 36.42
CA ARG E 84 -29.11 -12.88 37.27
C ARG E 84 -30.10 -11.76 36.96
N HIS E 85 -30.43 -11.56 35.69
CA HIS E 85 -31.35 -10.47 35.29
C HIS E 85 -32.72 -10.71 35.94
N PHE E 86 -33.05 -11.98 36.24
CA PHE E 86 -34.40 -12.28 36.77
C PHE E 86 -34.48 -11.99 38.27
N PRO E 87 -35.69 -11.80 38.83
CA PRO E 87 -35.82 -11.44 40.25
C PRO E 87 -35.70 -12.60 41.24
N HIS E 88 -35.33 -12.30 42.48
CA HIS E 88 -35.16 -13.34 43.53
C HIS E 88 -36.50 -14.01 43.81
N THR E 89 -37.60 -13.26 43.65
CA THR E 89 -38.95 -13.80 43.96
C THR E 89 -39.26 -14.96 43.00
N GLY E 90 -38.53 -15.05 41.89
CA GLY E 90 -38.83 -16.08 40.88
C GLY E 90 -38.92 -17.47 41.50
N HIS E 91 -40.00 -18.20 41.22
CA HIS E 91 -40.16 -19.55 41.78
C HIS E 91 -39.21 -20.52 41.08
N PRO E 92 -38.55 -21.46 41.81
CA PRO E 92 -37.58 -22.34 41.19
C PRO E 92 -38.15 -23.02 39.94
N MET E 93 -39.36 -23.58 40.04
CA MET E 93 -39.93 -24.33 38.90
C MET E 93 -40.00 -23.40 37.68
N ASP E 94 -40.45 -22.16 37.88
CA ASP E 94 -40.61 -21.23 36.74
C ASP E 94 -39.25 -21.02 36.06
N MET E 95 -38.21 -20.75 36.85
CA MET E 95 -36.87 -20.47 36.26
C MET E 95 -36.39 -21.70 35.49
N LEU E 96 -36.58 -22.88 36.07
CA LEU E 96 -36.07 -24.12 35.41
C LEU E 96 -36.73 -24.26 34.04
N GLN E 97 -38.05 -24.06 33.99
CA GLN E 97 -38.79 -24.20 32.71
C GLN E 97 -38.18 -23.24 31.70
N THR E 98 -37.99 -21.98 32.10
CA THR E 98 -37.42 -20.96 31.19
C THR E 98 -36.03 -21.42 30.76
N ALA E 99 -35.22 -21.90 31.70
CA ALA E 99 -33.83 -22.31 31.36
C ALA E 99 -33.85 -23.47 30.39
N VAL E 100 -34.69 -24.47 30.64
CA VAL E 100 -34.69 -25.68 29.76
C VAL E 100 -35.05 -25.22 28.35
N SER E 101 -36.12 -24.43 28.22
CA SER E 101 -36.53 -23.94 26.89
C SER E 101 -35.36 -23.17 26.28
N SER E 102 -34.69 -22.34 27.07
CA SER E 102 -33.59 -21.49 26.53
C SER E 102 -32.44 -22.35 26.00
N LEU E 103 -32.14 -23.45 26.69
CA LEU E 103 -30.97 -24.28 26.29
C LEU E 103 -31.14 -24.70 24.83
N GLY E 104 -32.38 -24.86 24.37
CA GLY E 104 -32.61 -25.34 23.00
C GLY E 104 -32.06 -24.39 21.96
N MET E 105 -31.81 -23.13 22.32
CA MET E 105 -31.36 -22.13 21.31
C MET E 105 -29.84 -22.25 21.13
N PHE E 106 -29.20 -23.18 21.84
CA PHE E 106 -27.74 -23.39 21.68
C PHE E 106 -27.49 -24.74 21.02
N TYR E 107 -28.38 -25.70 21.25
CA TYR E 107 -28.26 -27.05 20.63
C TYR E 107 -29.54 -27.34 19.85
N PRO E 108 -29.75 -26.72 18.67
CA PRO E 108 -31.02 -26.88 17.95
C PRO E 108 -31.02 -27.95 16.86
N GLY E 109 -32.11 -28.02 16.08
CA GLY E 109 -32.18 -28.97 14.95
C GLY E 109 -33.58 -29.50 14.69
N THR E 110 -33.78 -30.20 13.58
CA THR E 110 -35.09 -30.82 13.27
C THR E 110 -34.84 -32.25 12.77
N GLU E 111 -35.24 -33.25 13.56
CA GLU E 111 -34.97 -34.67 13.19
C GLU E 111 -35.92 -35.12 12.08
N CYS E 112 -36.81 -34.24 11.62
CA CYS E 112 -37.68 -34.60 10.48
C CYS E 112 -36.79 -34.95 9.28
N LEU E 113 -35.67 -34.24 9.13
CA LEU E 113 -34.72 -34.50 8.02
C LEU E 113 -35.51 -34.67 6.71
N CYS E 119 -29.52 -33.90 6.77
CA CYS E 119 -29.55 -32.48 7.18
C CYS E 119 -29.06 -32.36 8.62
N GLU E 120 -29.08 -33.48 9.36
CA GLU E 120 -28.65 -33.48 10.77
C GLU E 120 -27.14 -33.27 10.85
N ASP E 121 -26.60 -33.17 12.07
CA ASP E 121 -25.14 -33.03 12.23
C ASP E 121 -24.71 -33.75 13.52
N LEU E 122 -25.57 -34.61 14.06
CA LEU E 122 -25.25 -35.29 15.34
C LEU E 122 -26.31 -36.34 15.66
N ASP E 123 -26.04 -37.26 16.59
CA ASP E 123 -27.08 -38.22 17.03
C ASP E 123 -27.98 -37.46 18.01
N TYR E 124 -28.91 -36.65 17.49
CA TYR E 124 -29.74 -35.80 18.38
C TYR E 124 -30.18 -36.61 19.60
N VAL E 125 -30.97 -37.66 19.38
CA VAL E 125 -31.49 -38.44 20.55
C VAL E 125 -30.31 -39.00 21.31
N ARG E 126 -30.50 -39.32 22.60
CA ARG E 126 -29.39 -39.81 23.45
C ARG E 126 -28.47 -38.64 23.77
N ASN E 127 -27.89 -38.01 22.73
CA ASN E 127 -26.94 -36.89 22.97
C ASN E 127 -27.72 -35.73 23.60
N MET E 128 -28.83 -35.34 22.99
CA MET E 128 -29.67 -34.27 23.60
C MET E 128 -30.22 -34.78 24.93
N THR E 129 -30.65 -36.04 24.97
CA THR E 129 -31.22 -36.62 26.21
C THR E 129 -30.17 -36.54 27.32
N VAL E 130 -28.94 -36.98 27.05
CA VAL E 130 -27.90 -37.01 28.12
C VAL E 130 -27.68 -35.56 28.59
N ASN E 131 -27.60 -34.63 27.64
CA ASN E 131 -27.35 -33.21 28.02
C ASN E 131 -28.47 -32.74 28.93
N ILE E 132 -29.73 -33.02 28.58
CA ILE E 132 -30.87 -32.50 29.38
C ILE E 132 -30.80 -33.10 30.79
N ILE E 133 -30.72 -34.43 30.89
CA ILE E 133 -30.74 -35.07 32.23
C ILE E 133 -29.58 -34.51 33.04
N ALA E 134 -28.45 -34.24 32.39
CA ALA E 134 -27.25 -33.79 33.13
C ALA E 134 -27.44 -32.38 33.69
N GLN E 135 -27.92 -31.44 32.87
CA GLN E 135 -27.98 -30.02 33.34
C GLN E 135 -29.16 -29.79 34.30
N MET E 136 -30.14 -30.70 34.33
CA MET E 136 -31.32 -30.44 35.18
C MET E 136 -30.85 -30.06 36.57
N ALA E 137 -30.05 -30.93 37.20
CA ALA E 137 -29.61 -30.67 38.59
C ALA E 137 -28.80 -29.37 38.67
N PRO E 138 -27.71 -29.20 37.89
CA PRO E 138 -26.90 -28.01 38.00
C PRO E 138 -27.79 -26.77 37.91
N LEU E 139 -28.74 -26.77 36.98
CA LEU E 139 -29.60 -25.58 36.77
C LEU E 139 -30.36 -25.28 38.06
N VAL E 140 -30.95 -26.31 38.67
CA VAL E 140 -31.75 -26.10 39.92
C VAL E 140 -30.88 -25.38 40.95
N ALA E 141 -29.74 -25.98 41.32
CA ALA E 141 -28.87 -25.39 42.36
C ALA E 141 -28.42 -23.99 41.93
N MET E 142 -28.10 -23.80 40.65
CA MET E 142 -27.57 -22.49 40.19
C MET E 142 -28.58 -21.40 40.54
N TRP E 143 -29.85 -21.60 40.19
CA TRP E 143 -30.88 -20.56 40.46
C TRP E 143 -30.97 -20.31 41.97
N GLU E 144 -30.87 -21.37 42.77
CA GLU E 144 -30.95 -21.23 44.25
C GLU E 144 -29.91 -20.20 44.71
N HIS E 145 -28.65 -20.41 44.34
CA HIS E 145 -27.57 -19.49 44.76
C HIS E 145 -27.82 -18.10 44.17
N ILE E 146 -28.20 -18.04 42.89
CA ILE E 146 -28.40 -16.73 42.20
C ILE E 146 -29.53 -15.97 42.89
N ARG E 147 -30.65 -16.64 43.19
CA ARG E 147 -31.81 -15.96 43.80
C ARG E 147 -31.41 -15.46 45.20
N ASN E 148 -30.45 -16.13 45.82
CA ASN E 148 -29.94 -15.69 47.15
C ASN E 148 -28.85 -14.64 46.94
N GLY E 149 -28.53 -14.33 45.68
CA GLY E 149 -27.52 -13.31 45.38
C GLY E 149 -26.10 -13.84 45.51
N TRP E 150 -25.93 -15.15 45.38
CA TRP E 150 -24.59 -15.78 45.53
C TRP E 150 -24.19 -16.48 44.22
N ASP E 151 -22.89 -16.53 43.93
CA ASP E 151 -22.41 -17.15 42.67
C ASP E 151 -22.78 -18.64 42.65
N PRO E 152 -23.15 -19.22 41.49
CA PRO E 152 -23.53 -20.63 41.41
C PRO E 152 -22.38 -21.56 41.84
N VAL E 153 -22.72 -22.71 42.42
CA VAL E 153 -21.67 -23.70 42.84
C VAL E 153 -21.43 -24.67 41.69
N ASN E 154 -20.25 -24.58 41.06
CA ASN E 154 -19.94 -25.45 39.89
C ASN E 154 -20.06 -26.93 40.32
N PRO E 155 -20.72 -27.79 39.52
CA PRO E 155 -20.82 -29.22 39.85
C PRO E 155 -19.47 -29.92 39.65
N LYS E 156 -19.27 -31.05 40.35
CA LYS E 156 -17.99 -31.80 40.23
C LYS E 156 -18.18 -32.96 39.26
N HIS E 157 -17.24 -33.14 38.33
CA HIS E 157 -17.34 -34.24 37.33
C HIS E 157 -17.36 -35.59 38.05
N ASP E 158 -16.47 -35.78 39.02
CA ASP E 158 -16.39 -37.07 39.77
C ASP E 158 -17.70 -37.32 40.50
N LEU E 159 -18.27 -36.28 41.12
CA LEU E 159 -19.51 -36.45 41.93
C LEU E 159 -20.67 -36.89 41.02
N SER E 160 -21.56 -37.74 41.55
CA SER E 160 -22.74 -38.19 40.76
C SER E 160 -23.82 -37.12 40.82
N VAL E 161 -24.99 -37.39 40.22
CA VAL E 161 -26.10 -36.39 40.20
C VAL E 161 -26.46 -36.06 41.64
N ALA E 162 -26.74 -37.07 42.46
CA ALA E 162 -27.15 -36.84 43.86
C ALA E 162 -26.01 -36.13 44.61
N GLU E 163 -24.78 -36.62 44.43
CA GLU E 163 -23.61 -36.00 45.12
C GLU E 163 -23.52 -34.54 44.67
N ASN E 164 -23.60 -34.29 43.37
CA ASN E 164 -23.51 -32.90 42.85
C ASN E 164 -24.66 -32.08 43.42
N LEU E 165 -25.87 -32.63 43.42
CA LEU E 165 -27.05 -31.89 43.93
C LEU E 165 -26.75 -31.39 45.34
N LEU E 166 -26.46 -32.32 46.26
CA LEU E 166 -26.22 -31.94 47.68
C LEU E 166 -24.99 -31.04 47.76
N TYR E 167 -23.91 -31.42 47.06
CA TYR E 167 -22.65 -30.63 47.13
C TYR E 167 -22.90 -29.20 46.67
N MET E 168 -23.60 -29.03 45.54
CA MET E 168 -23.84 -27.68 44.99
C MET E 168 -24.71 -26.89 45.97
N PHE E 169 -25.80 -27.48 46.45
CA PHE E 169 -26.72 -26.77 47.38
C PHE E 169 -25.99 -26.47 48.69
N ASN E 170 -25.22 -27.44 49.21
CA ASN E 170 -24.53 -27.25 50.52
C ASN E 170 -23.18 -26.56 50.30
N GLY E 171 -22.75 -26.44 49.04
CA GLY E 171 -21.44 -25.82 48.75
C GLY E 171 -20.30 -26.64 49.34
N GLU E 172 -20.55 -27.92 49.60
CA GLU E 172 -19.52 -28.81 50.20
C GLU E 172 -19.86 -30.26 49.90
N GLU E 173 -18.85 -31.11 49.69
CA GLU E 173 -19.11 -32.53 49.32
C GLU E 173 -20.03 -33.15 50.38
N PRO E 174 -21.13 -33.82 49.98
CA PRO E 174 -22.09 -34.36 50.95
C PRO E 174 -21.65 -35.70 51.57
N ASP E 175 -22.26 -36.07 52.69
CA ASP E 175 -21.94 -37.37 53.34
C ASP E 175 -22.60 -38.50 52.54
N PRO E 176 -22.07 -39.75 52.57
CA PRO E 176 -22.63 -40.84 51.78
C PRO E 176 -24.09 -41.12 52.13
N LEU E 177 -24.45 -41.04 53.41
CA LEU E 177 -25.83 -41.37 53.84
C LEU E 177 -26.83 -40.52 53.06
N MET E 178 -26.72 -39.21 53.16
CA MET E 178 -27.67 -38.30 52.46
C MET E 178 -27.58 -38.58 50.95
N ALA E 179 -26.37 -38.80 50.44
CA ALA E 179 -26.19 -39.03 48.99
C ALA E 179 -27.02 -40.24 48.56
N LYS E 180 -26.89 -41.35 49.27
CA LYS E 180 -27.65 -42.58 48.94
C LYS E 180 -29.14 -42.27 49.03
N ILE E 181 -29.55 -41.57 50.09
CA ILE E 181 -30.99 -41.22 50.28
C ILE E 181 -31.45 -40.39 49.08
N MET E 182 -30.65 -39.40 48.68
CA MET E 182 -31.03 -38.54 47.53
C MET E 182 -31.15 -39.40 46.28
N ASP E 183 -30.19 -40.30 46.05
CA ASP E 183 -30.22 -41.18 44.85
C ASP E 183 -31.49 -42.03 44.89
N VAL E 184 -31.79 -42.63 46.04
CA VAL E 184 -33.02 -43.46 46.20
C VAL E 184 -34.22 -42.60 45.79
N CYS E 185 -34.28 -41.37 46.32
CA CYS E 185 -35.42 -40.47 46.01
C CYS E 185 -35.50 -40.27 44.50
N LEU E 186 -34.36 -40.04 43.85
CA LEU E 186 -34.34 -39.82 42.38
C LEU E 186 -34.93 -41.04 41.68
N ILE E 187 -34.51 -42.24 42.09
CA ILE E 187 -34.99 -43.49 41.44
C ILE E 187 -36.51 -43.60 41.63
N LEU E 188 -37.00 -43.30 42.83
CA LEU E 188 -38.46 -43.41 43.12
C LEU E 188 -39.24 -42.47 42.20
N HIS E 189 -38.78 -41.23 42.05
CA HIS E 189 -39.53 -40.24 41.23
C HIS E 189 -38.99 -40.24 39.80
N ALA E 190 -38.23 -41.27 39.42
CA ALA E 190 -37.61 -41.31 38.07
C ALA E 190 -38.68 -41.45 36.99
N GLU E 191 -39.68 -42.30 37.22
CA GLU E 191 -40.68 -42.57 36.15
C GLU E 191 -42.04 -42.96 36.77
N HIS E 192 -43.14 -42.69 36.06
CA HIS E 192 -44.49 -43.09 36.55
C HIS E 192 -45.37 -43.43 35.34
N THR E 193 -46.55 -44.02 35.57
CA THR E 193 -47.43 -44.46 34.47
C THR E 193 -48.16 -43.27 33.85
N LEU E 194 -47.64 -42.71 32.76
CA LEU E 194 -48.32 -41.59 32.05
C LEU E 194 -48.38 -40.33 32.93
N ASN E 195 -48.82 -40.48 34.19
CA ASN E 195 -48.97 -39.30 35.08
C ASN E 195 -49.59 -38.15 34.27
N ALA E 196 -49.07 -36.93 34.47
CA ALA E 196 -49.60 -35.76 33.72
C ALA E 196 -48.44 -35.12 32.94
N SER E 197 -47.31 -34.89 33.62
CA SER E 197 -46.13 -34.32 32.92
C SER E 197 -45.72 -35.24 31.78
N THR E 198 -45.64 -36.55 32.06
CA THR E 198 -45.25 -37.53 31.01
C THR E 198 -46.26 -37.47 29.88
N PHE E 199 -47.55 -37.46 30.20
CA PHE E 199 -48.60 -37.46 29.15
C PHE E 199 -48.46 -36.19 28.30
N ALA E 200 -48.25 -35.04 28.95
CA ALA E 200 -48.09 -33.77 28.22
C ALA E 200 -46.87 -33.89 27.31
N ALA E 201 -45.79 -34.49 27.80
CA ALA E 201 -44.57 -34.65 26.99
C ALA E 201 -44.92 -35.42 25.71
N LEU E 202 -45.69 -36.50 25.85
CA LEU E 202 -46.08 -37.30 24.67
C LEU E 202 -46.77 -36.38 23.65
N VAL E 203 -47.63 -35.48 24.12
CA VAL E 203 -48.37 -34.57 23.20
C VAL E 203 -47.37 -33.62 22.53
N ALA E 204 -46.45 -33.05 23.30
CA ALA E 204 -45.44 -32.11 22.75
C ALA E 204 -44.54 -32.87 21.77
N GLY E 205 -44.07 -34.06 22.17
CA GLY E 205 -43.21 -34.87 21.28
C GLY E 205 -43.98 -35.31 20.05
N SER E 206 -45.31 -35.44 20.16
CA SER E 206 -46.14 -35.88 19.02
C SER E 206 -45.95 -34.91 17.85
N THR E 207 -45.89 -33.62 18.15
CA THR E 207 -45.69 -32.60 17.08
C THR E 207 -44.24 -32.67 16.58
N LEU E 208 -43.43 -33.55 17.19
CA LEU E 208 -42.01 -33.71 16.79
C LEU E 208 -41.24 -32.41 17.09
N ALA E 209 -41.51 -31.79 18.25
CA ALA E 209 -40.79 -30.56 18.64
C ALA E 209 -39.45 -30.94 19.29
N THR E 210 -38.64 -29.95 19.64
CA THR E 210 -37.30 -30.22 20.25
C THR E 210 -37.49 -30.93 21.59
N PRO E 211 -36.53 -31.80 22.00
CA PRO E 211 -36.63 -32.48 23.29
C PRO E 211 -36.66 -31.46 24.43
N TYR E 212 -35.88 -30.38 24.30
CA TYR E 212 -35.84 -29.34 25.36
C TYR E 212 -37.24 -28.78 25.58
N SER E 213 -37.94 -28.46 24.49
CA SER E 213 -39.32 -27.91 24.59
C SER E 213 -40.21 -28.92 25.30
N VAL E 214 -40.09 -30.19 24.96
CA VAL E 214 -40.92 -31.26 25.59
C VAL E 214 -40.69 -31.23 27.10
N ILE E 215 -39.42 -31.22 27.52
CA ILE E 215 -39.07 -31.23 28.97
C ILE E 215 -39.62 -29.96 29.62
N SER E 216 -39.48 -28.82 28.94
CA SER E 216 -39.97 -27.53 29.50
C SER E 216 -41.46 -27.63 29.79
N ALA E 217 -42.23 -28.18 28.85
CA ALA E 217 -43.69 -28.34 29.05
C ALA E 217 -43.92 -29.23 30.29
N ALA E 218 -43.17 -30.32 30.41
CA ALA E 218 -43.34 -31.25 31.54
C ALA E 218 -43.10 -30.49 32.84
N ILE E 219 -42.09 -29.62 32.87
CA ILE E 219 -41.77 -28.86 34.12
C ILE E 219 -43.00 -28.05 34.55
N GLY E 220 -43.62 -27.35 33.60
CA GLY E 220 -44.82 -26.55 33.91
C GLY E 220 -45.94 -27.42 34.43
N THR E 221 -46.14 -28.59 33.81
CA THR E 221 -47.20 -29.53 34.27
C THR E 221 -46.94 -29.88 35.73
N LEU E 222 -45.68 -30.18 36.08
CA LEU E 222 -45.32 -30.51 37.48
C LEU E 222 -45.61 -29.29 38.37
N SER E 223 -45.26 -28.10 37.89
CA SER E 223 -45.42 -26.88 38.73
C SER E 223 -46.84 -26.83 39.30
N GLY E 224 -47.82 -27.29 38.50
CA GLY E 224 -49.22 -27.30 38.97
C GLY E 224 -49.33 -27.98 40.33
N PRO E 225 -50.04 -27.39 41.31
CA PRO E 225 -50.12 -27.95 42.66
C PRO E 225 -50.67 -29.38 42.63
N LEU E 226 -51.63 -29.64 41.73
CA LEU E 226 -52.25 -31.00 41.65
C LEU E 226 -51.15 -32.02 41.33
N HIS E 227 -50.19 -31.65 40.49
CA HIS E 227 -49.06 -32.57 40.17
C HIS E 227 -47.92 -32.37 41.17
N GLY E 228 -47.58 -31.12 41.47
CA GLY E 228 -46.50 -30.82 42.43
C GLY E 228 -47.04 -30.14 43.69
N GLY E 229 -47.39 -30.93 44.71
CA GLY E 229 -47.96 -30.38 45.95
C GLY E 229 -47.05 -30.66 47.15
N ALA E 230 -45.85 -31.18 46.90
CA ALA E 230 -44.90 -31.47 47.99
C ALA E 230 -44.67 -30.18 48.78
N ASN E 231 -44.41 -29.07 48.08
CA ASN E 231 -44.23 -27.77 48.75
C ASN E 231 -45.55 -27.37 49.42
N GLN E 232 -46.68 -27.71 48.79
CA GLN E 232 -48.01 -27.36 49.34
C GLN E 232 -48.28 -28.21 50.58
N ARG E 233 -47.49 -29.28 50.78
CA ARG E 233 -47.63 -30.12 51.99
C ARG E 233 -47.04 -29.38 53.19
N VAL E 234 -47.53 -28.17 53.46
CA VAL E 234 -47.01 -27.36 54.60
C VAL E 234 -47.32 -28.11 55.90
N VAL E 235 -48.36 -28.94 55.90
CA VAL E 235 -48.75 -29.73 57.10
C VAL E 235 -48.63 -28.82 58.34
N GLY E 236 -49.12 -27.57 58.21
CA GLY E 236 -49.06 -26.62 59.35
C GLY E 236 -50.16 -26.92 60.35
N MET E 237 -50.14 -28.12 60.95
CA MET E 237 -51.20 -28.52 61.90
C MET E 237 -50.55 -29.11 63.15
N LEU E 238 -51.18 -28.91 64.32
CA LEU E 238 -50.65 -29.48 65.59
C LEU E 238 -50.87 -31.01 65.58
N GLN E 239 -50.02 -31.74 66.28
CA GLN E 239 -50.14 -33.22 66.35
C GLN E 239 -51.52 -33.60 66.88
N GLU E 240 -52.09 -32.78 67.77
CA GLU E 240 -53.39 -33.13 68.41
C GLU E 240 -54.55 -32.46 67.67
N ILE E 241 -54.31 -31.84 66.51
CA ILE E 241 -55.43 -31.25 65.72
C ILE E 241 -55.59 -32.04 64.42
N GLY E 242 -55.06 -33.27 64.38
CA GLY E 242 -55.24 -34.12 63.18
C GLY E 242 -56.68 -34.60 63.06
N SER E 243 -57.30 -34.96 64.19
CA SER E 243 -58.68 -35.51 64.16
C SER E 243 -59.67 -34.49 63.56
N PRO E 244 -59.63 -33.19 63.93
CA PRO E 244 -60.50 -32.19 63.30
C PRO E 244 -60.01 -31.91 61.87
N LYS E 245 -60.07 -32.91 60.99
CA LYS E 245 -59.60 -32.73 59.60
C LYS E 245 -60.74 -32.19 58.74
N ASN E 246 -61.95 -32.12 59.31
CA ASN E 246 -63.12 -31.64 58.54
C ASN E 246 -63.16 -32.38 57.19
N VAL E 247 -63.06 -33.71 57.23
CA VAL E 247 -63.10 -34.50 55.97
C VAL E 247 -64.36 -34.10 55.19
N GLU E 248 -64.23 -33.91 53.88
CA GLU E 248 -65.38 -33.48 53.04
C GLU E 248 -66.00 -32.22 53.64
N TRP E 262 -54.22 -33.32 51.94
CA TRP E 262 -53.34 -32.99 50.78
C TRP E 262 -52.34 -34.13 50.57
N GLY E 263 -51.94 -34.36 49.31
CA GLY E 263 -50.94 -35.42 49.01
C GLY E 263 -51.39 -36.79 49.49
N MET E 264 -52.67 -37.12 49.28
CA MET E 264 -53.17 -38.46 49.67
C MET E 264 -54.12 -39.00 48.58
N GLY E 265 -54.07 -38.41 47.39
CA GLY E 265 -54.97 -38.83 46.29
C GLY E 265 -54.20 -39.23 45.04
N HIS E 266 -54.30 -40.51 44.63
CA HIS E 266 -53.64 -40.95 43.38
C HIS E 266 -54.68 -41.59 42.47
N ARG E 267 -54.79 -41.14 41.22
CA ARG E 267 -55.82 -41.66 40.29
C ARG E 267 -55.61 -43.16 40.08
N GLU E 268 -54.35 -43.59 39.93
CA GLU E 268 -54.07 -45.03 39.66
C GLU E 268 -53.96 -45.79 40.98
N TYR E 269 -53.06 -45.36 41.87
CA TYR E 269 -52.85 -46.10 43.15
C TYR E 269 -54.15 -46.13 43.95
N LYS E 270 -54.65 -47.34 44.24
CA LYS E 270 -55.86 -47.47 45.10
C LYS E 270 -55.40 -47.84 46.51
N VAL E 271 -54.08 -47.88 46.73
CA VAL E 271 -53.53 -48.23 48.07
C VAL E 271 -52.32 -47.32 48.33
N LYS E 272 -51.61 -47.52 49.44
CA LYS E 272 -50.46 -46.65 49.78
C LYS E 272 -49.43 -46.70 48.66
N ASP E 273 -48.93 -45.53 48.24
CA ASP E 273 -47.90 -45.47 47.17
C ASP E 273 -46.65 -46.20 47.66
N PRO E 274 -46.10 -47.19 46.91
CA PRO E 274 -44.88 -47.89 47.31
C PRO E 274 -43.74 -46.88 47.54
N ARG E 275 -43.66 -45.86 46.67
CA ARG E 275 -42.60 -44.82 46.82
C ARG E 275 -42.79 -44.13 48.18
N ALA E 276 -44.04 -43.85 48.55
CA ALA E 276 -44.31 -43.21 49.86
C ALA E 276 -43.76 -44.10 50.97
N THR E 277 -43.97 -45.42 50.86
CA THR E 277 -43.48 -46.36 51.89
C THR E 277 -41.96 -46.24 52.00
N ILE E 278 -41.27 -46.23 50.87
CA ILE E 278 -39.77 -46.12 50.88
C ILE E 278 -39.39 -44.81 51.55
N LEU E 279 -40.09 -43.71 51.23
CA LEU E 279 -39.76 -42.39 51.82
C LEU E 279 -39.95 -42.45 53.33
N HIS E 280 -41.00 -43.13 53.79
CA HIS E 280 -41.23 -43.27 55.25
C HIS E 280 -39.99 -43.91 55.90
N LYS E 281 -39.48 -44.97 55.29
CA LYS E 281 -38.25 -45.63 55.82
C LYS E 281 -37.11 -44.61 55.83
N LEU E 282 -36.95 -43.88 54.72
CA LEU E 282 -35.82 -42.90 54.62
C LEU E 282 -35.95 -41.84 55.71
N VAL E 283 -37.14 -41.28 55.89
CA VAL E 283 -37.31 -40.20 56.90
C VAL E 283 -37.00 -40.78 58.28
N GLU E 284 -37.47 -42.00 58.54
CA GLU E 284 -37.17 -42.67 59.84
C GLU E 284 -35.65 -42.79 59.99
N GLN E 285 -34.96 -43.19 58.92
CA GLN E 285 -33.48 -43.34 58.96
C GLN E 285 -32.84 -41.98 59.30
N LEU E 286 -33.26 -40.93 58.60
CA LEU E 286 -32.64 -39.59 58.82
C LEU E 286 -32.90 -39.14 60.26
N VAL E 287 -34.16 -39.26 60.72
CA VAL E 287 -34.51 -38.80 62.10
C VAL E 287 -33.77 -39.69 63.10
N ALA E 288 -33.62 -40.98 62.78
CA ALA E 288 -32.89 -41.91 63.67
C ALA E 288 -31.45 -41.43 63.83
N GLU E 289 -30.85 -40.94 62.74
CA GLU E 289 -29.44 -40.45 62.79
C GLU E 289 -29.46 -38.92 62.84
N LYS E 303 -40.14 -33.49 63.39
CA LYS E 303 -41.10 -32.39 63.66
C LYS E 303 -42.39 -32.65 62.86
N LEU E 304 -42.48 -32.09 61.65
CA LEU E 304 -43.67 -32.31 60.79
C LEU E 304 -43.85 -33.82 60.59
N GLU E 305 -42.76 -34.58 60.67
CA GLU E 305 -42.82 -36.05 60.47
C GLU E 305 -43.86 -36.63 61.44
N GLU E 306 -43.83 -36.18 62.70
CA GLU E 306 -44.76 -36.73 63.72
C GLU E 306 -46.19 -36.43 63.30
N VAL E 307 -46.48 -35.19 62.91
CA VAL E 307 -47.85 -34.80 62.49
C VAL E 307 -48.24 -35.65 61.28
N CYS E 308 -47.33 -35.80 60.33
CA CYS E 308 -47.61 -36.62 59.12
C CYS E 308 -47.81 -38.08 59.54
N ALA E 309 -46.93 -38.60 60.40
CA ALA E 309 -47.06 -39.98 60.89
C ALA E 309 -48.39 -40.11 61.63
N ASP E 310 -48.97 -38.97 62.05
CA ASP E 310 -50.25 -38.99 62.80
C ASP E 310 -51.42 -38.96 61.81
N ARG E 311 -51.13 -39.15 60.52
CA ARG E 311 -52.22 -39.21 59.51
C ARG E 311 -53.28 -40.19 60.03
N LEU E 312 -54.56 -39.83 59.92
CA LEU E 312 -55.65 -40.70 60.47
C LEU E 312 -55.74 -41.99 59.65
N GLY E 313 -54.93 -42.13 58.61
CA GLY E 313 -54.94 -43.34 57.77
C GLY E 313 -56.34 -43.66 57.29
N HIS E 314 -56.93 -42.76 56.51
CA HIS E 314 -58.32 -42.95 56.01
C HIS E 314 -58.45 -44.33 55.37
N LYS E 315 -59.56 -45.02 55.63
CA LYS E 315 -59.77 -46.38 55.07
C LYS E 315 -59.93 -46.28 53.55
N GLY E 316 -60.71 -45.30 53.08
CA GLY E 316 -60.97 -45.17 51.63
C GLY E 316 -59.72 -44.87 50.82
N VAL E 317 -58.87 -43.95 51.29
CA VAL E 317 -57.68 -43.53 50.48
C VAL E 317 -56.44 -43.49 51.37
N TYR E 318 -55.25 -43.44 50.76
CA TYR E 318 -53.99 -43.47 51.56
C TYR E 318 -53.04 -42.42 51.01
N PRO E 319 -51.98 -42.02 51.76
CA PRO E 319 -51.08 -40.94 51.32
C PRO E 319 -50.29 -41.26 50.04
N ASN E 320 -49.88 -40.21 49.30
CA ASN E 320 -49.08 -40.40 48.07
C ASN E 320 -47.60 -40.41 48.44
N VAL E 321 -46.71 -40.55 47.46
CA VAL E 321 -45.25 -40.54 47.72
C VAL E 321 -44.86 -39.18 48.32
N ASP E 322 -45.44 -38.09 47.78
CA ASP E 322 -45.06 -36.73 48.24
C ASP E 322 -45.24 -36.63 49.75
N PHE E 323 -46.18 -37.39 50.32
CA PHE E 323 -46.48 -37.29 51.77
C PHE E 323 -45.21 -37.08 52.59
N TYR E 324 -44.18 -37.90 52.37
CA TYR E 324 -42.93 -37.79 53.18
C TYR E 324 -41.84 -37.07 52.38
N SER E 325 -42.10 -36.78 51.10
CA SER E 325 -41.06 -36.16 50.25
C SER E 325 -40.54 -34.87 50.89
N GLY E 326 -41.45 -33.97 51.25
CA GLY E 326 -41.03 -32.68 51.84
C GLY E 326 -40.27 -32.88 53.14
N ILE E 327 -40.77 -33.77 53.99
CA ILE E 327 -40.11 -34.03 55.30
C ILE E 327 -38.67 -34.49 55.02
N LEU E 328 -38.52 -35.46 54.11
CA LEU E 328 -37.17 -35.98 53.79
C LEU E 328 -36.31 -34.83 53.25
N TYR E 329 -36.85 -34.06 52.30
CA TYR E 329 -36.08 -32.95 51.69
C TYR E 329 -35.69 -31.95 52.78
N SER E 330 -36.64 -31.59 53.64
CA SER E 330 -36.36 -30.60 54.71
C SER E 330 -35.25 -31.13 55.61
N GLU E 331 -35.32 -32.42 55.96
CA GLU E 331 -34.28 -33.04 56.81
C GLU E 331 -32.93 -32.94 56.08
N MET E 332 -32.94 -33.14 54.75
CA MET E 332 -31.68 -33.08 53.96
C MET E 332 -31.22 -31.62 53.84
N GLY E 333 -32.09 -30.66 54.18
CA GLY E 333 -31.70 -29.24 54.16
C GLY E 333 -32.20 -28.51 52.92
N ILE E 334 -32.82 -29.24 51.98
CA ILE E 334 -33.31 -28.62 50.72
C ILE E 334 -34.43 -27.64 51.06
N PRO E 335 -34.45 -26.42 50.48
CA PRO E 335 -35.55 -25.47 50.71
C PRO E 335 -36.85 -26.00 50.07
N GLU E 336 -38.00 -25.74 50.70
CA GLU E 336 -39.29 -26.26 50.18
C GLU E 336 -39.50 -25.80 48.75
N ASP E 337 -39.00 -24.61 48.41
CA ASP E 337 -39.21 -24.04 47.05
C ASP E 337 -38.69 -25.02 46.00
N GLU E 338 -37.59 -25.72 46.29
CA GLU E 338 -36.96 -26.61 45.28
C GLU E 338 -37.54 -28.03 45.36
N PHE E 339 -38.45 -28.29 46.31
CA PHE E 339 -38.96 -29.67 46.50
C PHE E 339 -39.48 -30.22 45.17
N THR E 340 -40.41 -29.50 44.53
CA THR E 340 -40.98 -29.94 43.24
C THR E 340 -39.87 -29.95 42.18
N ALA E 341 -38.93 -29.00 42.28
CA ALA E 341 -37.82 -28.92 41.31
C ALA E 341 -37.01 -30.22 41.34
N LEU E 342 -36.75 -30.73 42.55
CA LEU E 342 -35.98 -31.99 42.69
C LEU E 342 -36.77 -33.11 42.00
N PHE E 343 -38.09 -33.14 42.21
CA PHE E 343 -38.95 -34.15 41.55
C PHE E 343 -38.77 -34.05 40.04
N ALA E 344 -38.65 -32.82 39.53
CA ALA E 344 -38.47 -32.60 38.08
C ALA E 344 -37.16 -33.25 37.62
N VAL E 345 -36.09 -33.08 38.40
CA VAL E 345 -34.77 -33.65 38.02
C VAL E 345 -34.92 -35.16 37.83
N ALA E 346 -35.64 -35.82 38.75
CA ALA E 346 -35.79 -37.29 38.68
C ALA E 346 -36.71 -37.68 37.50
N ARG E 347 -37.85 -37.02 37.36
CA ARG E 347 -38.83 -37.40 36.30
C ARG E 347 -38.22 -37.15 34.92
N SER E 348 -37.14 -36.38 34.85
CA SER E 348 -36.52 -36.05 33.55
C SER E 348 -36.18 -37.36 32.82
N ALA E 349 -35.63 -38.33 33.54
CA ALA E 349 -35.25 -39.63 32.92
C ALA E 349 -36.49 -40.25 32.29
N GLY E 350 -37.57 -40.38 33.05
CA GLY E 350 -38.81 -40.99 32.54
C GLY E 350 -39.33 -40.22 31.33
N TRP E 351 -39.36 -38.90 31.42
CA TRP E 351 -39.89 -38.07 30.29
C TRP E 351 -39.12 -38.39 29.02
N LEU E 352 -37.80 -38.23 29.04
CA LEU E 352 -36.98 -38.45 27.82
C LEU E 352 -37.11 -39.92 27.37
N ALA E 353 -37.26 -40.84 28.33
CA ALA E 353 -37.46 -42.26 27.96
C ALA E 353 -38.75 -42.38 27.13
N HIS E 354 -39.85 -41.79 27.63
CA HIS E 354 -41.12 -41.80 26.88
C HIS E 354 -40.93 -41.04 25.57
N TRP E 355 -40.12 -39.97 25.60
CA TRP E 355 -39.87 -39.16 24.38
C TRP E 355 -39.24 -40.07 23.31
N ARG E 356 -38.28 -40.91 23.71
CA ARG E 356 -37.65 -41.85 22.75
C ARG E 356 -38.69 -42.86 22.28
N GLU E 357 -39.60 -43.27 23.17
CA GLU E 357 -40.67 -44.22 22.79
C GLU E 357 -41.63 -43.53 21.82
N GLN E 358 -41.69 -42.19 21.87
CA GLN E 358 -42.62 -41.43 21.00
C GLN E 358 -41.98 -41.16 19.64
N ILE E 359 -40.74 -41.59 19.43
CA ILE E 359 -40.11 -41.42 18.09
C ILE E 359 -41.07 -42.03 17.07
N SER E 360 -41.57 -43.24 17.34
CA SER E 360 -42.56 -43.88 16.45
C SER E 360 -43.95 -43.43 16.89
N ASP E 361 -44.13 -42.14 17.15
CA ASP E 361 -45.44 -41.64 17.66
C ASP E 361 -46.55 -42.08 16.70
N ASN E 362 -46.39 -41.80 15.41
CA ASN E 362 -47.47 -42.13 14.44
C ASN E 362 -48.76 -41.52 14.99
N ARG E 363 -48.66 -40.49 15.82
CA ARG E 363 -49.85 -39.85 16.43
C ARG E 363 -49.50 -38.42 16.84
N ILE E 364 -50.30 -37.44 16.39
CA ILE E 364 -50.07 -36.02 16.80
C ILE E 364 -50.96 -35.73 18.00
N TYR E 365 -51.59 -36.76 18.57
CA TYR E 365 -52.45 -36.59 19.76
C TYR E 365 -53.53 -35.54 19.48
N ARG E 366 -54.30 -35.72 18.39
CA ARG E 366 -55.43 -34.81 18.12
C ARG E 366 -56.72 -35.49 18.59
N PRO E 367 -57.18 -35.27 19.83
CA PRO E 367 -58.35 -35.96 20.37
C PRO E 367 -59.63 -35.12 20.29
N THR E 368 -60.32 -35.17 19.16
CA THR E 368 -61.57 -34.36 18.99
C THR E 368 -62.52 -34.67 20.14
N GLN E 369 -63.14 -33.64 20.72
CA GLN E 369 -64.04 -33.84 21.89
C GLN E 369 -65.26 -32.92 21.77
N ILE E 370 -66.24 -33.07 22.66
CA ILE E 370 -67.49 -32.25 22.58
C ILE E 370 -67.77 -31.60 23.95
N TYR E 371 -66.74 -31.45 24.79
CA TYR E 371 -66.94 -30.86 26.14
C TYR E 371 -66.39 -29.43 26.17
N VAL E 372 -66.45 -28.74 25.02
CA VAL E 372 -65.89 -27.36 24.94
C VAL E 372 -66.97 -26.40 24.43
N GLY E 373 -67.00 -25.17 24.95
CA GLY E 373 -67.98 -24.16 24.48
C GLY E 373 -67.46 -23.44 23.25
N SER E 374 -66.27 -23.82 22.77
CA SER E 374 -65.67 -23.17 21.58
C SER E 374 -65.33 -24.26 20.56
N ASP E 375 -66.25 -25.18 20.31
CA ASP E 375 -66.00 -26.32 19.39
C ASP E 375 -65.98 -25.83 17.93
N GLU F 24 28.01 -8.20 -27.08
CA GLU F 24 28.50 -7.70 -28.39
C GLU F 24 28.26 -6.18 -28.45
N LYS F 25 27.48 -5.64 -27.53
CA LYS F 25 27.15 -4.19 -27.64
C LYS F 25 27.10 -3.49 -26.27
N GLY F 26 28.11 -3.67 -25.43
CA GLY F 26 28.17 -2.85 -24.20
C GLY F 26 28.64 -1.48 -24.67
N ILE F 27 27.92 -0.89 -25.62
CA ILE F 27 28.38 0.35 -26.30
C ILE F 27 27.80 1.62 -25.66
N LEU F 28 28.38 2.78 -26.00
CA LEU F 28 27.85 4.09 -25.52
C LEU F 28 27.24 3.93 -24.13
N SER F 29 28.01 3.43 -23.16
CA SER F 29 27.39 3.16 -21.83
C SER F 29 28.06 3.96 -20.72
N TYR F 30 27.78 5.26 -20.64
CA TYR F 30 28.33 6.08 -19.52
C TYR F 30 27.19 6.46 -18.57
N ARG F 31 27.15 5.85 -17.39
CA ARG F 31 26.12 6.21 -16.39
C ARG F 31 24.73 6.24 -17.04
N GLY F 32 24.46 5.30 -17.94
CA GLY F 32 23.13 5.24 -18.57
C GLY F 32 22.94 6.35 -19.59
N TYR F 33 24.03 6.92 -20.07
CA TYR F 33 23.93 7.96 -21.11
C TYR F 33 24.79 7.55 -22.32
N PRO F 34 24.24 7.54 -23.54
CA PRO F 34 24.96 7.09 -24.73
C PRO F 34 26.14 8.03 -25.04
N LEU F 35 27.16 7.52 -25.73
CA LEU F 35 28.38 8.33 -26.01
C LEU F 35 28.05 9.53 -26.89
N GLU F 36 27.34 9.32 -27.98
CA GLU F 36 27.09 10.44 -28.94
C GLU F 36 26.45 11.61 -28.20
N THR F 37 25.47 11.35 -27.33
CA THR F 37 24.79 12.44 -26.61
C THR F 37 25.83 13.28 -25.88
N LEU F 38 26.93 12.65 -25.46
CA LEU F 38 27.99 13.37 -24.71
C LEU F 38 29.06 13.85 -25.69
N ALA F 39 29.36 13.04 -26.72
CA ALA F 39 30.39 13.43 -27.70
C ALA F 39 30.21 14.91 -27.96
N GLU F 40 28.96 15.35 -28.08
CA GLU F 40 28.70 16.80 -28.22
C GLU F 40 27.77 17.18 -27.07
N ASN F 41 27.73 18.46 -26.70
CA ASN F 41 26.85 18.92 -25.58
C ASN F 41 27.53 18.61 -24.25
N SER F 42 28.74 18.05 -24.28
CA SER F 42 29.42 17.66 -23.01
C SER F 42 30.94 17.85 -23.14
N THR F 43 31.65 17.76 -22.02
CA THR F 43 33.12 17.92 -22.01
C THR F 43 33.74 16.82 -21.15
N PHE F 44 35.06 16.66 -21.21
CA PHE F 44 35.75 15.66 -20.35
C PHE F 44 35.34 15.92 -18.90
N GLU F 45 35.30 17.19 -18.52
CA GLU F 45 34.92 17.54 -17.12
C GLU F 45 33.52 17.00 -16.84
N GLU F 46 32.56 17.31 -17.70
CA GLU F 46 31.16 16.88 -17.46
C GLU F 46 31.11 15.35 -17.48
N THR F 47 31.66 14.73 -18.52
CA THR F 47 31.65 13.26 -18.63
C THR F 47 32.34 12.69 -17.39
N THR F 48 33.43 13.32 -16.96
CA THR F 48 34.20 12.81 -15.80
C THR F 48 33.29 12.81 -14.58
N LEU F 49 32.67 13.94 -14.28
CA LEU F 49 31.82 14.04 -13.06
C LEU F 49 30.70 13.01 -13.18
N LEU F 50 30.12 12.88 -14.38
CA LEU F 50 29.02 11.91 -14.58
C LEU F 50 29.56 10.51 -14.25
N LEU F 51 30.70 10.14 -14.83
CA LEU F 51 31.28 8.80 -14.58
C LEU F 51 31.51 8.64 -13.08
N LEU F 52 31.79 9.74 -12.38
CA LEU F 52 32.10 9.65 -10.93
C LEU F 52 30.79 9.66 -10.13
N ASP F 53 30.09 10.80 -10.12
CA ASP F 53 28.84 10.91 -9.31
C ASP F 53 27.82 9.88 -9.81
N GLY F 54 27.65 9.77 -11.13
CA GLY F 54 26.66 8.84 -11.69
C GLY F 54 25.50 9.57 -12.34
N GLU F 55 25.47 10.91 -12.22
CA GLU F 55 24.37 11.72 -12.80
C GLU F 55 24.95 13.04 -13.34
N LEU F 56 24.33 13.62 -14.37
CA LEU F 56 24.79 14.94 -14.86
C LEU F 56 24.76 15.90 -13.69
N PRO F 57 25.85 16.64 -13.39
CA PRO F 57 25.90 17.50 -12.21
C PRO F 57 25.34 18.91 -12.40
N THR F 58 25.07 19.61 -11.29
CA THR F 58 24.52 20.99 -11.36
C THR F 58 25.61 21.95 -11.82
N LYS F 59 25.22 23.12 -12.33
CA LYS F 59 26.21 24.12 -12.78
C LYS F 59 27.21 24.36 -11.65
N LYS F 60 26.71 24.50 -10.43
CA LYS F 60 27.59 24.73 -9.25
C LYS F 60 28.58 23.57 -9.16
N ALA F 61 28.08 22.34 -9.20
CA ALA F 61 28.97 21.16 -9.05
C ALA F 61 30.05 21.20 -10.13
N LEU F 62 29.64 21.43 -11.39
CA LEU F 62 30.61 21.42 -12.51
C LEU F 62 31.63 22.53 -12.30
N ASN F 63 31.16 23.76 -12.07
CA ASN F 63 32.09 24.92 -11.94
C ASN F 63 33.06 24.66 -10.77
N ASP F 64 32.53 24.19 -9.64
CA ASP F 64 33.40 23.95 -8.45
C ASP F 64 34.44 22.89 -8.79
N PHE F 65 34.00 21.74 -9.29
CA PHE F 65 34.93 20.65 -9.64
C PHE F 65 35.91 21.17 -10.69
N SER F 66 35.41 21.96 -11.64
CA SER F 66 36.28 22.51 -12.70
C SER F 66 37.37 23.37 -12.06
N GLN F 67 36.97 24.30 -11.19
CA GLN F 67 37.96 25.18 -10.52
C GLN F 67 38.90 24.31 -9.68
N GLN F 68 38.35 23.29 -9.01
CA GLN F 68 39.18 22.43 -8.13
C GLN F 68 40.16 21.66 -9.02
N LEU F 69 39.69 21.16 -10.16
CA LEU F 69 40.59 20.45 -11.11
C LEU F 69 41.64 21.46 -11.57
N LYS F 70 41.20 22.69 -11.86
CA LYS F 70 42.14 23.72 -12.36
C LYS F 70 43.13 24.10 -11.27
N ASP F 71 42.68 24.22 -10.02
CA ASP F 71 43.58 24.70 -8.93
C ASP F 71 44.46 23.55 -8.42
N ASN F 72 44.47 22.42 -9.12
CA ASN F 72 45.36 21.30 -8.72
C ASN F 72 46.28 20.95 -9.90
N TYR F 73 46.22 21.73 -10.99
CA TYR F 73 47.08 21.49 -12.15
C TYR F 73 48.55 21.62 -11.75
N ARG F 74 48.83 22.44 -10.73
CA ARG F 74 50.23 22.70 -10.32
C ARG F 74 50.98 21.39 -10.11
N ILE F 75 52.27 21.37 -10.46
CA ILE F 75 53.12 20.15 -10.23
C ILE F 75 54.22 20.53 -9.25
N LYS F 76 54.32 19.79 -8.13
CA LYS F 76 55.34 20.12 -7.10
C LYS F 76 56.71 20.17 -7.76
N TYR F 77 57.54 21.13 -7.38
CA TYR F 77 58.86 21.29 -8.04
C TYR F 77 59.64 19.98 -7.96
N HIS F 78 59.51 19.27 -6.84
CA HIS F 78 60.32 18.04 -6.68
C HIS F 78 60.14 17.16 -7.92
N ILE F 79 58.91 16.99 -8.38
CA ILE F 79 58.64 16.08 -9.52
C ILE F 79 59.45 16.56 -10.73
N ARG F 80 59.39 17.85 -11.02
CA ARG F 80 60.10 18.39 -12.21
C ARG F 80 61.59 18.03 -12.10
N GLN F 81 62.17 18.21 -10.92
CA GLN F 81 63.62 17.95 -10.75
C GLN F 81 63.90 16.47 -11.04
N MET F 82 63.06 15.58 -10.51
CA MET F 82 63.26 14.13 -10.74
C MET F 82 63.32 13.88 -12.25
N MET F 83 62.37 14.44 -12.99
CA MET F 83 62.32 14.18 -14.45
C MET F 83 63.63 14.68 -15.05
N ARG F 84 64.11 15.84 -14.59
CA ARG F 84 65.34 16.43 -15.18
C ARG F 84 66.52 15.49 -14.94
N HIS F 85 66.42 14.62 -13.94
CA HIS F 85 67.56 13.73 -13.60
C HIS F 85 67.50 12.43 -14.42
N PHE F 86 66.41 12.18 -15.14
CA PHE F 86 66.27 10.87 -15.86
C PHE F 86 66.70 10.99 -17.31
N PRO F 87 66.99 9.87 -18.01
CA PRO F 87 67.51 9.92 -19.39
C PRO F 87 66.46 10.33 -20.43
N HIS F 88 66.91 10.94 -21.53
CA HIS F 88 65.97 11.40 -22.59
C HIS F 88 65.36 10.19 -23.29
N THR F 89 66.06 9.06 -23.28
CA THR F 89 65.57 7.85 -23.99
C THR F 89 64.36 7.29 -23.25
N GLY F 90 63.96 7.90 -22.14
CA GLY F 90 62.84 7.37 -21.34
C GLY F 90 61.55 7.32 -22.13
N HIS F 91 60.70 6.32 -21.84
CA HIS F 91 59.38 6.22 -22.52
C HIS F 91 58.37 7.03 -21.74
N PRO F 92 57.56 7.90 -22.39
CA PRO F 92 56.64 8.78 -21.67
C PRO F 92 55.77 8.03 -20.66
N MET F 93 55.25 6.87 -21.03
CA MET F 93 54.32 6.13 -20.13
C MET F 93 55.05 5.72 -18.86
N ASP F 94 56.29 5.25 -18.98
CA ASP F 94 57.03 4.78 -17.80
C ASP F 94 57.16 5.92 -16.80
N MET F 95 57.49 7.13 -17.27
CA MET F 95 57.62 8.30 -16.37
C MET F 95 56.25 8.58 -15.74
N LEU F 96 55.20 8.51 -16.55
CA LEU F 96 53.83 8.77 -16.04
C LEU F 96 53.60 7.87 -14.82
N GLN F 97 53.94 6.58 -14.94
CA GLN F 97 53.76 5.63 -13.82
C GLN F 97 54.65 6.07 -12.65
N THR F 98 55.92 6.33 -12.92
CA THR F 98 56.87 6.73 -11.85
C THR F 98 56.35 7.98 -11.15
N ALA F 99 55.91 8.97 -11.92
CA ALA F 99 55.46 10.25 -11.33
C ALA F 99 54.25 10.03 -10.44
N VAL F 100 53.25 9.29 -10.93
CA VAL F 100 52.00 9.14 -10.14
C VAL F 100 52.36 8.51 -8.80
N SER F 101 53.17 7.45 -8.82
CA SER F 101 53.59 6.81 -7.56
C SER F 101 54.28 7.84 -6.67
N SER F 102 55.23 8.58 -7.24
CA SER F 102 56.00 9.59 -6.45
C SER F 102 55.03 10.60 -5.84
N LEU F 103 54.07 11.08 -6.64
CA LEU F 103 53.11 12.10 -6.14
C LEU F 103 52.47 11.60 -4.84
N GLY F 104 52.33 10.28 -4.71
CA GLY F 104 51.69 9.71 -3.51
C GLY F 104 52.46 10.04 -2.24
N MET F 105 53.78 10.21 -2.36
CA MET F 105 54.63 10.50 -1.18
C MET F 105 54.41 11.96 -0.74
N PHE F 106 53.25 12.52 -1.07
CA PHE F 106 52.92 13.90 -0.66
C PHE F 106 51.49 13.95 -0.11
N TYR F 107 50.91 12.77 0.15
CA TYR F 107 49.51 12.71 0.64
C TYR F 107 49.35 11.52 1.60
N PRO F 108 48.28 11.47 2.44
CA PRO F 108 48.13 10.41 3.44
C PRO F 108 47.36 9.17 2.96
N GLY F 109 48.08 8.10 2.63
CA GLY F 109 47.42 6.87 2.12
C GLY F 109 46.97 5.94 3.23
N THR F 110 45.97 6.35 4.02
CA THR F 110 45.40 5.47 5.07
C THR F 110 43.88 5.54 5.03
N GLU F 111 43.27 5.01 3.97
CA GLU F 111 41.79 5.03 3.82
C GLU F 111 41.17 4.17 4.93
N CYS F 112 41.86 3.09 5.32
CA CYS F 112 41.32 2.16 6.35
C CYS F 112 41.03 2.93 7.64
N LEU F 113 41.88 3.90 7.99
CA LEU F 113 41.69 4.67 9.24
C LEU F 113 41.68 3.71 10.43
N CYS F 119 40.16 10.07 11.79
CA CYS F 119 41.61 9.82 11.57
C CYS F 119 42.08 10.56 10.32
N GLU F 120 41.42 10.32 9.19
CA GLU F 120 41.80 10.98 7.91
C GLU F 120 41.71 12.49 8.10
N ASP F 121 42.70 13.23 7.58
CA ASP F 121 42.73 14.70 7.77
C ASP F 121 41.45 15.31 7.16
N LEU F 122 41.08 14.88 5.95
CA LEU F 122 39.89 15.46 5.26
C LEU F 122 39.28 14.42 4.32
N ASP F 123 38.56 14.87 3.29
CA ASP F 123 37.94 13.94 2.32
C ASP F 123 39.04 13.40 1.39
N TYR F 124 39.71 12.33 1.81
CA TYR F 124 40.84 11.78 1.00
C TYR F 124 40.32 11.46 -0.40
N VAL F 125 39.13 10.87 -0.49
CA VAL F 125 38.53 10.55 -1.81
C VAL F 125 38.15 11.86 -2.50
N ARG F 126 38.00 11.83 -3.83
CA ARG F 126 37.62 13.04 -4.61
C ARG F 126 38.81 14.01 -4.65
N ASN F 127 39.29 14.45 -3.50
CA ASN F 127 40.43 15.40 -3.44
C ASN F 127 41.63 14.75 -4.16
N MET F 128 41.98 13.53 -3.77
CA MET F 128 43.09 12.81 -4.46
C MET F 128 42.66 12.56 -5.91
N THR F 129 41.39 12.17 -6.12
CA THR F 129 40.89 11.89 -7.48
C THR F 129 41.07 13.13 -8.36
N VAL F 130 40.58 14.28 -7.89
CA VAL F 130 40.67 15.52 -8.72
C VAL F 130 42.13 15.85 -8.95
N ASN F 131 42.96 15.71 -7.91
CA ASN F 131 44.41 16.02 -8.03
C ASN F 131 45.02 15.15 -9.13
N ILE F 132 44.75 13.84 -9.08
CA ILE F 132 45.36 12.91 -10.07
C ILE F 132 44.93 13.33 -11.48
N ILE F 133 43.62 13.49 -11.69
CA ILE F 133 43.11 13.84 -13.05
C ILE F 133 43.69 15.18 -13.48
N ALA F 134 43.79 16.14 -12.55
CA ALA F 134 44.27 17.49 -12.89
C ALA F 134 45.72 17.43 -13.37
N GLN F 135 46.57 16.64 -12.72
CA GLN F 135 48.01 16.63 -13.07
C GLN F 135 48.29 15.67 -14.23
N MET F 136 47.37 14.73 -14.50
CA MET F 136 47.63 13.73 -15.56
C MET F 136 48.25 14.42 -16.78
N ALA F 137 47.57 15.43 -17.33
CA ALA F 137 48.07 16.08 -18.56
C ALA F 137 49.34 16.86 -18.25
N PRO F 138 49.34 17.80 -17.28
CA PRO F 138 50.50 18.63 -17.01
C PRO F 138 51.82 17.84 -16.97
N LEU F 139 51.86 16.78 -16.19
CA LEU F 139 53.13 16.03 -16.02
C LEU F 139 53.56 15.42 -17.37
N VAL F 140 52.59 14.98 -18.17
CA VAL F 140 52.91 14.35 -19.49
C VAL F 140 53.64 15.40 -20.34
N ALA F 141 53.09 16.61 -20.42
CA ALA F 141 53.73 17.69 -21.20
C ALA F 141 55.10 17.99 -20.60
N MET F 142 55.21 17.92 -19.27
CA MET F 142 56.48 18.25 -18.59
C MET F 142 57.58 17.35 -19.18
N TRP F 143 57.32 16.05 -19.27
CA TRP F 143 58.34 15.12 -19.81
C TRP F 143 58.60 15.46 -21.27
N GLU F 144 57.54 15.60 -22.07
CA GLU F 144 57.73 15.87 -23.52
C GLU F 144 58.77 16.98 -23.68
N HIS F 145 58.67 18.04 -22.88
CA HIS F 145 59.59 19.19 -23.06
C HIS F 145 60.92 18.90 -22.35
N ILE F 146 60.86 18.35 -21.14
CA ILE F 146 62.10 18.11 -20.36
C ILE F 146 62.97 17.08 -21.09
N ARG F 147 62.34 16.07 -21.69
CA ARG F 147 63.12 14.98 -22.34
C ARG F 147 63.96 15.57 -23.49
N ASN F 148 63.43 16.55 -24.20
CA ASN F 148 64.15 17.15 -25.35
C ASN F 148 65.07 18.25 -24.82
N GLY F 149 65.19 18.36 -23.49
CA GLY F 149 66.10 19.35 -22.88
C GLY F 149 65.49 20.72 -22.78
N TRP F 150 64.15 20.81 -22.76
CA TRP F 150 63.47 22.13 -22.73
C TRP F 150 62.74 22.32 -21.41
N ASP F 151 62.57 23.56 -20.96
CA ASP F 151 61.87 23.83 -19.68
C ASP F 151 60.38 23.57 -19.87
N PRO F 152 59.65 23.12 -18.83
CA PRO F 152 58.24 22.78 -18.97
C PRO F 152 57.39 24.01 -19.27
N VAL F 153 56.22 23.81 -19.88
CA VAL F 153 55.29 24.94 -20.15
C VAL F 153 54.22 24.94 -19.05
N ASN F 154 54.34 25.86 -18.10
CA ASN F 154 53.39 25.90 -16.95
C ASN F 154 51.96 25.99 -17.49
N PRO F 155 50.99 25.28 -16.89
CA PRO F 155 49.61 25.33 -17.34
C PRO F 155 48.91 26.63 -16.94
N LYS F 156 47.76 26.92 -17.54
CA LYS F 156 46.98 28.13 -17.17
C LYS F 156 45.71 27.70 -16.44
N HIS F 157 45.43 28.30 -15.28
CA HIS F 157 44.24 27.91 -14.48
C HIS F 157 42.97 28.21 -15.26
N ASP F 158 43.00 29.22 -16.13
CA ASP F 158 41.77 29.63 -16.85
C ASP F 158 41.53 28.71 -18.05
N LEU F 159 42.39 27.72 -18.27
CA LEU F 159 42.24 26.86 -19.47
C LEU F 159 41.68 25.49 -19.08
N SER F 160 41.05 24.79 -20.02
CA SER F 160 40.47 23.45 -19.75
C SER F 160 41.56 22.39 -19.95
N VAL F 161 41.27 21.14 -19.58
CA VAL F 161 42.30 20.07 -19.67
C VAL F 161 42.80 20.01 -21.11
N ALA F 162 41.88 19.92 -22.07
CA ALA F 162 42.28 19.81 -23.49
C ALA F 162 43.02 21.08 -23.89
N GLU F 163 42.47 22.24 -23.51
CA GLU F 163 43.11 23.51 -23.88
C GLU F 163 44.54 23.49 -23.35
N ASN F 164 44.69 23.12 -22.07
CA ASN F 164 46.05 23.08 -21.46
C ASN F 164 46.91 22.09 -22.24
N LEU F 165 46.37 20.90 -22.52
CA LEU F 165 47.18 19.87 -23.20
C LEU F 165 47.78 20.49 -24.46
N LEU F 166 46.93 21.03 -25.34
CA LEU F 166 47.43 21.57 -26.62
C LEU F 166 48.35 22.76 -26.34
N TYR F 167 47.95 23.64 -25.44
CA TYR F 167 48.77 24.85 -25.15
C TYR F 167 50.11 24.41 -24.60
N MET F 168 50.11 23.51 -23.60
CA MET F 168 51.37 23.10 -22.95
C MET F 168 52.25 22.38 -23.98
N PHE F 169 51.65 21.48 -24.75
CA PHE F 169 52.42 20.71 -25.75
C PHE F 169 52.83 21.63 -26.90
N ASN F 170 51.89 22.41 -27.42
CA ASN F 170 52.18 23.25 -28.61
C ASN F 170 52.73 24.61 -28.17
N GLY F 171 52.75 24.88 -26.86
CA GLY F 171 53.33 26.14 -26.36
C GLY F 171 52.48 27.33 -26.74
N GLU F 172 51.25 27.10 -27.18
CA GLU F 172 50.34 28.20 -27.58
C GLU F 172 48.89 27.73 -27.46
N GLU F 173 47.97 28.66 -27.16
CA GLU F 173 46.53 28.29 -27.05
C GLU F 173 46.07 27.75 -28.40
N PRO F 174 45.22 26.71 -28.45
CA PRO F 174 44.82 26.10 -29.71
C PRO F 174 43.56 26.73 -30.32
N ASP F 175 43.39 26.58 -31.64
CA ASP F 175 42.14 27.07 -32.28
C ASP F 175 40.99 26.30 -31.66
N PRO F 176 39.86 26.94 -31.30
CA PRO F 176 38.78 26.23 -30.61
C PRO F 176 38.54 24.87 -31.28
N LEU F 177 38.66 24.81 -32.60
CA LEU F 177 38.35 23.55 -33.32
C LEU F 177 39.16 22.39 -32.73
N MET F 178 40.50 22.45 -32.86
CA MET F 178 41.35 21.33 -32.38
C MET F 178 41.02 21.05 -30.91
N ALA F 179 40.84 22.11 -30.12
CA ALA F 179 40.56 21.93 -28.67
C ALA F 179 39.29 21.10 -28.50
N LYS F 180 38.25 21.43 -29.26
CA LYS F 180 36.95 20.69 -29.17
C LYS F 180 37.21 19.21 -29.49
N ILE F 181 37.98 18.94 -30.55
CA ILE F 181 38.22 17.53 -30.98
C ILE F 181 38.95 16.80 -29.85
N MET F 182 39.96 17.43 -29.25
CA MET F 182 40.72 16.80 -28.16
C MET F 182 39.76 16.49 -27.01
N ASP F 183 38.87 17.43 -26.69
CA ASP F 183 37.93 17.24 -25.56
C ASP F 183 37.09 15.99 -25.82
N VAL F 184 36.44 15.90 -26.97
CA VAL F 184 35.55 14.74 -27.27
C VAL F 184 36.43 13.48 -27.33
N CYS F 185 37.64 13.61 -27.87
CA CYS F 185 38.56 12.44 -27.98
C CYS F 185 38.82 11.89 -26.58
N LEU F 186 39.08 12.77 -25.61
CA LEU F 186 39.31 12.33 -24.21
C LEU F 186 38.06 11.61 -23.71
N ILE F 187 36.88 12.14 -24.04
CA ILE F 187 35.60 11.52 -23.60
C ILE F 187 35.51 10.09 -24.15
N LEU F 188 35.92 9.90 -25.40
CA LEU F 188 35.86 8.56 -26.04
C LEU F 188 36.78 7.58 -25.29
N HIS F 189 37.96 8.05 -24.88
CA HIS F 189 38.94 7.17 -24.19
C HIS F 189 38.69 7.17 -22.68
N ALA F 190 37.64 7.84 -22.23
CA ALA F 190 37.41 7.98 -20.76
C ALA F 190 37.25 6.62 -20.09
N GLU F 191 36.30 5.79 -20.52
CA GLU F 191 36.04 4.50 -19.83
C GLU F 191 35.57 3.46 -20.84
N HIS F 192 35.96 2.19 -20.64
CA HIS F 192 35.51 1.10 -21.56
C HIS F 192 35.29 -0.18 -20.75
N THR F 193 34.23 -0.21 -19.93
CA THR F 193 33.88 -1.42 -19.15
C THR F 193 35.10 -1.94 -18.38
N LEU F 194 35.24 -3.27 -18.29
CA LEU F 194 36.35 -3.86 -17.48
C LEU F 194 37.59 -4.06 -18.36
N ASN F 195 38.26 -2.98 -18.75
CA ASN F 195 39.53 -3.12 -19.51
C ASN F 195 40.60 -3.61 -18.53
N ALA F 196 41.63 -4.28 -19.03
CA ALA F 196 42.66 -4.86 -18.14
C ALA F 196 43.16 -3.78 -17.18
N SER F 197 43.44 -2.58 -17.69
CA SER F 197 43.96 -1.48 -16.83
C SER F 197 42.93 -1.15 -15.73
N THR F 198 41.66 -0.96 -16.12
CA THR F 198 40.60 -0.65 -15.13
C THR F 198 40.51 -1.78 -14.11
N PHE F 199 40.55 -3.03 -14.58
CA PHE F 199 40.44 -4.20 -13.67
C PHE F 199 41.62 -4.20 -12.70
N ALA F 200 42.82 -3.87 -13.21
CA ALA F 200 44.03 -3.85 -12.34
C ALA F 200 43.79 -2.87 -11.20
N ALA F 201 43.20 -1.72 -11.51
CA ALA F 201 42.90 -0.71 -10.47
C ALA F 201 42.02 -1.35 -9.40
N LEU F 202 40.98 -2.09 -9.82
CA LEU F 202 40.05 -2.73 -8.87
C LEU F 202 40.85 -3.70 -7.97
N VAL F 203 41.75 -4.48 -8.58
CA VAL F 203 42.54 -5.48 -7.81
C VAL F 203 43.39 -4.75 -6.76
N ALA F 204 44.00 -3.62 -7.14
CA ALA F 204 44.83 -2.85 -6.21
C ALA F 204 43.94 -2.18 -5.16
N GLY F 205 42.99 -1.36 -5.61
CA GLY F 205 42.06 -0.68 -4.69
C GLY F 205 41.44 -1.68 -3.74
N SER F 206 41.37 -2.94 -4.15
CA SER F 206 40.82 -4.00 -3.28
C SER F 206 41.66 -4.07 -2.00
N THR F 207 42.97 -3.86 -2.13
CA THR F 207 43.87 -3.94 -0.95
C THR F 207 43.76 -2.62 -0.18
N LEU F 208 42.86 -1.74 -0.59
CA LEU F 208 42.77 -0.40 0.06
C LEU F 208 44.11 0.29 -0.10
N ALA F 209 44.77 0.10 -1.25
CA ALA F 209 46.07 0.74 -1.51
C ALA F 209 45.85 2.23 -1.79
N THR F 210 46.92 3.03 -1.76
CA THR F 210 46.79 4.48 -2.01
C THR F 210 46.20 4.69 -3.40
N PRO F 211 45.27 5.64 -3.59
CA PRO F 211 44.73 5.92 -4.90
C PRO F 211 45.92 6.06 -5.83
N TYR F 212 46.98 6.69 -5.34
CA TYR F 212 48.14 6.97 -6.22
C TYR F 212 48.74 5.65 -6.70
N SER F 213 49.05 4.74 -5.78
CA SER F 213 49.71 3.48 -6.18
C SER F 213 48.82 2.79 -7.22
N VAL F 214 47.52 2.78 -6.97
CA VAL F 214 46.56 2.10 -7.90
C VAL F 214 46.78 2.64 -9.31
N ILE F 215 46.61 3.93 -9.50
CA ILE F 215 46.71 4.50 -10.88
C ILE F 215 48.08 4.15 -11.46
N SER F 216 49.15 4.29 -10.67
CA SER F 216 50.50 4.05 -11.23
C SER F 216 50.49 2.66 -11.86
N ALA F 217 49.89 1.71 -11.16
CA ALA F 217 49.83 0.33 -11.68
C ALA F 217 49.05 0.32 -12.98
N ALA F 218 47.88 0.94 -12.96
CA ALA F 218 47.04 0.93 -14.16
C ALA F 218 47.83 1.48 -15.33
N ILE F 219 48.55 2.58 -15.11
CA ILE F 219 49.29 3.21 -16.23
C ILE F 219 50.17 2.14 -16.86
N GLY F 220 50.82 1.34 -16.02
CA GLY F 220 51.71 0.29 -16.54
C GLY F 220 50.93 -0.76 -17.28
N THR F 221 49.80 -1.16 -16.72
CA THR F 221 48.94 -2.14 -17.41
C THR F 221 48.67 -1.59 -18.81
N LEU F 222 48.21 -0.35 -18.89
CA LEU F 222 47.95 0.27 -20.22
C LEU F 222 49.28 0.34 -20.98
N SER F 223 50.39 0.48 -20.25
CA SER F 223 51.70 0.63 -20.93
C SER F 223 51.86 -0.48 -21.95
N GLY F 224 51.24 -1.63 -21.67
CA GLY F 224 51.43 -2.80 -22.55
C GLY F 224 51.04 -2.54 -23.98
N PRO F 225 51.67 -3.22 -24.96
CA PRO F 225 51.30 -3.06 -26.35
C PRO F 225 49.94 -3.70 -26.65
N LEU F 226 49.54 -4.66 -25.82
CA LEU F 226 48.28 -5.39 -26.12
C LEU F 226 47.10 -4.61 -25.53
N HIS F 227 47.37 -3.49 -24.87
CA HIS F 227 46.25 -2.64 -24.38
C HIS F 227 46.42 -1.24 -24.94
N GLY F 228 47.66 -0.77 -25.09
CA GLY F 228 47.92 0.55 -25.69
C GLY F 228 48.85 0.44 -26.88
N GLY F 229 48.31 0.19 -28.07
CA GLY F 229 49.15 -0.02 -29.26
C GLY F 229 48.86 0.97 -30.37
N ALA F 230 48.30 2.12 -30.02
CA ALA F 230 48.10 3.17 -31.04
C ALA F 230 49.46 3.54 -31.62
N ASN F 231 50.48 3.54 -30.76
CA ASN F 231 51.84 3.94 -31.22
C ASN F 231 52.31 2.94 -32.27
N GLN F 232 51.58 1.84 -32.45
CA GLN F 232 51.99 0.80 -33.42
C GLN F 232 51.03 0.81 -34.60
N ARG F 233 49.78 1.21 -34.36
CA ARG F 233 48.81 1.31 -35.48
C ARG F 233 49.51 2.08 -36.60
N VAL F 234 50.29 3.09 -36.24
CA VAL F 234 51.05 3.84 -37.29
C VAL F 234 51.92 2.82 -38.04
N VAL F 235 51.74 2.71 -39.35
CA VAL F 235 52.50 1.68 -40.13
C VAL F 235 52.69 2.20 -41.56
N GLY F 236 53.85 1.90 -42.16
CA GLY F 236 54.14 2.34 -43.54
C GLY F 236 53.31 3.56 -43.92
N ILE F 241 46.30 2.59 -53.89
CA ILE F 241 46.94 3.65 -53.04
C ILE F 241 47.92 2.97 -52.08
N GLY F 242 47.71 1.69 -51.81
CA GLY F 242 48.61 0.94 -50.92
C GLY F 242 48.98 -0.40 -51.51
N SER F 243 48.70 -1.49 -50.77
CA SER F 243 48.98 -2.85 -51.31
C SER F 243 48.31 -3.92 -50.45
N PRO F 244 47.75 -5.00 -51.05
CA PRO F 244 47.21 -6.11 -50.27
C PRO F 244 48.40 -7.00 -49.90
N LYS F 245 48.51 -7.40 -48.64
CA LYS F 245 49.70 -8.17 -48.21
C LYS F 245 49.27 -9.45 -47.49
N ASN F 246 50.25 -10.24 -47.04
CA ASN F 246 49.95 -11.54 -46.40
C ASN F 246 49.14 -11.35 -45.12
N VAL F 247 48.31 -12.34 -44.80
CA VAL F 247 47.53 -12.29 -43.52
C VAL F 247 47.68 -13.66 -42.88
N GLU F 248 48.92 -14.06 -42.61
CA GLU F 248 49.16 -15.39 -42.01
C GLU F 248 48.62 -16.47 -42.95
N TRP F 262 47.61 -3.72 -37.88
CA TRP F 262 47.71 -3.59 -36.41
C TRP F 262 46.61 -2.65 -35.92
N GLY F 263 45.92 -3.00 -34.84
CA GLY F 263 44.90 -2.10 -34.26
C GLY F 263 43.57 -2.19 -34.98
N MET F 264 43.08 -3.42 -35.17
CA MET F 264 41.75 -3.60 -35.82
C MET F 264 40.94 -4.62 -35.02
N GLY F 265 41.57 -5.33 -34.09
CA GLY F 265 40.87 -6.40 -33.35
C GLY F 265 40.24 -5.92 -32.06
N HIS F 266 39.08 -6.47 -31.70
CA HIS F 266 38.43 -6.11 -30.41
C HIS F 266 37.78 -7.37 -29.82
N ARG F 267 38.04 -7.67 -28.55
CA ARG F 267 37.52 -8.92 -27.94
C ARG F 267 36.07 -8.71 -27.47
N GLU F 268 35.54 -7.49 -27.62
CA GLU F 268 34.13 -7.22 -27.26
C GLU F 268 33.34 -6.85 -28.50
N TYR F 269 33.71 -5.75 -29.16
CA TYR F 269 33.00 -5.30 -30.39
C TYR F 269 33.15 -6.36 -31.47
N LYS F 270 32.07 -6.64 -32.21
CA LYS F 270 32.13 -7.62 -33.33
C LYS F 270 31.60 -6.93 -34.59
N VAL F 271 31.04 -5.72 -34.45
CA VAL F 271 30.51 -4.98 -35.62
C VAL F 271 31.44 -3.79 -35.91
N LYS F 272 31.80 -3.02 -34.87
CA LYS F 272 32.72 -1.86 -35.04
C LYS F 272 32.83 -1.12 -33.70
N ASP F 273 33.84 -0.26 -33.56
CA ASP F 273 34.00 0.54 -32.32
C ASP F 273 33.40 1.93 -32.57
N PRO F 274 32.37 2.34 -31.80
CA PRO F 274 31.74 3.64 -31.99
C PRO F 274 32.80 4.74 -31.91
N ARG F 275 33.78 4.55 -31.04
CA ARG F 275 34.88 5.54 -30.89
C ARG F 275 35.55 5.74 -32.24
N ALA F 276 35.89 4.65 -32.92
CA ALA F 276 36.58 4.75 -34.23
C ALA F 276 35.69 5.50 -35.23
N THR F 277 34.39 5.19 -35.23
CA THR F 277 33.45 5.85 -36.18
C THR F 277 33.50 7.37 -35.96
N ILE F 278 33.42 7.79 -34.69
CA ILE F 278 33.48 9.25 -34.37
C ILE F 278 34.86 9.77 -34.77
N LEU F 279 35.92 9.11 -34.30
CA LEU F 279 37.30 9.58 -34.59
C LEU F 279 37.49 9.69 -36.11
N HIS F 280 36.95 8.73 -36.87
CA HIS F 280 37.03 8.80 -38.35
C HIS F 280 36.43 10.13 -38.81
N LYS F 281 35.24 10.46 -38.31
CA LYS F 281 34.60 11.76 -38.66
C LYS F 281 35.53 12.90 -38.23
N LEU F 282 36.04 12.84 -37.01
CA LEU F 282 36.92 13.93 -36.48
C LEU F 282 38.16 14.05 -37.37
N VAL F 283 38.78 12.93 -37.72
CA VAL F 283 40.03 12.97 -38.53
C VAL F 283 39.72 13.71 -39.83
N GLU F 284 38.64 13.35 -40.51
CA GLU F 284 38.23 14.06 -41.75
C GLU F 284 37.79 15.48 -41.38
N GLN F 285 37.13 15.63 -40.22
CA GLN F 285 36.65 16.96 -39.76
C GLN F 285 37.86 17.84 -39.42
N PHE F 298 51.61 11.03 -49.75
CA PHE F 298 50.41 11.32 -48.91
C PHE F 298 50.31 10.27 -47.80
N ASP F 299 50.04 9.02 -48.17
CA ASP F 299 49.96 7.92 -47.17
C ASP F 299 49.03 8.36 -46.03
N THR F 300 49.50 8.23 -44.78
CA THR F 300 48.69 8.64 -43.61
C THR F 300 47.35 7.91 -43.67
N ALA F 301 46.24 8.64 -43.54
CA ALA F 301 44.90 8.00 -43.53
C ALA F 301 44.71 7.20 -44.82
N LEU F 302 45.15 7.73 -45.96
CA LEU F 302 44.94 7.04 -47.26
C LEU F 302 45.25 5.55 -47.12
N LYS F 303 46.44 5.21 -46.61
CA LYS F 303 46.86 3.78 -46.52
C LYS F 303 45.91 3.03 -45.56
N LEU F 304 45.67 3.59 -44.38
CA LEU F 304 44.83 2.90 -43.37
C LEU F 304 43.37 2.84 -43.84
N GLU F 305 42.93 3.84 -44.62
CA GLU F 305 41.56 3.83 -45.18
C GLU F 305 41.38 2.55 -45.98
N GLU F 306 42.38 2.18 -46.78
CA GLU F 306 42.32 0.92 -47.56
C GLU F 306 42.13 -0.25 -46.58
N VAL F 307 42.88 -0.27 -45.49
CA VAL F 307 42.80 -1.39 -44.52
C VAL F 307 41.37 -1.48 -43.99
N CYS F 308 40.82 -0.36 -43.53
CA CYS F 308 39.43 -0.36 -42.98
C CYS F 308 38.48 -0.83 -44.09
N ALA F 309 38.78 -0.46 -45.34
CA ALA F 309 37.92 -0.88 -46.48
C ALA F 309 38.05 -2.40 -46.68
N ASP F 310 39.22 -2.96 -46.36
CA ASP F 310 39.45 -4.41 -46.56
C ASP F 310 38.80 -5.21 -45.43
N ARG F 311 37.47 -5.29 -45.41
CA ARG F 311 36.75 -6.07 -44.38
C ARG F 311 36.42 -7.45 -44.95
N LEU F 312 36.77 -7.70 -46.21
CA LEU F 312 36.44 -8.99 -46.87
C LEU F 312 37.12 -10.15 -46.12
N GLY F 313 38.42 -10.01 -45.83
CA GLY F 313 39.16 -11.11 -45.18
C GLY F 313 38.72 -11.33 -43.74
N HIS F 314 38.63 -10.26 -42.94
CA HIS F 314 38.27 -10.40 -41.51
C HIS F 314 36.78 -10.71 -41.37
N LYS F 315 36.41 -11.59 -40.43
CA LYS F 315 34.98 -11.90 -40.19
C LYS F 315 34.69 -11.73 -38.69
N GLY F 316 33.78 -10.81 -38.35
CA GLY F 316 33.46 -10.55 -36.92
C GLY F 316 34.60 -9.81 -36.24
N VAL F 317 35.52 -9.24 -37.03
CA VAL F 317 36.69 -8.53 -36.45
C VAL F 317 36.59 -7.04 -36.78
N TYR F 318 36.48 -6.18 -35.76
CA TYR F 318 36.43 -4.71 -35.99
C TYR F 318 37.33 -4.03 -34.94
N PRO F 319 37.95 -2.87 -35.23
CA PRO F 319 38.95 -2.28 -34.34
C PRO F 319 38.47 -1.32 -33.24
N ASN F 320 39.42 -0.55 -32.70
CA ASN F 320 39.07 0.47 -31.68
C ASN F 320 39.56 1.81 -32.20
N VAL F 321 39.73 2.78 -31.29
CA VAL F 321 40.24 4.12 -31.67
C VAL F 321 41.63 3.94 -32.30
N ASP F 322 42.48 3.14 -31.67
CA ASP F 322 43.89 2.97 -32.13
C ASP F 322 44.07 3.17 -33.64
N PHE F 323 43.25 2.53 -34.48
CA PHE F 323 43.53 2.60 -35.93
C PHE F 323 43.44 4.04 -36.44
N TYR F 324 42.36 4.75 -36.08
CA TYR F 324 42.18 6.12 -36.62
C TYR F 324 42.48 7.12 -35.50
N SER F 325 43.04 6.64 -34.40
CA SER F 325 43.29 7.53 -33.23
C SER F 325 44.52 8.40 -33.45
N GLY F 326 45.66 7.77 -33.75
CA GLY F 326 46.91 8.53 -33.87
C GLY F 326 46.77 9.71 -34.80
N ILE F 327 46.17 9.50 -35.97
CA ILE F 327 46.11 10.60 -36.96
C ILE F 327 45.63 11.86 -36.23
N LEU F 328 44.54 11.73 -35.47
CA LEU F 328 43.99 12.97 -34.84
C LEU F 328 45.09 13.57 -33.96
N TYR F 329 45.65 12.77 -33.06
CA TYR F 329 46.65 13.32 -32.12
C TYR F 329 47.79 13.92 -32.94
N SER F 330 48.21 13.23 -34.00
CA SER F 330 49.36 13.71 -34.78
C SER F 330 49.04 15.07 -35.39
N GLU F 331 47.89 15.15 -36.06
CA GLU F 331 47.51 16.43 -36.71
C GLU F 331 47.49 17.51 -35.62
N MET F 332 47.09 17.13 -34.42
CA MET F 332 47.04 18.10 -33.30
C MET F 332 48.47 18.40 -32.86
N GLY F 333 49.42 17.56 -33.28
CA GLY F 333 50.84 17.81 -32.96
C GLY F 333 51.43 16.78 -32.02
N ILE F 334 50.60 16.14 -31.21
CA ILE F 334 51.16 15.20 -30.20
C ILE F 334 52.10 14.21 -30.91
N PRO F 335 53.32 14.00 -30.41
CA PRO F 335 54.26 13.08 -31.04
C PRO F 335 53.84 11.63 -30.80
N GLU F 336 54.42 10.70 -31.55
CA GLU F 336 53.99 9.28 -31.44
C GLU F 336 54.30 8.72 -30.07
N ASP F 337 55.51 8.97 -29.57
CA ASP F 337 55.93 8.34 -28.29
C ASP F 337 54.95 8.68 -27.18
N GLU F 338 54.05 9.65 -27.40
CA GLU F 338 53.21 10.10 -26.26
C GLU F 338 51.74 9.73 -26.41
N PHE F 339 51.35 9.03 -27.47
CA PHE F 339 49.90 8.78 -27.67
C PHE F 339 49.30 8.05 -26.48
N THR F 340 49.87 6.90 -26.10
CA THR F 340 49.26 6.09 -25.01
C THR F 340 49.01 6.99 -23.81
N ALA F 341 49.91 7.94 -23.57
CA ALA F 341 49.78 8.79 -22.38
C ALA F 341 48.45 9.53 -22.44
N LEU F 342 48.16 10.13 -23.58
CA LEU F 342 46.91 10.93 -23.67
C LEU F 342 45.75 9.98 -23.36
N PHE F 343 45.90 8.71 -23.73
CA PHE F 343 44.84 7.73 -23.38
C PHE F 343 44.64 7.75 -21.86
N ALA F 344 45.73 7.61 -21.11
CA ALA F 344 45.63 7.58 -19.63
C ALA F 344 45.09 8.91 -19.13
N VAL F 345 45.54 10.01 -19.73
CA VAL F 345 45.03 11.36 -19.32
C VAL F 345 43.51 11.30 -19.23
N ALA F 346 42.89 10.43 -20.03
CA ALA F 346 41.41 10.33 -20.05
C ALA F 346 40.95 9.16 -19.20
N ARG F 347 41.56 7.99 -19.38
CA ARG F 347 41.17 6.77 -18.63
C ARG F 347 41.24 7.08 -17.12
N SER F 348 42.02 8.09 -16.75
CA SER F 348 42.16 8.45 -15.32
C SER F 348 40.78 8.55 -14.69
N ALA F 349 39.86 9.25 -15.35
CA ALA F 349 38.48 9.39 -14.83
C ALA F 349 37.89 8.00 -14.58
N GLY F 350 37.80 7.17 -15.63
CA GLY F 350 37.19 5.83 -15.48
C GLY F 350 37.88 5.03 -14.39
N TRP F 351 39.21 4.98 -14.41
CA TRP F 351 39.95 4.17 -13.42
C TRP F 351 39.59 4.64 -12.01
N LEU F 352 39.69 5.95 -11.76
CA LEU F 352 39.41 6.50 -10.42
C LEU F 352 37.93 6.28 -10.08
N ALA F 353 37.04 6.41 -11.07
CA ALA F 353 35.60 6.21 -10.83
C ALA F 353 35.38 4.79 -10.31
N HIS F 354 36.01 3.80 -10.95
CA HIS F 354 35.88 2.40 -10.49
C HIS F 354 36.50 2.26 -9.09
N TRP F 355 37.59 2.98 -8.84
CA TRP F 355 38.21 2.95 -7.48
C TRP F 355 37.18 3.48 -6.48
N ARG F 356 36.53 4.60 -6.79
CA ARG F 356 35.46 5.13 -5.90
C ARG F 356 34.35 4.08 -5.85
N GLU F 357 34.02 3.47 -6.98
CA GLU F 357 32.96 2.43 -7.03
C GLU F 357 33.37 1.27 -6.12
N GLN F 358 34.68 1.12 -5.87
CA GLN F 358 35.16 -0.01 -5.04
C GLN F 358 35.09 0.36 -3.56
N ILE F 359 34.38 1.45 -3.24
CA ILE F 359 34.20 1.85 -1.81
C ILE F 359 33.85 0.60 -0.99
N SER F 360 32.74 -0.06 -1.34
CA SER F 360 32.35 -1.30 -0.63
C SER F 360 33.19 -2.47 -1.16
N ASP F 361 34.51 -2.40 -0.97
CA ASP F 361 35.42 -3.46 -1.47
C ASP F 361 35.30 -4.68 -0.56
N ASN F 362 34.16 -5.37 -0.61
CA ASN F 362 33.96 -6.59 0.21
C ASN F 362 34.80 -7.72 -0.38
N ARG F 363 35.64 -7.39 -1.38
CA ARG F 363 36.46 -8.43 -2.05
C ARG F 363 37.90 -7.92 -2.21
N ILE F 364 38.87 -8.68 -1.69
CA ILE F 364 40.30 -8.29 -1.84
C ILE F 364 40.80 -8.84 -3.18
N TYR F 365 39.89 -9.40 -3.98
CA TYR F 365 40.27 -9.95 -5.31
C TYR F 365 41.31 -11.06 -5.12
N ARG F 366 41.01 -12.05 -4.28
CA ARG F 366 41.93 -13.19 -4.08
C ARG F 366 41.45 -14.38 -4.92
N PRO F 367 42.05 -14.65 -6.10
CA PRO F 367 41.60 -15.74 -6.97
C PRO F 367 42.39 -17.05 -6.76
N THR F 368 42.04 -18.10 -7.49
CA THR F 368 42.75 -19.40 -7.40
C THR F 368 42.69 -20.10 -8.76
N GLN F 369 43.66 -20.97 -9.06
CA GLN F 369 43.71 -21.65 -10.38
C GLN F 369 44.27 -23.07 -10.23
N ILE F 370 44.21 -23.86 -11.30
CA ILE F 370 44.69 -25.28 -11.26
C ILE F 370 46.19 -25.29 -10.95
N TYR F 371 46.63 -26.22 -10.09
CA TYR F 371 48.09 -26.35 -9.78
C TYR F 371 48.62 -27.62 -10.44
N VAL F 372 49.42 -27.48 -11.50
CA VAL F 372 49.95 -28.66 -12.23
C VAL F 372 51.32 -29.02 -11.65
N GLY F 373 51.69 -28.41 -10.52
CA GLY F 373 53.01 -28.66 -9.91
C GLY F 373 53.17 -30.11 -9.48
N SER F 374 54.39 -30.65 -9.62
CA SER F 374 54.66 -32.06 -9.22
C SER F 374 54.33 -32.23 -7.73
N ASP F 375 53.80 -33.41 -7.37
CA ASP F 375 53.41 -33.67 -5.96
C ASP F 375 52.47 -32.55 -5.49
N GLU G 24 -12.90 6.67 -69.91
CA GLU G 24 -12.26 7.03 -71.21
C GLU G 24 -12.05 5.77 -72.03
N LYS G 25 -11.36 4.77 -71.46
CA LYS G 25 -11.10 3.50 -72.16
C LYS G 25 -12.15 2.46 -71.73
N GLY G 26 -13.17 2.91 -70.99
CA GLY G 26 -14.20 1.98 -70.48
C GLY G 26 -15.26 1.68 -71.53
N ILE G 27 -14.94 0.81 -72.49
CA ILE G 27 -15.94 0.41 -73.53
C ILE G 27 -17.11 -0.27 -72.83
N LEU G 28 -16.83 -1.16 -71.87
CA LEU G 28 -17.90 -1.84 -71.10
C LEU G 28 -18.91 -2.46 -72.08
N SER G 29 -18.44 -3.33 -72.97
CA SER G 29 -19.36 -4.01 -73.93
C SER G 29 -18.80 -5.40 -74.30
N TYR G 30 -17.87 -5.92 -73.51
CA TYR G 30 -17.24 -7.24 -73.81
C TYR G 30 -18.07 -8.36 -73.18
N ARG G 31 -19.28 -8.04 -72.70
CA ARG G 31 -20.14 -9.05 -72.03
C ARG G 31 -19.36 -9.65 -70.87
N GLY G 32 -18.61 -8.82 -70.13
CA GLY G 32 -17.82 -9.33 -68.99
C GLY G 32 -16.53 -9.98 -69.45
N TYR G 33 -16.63 -10.97 -70.35
CA TYR G 33 -15.44 -11.71 -70.82
C TYR G 33 -14.49 -10.75 -71.54
N PRO G 34 -13.20 -10.66 -71.15
CA PRO G 34 -12.26 -9.73 -71.78
C PRO G 34 -12.04 -10.08 -73.25
N LEU G 35 -12.11 -9.08 -74.14
CA LEU G 35 -11.96 -9.31 -75.60
C LEU G 35 -10.70 -10.14 -75.87
N GLU G 36 -9.58 -9.79 -75.22
CA GLU G 36 -8.29 -10.47 -75.51
C GLU G 36 -8.46 -11.99 -75.33
N THR G 37 -8.99 -12.42 -74.19
CA THR G 37 -9.13 -13.87 -73.93
C THR G 37 -10.02 -14.48 -75.02
N LEU G 38 -11.10 -13.78 -75.39
CA LEU G 38 -12.03 -14.27 -76.43
C LEU G 38 -11.27 -14.43 -77.74
N ALA G 39 -10.39 -13.47 -78.05
CA ALA G 39 -9.64 -13.51 -79.32
C ALA G 39 -8.74 -14.76 -79.38
N GLU G 40 -8.22 -15.19 -78.23
CA GLU G 40 -7.25 -16.32 -78.25
C GLU G 40 -7.91 -17.59 -77.70
N ASN G 41 -9.15 -17.51 -77.19
CA ASN G 41 -9.77 -18.70 -76.55
C ASN G 41 -11.16 -18.99 -77.14
N SER G 42 -11.75 -18.04 -77.86
CA SER G 42 -13.15 -18.25 -78.34
C SER G 42 -13.22 -18.13 -79.87
N THR G 43 -14.28 -18.68 -80.46
CA THR G 43 -14.49 -18.58 -81.93
C THR G 43 -15.56 -17.54 -82.21
N PHE G 44 -15.71 -17.12 -83.47
CA PHE G 44 -16.78 -16.16 -83.82
C PHE G 44 -18.12 -16.77 -83.40
N GLU G 45 -18.32 -18.06 -83.70
CA GLU G 45 -19.58 -18.75 -83.34
C GLU G 45 -19.74 -18.70 -81.81
N GLU G 46 -18.70 -19.06 -81.07
CA GLU G 46 -18.76 -19.03 -79.58
C GLU G 46 -18.99 -17.60 -79.13
N THR G 47 -18.22 -16.65 -79.68
CA THR G 47 -18.35 -15.23 -79.28
C THR G 47 -19.77 -14.75 -79.57
N THR G 48 -20.29 -15.09 -80.76
CA THR G 48 -21.65 -14.63 -81.14
C THR G 48 -22.66 -15.16 -80.12
N LEU G 49 -22.54 -16.44 -79.76
CA LEU G 49 -23.47 -17.05 -78.78
C LEU G 49 -23.36 -16.28 -77.46
N LEU G 50 -22.14 -16.08 -76.97
CA LEU G 50 -21.93 -15.36 -75.69
C LEU G 50 -22.51 -13.95 -75.81
N LEU G 51 -22.33 -13.32 -76.97
CA LEU G 51 -22.86 -11.95 -77.20
C LEU G 51 -24.40 -11.99 -77.12
N LEU G 52 -25.01 -13.06 -77.65
CA LEU G 52 -26.49 -13.15 -77.68
C LEU G 52 -27.01 -13.59 -76.31
N ASP G 53 -26.64 -14.78 -75.85
CA ASP G 53 -27.16 -15.32 -74.56
C ASP G 53 -26.62 -14.48 -73.39
N GLY G 54 -25.37 -14.05 -73.47
CA GLY G 54 -24.76 -13.27 -72.38
C GLY G 54 -23.78 -14.10 -71.56
N GLU G 55 -23.65 -15.39 -71.88
CA GLU G 55 -22.73 -16.29 -71.13
C GLU G 55 -22.03 -17.25 -72.10
N LEU G 56 -20.82 -17.70 -71.75
CA LEU G 56 -20.10 -18.68 -72.61
C LEU G 56 -21.00 -19.90 -72.80
N PRO G 57 -21.26 -20.35 -74.04
CA PRO G 57 -22.18 -21.46 -74.30
C PRO G 57 -21.56 -22.84 -74.03
N THR G 58 -22.39 -23.85 -73.77
CA THR G 58 -21.89 -25.23 -73.56
C THR G 58 -21.49 -25.82 -74.92
N LYS G 59 -20.73 -26.90 -74.92
CA LYS G 59 -20.27 -27.52 -76.18
C LYS G 59 -21.50 -27.88 -77.02
N LYS G 60 -22.49 -28.51 -76.40
CA LYS G 60 -23.72 -28.92 -77.15
C LYS G 60 -24.41 -27.68 -77.70
N ALA G 61 -24.60 -26.67 -76.85
CA ALA G 61 -25.29 -25.43 -77.29
C ALA G 61 -24.49 -24.82 -78.45
N LEU G 62 -23.18 -24.73 -78.30
CA LEU G 62 -22.33 -24.13 -79.37
C LEU G 62 -22.46 -25.00 -80.63
N ASN G 63 -22.38 -26.32 -80.47
CA ASN G 63 -22.48 -27.24 -81.64
C ASN G 63 -23.85 -27.04 -82.30
N ASP G 64 -24.92 -27.02 -81.50
CA ASP G 64 -26.28 -26.86 -82.06
C ASP G 64 -26.35 -25.54 -82.82
N PHE G 65 -25.85 -24.46 -82.21
CA PHE G 65 -25.87 -23.12 -82.86
C PHE G 65 -25.06 -23.19 -84.15
N SER G 66 -23.88 -23.81 -84.11
CA SER G 66 -23.01 -23.88 -85.31
C SER G 66 -23.77 -24.59 -86.44
N GLN G 67 -24.38 -25.74 -86.13
CA GLN G 67 -25.13 -26.51 -87.17
C GLN G 67 -26.32 -25.67 -87.64
N GLN G 68 -27.06 -25.06 -86.71
CA GLN G 68 -28.21 -24.20 -87.09
C GLN G 68 -27.68 -23.06 -87.95
N LEU G 69 -26.52 -22.50 -87.59
CA LEU G 69 -25.89 -21.45 -88.43
C LEU G 69 -25.59 -22.08 -89.78
N LYS G 70 -25.14 -23.33 -89.77
CA LYS G 70 -24.91 -24.07 -91.04
C LYS G 70 -26.26 -24.41 -91.64
N ASP G 71 -26.29 -24.98 -92.84
CA ASP G 71 -27.58 -25.31 -93.52
C ASP G 71 -28.44 -24.04 -93.57
N ASN G 72 -27.84 -22.88 -93.30
CA ASN G 72 -28.57 -21.59 -93.40
C ASN G 72 -27.74 -20.66 -94.29
N TYR G 73 -26.50 -21.06 -94.60
CA TYR G 73 -25.62 -20.24 -95.48
C TYR G 73 -26.22 -20.21 -96.89
N ARG G 74 -26.97 -21.25 -97.26
CA ARG G 74 -27.55 -21.33 -98.62
C ARG G 74 -28.31 -20.05 -98.93
N ILE G 75 -28.14 -19.51 -100.14
CA ILE G 75 -28.82 -18.23 -100.52
C ILE G 75 -29.96 -18.55 -101.49
N LYS G 76 -31.11 -17.88 -101.32
CA LYS G 76 -32.25 -18.09 -102.24
C LYS G 76 -31.79 -17.85 -103.67
N TYR G 77 -32.18 -18.72 -104.61
CA TYR G 77 -31.80 -18.53 -106.03
C TYR G 77 -32.34 -17.17 -106.49
N HIS G 78 -33.46 -16.75 -105.92
CA HIS G 78 -34.03 -15.41 -106.28
C HIS G 78 -32.96 -14.35 -106.03
N ILE G 79 -32.30 -14.40 -104.87
CA ILE G 79 -31.29 -13.36 -104.51
C ILE G 79 -30.17 -13.36 -105.55
N ARG G 80 -29.63 -14.53 -105.88
CA ARG G 80 -28.46 -14.59 -106.81
C ARG G 80 -28.88 -14.03 -108.17
N GLN G 81 -30.07 -14.42 -108.65
CA GLN G 81 -30.56 -13.94 -109.96
C GLN G 81 -30.66 -12.41 -109.90
N MET G 82 -31.19 -11.88 -108.80
CA MET G 82 -31.33 -10.41 -108.63
C MET G 82 -29.94 -9.77 -108.73
N MET G 83 -28.95 -10.32 -108.01
CA MET G 83 -27.58 -9.76 -108.05
C MET G 83 -27.05 -9.80 -109.48
N ARG G 84 -27.31 -10.92 -110.19
CA ARG G 84 -26.80 -11.08 -111.57
C ARG G 84 -27.34 -9.93 -112.44
N HIS G 85 -28.61 -9.55 -112.24
CA HIS G 85 -29.22 -8.48 -113.05
C HIS G 85 -28.58 -7.13 -112.71
N PHE G 86 -28.18 -6.93 -111.45
CA PHE G 86 -27.62 -5.62 -111.02
C PHE G 86 -26.27 -5.36 -111.69
N PRO G 87 -25.82 -4.08 -111.79
CA PRO G 87 -24.57 -3.75 -112.48
C PRO G 87 -23.31 -4.02 -111.65
N HIS G 88 -22.17 -4.25 -112.32
CA HIS G 88 -20.89 -4.48 -111.61
C HIS G 88 -20.50 -3.25 -110.81
N THR G 89 -20.77 -2.05 -111.35
CA THR G 89 -20.40 -0.79 -110.66
C THR G 89 -21.07 -0.75 -109.28
N GLY G 90 -22.17 -1.48 -109.10
CA GLY G 90 -22.88 -1.46 -107.82
C GLY G 90 -21.96 -1.68 -106.64
N HIS G 91 -22.07 -0.83 -105.61
CA HIS G 91 -21.19 -0.93 -104.41
C HIS G 91 -21.63 -2.14 -103.56
N PRO G 92 -20.70 -2.87 -102.93
CA PRO G 92 -21.05 -4.07 -102.16
C PRO G 92 -22.05 -3.78 -101.04
N MET G 93 -21.84 -2.68 -100.29
CA MET G 93 -22.73 -2.36 -99.14
C MET G 93 -24.17 -2.19 -99.63
N ASP G 94 -24.35 -1.46 -100.75
CA ASP G 94 -25.72 -1.21 -101.27
C ASP G 94 -26.38 -2.55 -101.60
N MET G 95 -25.66 -3.44 -102.29
CA MET G 95 -26.22 -4.76 -102.66
C MET G 95 -26.56 -5.52 -101.37
N LEU G 96 -25.68 -5.47 -100.37
CA LEU G 96 -25.92 -6.18 -99.09
C LEU G 96 -27.20 -5.64 -98.46
N GLN G 97 -27.38 -4.31 -98.45
CA GLN G 97 -28.56 -3.70 -97.82
C GLN G 97 -29.82 -4.23 -98.50
N THR G 98 -29.86 -4.14 -99.83
CA THR G 98 -31.05 -4.61 -100.59
C THR G 98 -31.20 -6.13 -100.40
N ALA G 99 -30.08 -6.85 -100.37
CA ALA G 99 -30.12 -8.32 -100.22
C ALA G 99 -30.79 -8.70 -98.90
N VAL G 100 -30.41 -8.03 -97.81
CA VAL G 100 -30.99 -8.36 -96.48
C VAL G 100 -32.49 -8.10 -96.51
N SER G 101 -32.90 -6.97 -97.08
CA SER G 101 -34.35 -6.65 -97.20
C SER G 101 -35.04 -7.75 -98.00
N SER G 102 -34.46 -8.14 -99.13
CA SER G 102 -35.09 -9.17 -100.00
C SER G 102 -35.20 -10.48 -99.23
N LEU G 103 -34.19 -10.82 -98.42
CA LEU G 103 -34.19 -12.11 -97.69
C LEU G 103 -35.43 -12.15 -96.79
N GLY G 104 -35.78 -11.03 -96.16
CA GLY G 104 -36.95 -10.99 -95.28
C GLY G 104 -38.24 -11.33 -96.02
N MET G 105 -38.36 -10.86 -97.26
CA MET G 105 -39.60 -11.09 -98.05
C MET G 105 -39.94 -12.59 -98.05
N PHE G 106 -38.93 -13.46 -98.07
CA PHE G 106 -39.18 -14.93 -98.14
C PHE G 106 -39.89 -15.40 -96.87
N TYR G 107 -39.44 -14.93 -95.70
CA TYR G 107 -40.05 -15.36 -94.40
C TYR G 107 -40.32 -14.13 -93.52
N PRO G 108 -41.32 -13.29 -93.85
CA PRO G 108 -41.65 -12.13 -93.03
C PRO G 108 -42.64 -12.50 -91.91
N GLY G 109 -43.15 -11.49 -91.19
CA GLY G 109 -44.14 -11.75 -90.12
C GLY G 109 -44.07 -10.71 -89.03
N THR G 110 -44.91 -10.85 -87.99
CA THR G 110 -44.91 -9.91 -86.85
C THR G 110 -44.65 -10.68 -85.55
N GLU G 111 -43.72 -10.20 -84.72
CA GLU G 111 -43.39 -10.87 -83.43
C GLU G 111 -44.31 -10.31 -82.34
N CYS G 112 -45.22 -9.40 -82.70
CA CYS G 112 -46.17 -8.82 -81.72
C CYS G 112 -47.04 -9.93 -81.14
N LEU G 113 -47.53 -10.83 -82.00
CA LEU G 113 -48.36 -11.98 -81.55
C LEU G 113 -49.44 -11.47 -80.58
N CYS G 119 -49.86 -17.28 -82.91
CA CYS G 119 -50.13 -16.97 -84.35
C CYS G 119 -48.84 -17.12 -85.16
N GLU G 120 -47.69 -16.84 -84.55
CA GLU G 120 -46.39 -16.95 -85.25
C GLU G 120 -46.16 -18.40 -85.69
N ASP G 121 -45.52 -18.58 -86.85
CA ASP G 121 -45.21 -19.96 -87.33
C ASP G 121 -44.21 -20.62 -86.37
N LEU G 122 -43.23 -19.85 -85.88
CA LEU G 122 -42.20 -20.39 -84.96
C LEU G 122 -41.63 -19.26 -84.10
N ASP G 123 -40.47 -19.49 -83.48
CA ASP G 123 -39.86 -18.46 -82.58
C ASP G 123 -39.67 -17.15 -83.34
N TYR G 124 -39.26 -17.22 -84.60
CA TYR G 124 -39.02 -15.99 -85.42
C TYR G 124 -37.81 -15.25 -84.86
N VAL G 125 -37.21 -15.79 -83.81
CA VAL G 125 -35.97 -15.17 -83.23
C VAL G 125 -34.95 -16.30 -83.04
N ARG G 126 -33.66 -15.96 -83.02
CA ARG G 126 -32.61 -17.02 -82.94
C ARG G 126 -32.60 -17.79 -84.25
N ASN G 127 -33.71 -18.40 -84.62
CA ASN G 127 -33.80 -19.11 -85.93
C ASN G 127 -33.59 -18.09 -87.04
N MET G 128 -34.40 -17.02 -87.05
CA MET G 128 -34.22 -15.95 -88.05
C MET G 128 -32.86 -15.28 -87.80
N THR G 129 -32.52 -15.07 -86.53
CA THR G 129 -31.22 -14.43 -86.18
C THR G 129 -30.07 -15.26 -86.75
N VAL G 130 -30.08 -16.57 -86.51
CA VAL G 130 -28.97 -17.45 -86.97
C VAL G 130 -28.95 -17.40 -88.51
N ASN G 131 -30.12 -17.40 -89.14
CA ASN G 131 -30.19 -17.40 -90.62
C ASN G 131 -29.54 -16.10 -91.15
N ILE G 132 -29.88 -14.96 -90.55
CA ILE G 132 -29.34 -13.66 -91.04
C ILE G 132 -27.82 -13.71 -90.99
N ILE G 133 -27.26 -14.13 -89.85
CA ILE G 133 -25.78 -14.20 -89.70
C ILE G 133 -25.21 -15.15 -90.75
N ALA G 134 -25.87 -16.30 -90.93
CA ALA G 134 -25.36 -17.32 -91.88
C ALA G 134 -25.28 -16.72 -93.29
N GLN G 135 -26.30 -15.94 -93.69
CA GLN G 135 -26.35 -15.40 -95.08
C GLN G 135 -25.34 -14.26 -95.24
N MET G 136 -25.01 -13.55 -94.15
CA MET G 136 -24.12 -12.37 -94.26
C MET G 136 -22.92 -12.67 -95.16
N ALA G 137 -22.07 -13.63 -94.76
CA ALA G 137 -20.83 -13.91 -95.53
C ALA G 137 -21.17 -14.30 -96.96
N PRO G 138 -22.01 -15.32 -97.22
CA PRO G 138 -22.30 -15.77 -98.58
C PRO G 138 -22.79 -14.59 -99.44
N LEU G 139 -23.65 -13.75 -98.88
CA LEU G 139 -24.21 -12.61 -99.65
C LEU G 139 -23.06 -11.74 -100.15
N VAL G 140 -22.13 -11.37 -99.26
CA VAL G 140 -21.00 -10.48 -99.64
C VAL G 140 -20.18 -11.17 -100.73
N ALA G 141 -19.80 -12.43 -100.51
CA ALA G 141 -18.96 -13.16 -101.49
C ALA G 141 -19.72 -13.28 -102.82
N MET G 142 -21.01 -13.62 -102.76
CA MET G 142 -21.81 -13.82 -103.99
C MET G 142 -21.74 -12.53 -104.82
N TRP G 143 -22.03 -11.38 -104.20
CA TRP G 143 -22.06 -10.11 -104.97
C TRP G 143 -20.69 -9.85 -105.58
N GLU G 144 -19.62 -10.10 -104.82
CA GLU G 144 -18.25 -9.83 -105.32
C GLU G 144 -18.04 -10.60 -106.62
N HIS G 145 -18.29 -11.91 -106.62
CA HIS G 145 -18.05 -12.74 -107.84
C HIS G 145 -19.02 -12.33 -108.95
N ILE G 146 -20.31 -12.17 -108.63
CA ILE G 146 -21.31 -11.78 -109.65
C ILE G 146 -20.94 -10.39 -110.19
N ARG G 147 -20.51 -9.49 -109.30
CA ARG G 147 -20.07 -8.14 -109.73
C ARG G 147 -19.03 -8.30 -110.83
N ASN G 148 -18.13 -9.29 -110.69
CA ASN G 148 -17.03 -9.47 -111.68
C ASN G 148 -17.53 -10.39 -112.80
N GLY G 149 -18.85 -10.58 -112.89
CA GLY G 149 -19.42 -11.42 -113.95
C GLY G 149 -19.02 -12.88 -113.80
N TRP G 150 -18.79 -13.32 -112.57
CA TRP G 150 -18.43 -14.74 -112.31
C TRP G 150 -19.49 -15.40 -111.44
N ASP G 151 -19.83 -16.66 -111.73
CA ASP G 151 -20.82 -17.39 -110.91
C ASP G 151 -20.30 -17.49 -109.48
N PRO G 152 -21.16 -17.35 -108.44
CA PRO G 152 -20.69 -17.34 -107.05
C PRO G 152 -20.14 -18.72 -106.62
N VAL G 153 -19.41 -18.75 -105.52
CA VAL G 153 -18.85 -20.04 -104.99
C VAL G 153 -19.73 -20.52 -103.85
N ASN G 154 -20.28 -21.74 -103.96
CA ASN G 154 -21.21 -22.27 -102.92
C ASN G 154 -20.43 -22.48 -101.61
N PRO G 155 -21.05 -22.21 -100.44
CA PRO G 155 -20.37 -22.36 -99.15
C PRO G 155 -20.29 -23.83 -98.71
N LYS G 156 -19.45 -24.12 -97.72
CA LYS G 156 -19.31 -25.51 -97.21
C LYS G 156 -19.95 -25.61 -95.81
N HIS G 157 -20.75 -26.65 -95.57
CA HIS G 157 -21.46 -26.79 -94.27
C HIS G 157 -20.45 -26.87 -93.13
N ASP G 158 -19.42 -27.71 -93.28
CA ASP G 158 -18.43 -27.91 -92.19
C ASP G 158 -17.62 -26.63 -91.96
N LEU G 159 -17.26 -25.92 -93.04
CA LEU G 159 -16.40 -24.71 -92.90
C LEU G 159 -17.09 -23.70 -91.97
N SER G 160 -16.31 -23.02 -91.13
CA SER G 160 -16.86 -22.00 -90.20
C SER G 160 -17.07 -20.68 -90.96
N VAL G 161 -17.60 -19.67 -90.27
CA VAL G 161 -17.87 -18.35 -90.93
C VAL G 161 -16.56 -17.86 -91.56
N ALA G 162 -15.49 -17.81 -90.77
CA ALA G 162 -14.18 -17.32 -91.27
C ALA G 162 -13.71 -18.21 -92.41
N GLU G 163 -13.73 -19.54 -92.19
CA GLU G 163 -13.24 -20.48 -93.24
C GLU G 163 -14.04 -20.28 -94.52
N ASN G 164 -15.37 -20.29 -94.41
CA ASN G 164 -16.24 -20.15 -95.61
C ASN G 164 -15.93 -18.81 -96.28
N LEU G 165 -15.86 -17.72 -95.50
CA LEU G 165 -15.63 -16.38 -96.09
C LEU G 165 -14.37 -16.43 -96.95
N LEU G 166 -13.25 -16.81 -96.37
CA LEU G 166 -11.96 -16.82 -97.11
C LEU G 166 -12.09 -17.82 -98.27
N TYR G 167 -12.61 -19.01 -97.99
CA TYR G 167 -12.73 -20.06 -99.04
C TYR G 167 -13.51 -19.49 -100.22
N MET G 168 -14.60 -18.77 -99.94
CA MET G 168 -15.46 -18.24 -101.03
C MET G 168 -14.70 -17.15 -101.80
N PHE G 169 -14.24 -16.11 -101.11
CA PHE G 169 -13.58 -14.98 -101.81
C PHE G 169 -12.32 -15.48 -102.52
N ASN G 170 -11.48 -16.23 -101.80
CA ASN G 170 -10.19 -16.72 -102.38
C ASN G 170 -10.50 -17.77 -103.46
N GLY G 171 -11.64 -18.43 -103.36
CA GLY G 171 -11.97 -19.51 -104.31
C GLY G 171 -11.33 -20.83 -103.91
N GLU G 172 -10.56 -20.80 -102.82
CA GLU G 172 -9.89 -22.04 -102.32
C GLU G 172 -9.99 -22.07 -100.79
N GLU G 173 -10.02 -23.28 -100.20
CA GLU G 173 -10.06 -23.38 -98.72
C GLU G 173 -8.90 -22.59 -98.14
N PRO G 174 -9.13 -21.69 -97.16
CA PRO G 174 -8.06 -20.84 -96.63
C PRO G 174 -7.11 -21.60 -95.70
N ASP G 175 -5.85 -21.16 -95.63
CA ASP G 175 -4.88 -21.80 -94.69
C ASP G 175 -5.35 -21.52 -93.26
N PRO G 176 -5.10 -22.40 -92.28
CA PRO G 176 -5.59 -22.20 -90.92
C PRO G 176 -5.15 -20.83 -90.41
N LEU G 177 -3.92 -20.41 -90.73
CA LEU G 177 -3.39 -19.13 -90.21
C LEU G 177 -4.38 -18.00 -90.51
N MET G 178 -4.68 -17.77 -91.79
CA MET G 178 -5.58 -16.66 -92.17
C MET G 178 -6.96 -16.92 -91.56
N ALA G 179 -7.39 -18.18 -91.54
CA ALA G 179 -8.72 -18.52 -91.00
C ALA G 179 -8.81 -18.06 -89.55
N LYS G 180 -7.81 -18.41 -88.73
CA LYS G 180 -7.80 -18.01 -87.30
C LYS G 180 -7.75 -16.49 -87.22
N ILE G 181 -6.89 -15.87 -88.03
CA ILE G 181 -6.76 -14.39 -88.03
C ILE G 181 -8.12 -13.78 -88.35
N MET G 182 -8.80 -14.33 -89.36
CA MET G 182 -10.14 -13.81 -89.75
C MET G 182 -11.09 -13.98 -88.56
N ASP G 183 -11.04 -15.14 -87.91
CA ASP G 183 -11.96 -15.41 -86.77
C ASP G 183 -11.74 -14.33 -85.71
N VAL G 184 -10.49 -14.07 -85.35
CA VAL G 184 -10.17 -13.03 -84.32
C VAL G 184 -10.68 -11.68 -84.82
N CYS G 185 -10.39 -11.36 -86.08
CA CYS G 185 -10.81 -10.05 -86.64
C CYS G 185 -12.33 -9.92 -86.53
N LEU G 186 -13.05 -10.98 -86.87
CA LEU G 186 -14.54 -10.96 -86.79
C LEU G 186 -14.96 -10.69 -85.34
N ILE G 187 -14.33 -11.39 -84.39
CA ILE G 187 -14.68 -11.23 -82.95
C ILE G 187 -14.43 -9.77 -82.56
N LEU G 188 -13.32 -9.19 -83.04
CA LEU G 188 -12.96 -7.79 -82.69
C LEU G 188 -14.01 -6.83 -83.26
N HIS G 189 -14.46 -7.08 -84.49
CA HIS G 189 -15.43 -6.16 -85.15
C HIS G 189 -16.86 -6.59 -84.84
N ALA G 190 -17.04 -7.62 -84.01
CA ALA G 190 -18.40 -8.13 -83.69
C ALA G 190 -19.26 -7.02 -83.10
N GLU G 191 -18.82 -6.41 -81.99
CA GLU G 191 -19.63 -5.36 -81.31
C GLU G 191 -18.71 -4.34 -80.63
N HIS G 192 -19.11 -3.07 -80.64
CA HIS G 192 -18.31 -2.01 -79.97
C HIS G 192 -19.26 -0.98 -79.33
N THR G 193 -19.93 -1.36 -78.23
CA THR G 193 -20.86 -0.43 -77.54
C THR G 193 -21.96 0.01 -78.51
N LEU G 194 -22.49 1.22 -78.34
CA LEU G 194 -23.61 1.69 -79.19
C LEU G 194 -23.08 2.36 -80.46
N ASN G 195 -22.53 1.57 -81.39
CA ASN G 195 -22.07 2.15 -82.68
C ASN G 195 -23.30 2.65 -83.44
N ALA G 196 -23.15 3.68 -84.28
CA ALA G 196 -24.31 4.27 -84.98
C ALA G 196 -25.17 3.14 -85.59
N SER G 197 -24.52 2.20 -86.28
CA SER G 197 -25.26 1.07 -86.90
C SER G 197 -26.03 0.30 -85.82
N THR G 198 -25.37 0.02 -84.69
CA THR G 198 -26.04 -0.69 -83.57
C THR G 198 -27.24 0.12 -83.10
N PHE G 199 -27.05 1.44 -82.90
CA PHE G 199 -28.14 2.31 -82.45
C PHE G 199 -29.29 2.26 -83.48
N ALA G 200 -28.96 2.52 -84.74
CA ALA G 200 -29.99 2.49 -85.81
C ALA G 200 -30.77 1.18 -85.69
N ALA G 201 -30.07 0.07 -85.46
CA ALA G 201 -30.73 -1.25 -85.32
C ALA G 201 -31.74 -1.19 -84.17
N LEU G 202 -31.33 -0.63 -83.03
CA LEU G 202 -32.24 -0.57 -81.85
C LEU G 202 -33.47 0.26 -82.20
N VAL G 203 -33.30 1.36 -82.94
CA VAL G 203 -34.44 2.24 -83.32
C VAL G 203 -35.43 1.42 -84.16
N ALA G 204 -34.92 0.68 -85.15
CA ALA G 204 -35.80 -0.16 -85.98
C ALA G 204 -36.45 -1.23 -85.09
N GLY G 205 -35.68 -1.81 -84.18
CA GLY G 205 -36.23 -2.82 -83.25
C GLY G 205 -37.34 -2.24 -82.41
N SER G 206 -37.20 -0.97 -81.99
CA SER G 206 -38.25 -0.30 -81.18
C SER G 206 -39.55 -0.27 -82.00
N THR G 207 -39.45 -0.02 -83.30
CA THR G 207 -40.65 0.00 -84.18
C THR G 207 -41.15 -1.44 -84.37
N LEU G 208 -40.39 -2.42 -83.86
CA LEU G 208 -40.80 -3.85 -83.97
C LEU G 208 -40.87 -4.25 -85.44
N ALA G 209 -39.95 -3.76 -86.26
CA ALA G 209 -39.91 -4.15 -87.69
C ALA G 209 -39.22 -5.50 -87.82
N THR G 210 -39.22 -6.08 -89.03
CA THR G 210 -38.59 -7.39 -89.26
C THR G 210 -37.10 -7.29 -88.90
N PRO G 211 -36.48 -8.36 -88.34
CA PRO G 211 -35.04 -8.33 -88.04
C PRO G 211 -34.28 -8.04 -89.34
N TYR G 212 -34.77 -8.56 -90.46
CA TYR G 212 -34.11 -8.32 -91.76
C TYR G 212 -34.13 -6.81 -92.06
N SER G 213 -35.28 -6.17 -91.86
CA SER G 213 -35.36 -4.70 -92.07
C SER G 213 -34.37 -4.01 -91.13
N VAL G 214 -34.32 -4.46 -89.87
CA VAL G 214 -33.40 -3.84 -88.87
C VAL G 214 -31.97 -3.94 -89.37
N ILE G 215 -31.55 -5.14 -89.80
CA ILE G 215 -30.13 -5.36 -90.24
C ILE G 215 -29.89 -4.55 -91.52
N SER G 216 -30.89 -4.50 -92.41
CA SER G 216 -30.75 -3.68 -93.65
C SER G 216 -30.42 -2.24 -93.25
N ALA G 217 -31.16 -1.71 -92.28
CA ALA G 217 -30.91 -0.33 -91.81
C ALA G 217 -29.50 -0.24 -91.20
N ALA G 218 -29.12 -1.23 -90.39
CA ALA G 218 -27.80 -1.19 -89.72
C ALA G 218 -26.69 -1.16 -90.77
N ILE G 219 -26.74 -2.06 -91.74
CA ILE G 219 -25.67 -2.14 -92.77
C ILE G 219 -25.68 -0.83 -93.57
N GLY G 220 -26.86 -0.27 -93.84
CA GLY G 220 -26.92 1.03 -94.54
C GLY G 220 -26.21 2.09 -93.71
N THR G 221 -26.46 2.11 -92.40
CA THR G 221 -25.79 3.08 -91.50
C THR G 221 -24.28 2.83 -91.54
N LEU G 222 -23.87 1.55 -91.47
CA LEU G 222 -22.43 1.21 -91.54
C LEU G 222 -21.87 1.65 -92.89
N SER G 223 -22.68 1.57 -93.94
CA SER G 223 -22.23 1.98 -95.30
C SER G 223 -21.63 3.39 -95.21
N GLY G 224 -22.17 4.22 -94.31
CA GLY G 224 -21.62 5.58 -94.12
C GLY G 224 -20.12 5.53 -93.86
N PRO G 225 -19.31 6.39 -94.50
CA PRO G 225 -17.86 6.35 -94.34
C PRO G 225 -17.44 6.69 -92.89
N LEU G 226 -18.15 7.61 -92.26
CA LEU G 226 -17.79 8.04 -90.88
C LEU G 226 -17.82 6.83 -89.95
N HIS G 227 -18.87 6.02 -90.02
CA HIS G 227 -18.98 4.82 -89.16
C HIS G 227 -17.96 3.77 -89.60
N GLY G 228 -17.90 3.48 -90.90
CA GLY G 228 -16.93 2.50 -91.43
C GLY G 228 -16.07 3.11 -92.52
N GLY G 229 -14.82 3.45 -92.20
CA GLY G 229 -13.92 4.09 -93.19
C GLY G 229 -12.71 3.23 -93.49
N ALA G 230 -12.79 1.93 -93.20
CA ALA G 230 -11.64 1.02 -93.42
C ALA G 230 -11.25 1.05 -94.91
N ASN G 231 -12.24 0.97 -95.80
CA ASN G 231 -11.97 1.00 -97.26
C ASN G 231 -11.31 2.34 -97.60
N GLN G 232 -11.89 3.45 -97.13
CA GLN G 232 -11.29 4.79 -97.37
C GLN G 232 -9.93 4.83 -96.69
N ARG G 233 -9.80 4.21 -95.51
CA ARG G 233 -8.52 4.22 -94.75
C ARG G 233 -7.43 3.55 -95.59
N VAL G 234 -7.79 2.57 -96.41
CA VAL G 234 -6.77 1.81 -97.20
C VAL G 234 -5.81 2.79 -97.88
N VAL G 235 -6.30 3.98 -98.24
CA VAL G 235 -5.44 4.97 -98.97
C VAL G 235 -4.08 5.05 -98.29
N GLY G 236 -2.99 4.93 -99.08
CA GLY G 236 -1.63 5.03 -98.52
C GLY G 236 -0.75 5.91 -99.40
N MET G 237 -1.28 7.05 -99.84
CA MET G 237 -0.52 7.96 -100.76
C MET G 237 0.78 8.40 -100.09
N LEU G 238 0.75 8.63 -98.78
CA LEU G 238 1.98 9.07 -98.05
C LEU G 238 2.83 7.85 -97.70
N GLN G 239 3.16 7.03 -98.71
CA GLN G 239 3.98 5.81 -98.47
C GLN G 239 5.10 6.14 -97.48
N ILE G 241 7.16 10.36 -95.15
CA ILE G 241 7.03 11.26 -96.33
C ILE G 241 5.74 12.08 -96.19
N GLY G 242 4.89 11.72 -95.23
CA GLY G 242 3.63 12.45 -95.00
C GLY G 242 3.83 13.64 -94.08
N SER G 243 5.06 13.86 -93.63
CA SER G 243 5.37 15.01 -92.74
C SER G 243 4.94 16.31 -93.42
N PRO G 244 5.27 16.53 -94.72
CA PRO G 244 4.82 17.74 -95.42
C PRO G 244 3.30 17.92 -95.26
N LYS G 245 2.55 16.82 -95.28
CA LYS G 245 1.08 16.90 -95.12
C LYS G 245 0.76 17.63 -93.81
N ASN G 246 -0.20 18.56 -93.85
CA ASN G 246 -0.56 19.34 -92.64
C ASN G 246 -2.00 19.01 -92.23
N TYR G 269 -12.98 3.76 -76.65
CA TYR G 269 -11.55 3.98 -76.32
C TYR G 269 -11.19 5.45 -76.57
N LYS G 270 -11.20 6.27 -75.52
CA LYS G 270 -10.92 7.72 -75.66
C LYS G 270 -9.50 7.94 -76.18
N VAL G 271 -8.51 7.27 -75.59
CA VAL G 271 -7.10 7.51 -75.98
C VAL G 271 -6.37 6.17 -76.16
N LYS G 272 -6.95 5.24 -76.92
CA LYS G 272 -6.34 3.91 -77.13
C LYS G 272 -7.22 3.10 -78.08
N ASP G 273 -6.86 1.83 -78.34
CA ASP G 273 -7.71 0.95 -79.19
C ASP G 273 -7.22 -0.50 -79.02
N PRO G 274 -7.79 -1.26 -78.05
CA PRO G 274 -7.33 -2.63 -77.80
C PRO G 274 -7.47 -3.47 -79.08
N ARG G 275 -8.55 -3.24 -79.82
CA ARG G 275 -8.75 -3.98 -81.09
C ARG G 275 -7.56 -3.71 -82.02
N ALA G 276 -7.17 -2.45 -82.15
CA ALA G 276 -6.02 -2.09 -83.01
C ALA G 276 -4.77 -2.78 -82.47
N THR G 277 -4.58 -2.75 -81.15
CA THR G 277 -3.38 -3.38 -80.53
C THR G 277 -3.37 -4.88 -80.88
N ILE G 278 -4.52 -5.54 -80.73
CA ILE G 278 -4.60 -7.00 -81.03
C ILE G 278 -4.25 -7.22 -82.50
N LEU G 279 -4.81 -6.39 -83.39
CA LEU G 279 -4.52 -6.51 -84.83
C LEU G 279 -3.02 -6.29 -85.06
N HIS G 280 -2.43 -5.34 -84.34
CA HIS G 280 -0.97 -5.07 -84.46
C HIS G 280 -0.19 -6.35 -84.14
N LYS G 281 -0.58 -7.05 -83.07
CA LYS G 281 0.08 -8.33 -82.70
C LYS G 281 -0.09 -9.31 -83.86
N LEU G 282 -1.30 -9.41 -84.39
CA LEU G 282 -1.58 -10.35 -85.52
C LEU G 282 -0.67 -9.98 -86.69
N VAL G 283 -0.52 -8.68 -86.97
CA VAL G 283 0.35 -8.22 -88.07
C VAL G 283 1.79 -8.68 -87.77
N GLU G 284 2.22 -8.52 -86.52
CA GLU G 284 3.60 -8.94 -86.13
C GLU G 284 3.76 -10.43 -86.44
N GLN G 285 2.78 -11.25 -86.03
CA GLN G 285 2.85 -12.72 -86.28
C GLN G 285 2.82 -12.97 -87.79
N LEU G 286 1.99 -12.21 -88.52
CA LEU G 286 1.92 -12.36 -90.00
C LEU G 286 3.31 -12.08 -90.58
N VAL G 287 3.95 -11.01 -90.09
CA VAL G 287 5.34 -10.68 -90.55
C VAL G 287 6.28 -11.81 -90.10
N ALA G 288 6.08 -12.30 -88.88
CA ALA G 288 6.96 -13.37 -88.33
C ALA G 288 6.94 -14.58 -89.28
N GLU G 289 5.78 -14.88 -89.85
CA GLU G 289 5.65 -16.04 -90.78
C GLU G 289 5.02 -15.57 -92.09
N ASP G 299 6.71 0.10 -96.70
CA ASP G 299 5.41 0.18 -95.96
C ASP G 299 5.24 -1.07 -95.09
N THR G 300 6.15 -2.04 -95.23
CA THR G 300 6.06 -3.31 -94.46
C THR G 300 6.11 -3.00 -92.96
N ALA G 301 6.99 -2.07 -92.55
CA ALA G 301 7.13 -1.74 -91.11
C ALA G 301 7.11 -0.22 -90.91
N LEU G 302 7.70 0.53 -91.84
CA LEU G 302 7.74 2.02 -91.73
C LEU G 302 6.31 2.55 -91.74
N LYS G 303 5.47 2.01 -92.63
CA LYS G 303 4.04 2.43 -92.68
C LYS G 303 3.38 2.06 -91.34
N LEU G 304 3.78 0.91 -90.77
CA LEU G 304 3.18 0.44 -89.50
C LEU G 304 3.42 1.47 -88.40
N GLU G 305 4.67 1.90 -88.23
CA GLU G 305 5.00 2.93 -87.20
C GLU G 305 4.38 4.26 -87.63
N GLU G 306 4.31 4.51 -88.93
CA GLU G 306 3.78 5.81 -89.43
C GLU G 306 2.39 6.05 -88.84
N VAL G 307 2.08 7.30 -88.49
CA VAL G 307 0.73 7.65 -87.94
C VAL G 307 0.63 7.12 -86.50
N CYS G 308 0.74 5.80 -86.32
CA CYS G 308 0.62 5.20 -84.96
C CYS G 308 1.68 5.83 -84.06
N ALA G 309 2.91 5.95 -84.55
CA ALA G 309 3.99 6.57 -83.75
C ALA G 309 3.82 8.09 -83.78
N ASP G 310 2.94 8.60 -84.65
CA ASP G 310 2.71 10.06 -84.77
C ASP G 310 1.59 10.45 -83.81
N ARG G 311 1.22 9.56 -82.91
CA ARG G 311 0.11 9.83 -81.95
C ARG G 311 0.43 11.10 -81.15
N LEU G 312 1.69 11.27 -80.74
CA LEU G 312 2.09 12.45 -79.92
C LEU G 312 1.79 13.72 -80.72
N GLY G 313 2.09 13.72 -82.02
CA GLY G 313 1.83 14.90 -82.87
C GLY G 313 0.50 15.56 -82.52
N GLY G 316 -5.25 14.15 -78.22
CA GLY G 316 -6.59 13.71 -77.78
C GLY G 316 -6.97 12.35 -78.36
N VAL G 317 -6.75 12.14 -79.66
CA VAL G 317 -7.18 10.87 -80.30
C VAL G 317 -6.00 9.90 -80.38
N TYR G 318 -6.22 8.71 -80.93
CA TYR G 318 -5.15 7.69 -81.04
C TYR G 318 -5.38 6.83 -82.29
N PRO G 319 -4.38 6.06 -82.76
CA PRO G 319 -4.52 5.25 -83.97
C PRO G 319 -5.79 4.39 -83.96
N ASN G 320 -6.53 4.35 -85.07
CA ASN G 320 -7.79 3.58 -85.16
C ASN G 320 -7.49 2.11 -85.47
N VAL G 321 -8.45 1.22 -85.19
CA VAL G 321 -8.27 -0.23 -85.48
C VAL G 321 -8.22 -0.43 -87.00
N ASP G 322 -8.87 0.45 -87.76
CA ASP G 322 -8.94 0.30 -89.24
C ASP G 322 -7.52 0.22 -89.81
N PHE G 323 -6.55 0.90 -89.18
CA PHE G 323 -5.18 0.94 -89.74
C PHE G 323 -4.69 -0.48 -90.04
N TYR G 324 -4.85 -1.40 -89.09
CA TYR G 324 -4.37 -2.79 -89.28
C TYR G 324 -5.45 -3.60 -90.01
N SER G 325 -6.71 -3.17 -89.92
CA SER G 325 -7.83 -3.93 -90.53
C SER G 325 -7.63 -4.04 -92.04
N GLY G 326 -7.44 -2.91 -92.73
CA GLY G 326 -7.32 -2.94 -94.20
C GLY G 326 -6.14 -3.79 -94.66
N ILE G 327 -4.96 -3.56 -94.08
CA ILE G 327 -3.75 -4.32 -94.50
C ILE G 327 -4.02 -5.81 -94.28
N LEU G 328 -4.61 -6.16 -93.14
CA LEU G 328 -4.85 -7.58 -92.82
C LEU G 328 -5.77 -8.19 -93.89
N TYR G 329 -6.89 -7.53 -94.18
CA TYR G 329 -7.86 -8.05 -95.18
C TYR G 329 -7.17 -8.16 -96.54
N SER G 330 -6.42 -7.13 -96.92
CA SER G 330 -5.74 -7.12 -98.24
C SER G 330 -4.77 -8.29 -98.33
N GLU G 331 -3.96 -8.49 -97.28
CA GLU G 331 -3.00 -9.62 -97.26
C GLU G 331 -3.78 -10.92 -97.39
N MET G 332 -4.94 -11.00 -96.75
CA MET G 332 -5.80 -12.20 -96.85
C MET G 332 -6.38 -12.27 -98.27
N GLY G 333 -6.28 -11.17 -99.03
CA GLY G 333 -6.74 -11.16 -100.43
C GLY G 333 -8.06 -10.42 -100.61
N ILE G 334 -8.73 -10.08 -99.50
CA ILE G 334 -10.07 -9.42 -99.59
C ILE G 334 -9.92 -8.11 -100.37
N PRO G 335 -10.79 -7.81 -101.36
CA PRO G 335 -10.74 -6.53 -102.07
C PRO G 335 -11.21 -5.40 -101.13
N GLU G 336 -10.62 -4.21 -101.27
CA GLU G 336 -10.97 -3.08 -100.36
C GLU G 336 -12.47 -2.84 -100.40
N ASP G 337 -13.11 -3.04 -101.56
CA ASP G 337 -14.56 -2.78 -101.70
C ASP G 337 -15.35 -3.58 -100.67
N GLU G 338 -14.91 -4.80 -100.35
CA GLU G 338 -15.68 -5.67 -99.43
C GLU G 338 -15.25 -5.45 -97.98
N PHE G 339 -14.30 -4.53 -97.75
CA PHE G 339 -13.78 -4.33 -96.36
C PHE G 339 -14.92 -3.94 -95.42
N THR G 340 -15.70 -2.92 -95.79
CA THR G 340 -16.82 -2.45 -94.93
C THR G 340 -17.84 -3.57 -94.78
N ALA G 341 -18.08 -4.32 -95.87
CA ALA G 341 -19.05 -5.44 -95.82
C ALA G 341 -18.60 -6.47 -94.79
N LEU G 342 -17.30 -6.78 -94.77
CA LEU G 342 -16.77 -7.77 -93.78
C LEU G 342 -17.04 -7.25 -92.37
N PHE G 343 -16.83 -5.96 -92.15
CA PHE G 343 -17.14 -5.36 -90.81
C PHE G 343 -18.61 -5.61 -90.50
N ALA G 344 -19.48 -5.44 -91.50
CA ALA G 344 -20.93 -5.69 -91.30
C ALA G 344 -21.15 -7.17 -90.96
N VAL G 345 -20.41 -8.06 -91.64
CA VAL G 345 -20.58 -9.53 -91.40
C VAL G 345 -20.35 -9.81 -89.92
N ALA G 346 -19.29 -9.23 -89.34
CA ALA G 346 -18.99 -9.41 -87.90
C ALA G 346 -20.00 -8.61 -87.06
N ARG G 347 -20.28 -7.37 -87.45
CA ARG G 347 -21.19 -6.49 -86.67
C ARG G 347 -22.56 -7.14 -86.54
N SER G 348 -22.90 -8.05 -87.45
CA SER G 348 -24.25 -8.68 -87.43
C SER G 348 -24.50 -9.27 -86.04
N ALA G 349 -23.49 -9.94 -85.47
CA ALA G 349 -23.66 -10.58 -84.16
C ALA G 349 -24.09 -9.54 -83.13
N GLY G 350 -23.33 -8.46 -83.01
CA GLY G 350 -23.68 -7.39 -82.04
C GLY G 350 -25.03 -6.79 -82.38
N TRP G 351 -25.27 -6.51 -83.66
CA TRP G 351 -26.55 -5.88 -84.08
C TRP G 351 -27.72 -6.76 -83.60
N LEU G 352 -27.68 -8.05 -83.91
CA LEU G 352 -28.79 -8.97 -83.55
C LEU G 352 -28.87 -9.11 -82.03
N ALA G 353 -27.72 -9.21 -81.35
CA ALA G 353 -27.71 -9.37 -79.89
C ALA G 353 -28.41 -8.17 -79.23
N HIS G 354 -28.04 -6.95 -79.64
CA HIS G 354 -28.68 -5.74 -79.09
C HIS G 354 -30.15 -5.72 -79.48
N TRP G 355 -30.48 -6.21 -80.67
CA TRP G 355 -31.91 -6.28 -81.13
C TRP G 355 -32.71 -7.14 -80.17
N ARG G 356 -32.20 -8.34 -79.85
CA ARG G 356 -32.93 -9.26 -78.93
C ARG G 356 -33.10 -8.57 -77.57
N GLU G 357 -32.08 -7.83 -77.14
CA GLU G 357 -32.17 -7.08 -75.86
C GLU G 357 -33.21 -5.96 -76.00
N GLN G 358 -33.16 -5.23 -77.13
CA GLN G 358 -34.08 -4.08 -77.33
C GLN G 358 -35.53 -4.59 -77.34
N ILE G 359 -35.77 -5.73 -77.99
CA ILE G 359 -37.17 -6.26 -78.10
C ILE G 359 -37.64 -6.71 -76.71
N SER G 360 -36.71 -7.17 -75.88
CA SER G 360 -37.06 -7.68 -74.52
C SER G 360 -37.77 -6.57 -73.73
N ASP G 361 -37.52 -5.31 -74.07
CA ASP G 361 -38.15 -4.17 -73.33
C ASP G 361 -38.79 -3.20 -74.33
N ASN G 362 -40.06 -2.85 -74.11
CA ASN G 362 -40.78 -1.95 -75.06
C ASN G 362 -40.04 -0.61 -75.19
N ARG G 363 -39.98 -0.07 -76.40
CA ARG G 363 -39.30 1.24 -76.63
C ARG G 363 -39.77 1.79 -77.97
N ILE G 364 -39.72 3.12 -78.15
CA ILE G 364 -40.10 3.74 -79.46
C ILE G 364 -38.91 4.55 -79.98
N TYR G 365 -37.98 4.90 -79.09
CA TYR G 365 -36.80 5.71 -79.49
C TYR G 365 -37.27 6.96 -80.22
N ARG G 366 -38.36 7.57 -79.76
CA ARG G 366 -38.83 8.84 -80.37
C ARG G 366 -38.39 10.01 -79.48
N PRO G 367 -37.35 10.79 -79.87
CA PRO G 367 -36.83 11.87 -79.03
C PRO G 367 -37.52 13.21 -79.28
N THR G 368 -37.10 14.26 -78.57
CA THR G 368 -37.67 15.61 -78.76
C THR G 368 -36.81 16.40 -79.75
N GLN G 369 -37.16 17.67 -80.01
CA GLN G 369 -36.39 18.51 -80.96
C GLN G 369 -36.64 19.99 -80.66
N ILE G 370 -35.67 20.86 -80.97
CA ILE G 370 -35.88 22.32 -80.78
C ILE G 370 -36.72 22.82 -81.96
N TYR G 371 -37.62 23.80 -81.72
CA TYR G 371 -38.52 24.27 -82.79
C TYR G 371 -37.82 24.33 -84.15
N VAL G 372 -36.71 25.07 -84.25
CA VAL G 372 -36.03 25.24 -85.56
C VAL G 372 -35.78 23.86 -86.17
N GLY G 373 -35.76 22.82 -85.34
CA GLY G 373 -35.55 21.45 -85.85
C GLY G 373 -34.10 21.01 -85.73
N SER G 374 -33.28 21.83 -85.04
CA SER G 374 -31.84 21.52 -84.91
C SER G 374 -31.66 20.19 -84.17
N ASP G 375 -32.36 20.01 -83.04
CA ASP G 375 -32.23 18.78 -82.24
C ASP G 375 -32.42 17.57 -83.15
N GLU H 24 44.46 -26.03 -1.02
CA GLU H 24 45.51 -26.15 0.02
C GLU H 24 44.91 -25.78 1.38
N LYS H 25 44.90 -26.72 2.33
CA LYS H 25 44.34 -26.44 3.68
C LYS H 25 45.38 -26.86 4.73
N GLY H 26 46.50 -26.12 4.82
CA GLY H 26 47.55 -26.44 5.79
C GLY H 26 48.83 -26.88 5.10
N ILE H 27 49.01 -26.49 3.83
CA ILE H 27 50.22 -26.92 3.06
C ILE H 27 50.63 -25.81 2.09
N LEU H 28 51.92 -25.71 1.78
CA LEU H 28 52.39 -24.71 0.78
C LEU H 28 53.19 -25.44 -0.30
N SER H 29 52.76 -25.33 -1.56
CA SER H 29 53.44 -26.07 -2.65
C SER H 29 54.41 -25.18 -3.41
N TYR H 30 55.68 -25.14 -2.98
CA TYR H 30 56.70 -24.37 -3.74
C TYR H 30 57.36 -25.30 -4.75
N ARG H 31 56.94 -25.24 -6.01
CA ARG H 31 57.48 -26.17 -7.03
C ARG H 31 57.32 -27.62 -6.53
N GLY H 32 56.20 -27.90 -5.85
CA GLY H 32 55.94 -29.25 -5.34
C GLY H 32 56.84 -29.60 -4.16
N TYR H 33 57.33 -28.59 -3.44
CA TYR H 33 58.18 -28.84 -2.24
C TYR H 33 57.58 -28.10 -1.04
N PRO H 34 57.47 -28.76 0.14
CA PRO H 34 56.86 -28.12 1.31
C PRO H 34 57.78 -27.04 1.90
N LEU H 35 57.21 -25.85 2.15
CA LEU H 35 58.00 -24.74 2.73
C LEU H 35 58.63 -25.22 4.05
N GLU H 36 57.91 -26.04 4.81
CA GLU H 36 58.43 -26.56 6.10
C GLU H 36 59.80 -27.20 5.82
N THR H 37 59.89 -28.04 4.80
CA THR H 37 61.20 -28.64 4.43
C THR H 37 62.09 -27.55 3.86
N LEU H 38 61.51 -26.64 3.08
CA LEU H 38 62.31 -25.56 2.43
C LEU H 38 62.85 -24.59 3.49
N ALA H 39 62.21 -24.56 4.66
CA ALA H 39 62.67 -23.66 5.74
C ALA H 39 64.17 -23.91 5.97
N GLU H 40 64.63 -25.13 5.71
CA GLU H 40 66.06 -25.46 5.85
C GLU H 40 66.52 -26.19 4.59
N ASN H 41 67.83 -26.46 4.47
CA ASN H 41 68.35 -27.23 3.30
C ASN H 41 68.22 -26.40 2.02
N SER H 42 67.92 -25.10 2.15
CA SER H 42 67.76 -24.22 0.98
C SER H 42 67.93 -22.75 1.37
N THR H 43 68.26 -21.89 0.41
CA THR H 43 68.41 -20.43 0.68
C THR H 43 67.46 -19.67 -0.23
N PHE H 44 67.21 -18.39 0.07
CA PHE H 44 66.27 -17.57 -0.74
C PHE H 44 66.72 -17.63 -2.20
N GLU H 45 68.03 -17.45 -2.44
CA GLU H 45 68.57 -17.50 -3.81
C GLU H 45 68.16 -18.83 -4.46
N GLU H 46 68.50 -19.96 -3.82
CA GLU H 46 68.13 -21.29 -4.37
C GLU H 46 66.61 -21.37 -4.51
N THR H 47 65.88 -20.96 -3.47
CA THR H 47 64.40 -21.01 -3.52
C THR H 47 63.90 -20.18 -4.70
N THR H 48 64.40 -18.96 -4.85
CA THR H 48 63.96 -18.07 -5.96
C THR H 48 64.28 -18.76 -7.28
N LEU H 49 65.48 -19.34 -7.40
CA LEU H 49 65.90 -19.97 -8.68
C LEU H 49 64.88 -21.05 -9.07
N LEU H 50 64.57 -21.96 -8.15
CA LEU H 50 63.64 -23.07 -8.48
C LEU H 50 62.22 -22.50 -8.66
N LEU H 51 61.87 -21.49 -7.86
CA LEU H 51 60.54 -20.85 -7.99
C LEU H 51 60.39 -20.34 -9.43
N LEU H 52 61.43 -19.71 -9.96
CA LEU H 52 61.39 -19.21 -11.36
C LEU H 52 61.26 -20.41 -12.31
N ASP H 53 62.02 -21.48 -12.06
CA ASP H 53 61.93 -22.70 -12.89
C ASP H 53 62.89 -23.77 -12.34
N GLY H 54 62.69 -25.03 -12.72
CA GLY H 54 63.60 -26.11 -12.30
C GLY H 54 63.51 -26.37 -10.81
N GLU H 55 64.54 -27.01 -10.23
CA GLU H 55 64.54 -27.35 -8.79
C GLU H 55 65.95 -27.74 -8.37
N LEU H 56 66.32 -27.46 -7.10
CA LEU H 56 67.67 -27.85 -6.59
C LEU H 56 68.69 -27.70 -7.71
N PRO H 57 69.02 -26.47 -8.17
CA PRO H 57 69.92 -26.28 -9.30
C PRO H 57 71.34 -26.79 -9.01
N THR H 58 72.09 -27.14 -10.06
CA THR H 58 73.49 -27.61 -9.87
C THR H 58 74.28 -26.51 -9.18
N LYS H 59 75.32 -26.87 -8.41
CA LYS H 59 76.09 -25.86 -7.65
C LYS H 59 76.49 -24.73 -8.60
N LYS H 60 77.06 -25.07 -9.76
CA LYS H 60 77.50 -24.05 -10.74
C LYS H 60 76.30 -23.19 -11.13
N ALA H 61 75.15 -23.83 -11.44
CA ALA H 61 73.97 -23.07 -11.90
C ALA H 61 73.55 -22.07 -10.82
N LEU H 62 73.40 -22.53 -9.57
CA LEU H 62 72.97 -21.63 -8.47
C LEU H 62 74.04 -20.56 -8.27
N ASN H 63 75.30 -20.95 -8.31
CA ASN H 63 76.42 -19.98 -8.13
C ASN H 63 76.32 -18.92 -9.22
N ASP H 64 76.21 -19.35 -10.48
CA ASP H 64 76.15 -18.39 -11.62
C ASP H 64 74.92 -17.50 -11.44
N PHE H 65 73.77 -18.11 -11.13
CA PHE H 65 72.52 -17.33 -10.92
C PHE H 65 72.77 -16.29 -9.82
N SER H 66 73.37 -16.74 -8.71
CA SER H 66 73.66 -15.81 -7.58
C SER H 66 74.64 -14.74 -8.06
N GLN H 67 75.74 -15.15 -8.70
CA GLN H 67 76.74 -14.17 -9.20
C GLN H 67 76.02 -13.08 -9.99
N GLN H 68 75.21 -13.47 -10.99
CA GLN H 68 74.51 -12.48 -11.83
C GLN H 68 73.72 -11.55 -10.91
N LEU H 69 73.01 -12.11 -9.94
CA LEU H 69 72.24 -11.30 -8.96
C LEU H 69 73.23 -10.41 -8.21
N LYS H 70 74.34 -10.98 -7.76
CA LYS H 70 75.35 -10.22 -6.97
C LYS H 70 75.93 -9.09 -7.83
N ASP H 71 75.91 -9.26 -9.15
CA ASP H 71 76.51 -8.23 -10.06
C ASP H 71 75.46 -7.17 -10.40
N ASN H 72 74.20 -7.39 -10.02
CA ASN H 72 73.11 -6.42 -10.35
C ASN H 72 72.70 -5.66 -9.09
N TYR H 73 73.36 -5.92 -7.96
CA TYR H 73 72.99 -5.27 -6.68
C TYR H 73 73.16 -3.75 -6.80
N ARG H 74 74.06 -3.29 -7.67
CA ARG H 74 74.36 -1.84 -7.78
C ARG H 74 73.09 -1.08 -8.19
N ILE H 75 73.03 0.22 -7.89
CA ILE H 75 71.84 1.04 -8.23
C ILE H 75 72.29 2.25 -9.06
N LYS H 76 71.47 2.66 -10.04
CA LYS H 76 71.80 3.84 -10.88
C LYS H 76 71.92 5.08 -9.97
N TYR H 77 72.87 5.96 -10.27
CA TYR H 77 73.07 7.19 -9.44
C TYR H 77 71.79 8.03 -9.47
N HIS H 78 71.10 8.03 -10.61
CA HIS H 78 69.85 8.83 -10.73
C HIS H 78 68.88 8.40 -9.63
N ILE H 79 68.75 7.10 -9.39
CA ILE H 79 67.77 6.60 -8.39
C ILE H 79 68.06 7.23 -7.02
N ARG H 80 69.31 7.14 -6.55
CA ARG H 80 69.62 7.66 -5.19
C ARG H 80 69.32 9.16 -5.14
N GLN H 81 69.78 9.91 -6.15
CA GLN H 81 69.49 11.37 -6.20
C GLN H 81 67.98 11.56 -6.15
N MET H 82 67.24 10.83 -6.98
CA MET H 82 65.76 10.97 -7.03
C MET H 82 65.20 10.79 -5.63
N MET H 83 65.66 9.76 -4.91
CA MET H 83 65.17 9.50 -3.54
C MET H 83 65.48 10.73 -2.68
N ARG H 84 66.68 11.28 -2.83
CA ARG H 84 67.09 12.46 -2.01
C ARG H 84 66.12 13.61 -2.27
N HIS H 85 65.70 13.80 -3.52
CA HIS H 85 64.76 14.91 -3.88
C HIS H 85 63.44 14.73 -3.12
N PHE H 86 62.97 13.50 -2.95
CA PHE H 86 61.64 13.27 -2.32
C PHE H 86 61.72 13.48 -0.80
N PRO H 87 60.58 13.82 -0.13
CA PRO H 87 60.58 14.10 1.31
C PRO H 87 60.80 12.87 2.20
N HIS H 88 61.35 13.08 3.40
CA HIS H 88 61.60 11.96 4.34
C HIS H 88 60.27 11.32 4.74
N THR H 89 59.20 12.12 4.81
CA THR H 89 57.88 11.58 5.26
C THR H 89 57.44 10.44 4.34
N GLY H 90 58.01 10.35 3.14
CA GLY H 90 57.59 9.30 2.17
C GLY H 90 57.64 7.91 2.76
N HIS H 91 56.62 7.10 2.51
CA HIS H 91 56.59 5.69 3.01
C HIS H 91 57.49 4.82 2.13
N PRO H 92 58.21 3.83 2.70
CA PRO H 92 59.13 3.02 1.90
C PRO H 92 58.47 2.35 0.70
N MET H 93 57.28 1.78 0.89
CA MET H 93 56.61 1.05 -0.21
C MET H 93 56.38 2.00 -1.40
N ASP H 94 55.88 3.21 -1.13
CA ASP H 94 55.59 4.17 -2.22
C ASP H 94 56.89 4.47 -2.98
N MET H 95 57.96 4.75 -2.23
CA MET H 95 59.26 5.06 -2.87
C MET H 95 59.71 3.84 -3.69
N LEU H 96 59.55 2.64 -3.13
CA LEU H 96 59.99 1.41 -3.84
C LEU H 96 59.25 1.31 -5.17
N GLN H 97 57.93 1.52 -5.15
CA GLN H 97 57.12 1.42 -6.39
C GLN H 97 57.67 2.44 -7.40
N THR H 98 57.88 3.68 -6.95
CA THR H 98 58.42 4.74 -7.84
C THR H 98 59.77 4.29 -8.37
N ALA H 99 60.63 3.76 -7.50
CA ALA H 99 61.99 3.37 -7.91
C ALA H 99 61.92 2.29 -8.99
N VAL H 100 61.08 1.28 -8.79
CA VAL H 100 61.02 0.14 -9.75
C VAL H 100 60.59 0.69 -11.12
N SER H 101 59.56 1.54 -11.15
CA SER H 101 59.09 2.13 -12.42
C SER H 101 60.23 2.96 -13.03
N SER H 102 60.89 3.78 -12.21
CA SER H 102 62.00 4.62 -12.72
C SER H 102 63.12 3.73 -13.26
N LEU H 103 63.43 2.64 -12.55
CA LEU H 103 64.52 1.72 -12.98
C LEU H 103 64.20 1.22 -14.38
N GLY H 104 62.92 1.00 -14.67
CA GLY H 104 62.51 0.49 -15.99
C GLY H 104 62.96 1.42 -17.10
N MET H 105 62.95 2.73 -16.85
CA MET H 105 63.35 3.71 -17.89
C MET H 105 64.84 3.53 -18.23
N PHE H 106 65.57 2.76 -17.43
CA PHE H 106 67.01 2.51 -17.68
C PHE H 106 67.18 1.25 -18.55
N TYR H 107 66.23 0.31 -18.44
CA TYR H 107 66.28 -0.93 -19.26
C TYR H 107 64.95 -1.11 -19.96
N PRO H 108 64.60 -0.28 -20.96
CA PRO H 108 63.28 -0.34 -21.61
C PRO H 108 63.20 -1.38 -22.73
N GLY H 109 62.12 -1.35 -23.51
CA GLY H 109 61.96 -2.30 -24.63
C GLY H 109 60.67 -3.10 -24.51
N THR H 110 60.29 -3.83 -25.56
CA THR H 110 59.09 -4.71 -25.51
C THR H 110 59.47 -6.10 -26.01
N GLU H 111 58.93 -7.14 -25.37
CA GLU H 111 59.28 -8.54 -25.75
C GLU H 111 58.48 -8.96 -26.99
N CYS H 112 57.67 -8.05 -27.54
CA CYS H 112 56.88 -8.36 -28.76
C CYS H 112 57.84 -8.79 -29.88
N LEU H 113 59.02 -8.18 -29.96
CA LEU H 113 60.01 -8.52 -31.00
C LEU H 113 59.34 -8.48 -32.38
N CYS H 119 65.84 -5.98 -33.43
CA CYS H 119 64.80 -5.50 -32.47
C CYS H 119 65.27 -5.78 -31.04
N GLU H 120 65.03 -6.99 -30.54
CA GLU H 120 65.45 -7.37 -29.16
C GLU H 120 66.97 -7.42 -29.10
N ASP H 121 67.54 -7.21 -27.90
CA ASP H 121 69.01 -7.27 -27.73
C ASP H 121 69.36 -8.48 -26.84
N LEU H 122 69.52 -8.25 -25.54
CA LEU H 122 69.86 -9.35 -24.59
C LEU H 122 68.58 -10.12 -24.24
N ASP H 123 68.71 -11.19 -23.45
CA ASP H 123 67.52 -11.95 -23.01
C ASP H 123 66.75 -11.08 -21.99
N TYR H 124 65.75 -10.34 -22.46
CA TYR H 124 65.00 -9.43 -21.56
C TYR H 124 64.52 -10.23 -20.35
N VAL H 125 63.90 -11.38 -20.61
CA VAL H 125 63.43 -12.26 -19.50
C VAL H 125 64.66 -12.77 -18.74
N ARG H 126 64.51 -13.04 -17.45
CA ARG H 126 65.63 -13.57 -16.61
C ARG H 126 66.62 -12.43 -16.34
N ASN H 127 67.23 -11.88 -17.39
CA ASN H 127 68.24 -10.80 -17.20
C ASN H 127 67.56 -9.65 -16.44
N MET H 128 66.41 -9.18 -16.94
CA MET H 128 65.67 -8.13 -16.20
C MET H 128 65.21 -8.71 -14.86
N THR H 129 64.77 -9.98 -14.86
CA THR H 129 64.28 -10.63 -13.63
C THR H 129 65.37 -10.61 -12.56
N VAL H 130 66.59 -11.05 -12.91
CA VAL H 130 67.70 -11.11 -11.92
C VAL H 130 68.00 -9.68 -11.45
N ASN H 131 68.04 -8.74 -12.39
CA ASN H 131 68.36 -7.32 -12.05
C ASN H 131 67.31 -6.84 -11.04
N ILE H 132 66.03 -7.12 -11.30
CA ILE H 132 64.95 -6.62 -10.40
C ILE H 132 65.16 -7.18 -9.00
N ILE H 133 65.33 -8.50 -8.88
CA ILE H 133 65.46 -9.12 -7.52
C ILE H 133 66.71 -8.57 -6.85
N ALA H 134 67.80 -8.40 -7.61
CA ALA H 134 69.08 -7.94 -7.03
C ALA H 134 68.91 -6.52 -6.47
N GLN H 135 68.14 -5.67 -7.14
CA GLN H 135 68.02 -4.26 -6.71
C GLN H 135 66.87 -4.10 -5.71
N MET H 136 66.09 -5.15 -5.47
CA MET H 136 64.92 -5.06 -4.57
C MET H 136 65.39 -4.64 -3.17
N ALA H 137 66.42 -5.32 -2.63
CA ALA H 137 66.90 -5.03 -1.26
C ALA H 137 67.60 -3.67 -1.21
N PRO H 138 68.59 -3.39 -2.08
CA PRO H 138 69.35 -2.13 -1.99
C PRO H 138 68.44 -0.91 -1.97
N LEU H 139 67.44 -0.87 -2.85
CA LEU H 139 66.55 0.33 -2.94
C LEU H 139 65.90 0.57 -1.57
N VAL H 140 65.39 -0.48 -0.94
CA VAL H 140 64.68 -0.32 0.37
C VAL H 140 65.66 0.29 1.37
N ALA H 141 66.85 -0.30 1.51
CA ALA H 141 67.84 0.20 2.47
C ALA H 141 68.23 1.63 2.09
N MET H 142 68.43 1.88 0.80
CA MET H 142 68.85 3.23 0.34
C MET H 142 67.83 4.27 0.82
N TRP H 143 66.54 4.02 0.55
CA TRP H 143 65.49 4.99 0.95
C TRP H 143 65.51 5.17 2.46
N GLU H 144 65.66 4.06 3.19
CA GLU H 144 65.69 4.13 4.68
C GLU H 144 66.80 5.10 5.11
N HIS H 145 68.02 4.89 4.60
CA HIS H 145 69.17 5.75 4.99
C HIS H 145 68.90 7.19 4.54
N ILE H 146 68.49 7.37 3.29
CA ILE H 146 68.23 8.73 2.74
C ILE H 146 67.09 9.37 3.55
N ARG H 147 66.04 8.61 3.82
CA ARG H 147 64.90 9.13 4.61
C ARG H 147 65.42 9.57 5.99
N ASN H 148 66.34 8.80 6.55
CA ASN H 148 66.93 9.14 7.87
C ASN H 148 67.97 10.25 7.68
N GLY H 149 68.13 10.73 6.43
CA GLY H 149 69.09 11.81 6.16
C GLY H 149 70.52 11.32 6.15
N TRP H 150 70.73 10.04 5.85
CA TRP H 150 72.10 9.45 5.88
C TRP H 150 72.44 8.86 4.51
N ASP H 151 73.73 8.80 4.18
CA ASP H 151 74.16 8.22 2.89
C ASP H 151 73.79 6.72 2.87
N PRO H 152 73.25 6.20 1.75
CA PRO H 152 72.82 4.80 1.67
C PRO H 152 73.99 3.83 1.88
N VAL H 153 73.72 2.66 2.47
CA VAL H 153 74.78 1.64 2.68
C VAL H 153 74.80 0.72 1.45
N ASN H 154 75.87 0.78 0.66
CA ASN H 154 75.96 -0.04 -0.58
C ASN H 154 75.92 -1.53 -0.21
N PRO H 155 75.21 -2.38 -0.98
CA PRO H 155 75.17 -3.82 -0.71
C PRO H 155 76.53 -4.46 -1.00
N LYS H 156 76.83 -5.59 -0.36
CA LYS H 156 78.11 -6.30 -0.59
C LYS H 156 77.89 -7.47 -1.55
N HIS H 157 78.68 -7.55 -2.62
CA HIS H 157 78.53 -8.62 -3.63
C HIS H 157 78.63 -9.98 -2.94
N ASP H 158 79.64 -10.16 -2.07
CA ASP H 158 79.86 -11.47 -1.41
C ASP H 158 78.68 -11.80 -0.48
N LEU H 159 78.18 -10.80 0.26
CA LEU H 159 77.09 -11.04 1.24
C LEU H 159 75.83 -11.52 0.51
N SER H 160 75.04 -12.39 1.15
CA SER H 160 73.80 -12.92 0.54
C SER H 160 72.67 -11.88 0.64
N VAL H 161 71.51 -12.17 0.04
CA VAL H 161 70.39 -11.19 0.04
C VAL H 161 70.08 -10.80 1.49
N ALA H 162 69.81 -11.81 2.34
CA ALA H 162 69.48 -11.53 3.75
C ALA H 162 70.66 -10.81 4.41
N GLU H 163 71.88 -11.29 4.16
CA GLU H 163 73.08 -10.67 4.77
C GLU H 163 73.14 -9.20 4.38
N ASN H 164 73.04 -8.92 3.08
CA ASN H 164 73.12 -7.51 2.60
C ASN H 164 72.01 -6.70 3.27
N LEU H 165 70.80 -7.27 3.33
CA LEU H 165 69.66 -6.55 3.93
C LEU H 165 70.07 -6.09 5.34
N LEU H 166 70.42 -7.04 6.21
CA LEU H 166 70.77 -6.69 7.61
C LEU H 166 72.02 -5.81 7.60
N TYR H 167 73.01 -6.15 6.78
CA TYR H 167 74.27 -5.38 6.74
C TYR H 167 73.98 -3.92 6.39
N MET H 168 73.18 -3.69 5.34
CA MET H 168 72.90 -2.31 4.89
C MET H 168 72.12 -1.57 5.98
N PHE H 169 71.06 -2.19 6.50
CA PHE H 169 70.21 -1.53 7.52
C PHE H 169 71.03 -1.32 8.81
N ASN H 170 71.83 -2.32 9.19
CA ASN H 170 72.63 -2.23 10.45
C ASN H 170 73.92 -1.47 10.17
N GLY H 171 74.27 -1.28 8.89
CA GLY H 171 75.53 -0.58 8.54
C GLY H 171 76.74 -1.45 8.84
N GLU H 172 76.50 -2.72 9.22
CA GLU H 172 77.61 -3.64 9.55
C GLU H 172 77.17 -5.09 9.26
N GLU H 173 78.11 -5.97 8.94
CA GLU H 173 77.76 -7.37 8.58
C GLU H 173 77.02 -8.01 9.76
N PRO H 174 75.81 -8.59 9.56
CA PRO H 174 75.03 -9.14 10.67
C PRO H 174 75.47 -10.56 11.04
N ASP H 175 75.04 -11.04 12.22
CA ASP H 175 75.35 -12.43 12.64
C ASP H 175 74.64 -13.41 11.70
N PRO H 176 75.23 -14.58 11.41
CA PRO H 176 74.57 -15.58 10.56
C PRO H 176 73.20 -15.96 11.16
N LEU H 177 73.11 -15.99 12.49
CA LEU H 177 71.85 -16.39 13.16
C LEU H 177 70.70 -15.56 12.58
N MET H 178 70.73 -14.24 12.76
CA MET H 178 69.65 -13.36 12.26
C MET H 178 69.61 -13.45 10.73
N ALA H 179 70.78 -13.56 10.10
CA ALA H 179 70.84 -13.67 8.63
C ALA H 179 70.01 -14.89 8.19
N LYS H 180 70.22 -16.03 8.86
CA LYS H 180 69.47 -17.27 8.51
C LYS H 180 67.98 -17.00 8.73
N ILE H 181 67.63 -16.36 9.84
CA ILE H 181 66.19 -16.08 10.13
C ILE H 181 65.63 -15.22 9.00
N MET H 182 66.35 -14.16 8.62
CA MET H 182 65.88 -13.27 7.53
C MET H 182 65.78 -14.08 6.24
N ASP H 183 66.78 -14.92 5.96
CA ASP H 183 66.76 -15.75 4.73
C ASP H 183 65.50 -16.63 4.75
N VAL H 184 65.24 -17.28 5.89
CA VAL H 184 64.03 -18.16 6.01
C VAL H 184 62.79 -17.30 5.79
N CYS H 185 62.75 -16.11 6.40
CA CYS H 185 61.58 -15.22 6.26
C CYS H 185 61.33 -14.93 4.78
N LEU H 186 62.41 -14.62 4.04
CA LEU H 186 62.27 -14.34 2.58
C LEU H 186 61.70 -15.57 1.89
N ILE H 187 62.24 -16.76 2.21
CA ILE H 187 61.77 -18.01 1.56
C ILE H 187 60.28 -18.19 1.87
N LEU H 188 59.85 -17.86 3.09
CA LEU H 188 58.42 -18.00 3.47
C LEU H 188 57.56 -17.07 2.62
N HIS H 189 58.03 -15.84 2.36
CA HIS H 189 57.20 -14.85 1.62
C HIS H 189 57.52 -14.91 0.12
N ALA H 190 58.27 -15.91 -0.33
CA ALA H 190 58.69 -15.98 -1.75
C ALA H 190 57.45 -16.00 -2.65
N GLU H 191 56.47 -16.85 -2.34
CA GLU H 191 55.27 -16.98 -3.21
C GLU H 191 54.12 -17.61 -2.42
N HIS H 192 52.88 -17.22 -2.72
CA HIS H 192 51.70 -17.79 -2.01
C HIS H 192 50.53 -17.90 -2.99
N THR H 193 50.61 -18.83 -3.94
CA THR H 193 49.52 -19.06 -4.92
C THR H 193 49.12 -17.75 -5.59
N LEU H 194 47.81 -17.56 -5.85
CA LEU H 194 47.34 -16.32 -6.52
C LEU H 194 47.03 -15.24 -5.48
N ASN H 195 48.05 -14.74 -4.79
CA ASN H 195 47.82 -13.63 -3.82
C ASN H 195 47.43 -12.39 -4.62
N ALA H 196 46.68 -11.47 -4.00
CA ALA H 196 46.18 -10.28 -4.73
C ALA H 196 47.32 -9.64 -5.53
N SER H 197 48.48 -9.42 -4.89
CA SER H 197 49.60 -8.74 -5.58
C SER H 197 50.02 -9.56 -6.81
N THR H 198 50.18 -10.87 -6.63
CA THR H 198 50.60 -11.75 -7.76
C THR H 198 49.52 -11.66 -8.86
N PHE H 199 48.26 -11.73 -8.48
CA PHE H 199 47.15 -11.69 -9.47
C PHE H 199 47.23 -10.36 -10.24
N ALA H 200 47.48 -9.26 -9.53
CA ALA H 200 47.61 -7.95 -10.18
C ALA H 200 48.74 -8.01 -11.20
N ALA H 201 49.86 -8.62 -10.82
CA ALA H 201 51.01 -8.75 -11.73
C ALA H 201 50.56 -9.52 -12.98
N LEU H 202 49.75 -10.56 -12.79
CA LEU H 202 49.29 -11.39 -13.94
C LEU H 202 48.53 -10.49 -14.93
N VAL H 203 47.66 -9.62 -14.42
CA VAL H 203 46.88 -8.71 -15.31
C VAL H 203 47.85 -7.82 -16.09
N ALA H 204 48.82 -7.23 -15.38
CA ALA H 204 49.81 -6.36 -16.05
C ALA H 204 50.57 -7.17 -17.10
N GLY H 205 50.97 -8.39 -16.75
CA GLY H 205 51.71 -9.25 -17.70
C GLY H 205 50.88 -9.53 -18.94
N SER H 206 49.57 -9.69 -18.77
CA SER H 206 48.68 -10.01 -19.92
C SER H 206 48.80 -8.89 -20.97
N THR H 207 48.96 -7.65 -20.52
CA THR H 207 49.11 -6.50 -21.46
C THR H 207 50.53 -6.52 -22.04
N LEU H 208 51.38 -7.43 -21.56
CA LEU H 208 52.79 -7.51 -22.05
C LEU H 208 53.52 -6.22 -21.70
N ALA H 209 53.23 -5.64 -20.53
CA ALA H 209 53.95 -4.43 -20.08
C ALA H 209 55.36 -4.83 -19.64
N THR H 210 56.26 -3.84 -19.50
CA THR H 210 57.66 -4.13 -19.07
C THR H 210 57.64 -4.81 -17.71
N PRO H 211 58.55 -5.75 -17.41
CA PRO H 211 58.54 -6.46 -16.14
C PRO H 211 58.63 -5.48 -14.97
N TYR H 212 59.48 -4.45 -15.11
CA TYR H 212 59.66 -3.45 -14.02
C TYR H 212 58.30 -2.81 -13.71
N SER H 213 57.57 -2.40 -14.75
CA SER H 213 56.25 -1.75 -14.54
C SER H 213 55.32 -2.72 -13.81
N VAL H 214 55.32 -3.99 -14.22
CA VAL H 214 54.44 -5.01 -13.59
C VAL H 214 54.78 -5.12 -12.11
N ILE H 215 56.08 -5.23 -11.79
CA ILE H 215 56.53 -5.36 -10.38
C ILE H 215 56.11 -4.09 -9.62
N SER H 216 56.27 -2.92 -10.25
CA SER H 216 55.86 -1.65 -9.60
C SER H 216 54.38 -1.73 -9.24
N ALA H 217 53.56 -2.25 -10.17
CA ALA H 217 52.11 -2.40 -9.90
C ALA H 217 51.93 -3.35 -8.72
N ALA H 218 52.69 -4.45 -8.69
CA ALA H 218 52.56 -5.44 -7.61
C ALA H 218 52.86 -4.76 -6.27
N ILE H 219 53.88 -3.89 -6.23
CA ILE H 219 54.26 -3.20 -4.98
C ILE H 219 53.05 -2.43 -4.47
N GLY H 220 52.36 -1.70 -5.35
CA GLY H 220 51.16 -0.94 -4.95
C GLY H 220 50.11 -1.85 -4.32
N THR H 221 49.80 -2.96 -4.99
CA THR H 221 48.76 -3.89 -4.49
C THR H 221 49.19 -4.40 -3.11
N LEU H 222 50.45 -4.82 -2.97
CA LEU H 222 50.96 -5.32 -1.68
C LEU H 222 50.89 -4.19 -0.64
N SER H 223 51.20 -2.96 -1.05
CA SER H 223 51.21 -1.81 -0.11
C SER H 223 49.86 -1.75 0.60
N GLY H 224 48.78 -2.09 -0.10
CA GLY H 224 47.43 -2.04 0.50
C GLY H 224 47.39 -2.80 1.81
N PRO H 225 46.71 -2.26 2.86
CA PRO H 225 46.69 -2.91 4.17
C PRO H 225 46.16 -4.34 4.11
N LEU H 226 45.16 -4.60 3.27
CA LEU H 226 44.56 -5.96 3.18
C LEU H 226 45.63 -6.95 2.72
N HIS H 227 46.38 -6.60 1.67
CA HIS H 227 47.49 -7.49 1.20
C HIS H 227 48.68 -7.35 2.16
N GLY H 228 48.94 -6.13 2.65
CA GLY H 228 50.02 -5.91 3.63
C GLY H 228 49.48 -5.96 5.04
N GLY H 229 49.70 -4.92 5.84
CA GLY H 229 49.12 -4.87 7.19
C GLY H 229 50.04 -5.46 8.24
N ALA H 230 51.14 -6.08 7.82
CA ALA H 230 52.11 -6.62 8.79
C ALA H 230 52.50 -5.50 9.76
N ASN H 231 52.72 -4.30 9.24
CA ASN H 231 53.04 -3.13 10.11
C ASN H 231 51.76 -2.67 10.81
N GLN H 232 50.63 -2.72 10.11
CA GLN H 232 49.35 -2.21 10.68
C GLN H 232 48.95 -3.03 11.91
N ARG H 233 49.45 -4.26 12.04
CA ARG H 233 49.00 -5.15 13.16
C ARG H 233 49.60 -4.69 14.50
N VAL H 234 50.49 -3.70 14.49
CA VAL H 234 51.02 -3.17 15.78
C VAL H 234 49.82 -2.83 16.68
N VAL H 235 49.78 -3.41 17.89
CA VAL H 235 48.65 -3.15 18.82
C VAL H 235 49.23 -2.79 20.20
N GLY H 236 49.14 -1.51 20.58
CA GLY H 236 49.64 -1.07 21.90
C GLY H 236 48.94 -1.79 23.03
N MET H 237 47.64 -2.08 22.85
CA MET H 237 46.85 -2.77 23.90
C MET H 237 47.57 -4.06 24.31
N LEU H 238 47.68 -4.33 25.61
CA LEU H 238 48.41 -5.53 26.10
C LEU H 238 47.41 -6.64 26.43
N GLN H 239 47.83 -7.64 27.20
CA GLN H 239 46.96 -8.81 27.51
C GLN H 239 45.60 -8.31 28.01
N GLU H 240 44.52 -8.65 27.30
CA GLU H 240 43.15 -8.24 27.70
C GLU H 240 42.13 -8.91 26.79
N ILE H 241 41.24 -9.74 27.36
CA ILE H 241 40.23 -10.48 26.54
C ILE H 241 39.32 -9.47 25.83
N GLY H 242 38.82 -8.48 26.56
CA GLY H 242 37.87 -7.50 25.98
C GLY H 242 38.09 -7.36 24.47
N SER H 243 37.22 -8.00 23.68
CA SER H 243 37.34 -7.92 22.20
C SER H 243 35.95 -7.67 21.60
N PRO H 244 35.37 -6.47 21.75
CA PRO H 244 34.02 -6.21 21.26
C PRO H 244 33.97 -6.40 19.74
N LYS H 245 33.03 -7.24 19.26
CA LYS H 245 32.89 -7.46 17.81
C LYS H 245 32.52 -6.13 17.14
N ASN H 246 33.03 -5.89 15.94
CA ASN H 246 32.70 -4.63 15.20
C ASN H 246 31.19 -4.56 15.03
N VAL H 247 30.55 -5.72 14.78
CA VAL H 247 29.07 -5.77 14.59
C VAL H 247 28.41 -5.93 15.97
N GLY H 265 42.59 -13.45 8.89
CA GLY H 265 41.55 -13.63 7.86
C GLY H 265 42.15 -14.06 6.54
N HIS H 266 41.95 -15.32 6.15
CA HIS H 266 42.52 -15.85 4.88
C HIS H 266 41.39 -16.41 4.00
N ARG H 267 41.25 -15.89 2.78
CA ARG H 267 40.17 -16.35 1.86
C ARG H 267 40.38 -17.82 1.51
N GLU H 268 41.63 -18.30 1.52
CA GLU H 268 41.90 -19.70 1.11
C GLU H 268 42.20 -20.55 2.35
N TYR H 269 43.05 -20.06 3.26
CA TYR H 269 43.42 -20.84 4.46
C TYR H 269 42.33 -20.75 5.51
N LYS H 270 41.62 -21.86 5.77
CA LYS H 270 40.61 -21.87 6.85
C LYS H 270 41.24 -22.55 8.08
N VAL H 271 42.52 -22.88 7.97
CA VAL H 271 43.24 -23.53 9.11
C VAL H 271 44.46 -22.66 9.47
N LYS H 272 45.28 -23.10 10.42
CA LYS H 272 46.47 -22.31 10.85
C LYS H 272 47.35 -22.02 9.63
N ASP H 273 47.81 -20.77 9.51
CA ASP H 273 48.73 -20.41 8.40
C ASP H 273 50.09 -21.07 8.66
N PRO H 274 50.57 -21.97 7.77
CA PRO H 274 51.83 -22.67 8.01
C PRO H 274 52.96 -21.69 8.28
N ARG H 275 53.00 -20.58 7.52
CA ARG H 275 54.08 -19.58 7.70
C ARG H 275 54.04 -19.05 9.13
N ALA H 276 52.84 -18.68 9.61
CA ALA H 276 52.71 -18.11 10.97
C ALA H 276 53.32 -19.10 11.97
N THR H 277 53.10 -20.40 11.76
CA THR H 277 53.71 -21.43 12.63
C THR H 277 55.22 -21.19 12.70
N ILE H 278 55.90 -21.32 11.57
CA ILE H 278 57.39 -21.13 11.53
C ILE H 278 57.71 -19.82 12.24
N LEU H 279 56.94 -18.76 11.95
CA LEU H 279 57.24 -17.43 12.53
C LEU H 279 57.21 -17.50 14.06
N HIS H 280 56.17 -18.10 14.63
CA HIS H 280 56.06 -18.19 16.10
C HIS H 280 57.31 -18.88 16.62
N LYS H 281 57.73 -19.96 15.95
CA LYS H 281 58.98 -20.67 16.36
C LYS H 281 60.15 -19.68 16.28
N LEU H 282 60.24 -18.93 15.18
CA LEU H 282 61.37 -17.99 14.99
C LEU H 282 61.40 -17.01 16.17
N VAL H 283 60.24 -16.44 16.53
CA VAL H 283 60.20 -15.43 17.61
C VAL H 283 60.79 -16.07 18.88
N GLU H 284 60.33 -17.26 19.22
CA GLU H 284 60.81 -17.93 20.46
C GLU H 284 62.33 -18.11 20.38
N GLN H 285 62.83 -18.57 19.23
CA GLN H 285 64.28 -18.81 19.08
C GLN H 285 65.05 -17.53 19.37
N LEU H 286 64.64 -16.42 18.76
CA LEU H 286 65.38 -15.15 18.92
C LEU H 286 65.18 -14.61 20.34
N VAL H 287 63.92 -14.56 20.79
CA VAL H 287 63.60 -14.08 22.16
C VAL H 287 64.43 -14.90 23.15
N ALA H 288 64.58 -16.19 22.88
CA ALA H 288 65.38 -17.07 23.78
C ALA H 288 66.80 -16.52 23.90
N GLU H 289 67.22 -15.68 22.94
CA GLU H 289 68.60 -15.13 22.95
C GLU H 289 68.59 -13.77 23.66
N ALA H 301 56.79 -7.90 26.52
CA ALA H 301 56.66 -7.17 25.23
C ALA H 301 55.20 -7.19 24.76
N LEU H 302 54.97 -7.04 23.46
CA LEU H 302 53.59 -7.06 22.91
C LEU H 302 53.28 -8.45 22.35
N LYS H 303 54.10 -9.44 22.70
CA LYS H 303 53.84 -10.83 22.23
C LYS H 303 52.65 -11.39 23.01
N LEU H 304 51.43 -10.96 22.66
CA LEU H 304 50.21 -11.42 23.34
C LEU H 304 49.66 -12.65 22.61
N GLU H 305 50.20 -13.83 22.91
CA GLU H 305 49.73 -15.08 22.24
C GLU H 305 48.27 -15.32 22.61
N GLU H 306 47.76 -14.62 23.63
CA GLU H 306 46.34 -14.74 24.00
C GLU H 306 45.48 -14.51 22.75
N VAL H 307 45.78 -13.45 22.01
CA VAL H 307 44.98 -13.11 20.80
C VAL H 307 45.00 -14.32 19.86
N CYS H 308 46.17 -14.90 19.64
CA CYS H 308 46.29 -16.08 18.74
C CYS H 308 45.39 -17.20 19.27
N ALA H 309 45.42 -17.45 20.57
CA ALA H 309 44.60 -18.52 21.18
C ALA H 309 43.28 -17.93 21.70
N ASP H 310 42.51 -17.29 20.81
CA ASP H 310 41.19 -16.72 21.21
C ASP H 310 40.13 -17.15 20.19
N ARG H 311 39.73 -18.42 20.22
CA ARG H 311 38.67 -18.91 19.30
C ARG H 311 37.39 -18.10 19.53
N LEU H 312 37.02 -17.91 20.80
CA LEU H 312 35.81 -17.11 21.14
C LEU H 312 34.75 -17.32 20.05
N VAL H 317 38.83 -18.47 12.64
CA VAL H 317 39.90 -17.95 11.75
C VAL H 317 41.26 -18.14 12.44
N TYR H 318 42.34 -18.16 11.66
CA TYR H 318 43.70 -18.36 12.23
C TYR H 318 44.59 -17.18 11.83
N PRO H 319 45.46 -16.69 12.74
CA PRO H 319 46.38 -15.60 12.41
C PRO H 319 47.12 -15.88 11.10
N ASN H 320 47.24 -14.88 10.23
CA ASN H 320 47.90 -15.08 8.91
C ASN H 320 49.41 -14.98 9.07
N VAL H 321 50.16 -15.08 7.96
CA VAL H 321 51.64 -14.95 8.01
C VAL H 321 51.98 -13.56 8.55
N ASP H 322 51.21 -12.55 8.16
CA ASP H 322 51.47 -11.16 8.62
C ASP H 322 51.48 -11.15 10.15
N PHE H 323 50.59 -11.92 10.78
CA PHE H 323 50.59 -12.03 12.26
C PHE H 323 51.96 -12.56 12.69
N TYR H 324 52.48 -12.09 13.83
CA TYR H 324 53.85 -12.47 14.27
C TYR H 324 54.88 -11.77 13.38
N SER H 325 54.66 -11.80 12.06
CA SER H 325 55.57 -11.08 11.13
C SER H 325 55.66 -9.62 11.56
N GLY H 326 56.86 -9.03 11.48
CA GLY H 326 57.04 -7.65 11.94
C GLY H 326 57.61 -7.64 13.35
N ILE H 327 57.11 -8.54 14.22
CA ILE H 327 57.68 -8.66 15.59
C ILE H 327 59.14 -9.09 15.44
N LEU H 328 59.40 -10.09 14.59
CA LEU H 328 60.79 -10.54 14.34
C LEU H 328 61.60 -9.34 13.82
N TYR H 329 61.03 -8.59 12.89
CA TYR H 329 61.74 -7.42 12.31
C TYR H 329 62.06 -6.42 13.42
N SER H 330 61.09 -6.14 14.28
CA SER H 330 61.34 -5.23 15.42
C SER H 330 62.48 -5.79 16.25
N GLU H 331 62.47 -7.10 16.49
CA GLU H 331 63.59 -7.75 17.22
C GLU H 331 64.86 -7.59 16.38
N MET H 332 64.72 -7.60 15.05
CA MET H 332 65.90 -7.49 14.15
C MET H 332 66.25 -6.02 13.94
N GLY H 333 65.61 -5.12 14.71
CA GLY H 333 65.95 -3.69 14.64
C GLY H 333 65.26 -2.99 13.47
N ILE H 334 64.74 -3.77 12.52
CA ILE H 334 64.02 -3.20 11.35
C ILE H 334 62.90 -2.28 11.87
N PRO H 335 62.75 -1.05 11.36
CA PRO H 335 61.64 -0.20 11.79
C PRO H 335 60.32 -0.72 11.20
N GLU H 336 59.18 -0.26 11.72
CA GLU H 336 57.86 -0.76 11.29
C GLU H 336 57.58 -0.41 9.82
N ASP H 337 57.90 0.82 9.42
CA ASP H 337 57.57 1.27 8.04
C ASP H 337 58.17 0.32 6.99
N GLU H 338 59.23 -0.39 7.33
CA GLU H 338 59.91 -1.24 6.32
C GLU H 338 59.35 -2.66 6.33
N PHE H 339 58.40 -2.96 7.22
CA PHE H 339 57.90 -4.36 7.33
C PHE H 339 57.33 -4.82 5.99
N THR H 340 56.26 -4.17 5.52
CA THR H 340 55.62 -4.58 4.25
C THR H 340 56.66 -4.54 3.15
N ALA H 341 57.57 -3.58 3.21
CA ALA H 341 58.59 -3.42 2.14
C ALA H 341 59.42 -4.70 2.04
N LEU H 342 59.90 -5.20 3.17
CA LEU H 342 60.76 -6.41 3.16
C LEU H 342 59.91 -7.57 2.61
N PHE H 343 58.61 -7.56 2.93
CA PHE H 343 57.72 -8.60 2.37
C PHE H 343 57.84 -8.56 0.84
N ALA H 344 57.82 -7.36 0.26
CA ALA H 344 57.93 -7.22 -1.21
C ALA H 344 59.25 -7.82 -1.69
N VAL H 345 60.33 -7.55 -0.97
CA VAL H 345 61.67 -8.04 -1.40
C VAL H 345 61.55 -9.55 -1.65
N ALA H 346 60.82 -10.25 -0.77
CA ALA H 346 60.70 -11.72 -0.89
C ALA H 346 59.81 -12.10 -2.08
N ARG H 347 58.62 -11.49 -2.18
CA ARG H 347 57.67 -11.89 -3.24
C ARG H 347 58.32 -11.75 -4.62
N SER H 348 59.41 -10.99 -4.69
CA SER H 348 60.07 -10.75 -6.01
C SER H 348 60.09 -12.05 -6.81
N ALA H 349 60.63 -13.12 -6.22
CA ALA H 349 60.76 -14.38 -6.97
C ALA H 349 59.40 -14.83 -7.49
N GLY H 350 58.45 -15.04 -6.57
CA GLY H 350 57.13 -15.56 -7.00
C GLY H 350 56.55 -14.67 -8.08
N TRP H 351 56.59 -13.35 -7.87
CA TRP H 351 55.99 -12.41 -8.85
C TRP H 351 56.64 -12.65 -10.20
N LEU H 352 57.96 -12.52 -10.28
CA LEU H 352 58.65 -12.66 -11.58
C LEU H 352 58.41 -14.06 -12.13
N ALA H 353 58.41 -15.07 -11.26
CA ALA H 353 58.20 -16.46 -11.71
C ALA H 353 56.81 -16.58 -12.34
N HIS H 354 55.79 -16.09 -11.64
CA HIS H 354 54.41 -16.14 -12.19
C HIS H 354 54.37 -15.34 -13.49
N TRP H 355 55.05 -14.20 -13.52
CA TRP H 355 55.10 -13.38 -14.76
C TRP H 355 55.67 -14.24 -15.88
N ARG H 356 56.76 -14.96 -15.59
CA ARG H 356 57.40 -15.79 -16.63
C ARG H 356 56.37 -16.76 -17.22
N GLU H 357 55.52 -17.34 -16.37
CA GLU H 357 54.55 -18.35 -16.86
C GLU H 357 53.59 -17.70 -17.85
N GLN H 358 53.04 -16.53 -17.51
CA GLN H 358 52.03 -15.87 -18.39
C GLN H 358 52.65 -15.62 -19.76
N ILE H 359 53.87 -15.09 -19.79
CA ILE H 359 54.50 -14.70 -21.08
C ILE H 359 54.41 -15.87 -22.08
N SER H 360 54.82 -17.06 -21.65
CA SER H 360 54.83 -18.21 -22.60
C SER H 360 53.49 -18.29 -23.30
N ASP H 361 52.40 -18.30 -22.54
CA ASP H 361 51.03 -18.33 -23.13
C ASP H 361 50.10 -17.51 -22.22
N ASN H 362 49.46 -16.47 -22.76
CA ASN H 362 48.61 -15.59 -21.92
C ASN H 362 47.50 -14.97 -22.77
N ARG H 363 46.43 -14.50 -22.11
CA ARG H 363 45.33 -13.81 -22.83
C ARG H 363 44.94 -12.58 -22.00
N ILE H 364 44.83 -11.41 -22.63
CA ILE H 364 44.56 -10.18 -21.84
C ILE H 364 43.42 -10.51 -20.87
N TYR H 365 43.63 -10.24 -19.59
CA TYR H 365 42.60 -10.59 -18.58
C TYR H 365 41.44 -9.60 -18.67
N ARG H 366 40.63 -9.69 -19.72
CA ARG H 366 39.43 -8.83 -19.82
C ARG H 366 38.29 -9.54 -19.08
N PRO H 367 37.83 -9.03 -17.92
CA PRO H 367 36.81 -9.72 -17.13
C PRO H 367 35.38 -9.57 -17.66
N THR H 368 34.39 -9.94 -16.84
CA THR H 368 32.97 -9.87 -17.25
C THR H 368 32.24 -8.84 -16.37
N GLN H 369 31.37 -8.02 -16.99
CA GLN H 369 30.67 -6.95 -16.23
C GLN H 369 29.28 -7.43 -15.83
N ILE H 370 28.71 -6.89 -14.74
CA ILE H 370 27.32 -7.24 -14.34
C ILE H 370 26.62 -5.95 -13.91
N TYR H 371 26.70 -4.91 -14.74
CA TYR H 371 26.12 -3.60 -14.35
C TYR H 371 26.61 -3.27 -12.93
N VAL H 372 27.90 -3.52 -12.66
CA VAL H 372 28.46 -3.16 -11.33
C VAL H 372 28.37 -1.64 -11.17
N GLY H 373 28.67 -0.88 -12.23
CA GLY H 373 28.56 0.59 -12.14
C GLY H 373 28.21 1.22 -13.48
N SER H 374 29.09 2.07 -14.00
CA SER H 374 28.87 2.68 -15.34
C SER H 374 29.25 1.65 -16.40
N ASP H 375 28.42 0.61 -16.55
CA ASP H 375 28.71 -0.49 -17.52
C ASP H 375 28.57 0.05 -18.94
N GLU I 24 -6.51 14.71 81.75
CA GLU I 24 -5.93 15.33 80.54
C GLU I 24 -5.83 14.29 79.43
N LYS I 25 -6.25 13.05 79.70
CA LYS I 25 -6.10 11.98 78.68
C LYS I 25 -7.17 10.91 78.87
N GLY I 26 -8.35 11.08 78.26
CA GLY I 26 -9.34 9.99 78.29
C GLY I 26 -8.93 8.96 77.26
N ILE I 27 -7.67 8.51 77.32
CA ILE I 27 -7.11 7.57 76.29
C ILE I 27 -7.21 6.13 76.78
N LEU I 28 -6.81 5.18 75.93
CA LEU I 28 -6.78 3.75 76.36
C LEU I 28 -8.07 3.46 77.12
N SER I 29 -9.19 4.02 76.68
CA SER I 29 -10.47 3.87 77.42
C SER I 29 -11.48 3.10 76.58
N TYR I 30 -11.08 1.94 76.05
CA TYR I 30 -12.04 1.11 75.29
C TYR I 30 -12.94 0.38 76.29
N ARG I 31 -13.94 1.09 76.80
CA ARG I 31 -14.89 0.50 77.78
C ARG I 31 -14.14 0.16 79.07
N GLY I 32 -13.11 0.94 79.42
CA GLY I 32 -12.43 0.74 80.71
C GLY I 32 -11.14 -0.05 80.63
N TYR I 33 -10.61 -0.27 79.43
CA TYR I 33 -9.38 -1.11 79.31
C TYR I 33 -8.35 -0.36 78.48
N PRO I 34 -7.08 -0.25 78.96
CA PRO I 34 -6.04 0.48 78.25
C PRO I 34 -5.70 -0.14 76.89
N LEU I 35 -5.54 0.70 75.86
CA LEU I 35 -5.19 0.19 74.51
C LEU I 35 -3.89 -0.59 74.61
N GLU I 36 -2.94 -0.11 75.43
CA GLU I 36 -1.62 -0.79 75.51
C GLU I 36 -1.84 -2.24 75.94
N THR I 37 -2.65 -2.46 76.98
CA THR I 37 -2.90 -3.83 77.47
C THR I 37 -3.65 -4.60 76.40
N LEU I 38 -4.45 -3.90 75.59
CA LEU I 38 -5.20 -4.55 74.48
C LEU I 38 -4.23 -4.89 73.35
N ALA I 39 -3.45 -3.90 72.90
CA ALA I 39 -2.53 -4.12 71.76
C ALA I 39 -1.89 -5.49 71.90
N GLU I 40 -1.53 -5.87 73.13
CA GLU I 40 -0.96 -7.21 73.37
C GLU I 40 -2.08 -8.12 73.87
N ASN I 41 -2.16 -9.35 73.34
CA ASN I 41 -3.16 -10.33 73.84
C ASN I 41 -4.55 -10.06 73.25
N SER I 42 -4.67 -9.15 72.30
CA SER I 42 -6.03 -8.81 71.79
C SER I 42 -6.08 -8.85 70.26
N THR I 43 -7.27 -9.06 69.70
CA THR I 43 -7.46 -9.08 68.22
C THR I 43 -8.58 -8.10 67.87
N PHE I 44 -8.57 -7.55 66.67
CA PHE I 44 -9.59 -6.53 66.32
C PHE I 44 -10.96 -7.14 66.63
N GLU I 45 -11.13 -8.42 66.31
CA GLU I 45 -12.41 -9.11 66.59
C GLU I 45 -12.70 -9.01 68.08
N GLU I 46 -11.71 -9.34 68.92
CA GLU I 46 -11.92 -9.32 70.40
C GLU I 46 -12.29 -7.91 70.84
N THR I 47 -11.47 -6.93 70.46
CA THR I 47 -11.76 -5.52 70.83
C THR I 47 -13.17 -5.18 70.34
N THR I 48 -13.52 -5.61 69.13
CA THR I 48 -14.84 -5.26 68.55
C THR I 48 -15.94 -5.79 69.46
N LEU I 49 -15.92 -7.08 69.77
CA LEU I 49 -17.01 -7.68 70.57
C LEU I 49 -17.09 -6.91 71.89
N LEU I 50 -15.92 -6.59 72.47
CA LEU I 50 -15.89 -5.86 73.76
C LEU I 50 -16.53 -4.49 73.56
N LEU I 51 -16.07 -3.75 72.56
CA LEU I 51 -16.62 -2.41 72.28
C LEU I 51 -18.14 -2.54 72.13
N LEU I 52 -18.59 -3.64 71.51
CA LEU I 52 -20.04 -3.85 71.29
C LEU I 52 -20.73 -4.04 72.64
N ASP I 53 -20.10 -4.79 73.56
CA ASP I 53 -20.70 -5.06 74.89
C ASP I 53 -19.95 -4.23 75.95
N GLY I 54 -18.77 -4.70 76.37
CA GLY I 54 -17.97 -3.96 77.36
C GLY I 54 -17.10 -4.90 78.17
N GLU I 55 -17.10 -6.18 77.83
CA GLU I 55 -16.33 -7.18 78.63
C GLU I 55 -15.70 -8.20 77.68
N LEU I 56 -14.50 -8.70 78.05
CA LEU I 56 -13.85 -9.75 77.23
C LEU I 56 -14.87 -10.86 76.97
N PRO I 57 -15.02 -11.34 75.73
CA PRO I 57 -16.04 -12.34 75.42
C PRO I 57 -15.64 -13.75 75.87
N THR I 58 -16.63 -14.59 76.16
CA THR I 58 -16.34 -16.00 76.53
C THR I 58 -15.98 -16.77 75.26
N LYS I 59 -15.37 -17.96 75.42
CA LYS I 59 -14.96 -18.75 74.24
C LYS I 59 -16.13 -18.78 73.26
N LYS I 60 -17.30 -19.23 73.73
CA LYS I 60 -18.48 -19.34 72.82
C LYS I 60 -18.75 -17.97 72.22
N ALA I 61 -18.73 -16.93 73.04
CA ALA I 61 -19.05 -15.57 72.53
C ALA I 61 -18.12 -15.23 71.37
N LEU I 62 -16.81 -15.24 71.60
CA LEU I 62 -15.87 -14.81 70.53
C LEU I 62 -16.00 -15.77 69.36
N ASN I 63 -15.99 -17.09 69.65
CA ASN I 63 -16.06 -18.09 68.56
C ASN I 63 -17.32 -17.83 67.75
N ASP I 64 -18.48 -17.76 68.43
CA ASP I 64 -19.76 -17.58 67.71
C ASP I 64 -19.72 -16.26 66.93
N PHE I 65 -19.35 -15.17 67.60
CA PHE I 65 -19.33 -13.86 66.93
C PHE I 65 -18.41 -13.94 65.72
N SER I 66 -17.20 -14.46 65.93
CA SER I 66 -16.22 -14.53 64.82
C SER I 66 -16.83 -15.33 63.68
N GLN I 67 -17.42 -16.48 63.98
CA GLN I 67 -17.98 -17.35 62.92
C GLN I 67 -19.04 -16.57 62.14
N GLN I 68 -19.94 -15.89 62.85
CA GLN I 68 -21.03 -15.16 62.16
C GLN I 68 -20.39 -14.13 61.24
N LEU I 69 -19.31 -13.49 61.71
CA LEU I 69 -18.59 -12.50 60.88
C LEU I 69 -18.01 -13.23 59.67
N LYS I 70 -17.33 -14.36 59.91
CA LYS I 70 -16.67 -15.10 58.81
C LYS I 70 -17.73 -15.59 57.81
N ASP I 71 -18.84 -16.11 58.33
CA ASP I 71 -19.90 -16.67 57.44
C ASP I 71 -20.64 -15.53 56.73
N ASN I 72 -20.24 -14.28 57.00
CA ASN I 72 -20.96 -13.13 56.40
C ASN I 72 -19.96 -12.25 55.63
N TYR I 73 -18.73 -12.74 55.43
CA TYR I 73 -17.75 -11.99 54.61
C TYR I 73 -18.23 -11.92 53.17
N ARG I 74 -18.99 -12.93 52.73
CA ARG I 74 -19.41 -13.01 51.31
C ARG I 74 -19.98 -11.68 50.82
N ILE I 75 -19.65 -11.30 49.58
CA ILE I 75 -20.20 -10.05 48.98
C ILE I 75 -21.18 -10.46 47.87
N LYS I 76 -22.38 -9.90 47.88
CA LYS I 76 -23.41 -10.31 46.88
C LYS I 76 -22.94 -9.91 45.48
N TYR I 77 -23.30 -10.71 44.47
CA TYR I 77 -22.83 -10.45 43.08
C TYR I 77 -23.30 -9.08 42.62
N HIS I 78 -24.48 -8.66 43.08
CA HIS I 78 -25.04 -7.36 42.59
C HIS I 78 -24.01 -6.26 42.82
N ILE I 79 -23.35 -6.26 43.99
CA ILE I 79 -22.38 -5.18 44.31
C ILE I 79 -21.22 -5.24 43.31
N ARG I 80 -20.70 -6.45 43.06
CA ARG I 80 -19.55 -6.60 42.12
C ARG I 80 -19.91 -5.95 40.80
N GLN I 81 -21.09 -6.28 40.26
CA GLN I 81 -21.53 -5.71 38.97
C GLN I 81 -21.52 -4.19 39.08
N MET I 82 -22.15 -3.65 40.13
CA MET I 82 -22.25 -2.19 40.28
C MET I 82 -20.83 -1.60 40.17
N MET I 83 -19.88 -2.17 40.92
CA MET I 83 -18.50 -1.64 40.92
C MET I 83 -17.93 -1.76 39.51
N ARG I 84 -18.16 -2.89 38.85
CA ARG I 84 -17.60 -3.12 37.49
C ARG I 84 -18.12 -2.05 36.54
N HIS I 85 -19.28 -1.45 36.85
CA HIS I 85 -19.89 -0.45 35.94
C HIS I 85 -19.44 0.97 36.32
N PHE I 86 -18.65 1.11 37.40
CA PHE I 86 -18.26 2.46 37.85
C PHE I 86 -16.81 2.78 37.41
N PRO I 87 -16.45 4.06 37.24
CA PRO I 87 -15.11 4.43 36.71
C PRO I 87 -13.93 4.07 37.60
N HIS I 88 -12.73 3.95 37.00
CA HIS I 88 -11.50 3.63 37.78
C HIS I 88 -11.08 4.85 38.60
N THR I 89 -11.32 6.05 38.09
CA THR I 89 -10.93 7.29 38.80
C THR I 89 -11.66 7.33 40.14
N GLY I 90 -12.80 6.64 40.24
CA GLY I 90 -13.60 6.69 41.47
C GLY I 90 -12.76 6.49 42.71
N HIS I 91 -12.91 7.37 43.70
CA HIS I 91 -12.12 7.26 44.95
C HIS I 91 -12.72 6.17 45.83
N PRO I 92 -11.91 5.33 46.49
CA PRO I 92 -12.42 4.21 47.28
C PRO I 92 -13.43 4.68 48.34
N MET I 93 -13.14 5.80 49.00
CA MET I 93 -14.03 6.26 50.09
C MET I 93 -15.43 6.51 49.52
N ASP I 94 -15.50 7.18 48.37
CA ASP I 94 -16.82 7.42 47.71
C ASP I 94 -17.46 6.08 47.39
N MET I 95 -16.70 5.16 46.81
CA MET I 95 -17.26 3.83 46.43
C MET I 95 -17.76 3.13 47.69
N LEU I 96 -16.96 3.16 48.76
CA LEU I 96 -17.35 2.43 49.99
C LEU I 96 -18.69 2.99 50.47
N GLN I 97 -18.85 4.31 50.45
CA GLN I 97 -20.11 4.93 50.90
C GLN I 97 -21.25 4.33 50.06
N THR I 98 -21.09 4.37 48.74
CA THR I 98 -22.15 3.84 47.83
C THR I 98 -22.39 2.37 48.15
N ALA I 99 -21.32 1.59 48.27
CA ALA I 99 -21.48 0.13 48.50
C ALA I 99 -22.22 -0.13 49.80
N VAL I 100 -21.81 0.53 50.88
CA VAL I 100 -22.44 0.23 52.20
C VAL I 100 -23.93 0.56 52.10
N SER I 101 -24.25 1.70 51.49
CA SER I 101 -25.67 2.09 51.34
C SER I 101 -26.38 1.02 50.51
N SER I 102 -25.73 0.50 49.47
CA SER I 102 -26.38 -0.49 48.58
C SER I 102 -26.70 -1.77 49.33
N LEU I 103 -25.74 -2.28 50.11
CA LEU I 103 -25.96 -3.59 50.78
C LEU I 103 -27.30 -3.56 51.51
N GLY I 104 -27.72 -2.39 51.96
CA GLY I 104 -28.96 -2.30 52.75
C GLY I 104 -30.17 -2.79 51.99
N MET I 105 -30.14 -2.69 50.66
CA MET I 105 -31.36 -3.05 49.87
C MET I 105 -31.50 -4.58 49.80
N PHE I 106 -30.71 -5.32 50.57
CA PHE I 106 -30.77 -6.80 50.52
C PHE I 106 -31.27 -7.36 51.85
N TYR I 107 -30.92 -6.72 52.96
CA TYR I 107 -31.44 -7.15 54.29
C TYR I 107 -31.79 -5.91 55.11
N PRO I 108 -32.78 -5.08 54.71
CA PRO I 108 -33.10 -3.85 55.41
C PRO I 108 -34.31 -3.97 56.33
N GLY I 109 -34.87 -2.81 56.73
CA GLY I 109 -36.07 -2.82 57.59
C GLY I 109 -36.11 -1.61 58.51
N THR I 110 -37.23 -1.41 59.22
CA THR I 110 -37.31 -0.32 60.22
C THR I 110 -37.66 -0.95 61.58
N GLU I 111 -36.81 -0.77 62.58
CA GLU I 111 -37.01 -1.42 63.90
C GLU I 111 -38.05 -0.65 64.71
N CYS I 112 -38.60 0.43 64.15
CA CYS I 112 -39.63 1.24 64.86
C CYS I 112 -40.77 0.33 65.27
N LEU I 113 -41.15 -0.61 64.39
CA LEU I 113 -42.25 -1.56 64.70
C LEU I 113 -43.40 -0.79 65.34
N CYS I 119 -44.24 -7.02 61.88
CA CYS I 119 -43.24 -7.74 61.05
C CYS I 119 -41.83 -7.43 61.58
N GLU I 120 -41.58 -7.69 62.87
CA GLU I 120 -40.26 -7.40 63.48
C GLU I 120 -39.20 -8.31 62.88
N ASP I 121 -38.00 -7.79 62.62
CA ASP I 121 -36.89 -8.61 62.09
C ASP I 121 -36.36 -9.52 63.22
N LEU I 122 -35.72 -10.63 62.86
CA LEU I 122 -35.14 -11.54 63.88
C LEU I 122 -34.19 -10.74 64.77
N ASP I 123 -33.22 -10.04 64.16
CA ASP I 123 -32.23 -9.23 64.93
C ASP I 123 -31.76 -8.05 64.08
N TYR I 124 -32.52 -6.96 64.07
CA TYR I 124 -32.08 -5.75 63.33
C TYR I 124 -30.65 -5.39 63.77
N VAL I 125 -30.36 -5.55 65.06
CA VAL I 125 -29.03 -5.14 65.59
C VAL I 125 -28.11 -6.36 65.68
N ARG I 126 -26.79 -6.13 65.71
CA ARG I 126 -25.80 -7.23 65.85
C ARG I 126 -25.76 -8.07 64.55
N ASN I 127 -26.87 -8.72 64.20
CA ASN I 127 -26.88 -9.58 63.01
C ASN I 127 -26.43 -8.74 61.82
N MET I 128 -27.09 -7.60 61.59
CA MET I 128 -26.65 -6.69 60.50
C MET I 128 -25.26 -6.16 60.87
N THR I 129 -25.02 -5.90 62.16
CA THR I 129 -23.72 -5.35 62.61
C THR I 129 -22.60 -6.29 62.15
N VAL I 130 -22.72 -7.59 62.43
CA VAL I 130 -21.65 -8.56 62.06
C VAL I 130 -21.57 -8.60 60.54
N ASN I 131 -22.71 -8.48 59.86
CA ASN I 131 -22.72 -8.48 58.37
C ASN I 131 -21.88 -7.30 57.89
N ILE I 132 -22.07 -6.12 58.49
CA ILE I 132 -21.35 -4.90 58.05
C ILE I 132 -19.86 -5.06 58.31
N ILE I 133 -19.47 -5.25 59.58
CA ILE I 133 -18.02 -5.31 59.91
C ILE I 133 -17.35 -6.32 58.97
N ALA I 134 -18.03 -7.43 58.70
CA ALA I 134 -17.42 -8.50 57.88
C ALA I 134 -17.13 -8.00 56.47
N GLN I 135 -18.09 -7.32 55.84
CA GLN I 135 -17.92 -6.94 54.42
C GLN I 135 -17.13 -5.65 54.27
N MET I 136 -17.13 -4.79 55.29
CA MET I 136 -16.47 -3.47 55.14
C MET I 136 -15.16 -3.66 54.36
N ALA I 137 -14.26 -4.49 54.86
CA ALA I 137 -12.95 -4.64 54.21
C ALA I 137 -13.10 -5.28 52.83
N PRO I 138 -13.70 -6.48 52.71
CA PRO I 138 -13.79 -7.14 51.42
C PRO I 138 -14.19 -6.13 50.35
N LEU I 139 -15.13 -5.24 50.66
CA LEU I 139 -15.61 -4.25 49.65
C LEU I 139 -14.43 -3.41 49.18
N VAL I 140 -13.63 -2.89 50.12
CA VAL I 140 -12.49 -2.01 49.74
C VAL I 140 -11.53 -2.81 48.85
N ALA I 141 -11.23 -4.04 49.25
CA ALA I 141 -10.31 -4.89 48.45
C ALA I 141 -10.91 -5.07 47.05
N MET I 142 -12.18 -5.48 47.01
CA MET I 142 -12.83 -5.73 45.70
C MET I 142 -12.67 -4.48 44.84
N TRP I 143 -12.98 -3.30 45.39
CA TRP I 143 -12.93 -2.07 44.57
C TRP I 143 -11.51 -1.87 44.06
N GLU I 144 -10.51 -2.07 44.92
CA GLU I 144 -9.12 -1.80 44.49
C GLU I 144 -8.84 -2.63 43.24
N HIS I 145 -9.15 -3.93 43.29
CA HIS I 145 -8.86 -4.83 42.15
C HIS I 145 -9.73 -4.44 40.95
N ILE I 146 -11.04 -4.29 41.16
CA ILE I 146 -11.96 -3.97 40.03
C ILE I 146 -11.52 -2.62 39.44
N ARG I 147 -11.16 -1.66 40.28
CA ARG I 147 -10.75 -0.32 39.81
C ARG I 147 -9.57 -0.48 38.86
N ASN I 148 -8.59 -1.30 39.24
CA ASN I 148 -7.37 -1.46 38.41
C ASN I 148 -7.74 -2.25 37.14
N GLY I 149 -8.92 -2.89 37.14
CA GLY I 149 -9.37 -3.59 35.93
C GLY I 149 -9.28 -5.10 36.03
N TRP I 150 -8.78 -5.61 37.15
CA TRP I 150 -8.58 -7.08 37.29
C TRP I 150 -9.67 -7.66 38.20
N ASP I 151 -9.94 -8.96 38.07
CA ASP I 151 -11.04 -9.59 38.86
C ASP I 151 -10.72 -9.53 40.35
N PRO I 152 -11.71 -9.64 41.25
CA PRO I 152 -11.48 -9.51 42.68
C PRO I 152 -10.94 -10.79 43.35
N VAL I 153 -10.33 -10.64 44.53
CA VAL I 153 -9.83 -11.81 45.30
C VAL I 153 -10.83 -12.10 46.41
N ASN I 154 -11.56 -13.22 46.32
CA ASN I 154 -12.59 -13.56 47.32
C ASN I 154 -11.92 -13.85 48.67
N PRO I 155 -12.51 -13.45 49.82
CA PRO I 155 -11.88 -13.66 51.13
C PRO I 155 -11.99 -15.13 51.58
N LYS I 156 -11.15 -15.53 52.55
CA LYS I 156 -11.16 -16.94 53.05
C LYS I 156 -11.79 -16.98 54.44
N HIS I 157 -12.54 -18.04 54.75
CA HIS I 157 -13.23 -18.15 56.06
C HIS I 157 -12.21 -18.32 57.18
N ASP I 158 -11.24 -19.21 57.01
CA ASP I 158 -10.26 -19.51 58.10
C ASP I 158 -9.51 -18.24 58.49
N LEU I 159 -9.14 -17.40 57.52
CA LEU I 159 -8.30 -16.20 57.82
C LEU I 159 -9.06 -15.22 58.71
N SER I 160 -8.33 -14.38 59.44
CA SER I 160 -8.97 -13.35 60.30
C SER I 160 -9.24 -12.10 59.47
N VAL I 161 -9.86 -11.09 60.08
CA VAL I 161 -10.12 -9.82 59.35
C VAL I 161 -8.78 -9.31 58.83
N ALA I 162 -7.81 -9.17 59.73
CA ALA I 162 -6.48 -8.66 59.32
C ALA I 162 -5.91 -9.61 58.26
N GLU I 163 -5.94 -10.91 58.56
CA GLU I 163 -5.37 -11.88 57.61
C GLU I 163 -6.04 -11.66 56.26
N ASN I 164 -7.37 -11.55 56.24
CA ASN I 164 -8.11 -11.40 54.96
C ASN I 164 -7.66 -10.10 54.27
N LEU I 165 -7.57 -8.99 55.02
CA LEU I 165 -7.24 -7.71 54.36
C LEU I 165 -5.98 -7.91 53.53
N LEU I 166 -4.89 -8.33 54.16
CA LEU I 166 -3.60 -8.44 53.44
C LEU I 166 -3.75 -9.45 52.31
N TYR I 167 -4.36 -10.60 52.61
CA TYR I 167 -4.47 -11.67 51.59
C TYR I 167 -5.19 -11.12 50.36
N MET I 168 -6.33 -10.47 50.57
CA MET I 168 -7.13 -9.99 49.42
C MET I 168 -6.34 -8.93 48.65
N PHE I 169 -5.72 -7.99 49.36
CA PHE I 169 -4.99 -6.88 48.68
C PHE I 169 -3.77 -7.43 47.96
N ASN I 170 -2.90 -8.13 48.68
CA ASN I 170 -1.63 -8.62 48.06
C ASN I 170 -1.92 -9.81 47.15
N GLY I 171 -2.77 -10.73 47.59
CA GLY I 171 -3.10 -11.92 46.78
C GLY I 171 -2.48 -13.19 47.33
N GLU I 172 -1.75 -13.08 48.44
CA GLU I 172 -1.17 -14.29 49.07
C GLU I 172 -1.30 -14.17 50.60
N GLU I 173 -1.45 -15.31 51.28
CA GLU I 173 -1.60 -15.29 52.76
C GLU I 173 -0.42 -14.49 53.33
N PRO I 174 -0.67 -13.51 54.23
CA PRO I 174 0.41 -12.66 54.72
C PRO I 174 1.23 -13.26 55.86
N ASP I 175 2.43 -12.71 56.09
CA ASP I 175 3.29 -13.20 57.21
C ASP I 175 2.58 -12.88 58.53
N PRO I 176 2.72 -13.74 59.57
CA PRO I 176 2.00 -13.52 60.83
C PRO I 176 2.35 -12.14 61.41
N LEU I 177 3.60 -11.70 61.23
CA LEU I 177 4.04 -10.41 61.83
C LEU I 177 3.09 -9.31 61.35
N MET I 178 2.98 -9.13 60.03
CA MET I 178 2.12 -8.06 59.49
C MET I 178 0.68 -8.38 59.86
N ALA I 179 0.34 -9.67 59.96
CA ALA I 179 -1.02 -10.05 60.39
C ALA I 179 -1.26 -9.45 61.78
N LYS I 180 -0.32 -9.67 62.69
CA LYS I 180 -0.45 -9.12 64.07
C LYS I 180 -0.45 -7.59 63.98
N ILE I 181 0.45 -7.03 63.17
CA ILE I 181 0.55 -5.55 63.07
C ILE I 181 -0.81 -5.00 62.62
N MET I 182 -1.38 -5.58 61.56
CA MET I 182 -2.67 -5.07 61.02
C MET I 182 -3.75 -5.26 62.10
N ASP I 183 -3.79 -6.45 62.70
CA ASP I 183 -4.77 -6.71 63.78
C ASP I 183 -4.71 -5.53 64.75
N VAL I 184 -3.50 -5.18 65.18
CA VAL I 184 -3.33 -4.07 66.16
C VAL I 184 -3.74 -2.75 65.50
N CYS I 185 -3.27 -2.50 64.27
CA CYS I 185 -3.57 -1.21 63.63
C CYS I 185 -5.08 -1.00 63.66
N LEU I 186 -5.84 -2.03 63.30
CA LEU I 186 -7.31 -1.93 63.30
C LEU I 186 -7.78 -1.59 64.72
N ILE I 187 -7.23 -2.28 65.71
CA ILE I 187 -7.68 -2.07 67.12
C ILE I 187 -7.48 -0.60 67.50
N LEU I 188 -6.36 -0.01 67.08
CA LEU I 188 -6.07 1.39 67.48
C LEU I 188 -7.19 2.30 66.98
N HIS I 189 -7.58 2.15 65.71
CA HIS I 189 -8.62 3.03 65.12
C HIS I 189 -10.00 2.48 65.44
N ALA I 190 -10.07 1.36 66.14
CA ALA I 190 -11.37 0.72 66.41
C ALA I 190 -12.33 1.69 67.09
N GLU I 191 -11.83 2.68 67.83
CA GLU I 191 -12.74 3.57 68.61
C GLU I 191 -12.12 4.93 68.90
N HIS I 192 -12.95 5.96 69.07
CA HIS I 192 -12.47 7.32 69.43
C HIS I 192 -13.62 8.03 70.16
N THR I 193 -13.41 9.25 70.65
CA THR I 193 -14.46 9.90 71.47
C THR I 193 -15.23 10.95 70.66
N LEU I 194 -16.47 10.65 70.29
CA LEU I 194 -17.33 11.66 69.60
C LEU I 194 -16.54 12.35 68.49
N ASN I 195 -15.96 11.59 67.56
CA ASN I 195 -15.30 12.23 66.38
C ASN I 195 -16.40 12.47 65.35
N ALA I 196 -16.15 13.36 64.39
CA ALA I 196 -17.21 13.70 63.42
C ALA I 196 -17.92 12.42 62.97
N SER I 197 -17.14 11.42 62.55
CA SER I 197 -17.75 10.17 62.03
C SER I 197 -18.72 9.59 63.05
N THR I 198 -18.23 9.31 64.26
CA THR I 198 -19.11 8.67 65.26
C THR I 198 -20.31 9.58 65.54
N PHE I 199 -20.04 10.87 65.73
CA PHE I 199 -21.14 11.82 66.06
C PHE I 199 -22.18 11.77 64.95
N ALA I 200 -21.75 12.09 63.72
CA ALA I 200 -22.69 12.11 62.58
C ALA I 200 -23.50 10.81 62.60
N ALA I 201 -22.82 9.70 62.86
CA ALA I 201 -23.51 8.39 62.90
C ALA I 201 -24.64 8.46 63.92
N LEU I 202 -24.35 9.02 65.09
CA LEU I 202 -25.38 9.10 66.15
C LEU I 202 -26.57 9.90 65.62
N VAL I 203 -26.30 11.06 65.02
CA VAL I 203 -27.40 11.91 64.49
C VAL I 203 -28.21 11.08 63.52
N ALA I 204 -27.53 10.36 62.63
CA ALA I 204 -28.24 9.55 61.61
C ALA I 204 -29.07 8.48 62.29
N GLY I 205 -28.45 7.71 63.20
CA GLY I 205 -29.18 6.65 63.91
C GLY I 205 -30.25 7.26 64.79
N SER I 206 -30.07 8.52 65.19
CA SER I 206 -31.04 9.19 66.08
C SER I 206 -32.42 9.13 65.44
N THR I 207 -32.46 9.07 64.10
CA THR I 207 -33.75 9.04 63.37
C THR I 207 -34.23 7.58 63.28
N LEU I 208 -33.56 6.67 63.97
CA LEU I 208 -33.92 5.23 63.87
C LEU I 208 -33.72 4.78 62.42
N ALA I 209 -32.73 5.37 61.73
CA ALA I 209 -32.46 5.01 60.33
C ALA I 209 -31.79 3.64 60.27
N THR I 210 -31.72 3.04 59.08
CA THR I 210 -31.11 1.70 58.91
C THR I 210 -29.61 1.77 59.23
N PRO I 211 -29.01 0.72 59.83
CA PRO I 211 -27.60 0.78 60.23
C PRO I 211 -26.72 1.09 59.01
N TYR I 212 -27.03 0.47 57.87
CA TYR I 212 -26.18 0.64 56.67
C TYR I 212 -26.13 2.13 56.30
N SER I 213 -27.28 2.78 56.28
CA SER I 213 -27.33 4.21 55.90
C SER I 213 -26.44 5.01 56.85
N VAL I 214 -26.49 4.67 58.13
CA VAL I 214 -25.67 5.39 59.15
C VAL I 214 -24.20 5.23 58.80
N ILE I 215 -23.76 3.98 58.60
CA ILE I 215 -22.32 3.71 58.33
C ILE I 215 -21.95 4.43 57.02
N SER I 216 -22.87 4.44 56.06
CA SER I 216 -22.62 5.13 54.78
C SER I 216 -22.31 6.59 55.08
N ALA I 217 -23.10 7.20 55.96
CA ALA I 217 -22.85 8.60 56.35
C ALA I 217 -21.46 8.71 56.94
N ALA I 218 -21.11 7.80 57.86
CA ALA I 218 -19.81 7.90 58.55
C ALA I 218 -18.67 7.79 57.52
N ILE I 219 -18.75 6.83 56.62
CA ILE I 219 -17.61 6.63 55.68
C ILE I 219 -17.47 7.91 54.85
N GLY I 220 -18.59 8.51 54.46
CA GLY I 220 -18.51 9.80 53.75
C GLY I 220 -17.84 10.84 54.63
N THR I 221 -18.20 10.86 55.91
CA THR I 221 -17.62 11.86 56.84
C THR I 221 -16.10 11.70 56.86
N LEU I 222 -15.60 10.46 56.95
CA LEU I 222 -14.14 10.21 56.98
C LEU I 222 -13.54 10.65 55.63
N SER I 223 -14.29 10.47 54.55
CA SER I 223 -13.75 10.80 53.21
C SER I 223 -13.09 12.18 53.26
N GLY I 224 -13.70 13.10 54.02
CA GLY I 224 -13.15 14.46 54.11
C GLY I 224 -11.73 14.47 54.66
N PRO I 225 -10.84 15.39 54.23
CA PRO I 225 -9.45 15.36 54.67
C PRO I 225 -9.29 15.61 56.17
N LEU I 226 -10.18 16.40 56.76
CA LEU I 226 -10.04 16.76 58.20
C LEU I 226 -10.03 15.48 59.05
N HIS I 227 -10.87 14.50 58.68
CA HIS I 227 -10.95 13.23 59.45
C HIS I 227 -10.30 12.11 58.62
N GLY I 228 -9.85 12.43 57.39
CA GLY I 228 -9.23 11.41 56.52
C GLY I 228 -7.90 11.88 55.98
N GLY I 229 -7.12 12.60 56.80
CA GLY I 229 -5.82 13.13 56.35
C GLY I 229 -4.72 12.09 56.46
N ALA I 230 -5.09 10.83 56.73
CA ALA I 230 -4.08 9.76 56.91
C ALA I 230 -3.20 9.68 55.67
N ASN I 231 -3.80 9.82 54.48
CA ASN I 231 -3.04 9.71 53.20
C ASN I 231 -2.05 10.88 53.10
N GLN I 232 -2.45 12.07 53.56
CA GLN I 232 -1.59 13.28 53.44
C GLN I 232 -0.27 13.07 54.20
N ARG I 233 -0.20 12.00 55.01
CA ARG I 233 1.02 11.76 55.83
C ARG I 233 2.24 11.62 54.91
N VAL I 234 2.01 11.42 53.61
CA VAL I 234 3.14 11.21 52.65
C VAL I 234 4.18 12.30 52.87
N VAL I 235 5.44 11.90 53.09
CA VAL I 235 6.54 12.90 53.29
C VAL I 235 6.66 13.72 52.01
N GLY I 236 6.59 13.07 50.84
CA GLY I 236 6.65 13.79 49.56
C GLY I 236 5.28 14.30 49.14
N ILE I 241 15.13 17.24 55.67
CA ILE I 241 15.41 18.49 56.43
C ILE I 241 14.09 19.24 56.67
N GLY I 242 13.40 18.92 57.76
CA GLY I 242 12.10 19.57 58.07
C GLY I 242 12.29 20.85 58.85
N SER I 243 13.52 21.15 59.27
CA SER I 243 13.79 22.37 60.08
C SER I 243 13.26 23.61 59.34
N PRO I 244 13.51 23.76 58.02
CA PRO I 244 12.95 24.88 57.26
C PRO I 244 11.46 24.64 57.02
N LYS I 245 10.66 24.62 58.09
CA LYS I 245 9.20 24.38 57.97
C LYS I 245 8.60 25.45 57.06
N ASN I 246 9.09 26.69 57.18
CA ASN I 246 8.56 27.81 56.33
C ASN I 246 7.04 27.88 56.50
N VAL I 247 6.55 27.61 57.71
CA VAL I 247 5.08 27.62 57.97
C VAL I 247 4.54 29.03 57.67
N GLU I 248 3.32 29.10 57.12
CA GLU I 248 2.71 30.42 56.78
C GLU I 248 3.73 31.28 56.03
N TRP I 262 2.67 16.96 57.83
CA TRP I 262 1.22 17.15 58.09
C TRP I 262 0.73 16.09 59.09
N GLY I 263 -0.51 16.21 59.57
CA GLY I 263 -1.08 15.20 60.49
C GLY I 263 -0.19 14.97 61.69
N MET I 264 -0.11 15.96 62.59
CA MET I 264 0.79 15.85 63.77
C MET I 264 -0.05 15.97 65.05
N GLY I 265 -0.72 17.09 65.26
CA GLY I 265 -1.47 17.30 66.52
C GLY I 265 -2.89 16.78 66.46
N HIS I 266 -3.53 16.65 67.62
CA HIS I 266 -4.95 16.22 67.68
C HIS I 266 -5.72 17.16 68.60
N ARG I 267 -6.87 17.67 68.15
CA ARG I 267 -7.62 18.68 68.95
C ARG I 267 -7.87 18.13 70.36
N GLU I 268 -8.42 16.92 70.46
CA GLU I 268 -8.77 16.37 71.80
C GLU I 268 -7.48 16.05 72.55
N LYS I 270 -3.34 17.02 73.85
CA LYS I 270 -2.41 18.15 74.13
C LYS I 270 -1.00 17.57 74.17
N VAL I 271 -0.89 16.24 74.17
CA VAL I 271 0.44 15.56 74.16
C VAL I 271 0.39 14.48 73.07
N LYS I 272 1.52 13.85 72.76
CA LYS I 272 1.55 12.87 71.64
C LYS I 272 0.44 11.83 71.82
N ASP I 273 -0.27 11.51 70.75
CA ASP I 273 -1.36 10.51 70.80
C ASP I 273 -0.78 9.20 71.32
N PRO I 274 -1.33 8.59 72.39
CA PRO I 274 -0.86 7.30 72.88
C PRO I 274 -0.89 6.31 71.72
N ARG I 275 -1.93 6.42 70.89
CA ARG I 275 -2.06 5.51 69.73
C ARG I 275 -0.79 5.62 68.88
N ALA I 276 -0.40 6.86 68.56
CA ALA I 276 0.78 7.07 67.71
C ALA I 276 2.00 6.43 68.37
N THR I 277 2.06 6.49 69.70
CA THR I 277 3.23 5.93 70.43
C THR I 277 3.36 4.46 70.05
N ILE I 278 2.25 3.72 70.10
CA ILE I 278 2.28 2.27 69.79
C ILE I 278 2.78 2.11 68.34
N LEU I 279 2.32 2.99 67.45
CA LEU I 279 2.75 2.93 66.03
C LEU I 279 4.27 3.11 65.96
N HIS I 280 4.79 4.08 66.72
CA HIS I 280 6.26 4.32 66.74
C HIS I 280 6.95 3.01 67.14
N LYS I 281 6.41 2.32 68.14
CA LYS I 281 6.98 1.01 68.56
C LYS I 281 6.90 0.04 67.37
N LEU I 282 5.78 0.05 66.66
CA LEU I 282 5.60 -0.87 65.50
C LEU I 282 6.71 -0.60 64.49
N VAL I 283 6.95 0.68 64.18
CA VAL I 283 7.98 1.03 63.16
C VAL I 283 9.33 0.53 63.68
N GLU I 284 9.54 0.56 64.99
CA GLU I 284 10.81 0.05 65.59
C GLU I 284 10.91 -1.45 65.30
N GLN I 285 9.81 -2.18 65.47
CA GLN I 285 9.84 -3.63 65.13
C GLN I 285 10.30 -3.76 63.68
N LEU I 286 9.81 -2.87 62.80
CA LEU I 286 10.24 -2.88 61.39
C LEU I 286 11.74 -2.57 61.34
N VAL I 287 12.19 -1.61 62.15
CA VAL I 287 13.63 -1.23 62.19
C VAL I 287 14.43 -2.50 62.51
N ALA I 288 13.88 -3.37 63.35
CA ALA I 288 14.59 -4.61 63.73
C ALA I 288 14.87 -5.44 62.48
N GLU I 289 13.88 -5.63 61.62
CA GLU I 289 14.07 -6.47 60.41
C GLU I 289 15.31 -5.98 59.66
N THR I 300 10.06 8.15 55.52
CA THR I 300 10.38 6.77 55.96
C THR I 300 10.57 6.74 57.48
N ALA I 301 11.15 5.65 58.01
CA ALA I 301 11.39 5.54 59.46
C ALA I 301 12.27 6.71 59.91
N LEU I 302 13.34 6.99 59.16
CA LEU I 302 14.24 8.13 59.50
C LEU I 302 13.42 9.42 59.50
N LYS I 303 12.54 9.59 58.51
CA LYS I 303 11.74 10.84 58.40
C LYS I 303 10.84 10.99 59.63
N LEU I 304 10.14 9.91 60.02
CA LEU I 304 9.18 10.03 61.15
C LEU I 304 9.94 10.39 62.43
N GLU I 305 11.06 9.71 62.69
CA GLU I 305 11.83 9.97 63.92
C GLU I 305 12.38 11.40 63.85
N GLU I 306 12.79 11.84 62.65
CA GLU I 306 13.37 13.20 62.49
C GLU I 306 12.32 14.23 62.89
N VAL I 307 11.12 14.15 62.30
CA VAL I 307 10.09 15.19 62.59
C VAL I 307 9.63 15.06 64.06
N CYS I 308 9.59 13.82 64.57
CA CYS I 308 9.11 13.61 65.96
C CYS I 308 10.15 14.13 66.96
N ALA I 309 11.44 14.08 66.62
CA ALA I 309 12.50 14.50 67.57
C ALA I 309 13.33 15.63 66.95
N ASP I 310 14.02 15.36 65.85
CA ASP I 310 14.89 16.39 65.22
C ASP I 310 14.06 17.64 64.95
N ARG I 311 12.83 17.45 64.46
CA ARG I 311 11.92 18.59 64.18
C ARG I 311 10.80 18.60 65.23
N LEU I 312 10.98 17.86 66.33
CA LEU I 312 9.98 17.80 67.41
C LEU I 312 9.13 19.08 67.39
N VAL I 321 -1.94 10.24 65.20
CA VAL I 321 -1.70 9.02 64.37
C VAL I 321 -1.77 9.40 62.89
N ASP I 322 -2.25 8.48 62.05
CA ASP I 322 -2.38 8.76 60.59
C ASP I 322 -0.99 8.81 59.94
N PHE I 323 -0.12 9.69 60.44
CA PHE I 323 1.22 9.86 59.83
C PHE I 323 1.97 8.53 59.84
N TYR I 324 2.06 7.89 61.01
CA TYR I 324 2.77 6.59 61.13
C TYR I 324 1.96 5.50 60.40
N SER I 325 0.64 5.54 60.54
CA SER I 325 -0.22 4.50 59.93
C SER I 325 0.05 4.46 58.41
N GLY I 326 0.10 5.63 57.78
CA GLY I 326 0.33 5.69 56.32
C GLY I 326 1.63 5.02 55.95
N ILE I 327 2.71 5.34 56.66
CA ILE I 327 4.04 4.73 56.39
C ILE I 327 3.90 3.22 56.53
N LEU I 328 3.25 2.78 57.62
CA LEU I 328 3.09 1.33 57.88
C LEU I 328 2.28 0.71 56.73
N TYR I 329 1.21 1.37 56.30
CA TYR I 329 0.34 0.81 55.23
C TYR I 329 1.17 0.63 53.96
N SER I 330 1.99 1.63 53.62
CA SER I 330 2.87 1.51 52.42
C SER I 330 3.79 0.31 52.59
N GLU I 331 4.36 0.14 53.78
CA GLU I 331 5.24 -1.03 54.05
C GLU I 331 4.43 -2.31 53.86
N MET I 332 3.18 -2.30 54.32
CA MET I 332 2.31 -3.50 54.19
C MET I 332 1.88 -3.65 52.73
N GLY I 333 2.13 -2.62 51.90
CA GLY I 333 1.82 -2.71 50.46
C GLY I 333 0.58 -1.93 50.08
N ILE I 334 -0.39 -1.83 50.99
CA ILE I 334 -1.68 -1.14 50.66
C ILE I 334 -1.36 0.22 50.03
N PRO I 335 -1.95 0.57 48.87
CA PRO I 335 -1.66 1.83 48.22
C PRO I 335 -2.26 2.99 49.02
N GLU I 336 -1.64 4.17 48.92
CA GLU I 336 -2.12 5.34 49.71
C GLU I 336 -3.61 5.56 49.43
N ASP I 337 -4.03 5.33 48.20
CA ASP I 337 -5.43 5.62 47.80
C ASP I 337 -6.39 4.96 48.80
N GLU I 338 -5.98 3.88 49.45
CA GLU I 338 -6.91 3.13 50.33
C GLU I 338 -6.65 3.44 51.80
N PHE I 339 -5.58 4.17 52.10
CA PHE I 339 -5.21 4.42 53.53
C PHE I 339 -6.47 4.79 54.33
N THR I 340 -7.17 5.84 53.92
CA THR I 340 -8.37 6.30 54.67
C THR I 340 -9.40 5.18 54.74
N ALA I 341 -9.55 4.41 53.66
CA ALA I 341 -10.56 3.32 53.63
C ALA I 341 -10.26 2.31 54.73
N LEU I 342 -8.98 1.96 54.90
CA LEU I 342 -8.59 1.00 55.97
C LEU I 342 -9.04 1.56 57.31
N PHE I 343 -8.83 2.86 57.53
CA PHE I 343 -9.23 3.50 58.80
C PHE I 343 -10.73 3.30 59.00
N ALA I 344 -11.51 3.46 57.93
CA ALA I 344 -12.98 3.28 58.02
C ALA I 344 -13.29 1.84 58.43
N VAL I 345 -12.53 0.87 57.89
CA VAL I 345 -12.80 -0.57 58.18
C VAL I 345 -12.76 -0.78 59.70
N ALA I 346 -11.72 -0.25 60.36
CA ALA I 346 -11.58 -0.43 61.83
C ALA I 346 -12.61 0.44 62.56
N ARG I 347 -12.81 1.68 62.13
CA ARG I 347 -13.74 2.61 62.82
C ARG I 347 -15.14 1.99 62.87
N SER I 348 -15.46 1.12 61.92
CA SER I 348 -16.80 0.48 61.86
C SER I 348 -17.11 -0.14 63.22
N ALA I 349 -16.11 -0.75 63.86
CA ALA I 349 -16.34 -1.42 65.16
C ALA I 349 -16.96 -0.42 66.15
N GLY I 350 -16.33 0.75 66.31
CA GLY I 350 -16.84 1.76 67.25
C GLY I 350 -18.19 2.29 66.81
N TRP I 351 -18.34 2.57 65.52
CA TRP I 351 -19.61 3.17 65.03
C TRP I 351 -20.79 2.29 65.44
N LEU I 352 -20.74 1.01 65.09
CA LEU I 352 -21.88 0.09 65.39
C LEU I 352 -22.05 -0.04 66.91
N ALA I 353 -20.94 0.01 67.65
CA ALA I 353 -21.00 -0.07 69.12
C ALA I 353 -21.85 1.09 69.65
N HIS I 354 -21.55 2.31 69.23
CA HIS I 354 -22.34 3.50 69.65
C HIS I 354 -23.76 3.36 69.10
N TRP I 355 -23.90 2.85 67.88
CA TRP I 355 -25.24 2.66 67.28
C TRP I 355 -26.08 1.83 68.25
N ARG I 356 -25.50 0.77 68.81
CA ARG I 356 -26.21 -0.05 69.83
C ARG I 356 -26.43 0.80 71.07
N GLU I 357 -25.47 1.67 71.40
CA GLU I 357 -25.57 2.50 72.64
C GLU I 357 -26.80 3.40 72.56
N GLN I 358 -27.35 3.59 71.35
CA GLN I 358 -28.51 4.50 71.17
C GLN I 358 -29.82 3.73 71.40
N ILE I 359 -29.73 2.46 71.80
CA ILE I 359 -30.96 1.67 72.10
C ILE I 359 -31.67 2.29 73.30
N SER I 360 -30.91 2.72 74.31
CA SER I 360 -31.52 3.27 75.55
C SER I 360 -31.67 4.78 75.41
N ASP I 361 -31.29 5.33 74.25
CA ASP I 361 -31.33 6.80 74.06
C ASP I 361 -32.33 7.14 72.95
N ASN I 362 -33.33 7.97 73.25
CA ASN I 362 -34.32 8.40 72.22
C ASN I 362 -33.88 9.73 71.64
N ARG I 363 -32.68 10.19 71.99
CA ARG I 363 -32.17 11.50 71.49
C ARG I 363 -32.28 11.54 69.97
N ILE I 364 -32.84 12.63 69.43
CA ILE I 364 -32.99 12.78 67.95
C ILE I 364 -31.89 13.72 67.45
N TYR I 365 -31.02 14.17 68.36
CA TYR I 365 -29.89 15.06 67.97
C TYR I 365 -30.43 16.28 67.22
N ARG I 366 -31.56 16.82 67.68
CA ARG I 366 -32.10 18.07 67.07
C ARG I 366 -31.35 19.26 67.69
N PRO I 367 -30.59 20.06 66.91
CA PRO I 367 -29.79 21.15 67.48
C PRO I 367 -30.61 21.93 68.52
N THR I 368 -30.09 22.03 69.75
CA THR I 368 -30.81 22.76 70.84
C THR I 368 -29.92 23.89 71.36
N GLN I 369 -28.68 23.58 71.77
CA GLN I 369 -27.75 24.64 72.22
C GLN I 369 -27.48 25.57 71.03
N ILE I 370 -27.41 25.02 69.82
CA ILE I 370 -27.18 25.83 68.60
C ILE I 370 -28.49 25.96 67.83
N TYR I 371 -29.61 25.57 68.45
CA TYR I 371 -30.92 25.63 67.77
C TYR I 371 -31.11 27.04 67.20
N VAL I 372 -30.66 28.06 67.94
CA VAL I 372 -30.79 29.48 67.49
C VAL I 372 -29.45 29.90 66.86
N GLY I 373 -29.49 30.67 65.78
CA GLY I 373 -28.27 31.14 65.12
C GLY I 373 -28.43 32.56 64.58
N SER I 374 -27.31 33.23 64.31
CA SER I 374 -27.35 34.61 63.77
C SER I 374 -28.13 34.63 62.45
N ASP I 375 -29.06 35.57 62.29
CA ASP I 375 -29.83 35.68 61.02
C ASP I 375 -29.09 36.64 60.08
N GLU J 24 58.55 52.25 34.14
CA GLU J 24 57.25 51.51 34.15
C GLU J 24 56.53 51.74 32.82
N LYS J 25 56.88 52.82 32.11
CA LYS J 25 56.23 53.14 30.82
C LYS J 25 57.29 53.50 29.78
N GLY J 26 57.72 54.76 29.72
CA GLY J 26 58.66 55.17 28.66
C GLY J 26 58.12 54.72 27.31
N ILE J 27 56.87 55.05 27.01
CA ILE J 27 56.23 54.55 25.75
C ILE J 27 56.52 55.50 24.58
N LEU J 28 56.50 54.99 23.34
CA LEU J 28 56.66 55.86 22.15
C LEU J 28 58.09 56.41 22.04
N SER J 29 59.08 55.64 22.50
CA SER J 29 60.50 56.07 22.41
C SER J 29 61.04 55.81 21.00
N TYR J 30 60.29 56.20 19.97
CA TYR J 30 60.72 55.99 18.56
C TYR J 30 61.37 57.26 18.03
N ARG J 31 62.70 57.37 18.15
CA ARG J 31 63.41 58.58 17.69
C ARG J 31 62.73 59.80 18.30
N GLY J 32 62.11 59.63 19.47
CA GLY J 32 61.41 60.75 20.13
C GLY J 32 60.05 60.99 19.50
N TYR J 33 59.66 60.15 18.55
CA TYR J 33 58.36 60.32 17.85
C TYR J 33 57.36 59.31 18.42
N PRO J 34 56.11 59.73 18.72
CA PRO J 34 55.12 58.84 19.31
C PRO J 34 54.76 57.68 18.37
N LEU J 35 54.51 56.50 18.93
CA LEU J 35 54.16 55.32 18.11
C LEU J 35 52.91 55.63 17.30
N GLU J 36 51.85 56.11 17.96
CA GLU J 36 50.57 56.38 17.25
C GLU J 36 50.83 57.42 16.16
N THR J 37 51.52 58.51 16.51
CA THR J 37 51.88 59.52 15.49
C THR J 37 52.42 58.79 14.27
N LEU J 38 53.43 57.94 14.47
CA LEU J 38 54.07 57.25 13.32
C LEU J 38 53.11 56.18 12.79
N ALA J 39 52.31 55.59 13.68
CA ALA J 39 51.35 54.54 13.26
C ALA J 39 50.53 55.09 12.10
N GLU J 40 50.38 56.41 12.04
CA GLU J 40 49.66 57.04 10.90
C GLU J 40 50.66 57.89 10.12
N ASN J 41 50.29 58.33 8.92
CA ASN J 41 51.16 59.22 8.11
C ASN J 41 52.59 58.67 8.07
N SER J 42 52.74 57.35 7.91
CA SER J 42 54.10 56.76 7.78
C SER J 42 54.00 55.34 7.21
N THR J 43 55.12 54.80 6.74
CA THR J 43 55.14 53.40 6.23
C THR J 43 56.37 52.71 6.80
N PHE J 44 56.39 51.37 6.79
CA PHE J 44 57.53 50.67 7.42
C PHE J 44 58.82 51.31 6.90
N GLU J 45 58.84 51.63 5.61
CA GLU J 45 60.06 52.23 5.01
C GLU J 45 60.37 53.56 5.69
N GLU J 46 59.40 54.47 5.75
CA GLU J 46 59.67 55.81 6.33
C GLU J 46 60.09 55.62 7.78
N THR J 47 59.32 54.84 8.53
CA THR J 47 59.66 54.57 9.95
C THR J 47 61.06 53.99 9.98
N THR J 48 61.34 53.04 9.09
CA THR J 48 62.67 52.39 9.07
C THR J 48 63.74 53.45 8.83
N LEU J 49 63.52 54.31 7.84
CA LEU J 49 64.53 55.35 7.51
C LEU J 49 64.75 56.20 8.75
N LEU J 50 63.65 56.59 9.42
CA LEU J 50 63.77 57.41 10.66
C LEU J 50 64.59 56.63 11.67
N LEU J 51 64.28 55.34 11.85
CA LEU J 51 64.98 54.53 12.87
C LEU J 51 66.47 54.47 12.52
N LEU J 52 66.81 54.60 11.24
CA LEU J 52 68.23 54.48 10.81
C LEU J 52 68.88 55.87 10.78
N ASP J 53 68.35 56.78 9.96
CA ASP J 53 69.00 58.11 9.81
C ASP J 53 68.85 58.90 11.12
N GLY J 54 67.72 58.72 11.82
CA GLY J 54 67.52 59.41 13.11
C GLY J 54 66.58 60.60 12.97
N GLU J 55 66.15 60.90 11.74
CA GLU J 55 65.26 62.06 11.51
C GLU J 55 64.40 61.81 10.26
N LEU J 56 63.14 62.24 10.28
CA LEU J 56 62.23 62.01 9.13
C LEU J 56 62.91 62.52 7.86
N PRO J 57 62.94 61.76 6.75
CA PRO J 57 63.66 62.16 5.54
C PRO J 57 62.83 63.00 4.56
N THR J 58 63.48 63.50 3.50
CA THR J 58 62.76 64.29 2.47
C THR J 58 62.14 63.34 1.45
N LYS J 59 61.19 63.84 0.64
CA LYS J 59 60.55 63.00 -0.39
C LYS J 59 61.65 62.25 -1.16
N LYS J 60 62.64 62.99 -1.66
CA LYS J 60 63.71 62.35 -2.46
C LYS J 60 64.40 61.29 -1.61
N ALA J 61 64.77 61.64 -0.37
CA ALA J 61 65.52 60.68 0.47
C ALA J 61 64.72 59.38 0.57
N LEU J 62 63.44 59.48 0.93
CA LEU J 62 62.61 58.26 1.10
C LEU J 62 62.50 57.55 -0.25
N ASN J 63 62.18 58.27 -1.31
CA ASN J 63 61.98 57.63 -2.63
C ASN J 63 63.27 56.91 -3.01
N ASP J 64 64.41 57.57 -2.82
CA ASP J 64 65.72 56.97 -3.20
C ASP J 64 65.93 55.69 -2.39
N PHE J 65 65.77 55.77 -1.06
CA PHE J 65 65.97 54.59 -0.19
C PHE J 65 64.98 53.50 -0.61
N SER J 66 63.73 53.89 -0.81
CA SER J 66 62.69 52.91 -1.26
C SER J 66 63.21 52.16 -2.48
N GLN J 67 63.73 52.88 -3.47
CA GLN J 67 64.21 52.24 -4.72
C GLN J 67 65.28 51.21 -4.38
N GLN J 68 66.27 51.59 -3.55
CA GLN J 68 67.38 50.66 -3.21
C GLN J 68 66.80 49.42 -2.53
N LEU J 69 65.91 49.63 -1.55
CA LEU J 69 65.30 48.49 -0.82
C LEU J 69 64.54 47.62 -1.82
N LYS J 70 63.77 48.25 -2.72
CA LYS J 70 62.95 47.50 -3.70
C LYS J 70 63.85 46.75 -4.68
N ASP J 71 64.92 47.38 -5.15
CA ASP J 71 65.79 46.75 -6.18
C ASP J 71 66.62 45.63 -5.52
N ASN J 72 66.57 45.52 -4.19
CA ASN J 72 67.28 44.43 -3.48
C ASN J 72 66.30 43.32 -3.11
N TYR J 73 65.05 43.43 -3.54
CA TYR J 73 64.03 42.39 -3.27
C TYR J 73 64.52 41.06 -3.84
N ARG J 74 65.31 41.11 -4.92
CA ARG J 74 65.80 39.87 -5.58
C ARG J 74 66.60 39.03 -4.59
N ILE J 75 66.61 37.71 -4.78
CA ILE J 75 67.35 36.79 -3.87
C ILE J 75 68.32 35.94 -4.71
N LYS J 76 69.52 35.68 -4.18
CA LYS J 76 70.51 34.84 -4.89
C LYS J 76 69.86 33.48 -5.21
N TYR J 77 70.09 32.96 -6.41
CA TYR J 77 69.50 31.66 -6.81
C TYR J 77 70.02 30.57 -5.86
N HIS J 78 71.25 30.73 -5.37
CA HIS J 78 71.84 29.72 -4.46
C HIS J 78 70.93 29.55 -3.24
N ILE J 79 70.38 30.65 -2.73
CA ILE J 79 69.53 30.59 -1.50
C ILE J 79 68.32 29.69 -1.77
N ARG J 80 67.65 29.88 -2.91
CA ARG J 80 66.41 29.09 -3.19
C ARG J 80 66.79 27.61 -3.29
N GLN J 81 67.90 27.30 -3.95
CA GLN J 81 68.35 25.89 -4.07
C GLN J 81 68.58 25.34 -2.65
N MET J 82 69.22 26.13 -1.78
CA MET J 82 69.48 25.69 -0.39
C MET J 82 68.16 25.33 0.29
N MET J 83 67.15 26.20 0.17
CA MET J 83 65.85 25.96 0.84
C MET J 83 65.25 24.65 0.32
N ARG J 84 65.28 24.44 -1.00
CA ARG J 84 64.69 23.22 -1.61
C ARG J 84 65.43 21.99 -1.06
N HIS J 85 66.68 22.17 -0.64
CA HIS J 85 67.48 21.05 -0.09
C HIS J 85 67.12 20.81 1.38
N PHE J 86 66.40 21.75 1.99
CA PHE J 86 66.09 21.63 3.45
C PHE J 86 64.70 21.04 3.67
N PRO J 87 64.46 20.34 4.80
CA PRO J 87 63.18 19.66 5.05
C PRO J 87 61.99 20.63 5.17
N HIS J 88 60.78 20.12 4.91
CA HIS J 88 59.55 20.95 5.03
C HIS J 88 59.14 21.02 6.50
N THR J 89 59.67 20.11 7.32
CA THR J 89 59.33 20.08 8.76
C THR J 89 60.10 21.18 9.46
N GLY J 90 60.96 21.90 8.74
CA GLY J 90 61.77 22.97 9.34
C GLY J 90 60.93 24.18 9.69
N HIS J 91 61.35 24.93 10.71
CA HIS J 91 60.57 26.12 11.16
C HIS J 91 61.08 27.36 10.42
N PRO J 92 60.18 28.23 9.92
CA PRO J 92 60.60 29.38 9.13
C PRO J 92 61.70 30.20 9.84
N MET J 93 61.56 30.38 11.16
CA MET J 93 62.54 31.22 11.89
C MET J 93 63.95 30.61 11.73
N ASP J 94 64.06 29.30 11.88
CA ASP J 94 65.39 28.65 11.81
C ASP J 94 65.97 28.83 10.40
N MET J 95 65.13 28.70 9.37
CA MET J 95 65.61 28.84 7.97
C MET J 95 66.09 30.28 7.76
N LEU J 96 65.33 31.25 8.25
CA LEU J 96 65.73 32.67 8.12
C LEU J 96 67.10 32.84 8.77
N GLN J 97 67.31 32.17 9.91
CA GLN J 97 68.63 32.23 10.57
C GLN J 97 69.68 31.69 9.59
N THR J 98 69.42 30.53 9.00
CA THR J 98 70.36 29.94 8.02
C THR J 98 70.50 30.88 6.83
N ALA J 99 69.37 31.41 6.33
CA ALA J 99 69.42 32.24 5.11
C ALA J 99 70.26 33.49 5.34
N VAL J 100 69.99 34.24 6.40
CA VAL J 100 70.72 35.52 6.59
C VAL J 100 72.21 35.20 6.73
N SER J 101 72.54 34.16 7.50
CA SER J 101 73.96 33.77 7.66
C SER J 101 74.59 33.57 6.29
N SER J 102 73.89 32.86 5.40
CA SER J 102 74.45 32.55 4.06
C SER J 102 74.63 33.82 3.24
N LEU J 103 73.62 34.69 3.22
CA LEU J 103 73.71 35.89 2.36
C LEU J 103 75.04 36.58 2.61
N GLY J 104 75.61 36.40 3.80
CA GLY J 104 76.89 37.05 4.14
C GLY J 104 78.03 36.55 3.28
N MET J 105 77.87 35.36 2.68
CA MET J 105 78.98 34.76 1.90
C MET J 105 78.90 35.24 0.45
N PHE J 106 78.05 36.22 0.16
CA PHE J 106 77.91 36.75 -1.22
C PHE J 106 78.42 38.19 -1.27
N TYR J 107 78.12 38.98 -0.24
CA TYR J 107 78.61 40.38 -0.17
C TYR J 107 79.52 40.51 1.04
N PRO J 108 80.69 39.84 1.08
CA PRO J 108 81.53 39.83 2.29
C PRO J 108 82.45 41.04 2.44
N GLY J 109 83.38 40.95 3.40
CA GLY J 109 84.34 42.04 3.65
C GLY J 109 84.36 42.44 5.12
N THR J 110 85.52 42.86 5.61
CA THR J 110 85.60 43.34 7.01
C THR J 110 85.99 44.82 7.00
N GLU J 111 85.09 45.69 7.48
CA GLU J 111 85.35 47.16 7.47
C GLU J 111 86.27 47.54 8.63
N CYS J 112 86.87 46.55 9.29
CA CYS J 112 87.85 46.88 10.35
C CYS J 112 88.83 47.89 9.76
N LEU J 113 89.26 47.66 8.51
CA LEU J 113 90.19 48.60 7.83
C LEU J 113 91.03 49.33 8.87
N CYS J 119 90.62 50.02 1.60
CA CYS J 119 90.81 48.55 1.55
C CYS J 119 89.48 47.86 1.21
N GLU J 120 88.36 48.43 1.68
CA GLU J 120 87.03 47.84 1.41
C GLU J 120 86.58 48.25 0.00
N ASP J 121 85.40 47.77 -0.43
CA ASP J 121 84.93 48.06 -1.81
C ASP J 121 83.85 49.14 -1.78
N LEU J 122 82.89 49.06 -0.86
CA LEU J 122 81.77 50.02 -0.82
C LEU J 122 81.38 50.33 0.63
N ASP J 123 80.35 51.16 0.83
CA ASP J 123 79.87 51.45 2.20
C ASP J 123 79.09 50.24 2.71
N TYR J 124 79.67 49.47 3.62
CA TYR J 124 78.98 48.28 4.19
C TYR J 124 77.66 48.75 4.81
N VAL J 125 77.70 49.83 5.60
CA VAL J 125 76.47 50.31 6.29
C VAL J 125 75.50 50.86 5.24
N ARG J 126 74.21 50.91 5.58
CA ARG J 126 73.16 51.40 4.64
C ARG J 126 73.02 50.42 3.48
N ASN J 127 74.10 50.20 2.73
CA ASN J 127 74.02 49.32 1.53
C ASN J 127 73.68 47.89 1.98
N MET J 128 74.50 47.32 2.87
CA MET J 128 74.19 45.97 3.40
C MET J 128 72.92 46.06 4.24
N THR J 129 72.76 47.16 4.98
CA THR J 129 71.54 47.36 5.80
C THR J 129 70.31 47.29 4.91
N VAL J 130 70.30 48.02 3.80
CA VAL J 130 69.12 48.06 2.90
C VAL J 130 68.89 46.65 2.36
N ASN J 131 69.97 45.97 1.95
CA ASN J 131 69.83 44.61 1.37
C ASN J 131 69.21 43.69 2.43
N ILE J 132 69.75 43.71 3.65
CA ILE J 132 69.25 42.80 4.72
C ILE J 132 67.75 43.08 4.94
N ILE J 133 67.40 44.34 5.18
CA ILE J 133 65.98 44.70 5.44
C ILE J 133 65.12 44.28 4.25
N ALA J 134 65.65 44.46 3.03
CA ALA J 134 64.86 44.16 1.82
C ALA J 134 64.62 42.66 1.67
N GLN J 135 65.66 41.85 1.78
CA GLN J 135 65.51 40.39 1.52
C GLN J 135 64.70 39.70 2.62
N MET J 136 64.63 40.29 3.81
CA MET J 136 63.93 39.59 4.92
C MET J 136 62.60 39.05 4.40
N ALA J 137 61.76 39.93 3.84
CA ALA J 137 60.41 39.52 3.39
C ALA J 137 60.49 38.45 2.31
N PRO J 138 61.14 38.69 1.15
CA PRO J 138 61.16 37.71 0.07
C PRO J 138 61.65 36.35 0.59
N LEU J 139 62.66 36.38 1.46
CA LEU J 139 63.25 35.10 1.96
C LEU J 139 62.15 34.28 2.64
N VAL J 140 61.42 34.89 3.56
CA VAL J 140 60.37 34.15 4.32
C VAL J 140 59.32 33.66 3.32
N ALA J 141 58.91 34.53 2.40
CA ALA J 141 57.89 34.15 1.40
C ALA J 141 58.39 32.92 0.65
N MET J 142 59.66 32.95 0.25
CA MET J 142 60.22 31.81 -0.52
C MET J 142 60.02 30.53 0.26
N TRP J 143 60.37 30.54 1.55
CA TRP J 143 60.27 29.27 2.34
C TRP J 143 58.81 28.81 2.37
N GLU J 144 57.88 29.73 2.58
CA GLU J 144 56.46 29.34 2.69
C GLU J 144 56.09 28.53 1.45
N HIS J 145 56.55 28.96 0.28
CA HIS J 145 56.21 28.26 -0.98
C HIS J 145 57.03 26.97 -1.12
N ILE J 146 58.36 27.07 -0.96
CA ILE J 146 59.24 25.88 -1.17
C ILE J 146 58.85 24.77 -0.20
N ARG J 147 58.58 25.13 1.06
CA ARG J 147 58.27 24.09 2.08
C ARG J 147 57.00 23.36 1.66
N ASN J 148 56.04 24.09 1.12
CA ASN J 148 54.75 23.47 0.70
C ASN J 148 54.98 22.70 -0.60
N GLY J 149 56.16 22.84 -1.20
CA GLY J 149 56.50 22.05 -2.41
C GLY J 149 56.26 22.81 -3.69
N TRP J 150 55.89 24.09 -3.60
CA TRP J 150 55.55 24.86 -4.83
C TRP J 150 56.63 25.91 -5.10
N ASP J 151 56.72 26.37 -6.35
CA ASP J 151 57.74 27.38 -6.72
C ASP J 151 57.36 28.72 -6.10
N PRO J 152 58.33 29.58 -5.74
CA PRO J 152 58.02 30.84 -5.06
C PRO J 152 57.45 31.91 -6.01
N VAL J 153 56.89 32.98 -5.44
CA VAL J 153 56.34 34.09 -6.27
C VAL J 153 57.35 35.24 -6.23
N ASN J 154 58.02 35.49 -7.34
CA ASN J 154 59.07 36.54 -7.37
C ASN J 154 58.47 37.87 -6.93
N PRO J 155 59.20 38.69 -6.15
CA PRO J 155 58.67 39.97 -5.65
C PRO J 155 58.52 40.98 -6.80
N LYS J 156 57.70 42.02 -6.59
CA LYS J 156 57.47 43.04 -7.64
C LYS J 156 58.25 44.31 -7.31
N HIS J 157 58.80 44.97 -8.33
CA HIS J 157 59.63 46.18 -8.12
C HIS J 157 58.71 47.41 -8.03
N ASP J 158 57.39 47.18 -8.01
CA ASP J 158 56.43 48.31 -7.91
C ASP J 158 55.62 48.13 -6.63
N LEU J 159 56.03 47.20 -5.76
CA LEU J 159 55.23 46.90 -4.55
C LEU J 159 56.03 47.23 -3.27
N SER J 160 55.34 47.68 -2.22
CA SER J 160 56.02 48.00 -0.94
C SER J 160 56.37 46.70 -0.23
N VAL J 161 57.14 46.80 0.86
CA VAL J 161 57.49 45.59 1.65
C VAL J 161 56.17 44.91 2.03
N ALA J 162 55.30 45.62 2.73
CA ALA J 162 54.05 45.00 3.21
C ALA J 162 53.25 44.47 2.00
N GLU J 163 53.13 45.29 0.96
CA GLU J 163 52.33 44.88 -0.22
C GLU J 163 52.91 43.55 -0.72
N ASN J 164 54.23 43.53 -0.92
CA ASN J 164 54.89 42.31 -1.45
C ASN J 164 54.56 41.14 -0.51
N LEU J 165 54.63 41.39 0.81
CA LEU J 165 54.39 40.30 1.78
C LEU J 165 53.09 39.61 1.39
N LEU J 166 51.99 40.36 1.36
CA LEU J 166 50.68 39.72 1.08
C LEU J 166 50.70 39.14 -0.33
N TYR J 167 51.28 39.84 -1.30
CA TYR J 167 51.27 39.36 -2.70
C TYR J 167 52.08 38.08 -2.82
N MET J 168 53.25 38.04 -2.21
CA MET J 168 54.14 36.85 -2.33
C MET J 168 53.59 35.72 -1.45
N PHE J 169 52.63 36.03 -0.57
CA PHE J 169 52.11 35.01 0.37
C PHE J 169 50.72 34.55 -0.08
N ASN J 170 49.79 35.50 -0.22
CA ASN J 170 48.40 35.16 -0.61
C ASN J 170 48.39 34.68 -2.07
N GLY J 171 49.36 35.13 -2.87
CA GLY J 171 49.45 34.69 -4.27
C GLY J 171 48.99 35.76 -5.23
N GLU J 172 48.54 36.91 -4.71
CA GLU J 172 48.08 38.02 -5.57
C GLU J 172 48.10 39.33 -4.77
N GLU J 173 48.12 40.47 -5.46
CA GLU J 173 48.10 41.78 -4.76
C GLU J 173 46.92 41.80 -3.79
N PRO J 174 47.07 42.30 -2.55
CA PRO J 174 46.01 42.24 -1.56
C PRO J 174 45.13 43.50 -1.50
N ASP J 175 43.98 43.40 -0.83
CA ASP J 175 43.11 44.59 -0.66
C ASP J 175 43.97 45.67 0.01
N PRO J 176 44.03 46.91 -0.53
CA PRO J 176 44.90 47.94 0.05
C PRO J 176 44.76 48.01 1.57
N LEU J 177 43.55 47.80 2.08
CA LEU J 177 43.31 47.92 3.54
C LEU J 177 44.19 46.92 4.28
N MET J 178 44.19 45.65 3.84
CA MET J 178 45.00 44.61 4.51
C MET J 178 46.48 44.99 4.42
N ALA J 179 46.89 45.52 3.26
CA ALA J 179 48.30 45.97 3.11
C ALA J 179 48.59 47.06 4.15
N LYS J 180 47.64 47.99 4.33
CA LYS J 180 47.82 49.07 5.33
C LYS J 180 47.99 48.45 6.72
N ILE J 181 47.15 47.47 7.06
CA ILE J 181 47.22 46.82 8.39
C ILE J 181 48.62 46.19 8.53
N MET J 182 49.05 45.45 7.51
CA MET J 182 50.40 44.82 7.54
C MET J 182 51.44 45.91 7.75
N ASP J 183 51.34 47.01 7.00
CA ASP J 183 52.36 48.09 7.09
C ASP J 183 52.42 48.60 8.53
N VAL J 184 51.27 48.93 9.11
CA VAL J 184 51.23 49.46 10.51
C VAL J 184 51.82 48.39 11.44
N CYS J 185 51.44 47.13 11.24
CA CYS J 185 51.94 46.04 12.11
C CYS J 185 53.47 46.05 12.07
N LEU J 186 54.05 46.17 10.88
CA LEU J 186 55.53 46.20 10.73
C LEU J 186 56.08 47.37 11.53
N ILE J 187 55.42 48.53 11.44
CA ILE J 187 55.89 49.75 12.16
C ILE J 187 55.87 49.48 13.67
N LEU J 188 54.82 48.82 14.16
CA LEU J 188 54.70 48.55 15.62
C LEU J 188 55.84 47.63 16.07
N HIS J 189 56.21 46.64 15.23
CA HIS J 189 57.28 45.68 15.61
C HIS J 189 58.62 46.14 15.04
N ALA J 190 58.69 47.37 14.51
CA ALA J 190 59.92 47.85 13.85
C ALA J 190 61.08 47.92 14.85
N GLU J 191 60.88 48.55 16.02
CA GLU J 191 62.00 48.73 16.97
C GLU J 191 61.47 48.69 18.41
N HIS J 192 62.34 48.38 19.37
CA HIS J 192 61.96 48.35 20.81
C HIS J 192 63.18 48.66 21.67
N THR J 193 62.97 48.90 22.97
CA THR J 193 64.09 49.29 23.86
C THR J 193 64.96 48.06 24.17
N LEU J 194 66.16 48.00 23.58
CA LEU J 194 67.11 46.90 23.89
C LEU J 194 66.36 45.58 24.07
N ASN J 195 65.60 45.14 23.06
CA ASN J 195 64.93 43.82 23.15
C ASN J 195 66.03 42.76 23.17
N ALA J 196 65.76 41.57 23.73
CA ALA J 196 66.82 40.54 23.85
C ALA J 196 67.56 40.38 22.52
N SER J 197 66.82 40.30 21.41
CA SER J 197 67.44 40.14 20.07
C SER J 197 68.33 41.35 19.77
N THR J 198 67.83 42.56 20.04
CA THR J 198 68.61 43.80 19.77
C THR J 198 69.92 43.74 20.54
N PHE J 199 69.86 43.35 21.82
CA PHE J 199 71.07 43.32 22.67
C PHE J 199 72.08 42.34 22.07
N ALA J 200 71.61 41.13 21.73
CA ALA J 200 72.51 40.12 21.14
C ALA J 200 73.12 40.70 19.87
N ALA J 201 72.32 41.34 19.03
CA ALA J 201 72.84 41.99 17.81
C ALA J 201 73.97 42.93 18.21
N LEU J 202 73.74 43.76 19.23
CA LEU J 202 74.77 44.73 19.68
C LEU J 202 76.02 43.97 20.09
N VAL J 203 75.87 42.92 20.89
CA VAL J 203 77.03 42.12 21.36
C VAL J 203 77.80 41.62 20.13
N ALA J 204 77.11 40.95 19.22
CA ALA J 204 77.76 40.41 18.01
C ALA J 204 78.33 41.56 17.18
N GLY J 205 77.59 42.66 17.08
CA GLY J 205 78.08 43.84 16.34
C GLY J 205 79.34 44.40 16.99
N SER J 206 79.41 44.34 18.32
CA SER J 206 80.61 44.83 19.06
C SER J 206 81.83 44.05 18.60
N THR J 207 81.65 42.78 18.27
CA THR J 207 82.78 41.96 17.74
C THR J 207 83.10 42.43 16.32
N LEU J 208 82.35 43.42 15.83
CA LEU J 208 82.56 43.96 14.46
C LEU J 208 82.29 42.85 13.43
N ALA J 209 81.32 41.97 13.73
CA ALA J 209 80.96 40.88 12.80
C ALA J 209 80.11 41.44 11.67
N THR J 210 79.95 40.67 10.59
CA THR J 210 79.16 41.15 9.42
C THR J 210 77.75 41.49 9.87
N PRO J 211 77.10 42.53 9.30
CA PRO J 211 75.71 42.85 9.65
C PRO J 211 74.86 41.61 9.44
N TYR J 212 75.14 40.85 8.37
CA TYR J 212 74.37 39.62 8.09
C TYR J 212 74.48 38.67 9.29
N SER J 213 75.70 38.49 9.80
CA SER J 213 75.90 37.55 10.93
C SER J 213 75.07 38.00 12.13
N VAL J 214 75.13 39.29 12.47
CA VAL J 214 74.41 39.78 13.68
C VAL J 214 72.90 39.62 13.47
N ILE J 215 72.41 39.92 12.26
CA ILE J 215 70.95 39.83 11.97
C ILE J 215 70.52 38.37 12.15
N SER J 216 71.34 37.42 11.69
CA SER J 216 71.03 35.98 11.87
C SER J 216 70.90 35.68 13.37
N ALA J 217 71.83 36.19 14.17
CA ALA J 217 71.76 35.97 15.64
C ALA J 217 70.49 36.60 16.19
N ALA J 218 70.15 37.81 15.74
CA ALA J 218 68.95 38.51 16.26
C ALA J 218 67.69 37.71 15.93
N ILE J 219 67.55 37.28 14.67
CA ILE J 219 66.32 36.54 14.26
C ILE J 219 66.26 35.24 15.08
N GLY J 220 67.41 34.62 15.34
CA GLY J 220 67.42 33.42 16.18
C GLY J 220 66.90 33.72 17.57
N THR J 221 67.24 34.92 18.09
CA THR J 221 66.76 35.32 19.43
C THR J 221 65.23 35.43 19.41
N LEU J 222 64.67 36.03 18.36
CA LEU J 222 63.19 36.13 18.23
C LEU J 222 62.61 34.72 18.23
N SER J 223 63.32 33.77 17.62
CA SER J 223 62.84 32.36 17.56
C SER J 223 62.55 31.89 18.99
N GLY J 224 63.28 32.42 19.97
CA GLY J 224 63.01 32.07 21.38
C GLY J 224 61.54 32.23 21.71
N PRO J 225 60.91 31.29 22.44
CA PRO J 225 59.47 31.35 22.72
C PRO J 225 59.11 32.64 23.48
N LEU J 226 59.92 33.00 24.47
CA LEU J 226 59.61 34.20 25.29
C LEU J 226 59.62 35.45 24.38
N HIS J 227 60.65 35.60 23.55
CA HIS J 227 60.74 36.77 22.65
C HIS J 227 59.74 36.63 21.51
N GLY J 228 59.59 35.41 20.97
CA GLY J 228 58.66 35.18 19.86
C GLY J 228 57.69 34.04 20.15
N GLY J 229 56.72 34.27 21.04
CA GLY J 229 55.74 33.24 21.40
C GLY J 229 54.37 33.53 20.83
N ALA J 230 54.30 34.47 19.88
CA ALA J 230 53.01 34.80 19.24
C ALA J 230 52.38 33.51 18.72
N ASN J 231 53.20 32.57 18.24
CA ASN J 231 52.68 31.27 17.75
C ASN J 231 52.06 30.52 18.94
N GLN J 232 52.68 30.61 20.11
CA GLN J 232 52.15 29.93 21.32
C GLN J 232 50.90 30.68 21.81
N ARG J 233 50.70 31.91 21.34
CA ARG J 233 49.55 32.74 21.81
C ARG J 233 48.23 32.03 21.48
N VAL J 234 48.25 31.09 20.53
CA VAL J 234 46.99 30.42 20.10
C VAL J 234 46.22 29.97 21.34
N VAL J 235 46.82 29.10 22.15
CA VAL J 235 46.17 28.64 23.42
C VAL J 235 44.68 28.39 23.17
N GLY J 236 44.34 27.85 22.00
CA GLY J 236 42.93 27.62 21.64
C GLY J 236 42.27 26.66 22.61
N MET J 237 43.03 25.73 23.18
CA MET J 237 42.45 24.70 24.08
C MET J 237 41.44 25.37 25.01
N LEU J 238 41.70 26.62 25.41
CA LEU J 238 40.77 27.35 26.31
C LEU J 238 39.91 28.31 25.47
N GLN J 239 38.59 28.29 25.69
CA GLN J 239 37.67 29.21 24.96
C GLN J 239 36.52 29.62 25.89
N GLU J 240 36.57 30.86 26.41
CA GLU J 240 35.51 31.36 27.33
C GLU J 240 35.57 30.58 28.64
N ILE J 241 35.42 29.26 28.58
CA ILE J 241 35.51 28.41 29.80
C ILE J 241 36.92 28.52 30.38
N GLY J 242 37.86 29.06 29.59
CA GLY J 242 39.25 29.22 30.06
C GLY J 242 39.36 30.32 31.08
N SER J 243 38.36 31.21 31.15
CA SER J 243 38.42 32.36 32.09
C SER J 243 38.94 31.89 33.45
N PRO J 244 38.35 30.84 34.07
CA PRO J 244 38.86 30.30 35.33
C PRO J 244 40.13 29.49 35.08
N LYS J 245 41.18 30.14 34.58
CA LYS J 245 42.48 29.44 34.32
C LYS J 245 43.30 29.46 35.61
N ASN J 246 43.65 28.29 36.14
CA ASN J 246 44.43 28.21 37.41
C ASN J 246 45.86 28.68 37.17
N VAL J 247 46.57 29.03 38.24
CA VAL J 247 47.98 29.52 38.12
C VAL J 247 48.93 28.44 38.63
N GLU J 248 49.98 28.12 37.86
CA GLU J 248 50.96 27.08 38.25
C GLU J 248 50.27 26.03 39.11
N TRP J 262 49.55 33.47 28.51
CA TRP J 262 50.81 33.63 27.73
C TRP J 262 50.79 35.00 27.02
N GLY J 263 51.97 35.54 26.69
CA GLY J 263 52.04 36.81 25.96
C GLY J 263 51.34 37.93 26.70
N MET J 264 51.63 38.12 27.99
CA MET J 264 51.04 39.24 28.76
C MET J 264 52.16 39.95 29.53
N GLY J 265 52.80 39.26 30.47
CA GLY J 265 53.85 39.89 31.31
C GLY J 265 54.91 40.60 30.49
N HIS J 266 55.33 41.78 30.94
CA HIS J 266 56.42 42.54 30.25
C HIS J 266 57.32 43.18 31.30
N ARG J 267 58.64 43.21 31.06
CA ARG J 267 59.59 43.76 32.07
C ARG J 267 59.48 45.29 32.12
N GLU J 268 59.78 45.96 31.01
CA GLU J 268 59.76 47.44 30.99
C GLU J 268 58.32 47.94 31.11
N TYR J 269 57.39 47.30 30.39
CA TYR J 269 55.97 47.74 30.42
C TYR J 269 55.29 47.18 31.68
N LYS J 270 55.09 48.03 32.68
CA LYS J 270 54.36 47.59 33.90
C LYS J 270 52.86 47.86 33.69
N VAL J 271 52.52 48.40 32.52
CA VAL J 271 51.09 48.69 32.20
C VAL J 271 50.75 47.98 30.88
N LYS J 272 49.53 48.19 30.37
CA LYS J 272 49.13 47.59 29.08
C LYS J 272 50.10 48.05 27.99
N ASP J 273 50.58 47.12 27.15
CA ASP J 273 51.54 47.48 26.08
C ASP J 273 50.80 48.27 25.00
N PRO J 274 51.26 49.49 24.63
CA PRO J 274 50.57 50.31 23.65
C PRO J 274 50.48 49.59 22.31
N ARG J 275 51.54 48.86 21.94
CA ARG J 275 51.55 48.12 20.65
C ARG J 275 50.36 47.15 20.65
N ALA J 276 50.15 46.44 21.75
CA ALA J 276 49.03 45.47 21.84
C ALA J 276 47.71 46.20 21.65
N THR J 277 47.56 47.38 22.26
CA THR J 277 46.30 48.15 22.17
C THR J 277 46.00 48.45 20.69
N ILE J 278 47.01 48.94 19.97
CA ILE J 278 46.81 49.28 18.53
C ILE J 278 46.41 48.02 17.78
N LEU J 279 47.09 46.90 18.05
CA LEU J 279 46.79 45.62 17.35
C LEU J 279 45.33 45.23 17.64
N HIS J 280 44.89 45.41 18.89
CA HIS J 280 43.50 45.06 19.27
C HIS J 280 42.53 45.84 18.39
N LYS J 281 42.75 47.15 18.26
CA LYS J 281 41.88 47.99 17.39
C LYS J 281 41.98 47.47 15.95
N LEU J 282 43.20 47.16 15.51
CA LEU J 282 43.41 46.66 14.12
C LEU J 282 42.60 45.38 13.92
N VAL J 283 42.68 44.46 14.88
CA VAL J 283 41.95 43.16 14.75
C VAL J 283 40.45 43.45 14.64
N GLU J 284 39.94 44.32 15.51
CA GLU J 284 38.50 44.66 15.50
C GLU J 284 38.15 45.27 14.14
N GLN J 285 39.00 46.15 13.63
CA GLN J 285 38.75 46.79 12.30
C GLN J 285 38.68 45.69 11.24
N LEU J 286 39.63 44.74 11.27
CA LEU J 286 39.65 43.65 10.27
C LEU J 286 38.41 42.78 10.46
N VAL J 287 38.06 42.48 11.72
CA VAL J 287 36.85 41.65 12.00
C VAL J 287 35.64 42.37 11.39
N ALA J 288 35.61 43.70 11.49
CA ALA J 288 34.50 44.48 10.89
C ALA J 288 34.45 44.19 9.40
N GLU J 289 35.61 43.99 8.76
CA GLU J 289 35.66 43.69 7.31
C GLU J 289 35.39 42.18 7.11
N PHE J 298 36.60 33.95 14.99
CA PHE J 298 35.51 34.12 15.99
C PHE J 298 35.80 33.27 17.23
N ASP J 299 35.26 33.66 18.39
CA ASP J 299 35.44 32.88 19.64
C ASP J 299 36.88 33.06 20.15
N THR J 300 37.87 32.79 19.31
CA THR J 300 39.29 32.90 19.74
C THR J 300 39.57 34.33 20.20
N ALA J 301 39.18 35.33 19.39
CA ALA J 301 39.38 36.74 19.77
C ALA J 301 38.65 37.00 21.09
N LEU J 302 37.40 36.53 21.20
CA LEU J 302 36.61 36.71 22.44
C LEU J 302 37.35 36.07 23.60
N LYS J 303 37.96 34.90 23.36
CA LYS J 303 38.72 34.20 24.43
C LYS J 303 39.84 35.10 24.91
N LEU J 304 40.62 35.67 23.99
CA LEU J 304 41.70 36.62 24.36
C LEU J 304 41.09 37.82 25.09
N GLU J 305 39.90 38.24 24.65
CA GLU J 305 39.24 39.42 25.27
C GLU J 305 39.02 39.15 26.76
N GLU J 306 38.50 37.96 27.10
CA GLU J 306 38.27 37.61 28.52
C GLU J 306 39.63 37.52 29.24
N VAL J 307 40.64 37.00 28.56
CA VAL J 307 42.01 36.94 29.15
C VAL J 307 42.44 38.38 29.48
N CYS J 308 42.24 39.30 28.53
CA CYS J 308 42.57 40.73 28.77
C CYS J 308 41.68 41.25 29.90
N ALA J 309 40.47 40.68 30.05
CA ALA J 309 39.53 41.13 31.09
C ALA J 309 39.93 40.55 32.44
N ASP J 310 41.00 39.75 32.49
CA ASP J 310 41.48 39.17 33.77
C ASP J 310 42.37 40.20 34.47
N ARG J 311 42.16 41.49 34.18
CA ARG J 311 42.98 42.55 34.81
C ARG J 311 42.99 42.37 36.32
N LEU J 312 41.88 41.86 36.88
CA LEU J 312 41.83 41.58 38.34
C LEU J 312 43.07 40.75 38.69
N GLY J 313 43.28 39.64 37.99
CA GLY J 313 44.50 38.83 38.21
C GLY J 313 45.72 39.54 37.66
N HIS J 314 45.52 40.38 36.64
CA HIS J 314 46.65 41.13 36.03
C HIS J 314 46.95 42.38 36.85
N LYS J 315 47.42 42.20 38.09
CA LYS J 315 47.71 43.36 38.98
C LYS J 315 48.74 44.27 38.30
N GLY J 316 49.87 43.71 37.87
CA GLY J 316 50.92 44.50 37.20
C GLY J 316 51.15 44.03 35.77
N VAL J 317 50.74 42.80 35.46
CA VAL J 317 50.90 42.25 34.08
C VAL J 317 49.72 42.71 33.23
N TYR J 318 49.93 42.84 31.91
CA TYR J 318 48.85 43.30 30.99
C TYR J 318 49.13 42.77 29.59
N PRO J 319 48.14 42.73 28.66
CA PRO J 319 48.35 42.15 27.34
C PRO J 319 49.66 42.61 26.68
N ASN J 320 50.44 41.66 26.15
CA ASN J 320 51.71 42.02 25.46
C ASN J 320 51.44 42.20 23.97
N VAL J 321 52.46 42.59 23.20
CA VAL J 321 52.27 42.87 21.74
C VAL J 321 51.78 41.60 21.04
N ASP J 322 52.42 40.46 21.29
CA ASP J 322 52.06 39.21 20.58
C ASP J 322 50.64 38.76 20.96
N PHE J 323 50.06 39.35 21.99
CA PHE J 323 48.72 38.91 22.47
C PHE J 323 47.71 39.01 21.33
N TYR J 324 47.79 40.07 20.51
CA TYR J 324 46.81 40.27 19.41
C TYR J 324 47.50 40.10 18.06
N SER J 325 48.84 40.17 18.04
CA SER J 325 49.58 40.11 16.75
C SER J 325 49.21 38.85 15.98
N GLY J 326 49.23 37.69 16.67
CA GLY J 326 48.95 36.41 15.99
C GLY J 326 47.57 36.40 15.36
N ILE J 327 46.56 36.90 16.10
CA ILE J 327 45.15 36.89 15.60
C ILE J 327 45.12 37.71 14.30
N LEU J 328 45.75 38.88 14.30
CA LEU J 328 45.72 39.76 13.10
C LEU J 328 46.34 39.00 11.92
N TYR J 329 47.46 38.32 12.16
CA TYR J 329 48.10 37.52 11.08
C TYR J 329 47.11 36.46 10.58
N SER J 330 46.48 35.75 11.51
CA SER J 330 45.49 34.71 11.12
C SER J 330 44.37 35.35 10.31
N GLU J 331 43.92 36.54 10.73
CA GLU J 331 42.86 37.25 9.99
C GLU J 331 43.35 37.52 8.57
N MET J 332 44.65 37.80 8.41
CA MET J 332 45.23 38.08 7.08
C MET J 332 45.56 36.77 6.37
N GLY J 333 45.45 35.63 7.08
CA GLY J 333 45.69 34.32 6.46
C GLY J 333 47.11 33.83 6.64
N ILE J 334 47.96 34.63 7.30
CA ILE J 334 49.37 34.22 7.58
C ILE J 334 49.34 32.98 8.49
N PRO J 335 50.12 31.93 8.20
CA PRO J 335 50.17 30.75 9.07
C PRO J 335 50.89 31.06 10.40
N GLU J 336 50.53 30.35 11.47
CA GLU J 336 51.12 30.63 12.81
C GLU J 336 52.64 30.53 12.74
N ASP J 337 53.17 29.56 11.97
CA ASP J 337 54.63 29.36 11.90
C ASP J 337 55.30 30.65 11.43
N GLU J 338 54.68 31.39 10.51
CA GLU J 338 55.31 32.60 9.94
C GLU J 338 55.09 33.81 10.86
N PHE J 339 54.32 33.65 11.93
CA PHE J 339 54.00 34.81 12.80
C PHE J 339 55.29 35.48 13.27
N THR J 340 56.19 34.71 13.88
CA THR J 340 57.46 35.27 14.42
C THR J 340 58.30 35.83 13.27
N ALA J 341 58.26 35.17 12.11
CA ALA J 341 59.08 35.61 10.95
C ALA J 341 58.66 37.04 10.56
N LEU J 342 57.35 37.29 10.51
CA LEU J 342 56.85 38.65 10.17
C LEU J 342 57.41 39.64 11.19
N PHE J 343 57.46 39.25 12.47
CA PHE J 343 58.00 40.13 13.54
C PHE J 343 59.45 40.49 13.21
N ALA J 344 60.24 39.49 12.79
CA ALA J 344 61.66 39.74 12.46
C ALA J 344 61.75 40.69 11.26
N VAL J 345 60.93 40.44 10.23
CA VAL J 345 60.93 41.31 9.02
C VAL J 345 60.97 42.77 9.48
N ALA J 346 60.39 43.06 10.64
CA ALA J 346 60.33 44.45 11.15
C ALA J 346 61.50 44.73 12.10
N ARG J 347 61.73 43.83 13.07
CA ARG J 347 62.82 44.03 14.06
C ARG J 347 64.13 44.28 13.31
N SER J 348 64.23 43.78 12.08
CA SER J 348 65.46 43.97 11.27
C SER J 348 65.80 45.47 11.22
N ALA J 349 64.79 46.31 10.95
CA ALA J 349 65.03 47.77 10.84
C ALA J 349 65.68 48.27 12.13
N GLY J 350 65.04 48.00 13.27
CA GLY J 350 65.58 48.46 14.57
C GLY J 350 66.95 47.86 14.82
N TRP J 351 67.12 46.57 14.52
CA TRP J 351 68.42 45.88 14.78
C TRP J 351 69.53 46.62 14.02
N LEU J 352 69.34 46.85 12.72
CA LEU J 352 70.40 47.50 11.90
C LEU J 352 70.60 48.94 12.39
N ALA J 353 69.53 49.57 12.86
CA ALA J 353 69.65 50.96 13.41
C ALA J 353 70.61 50.93 14.60
N HIS J 354 70.41 49.99 15.52
CA HIS J 354 71.32 49.86 16.70
C HIS J 354 72.72 49.50 16.22
N TRP J 355 72.82 48.66 15.19
CA TRP J 355 74.13 48.28 14.61
C TRP J 355 74.86 49.54 14.17
N ARG J 356 74.14 50.49 13.57
CA ARG J 356 74.75 51.78 13.15
C ARG J 356 75.19 52.54 14.41
N GLU J 357 74.36 52.50 15.46
CA GLU J 357 74.69 53.23 16.72
C GLU J 357 75.89 52.57 17.40
N GLN J 358 75.93 51.24 17.41
CA GLN J 358 77.03 50.51 18.11
C GLN J 358 78.38 50.91 17.53
N ILE J 359 78.41 51.35 16.26
CA ILE J 359 79.73 51.68 15.61
C ILE J 359 80.47 52.69 16.49
N SER J 360 79.75 53.68 17.03
CA SER J 360 80.37 54.68 17.92
C SER J 360 80.97 53.98 19.14
N ASP J 361 80.28 52.93 19.63
CA ASP J 361 80.78 52.17 20.81
C ASP J 361 81.96 51.29 20.39
N ASN J 362 82.96 51.17 21.25
CA ASN J 362 84.14 50.31 20.96
C ASN J 362 84.17 49.15 21.96
N ARG J 363 83.21 49.12 22.88
CA ARG J 363 83.17 48.06 23.92
C ARG J 363 82.90 46.70 23.25
N ILE J 364 83.63 45.66 23.68
CA ILE J 364 83.40 44.29 23.14
C ILE J 364 82.36 43.59 24.01
N TYR J 365 81.74 44.33 24.92
CA TYR J 365 80.68 43.77 25.80
C TYR J 365 81.25 42.62 26.63
N ARG J 366 82.21 42.92 27.52
CA ARG J 366 82.74 41.88 28.44
C ARG J 366 82.04 42.01 29.78
N PRO J 367 81.21 41.02 30.20
CA PRO J 367 80.44 41.13 31.44
C PRO J 367 81.21 40.71 32.70
N THR J 368 80.71 41.08 33.88
CA THR J 368 81.36 40.66 35.15
C THR J 368 80.83 39.27 35.53
N GLN J 369 81.73 38.32 35.79
CA GLN J 369 81.29 36.92 36.10
C GLN J 369 80.40 36.92 37.32
N ILE J 370 80.84 37.54 38.42
CA ILE J 370 80.03 37.61 39.67
C ILE J 370 79.91 36.21 40.28
N TYR J 371 79.39 35.25 39.51
CA TYR J 371 79.22 33.87 40.02
C TYR J 371 80.56 33.37 40.55
N VAL J 372 80.54 32.67 41.68
CA VAL J 372 81.81 32.17 42.30
C VAL J 372 82.52 31.26 41.30
N GLY J 373 83.85 31.31 41.24
CA GLY J 373 84.61 30.43 40.34
C GLY J 373 84.22 28.98 40.55
N SER J 374 83.97 28.59 41.81
CA SER J 374 83.49 27.21 42.09
C SER J 374 82.04 27.29 42.59
N ASP J 375 81.36 28.41 42.35
CA ASP J 375 79.96 28.60 42.79
C ASP J 375 79.23 27.25 42.77
N GLU K 24 -24.62 32.30 -30.09
CA GLU K 24 -23.15 32.47 -29.91
C GLU K 24 -22.61 33.35 -31.03
N LYS K 25 -22.48 32.81 -32.24
CA LYS K 25 -21.92 33.57 -33.38
C LYS K 25 -22.61 33.15 -34.68
N GLY K 26 -22.66 34.04 -35.67
CA GLY K 26 -23.25 33.67 -36.97
C GLY K 26 -22.27 32.86 -37.79
N ILE K 27 -22.41 31.52 -37.75
CA ILE K 27 -21.43 30.64 -38.45
C ILE K 27 -21.92 30.33 -39.87
N LEU K 28 -21.01 30.29 -40.85
CA LEU K 28 -21.38 29.93 -42.24
C LEU K 28 -22.48 30.86 -42.77
N SER K 29 -22.27 32.17 -42.68
CA SER K 29 -23.26 33.13 -43.23
C SER K 29 -23.02 33.33 -44.73
N TYR K 30 -22.96 32.23 -45.49
CA TYR K 30 -22.75 32.32 -46.96
C TYR K 30 -24.07 32.17 -47.70
N ARG K 31 -24.77 33.29 -47.94
CA ARG K 31 -26.07 33.24 -48.66
C ARG K 31 -26.97 32.20 -48.01
N GLY K 32 -26.78 31.94 -46.72
CA GLY K 32 -27.65 31.00 -45.98
C GLY K 32 -27.09 29.59 -46.00
N TYR K 33 -26.09 29.33 -46.84
CA TYR K 33 -25.54 27.95 -46.96
C TYR K 33 -24.33 27.80 -46.03
N PRO K 34 -24.09 26.61 -45.46
CA PRO K 34 -22.97 26.39 -44.54
C PRO K 34 -21.68 26.07 -45.29
N LEU K 35 -20.59 26.71 -44.91
CA LEU K 35 -19.29 26.48 -45.60
C LEU K 35 -19.01 24.98 -45.62
N GLU K 36 -19.29 24.30 -44.49
CA GLU K 36 -18.99 22.85 -44.42
C GLU K 36 -19.62 22.14 -45.63
N THR K 37 -20.91 22.41 -45.89
CA THR K 37 -21.58 21.82 -47.07
C THR K 37 -20.97 22.43 -48.34
N LEU K 38 -20.72 23.73 -48.32
CA LEU K 38 -20.17 24.43 -49.51
C LEU K 38 -18.79 23.86 -49.84
N ALA K 39 -18.06 23.42 -48.81
CA ALA K 39 -16.70 22.88 -49.04
C ALA K 39 -16.78 21.86 -50.17
N GLU K 40 -17.72 20.92 -50.07
CA GLU K 40 -17.93 19.97 -51.19
C GLU K 40 -19.18 20.43 -51.94
N ASN K 41 -19.58 19.72 -52.99
CA ASN K 41 -20.85 20.08 -53.68
C ASN K 41 -20.72 21.44 -54.36
N SER K 42 -19.53 22.04 -54.35
CA SER K 42 -19.40 23.41 -54.92
C SER K 42 -17.94 23.75 -55.24
N THR K 43 -17.73 24.78 -56.07
CA THR K 43 -16.36 25.22 -56.43
C THR K 43 -16.21 26.70 -56.08
N PHE K 44 -14.99 27.20 -56.01
CA PHE K 44 -14.76 28.64 -55.70
C PHE K 44 -15.51 29.48 -56.72
N GLU K 45 -15.44 29.09 -58.00
CA GLU K 45 -16.19 29.83 -59.04
C GLU K 45 -17.67 29.78 -58.67
N GLU K 46 -18.15 28.59 -58.30
CA GLU K 46 -19.58 28.43 -57.92
C GLU K 46 -19.84 29.32 -56.71
N THR K 47 -19.01 29.19 -55.67
CA THR K 47 -19.19 30.00 -54.45
C THR K 47 -19.21 31.47 -54.86
N THR K 48 -18.34 31.85 -55.78
CA THR K 48 -18.25 33.26 -56.21
C THR K 48 -19.62 33.70 -56.76
N LEU K 49 -20.18 32.92 -57.69
CA LEU K 49 -21.49 33.27 -58.30
C LEU K 49 -22.55 33.30 -57.19
N LEU K 50 -22.55 32.29 -56.32
CA LEU K 50 -23.57 32.21 -55.25
C LEU K 50 -23.54 33.52 -54.46
N LEU K 51 -22.35 33.91 -54.01
CA LEU K 51 -22.24 35.14 -53.18
C LEU K 51 -22.65 36.34 -54.03
N LEU K 52 -22.35 36.32 -55.33
CA LEU K 52 -22.64 37.50 -56.19
C LEU K 52 -24.14 37.70 -56.35
N ASP K 53 -24.89 36.63 -56.66
CA ASP K 53 -26.35 36.78 -56.92
C ASP K 53 -27.15 36.41 -55.67
N GLY K 54 -26.83 35.28 -55.05
CA GLY K 54 -27.53 34.88 -53.81
C GLY K 54 -28.01 33.44 -53.85
N GLU K 55 -28.11 32.85 -55.05
CA GLU K 55 -28.62 31.47 -55.18
C GLU K 55 -27.75 30.68 -56.17
N LEU K 56 -27.45 29.41 -55.85
CA LEU K 56 -26.67 28.57 -56.79
C LEU K 56 -27.34 28.61 -58.15
N PRO K 57 -26.65 29.05 -59.23
CA PRO K 57 -27.28 29.20 -60.54
C PRO K 57 -27.19 27.95 -61.42
N THR K 58 -27.71 28.02 -62.65
CA THR K 58 -27.67 26.86 -63.58
C THR K 58 -26.22 26.54 -63.93
N LYS K 59 -25.93 25.27 -64.23
CA LYS K 59 -24.56 24.87 -64.62
C LYS K 59 -24.15 25.68 -65.86
N LYS K 60 -25.09 25.92 -66.78
CA LYS K 60 -24.80 26.72 -67.99
C LYS K 60 -24.37 28.12 -67.55
N ALA K 61 -25.12 28.72 -66.63
CA ALA K 61 -24.76 30.07 -66.12
C ALA K 61 -23.38 30.00 -65.47
N LEU K 62 -23.14 28.97 -64.66
CA LEU K 62 -21.80 28.80 -64.02
C LEU K 62 -20.75 28.63 -65.13
N ASN K 63 -21.08 27.83 -66.13
CA ASN K 63 -20.14 27.60 -67.27
C ASN K 63 -19.86 28.94 -67.95
N ASP K 64 -20.93 29.71 -68.23
CA ASP K 64 -20.77 31.04 -68.89
C ASP K 64 -19.89 31.92 -68.00
N PHE K 65 -20.18 31.94 -66.70
CA PHE K 65 -19.36 32.74 -65.74
C PHE K 65 -17.93 32.21 -65.75
N SER K 66 -17.79 30.87 -65.72
CA SER K 66 -16.43 30.26 -65.77
C SER K 66 -15.72 30.71 -67.05
N GLN K 67 -16.44 30.69 -68.17
CA GLN K 67 -15.85 31.13 -69.46
C GLN K 67 -15.43 32.60 -69.35
N GLN K 68 -16.33 33.45 -68.84
CA GLN K 68 -16.01 34.90 -68.69
C GLN K 68 -14.86 35.04 -67.70
N LEU K 69 -14.89 34.27 -66.61
CA LEU K 69 -13.77 34.31 -65.64
C LEU K 69 -12.51 33.88 -66.39
N LYS K 70 -12.60 32.83 -67.20
CA LYS K 70 -11.44 32.41 -68.03
C LYS K 70 -11.28 33.44 -69.15
N ASP K 71 -10.24 33.30 -69.97
CA ASP K 71 -9.98 34.26 -71.07
C ASP K 71 -9.95 35.68 -70.49
N ASN K 72 -9.82 35.80 -69.17
CA ASN K 72 -9.71 37.13 -68.52
C ASN K 72 -8.49 37.12 -67.61
N TYR K 73 -7.90 35.92 -67.39
CA TYR K 73 -6.67 35.82 -66.56
C TYR K 73 -5.57 36.65 -67.21
N ARG K 74 -5.56 36.70 -68.55
CA ARG K 74 -4.50 37.42 -69.29
C ARG K 74 -4.31 38.82 -68.68
N ILE K 75 -3.06 39.24 -68.50
CA ILE K 75 -2.77 40.57 -67.90
C ILE K 75 -2.14 41.47 -68.96
N LYS K 76 -2.56 42.74 -69.02
CA LYS K 76 -1.98 43.70 -69.99
C LYS K 76 -0.45 43.67 -69.84
N TYR K 77 0.27 43.67 -70.96
CA TYR K 77 1.76 43.58 -70.91
C TYR K 77 2.31 44.73 -70.07
N HIS K 78 1.62 45.89 -70.10
CA HIS K 78 2.11 47.07 -69.35
C HIS K 78 2.32 46.70 -67.89
N ILE K 79 1.39 45.94 -67.31
CA ILE K 79 1.48 45.56 -65.87
C ILE K 79 2.79 44.80 -65.65
N ARG K 80 3.08 43.83 -66.51
CA ARG K 80 4.32 43.02 -66.36
C ARG K 80 5.52 43.95 -66.44
N GLN K 81 5.53 44.85 -67.43
CA GLN K 81 6.67 45.79 -67.61
C GLN K 81 6.85 46.57 -66.31
N MET K 82 5.76 47.14 -65.79
CA MET K 82 5.84 47.88 -64.49
C MET K 82 6.44 46.94 -63.45
N MET K 83 5.80 45.78 -63.23
CA MET K 83 6.27 44.85 -62.18
C MET K 83 7.79 44.67 -62.34
N ARG K 84 8.26 44.50 -63.57
CA ARG K 84 9.70 44.24 -63.79
C ARG K 84 10.53 45.42 -63.29
N HIS K 85 10.08 46.65 -63.56
CA HIS K 85 10.86 47.84 -63.17
C HIS K 85 11.03 47.91 -61.64
N PHE K 86 10.02 47.49 -60.88
CA PHE K 86 10.09 47.62 -59.40
C PHE K 86 11.09 46.61 -58.82
N PRO K 87 11.58 46.80 -57.58
CA PRO K 87 12.58 45.92 -56.99
C PRO K 87 12.01 44.63 -56.39
N HIS K 88 12.87 43.63 -56.14
CA HIS K 88 12.42 42.33 -55.57
C HIS K 88 12.05 42.49 -54.11
N THR K 89 12.68 43.45 -53.42
CA THR K 89 12.44 43.63 -51.97
C THR K 89 10.95 43.89 -51.74
N GLY K 90 10.21 44.19 -52.81
CA GLY K 90 8.78 44.52 -52.67
C GLY K 90 7.98 43.41 -52.03
N HIS K 91 6.98 43.77 -51.23
CA HIS K 91 6.08 42.75 -50.61
C HIS K 91 4.96 42.42 -51.60
N PRO K 92 4.60 41.14 -51.80
CA PRO K 92 3.62 40.78 -52.82
C PRO K 92 2.33 41.61 -52.71
N MET K 93 1.83 41.81 -51.49
CA MET K 93 0.53 42.51 -51.33
C MET K 93 0.64 43.92 -51.92
N ASP K 94 1.78 44.59 -51.70
CA ASP K 94 1.92 45.99 -52.17
C ASP K 94 1.85 46.04 -53.70
N MET K 95 2.54 45.11 -54.37
CA MET K 95 2.50 45.06 -55.85
C MET K 95 1.05 44.79 -56.28
N LEU K 96 0.38 43.86 -55.60
CA LEU K 96 -1.01 43.50 -56.00
C LEU K 96 -1.85 44.77 -55.97
N GLN K 97 -1.71 45.58 -54.93
CA GLN K 97 -2.53 46.80 -54.80
C GLN K 97 -2.19 47.73 -55.97
N THR K 98 -0.90 47.97 -56.18
CA THR K 98 -0.47 48.87 -57.28
C THR K 98 -1.04 48.33 -58.59
N ALA K 99 -0.93 47.01 -58.81
CA ALA K 99 -1.39 46.42 -60.07
C ALA K 99 -2.91 46.60 -60.22
N VAL K 100 -3.67 46.26 -59.18
CA VAL K 100 -5.14 46.32 -59.30
C VAL K 100 -5.51 47.76 -59.67
N SER K 101 -4.91 48.73 -58.98
CA SER K 101 -5.23 50.14 -59.24
C SER K 101 -4.92 50.45 -60.71
N SER K 102 -3.77 49.97 -61.20
CA SER K 102 -3.36 50.25 -62.59
C SER K 102 -4.39 49.67 -63.56
N LEU K 103 -4.78 48.42 -63.35
CA LEU K 103 -5.69 47.75 -64.31
C LEU K 103 -6.90 48.65 -64.54
N GLY K 104 -7.24 49.48 -63.56
CA GLY K 104 -8.44 50.33 -63.67
C GLY K 104 -8.32 51.36 -64.78
N MET K 105 -7.11 51.57 -65.31
CA MET K 105 -6.91 52.62 -66.33
C MET K 105 -7.02 52.01 -67.73
N PHE K 106 -7.53 50.78 -67.82
CA PHE K 106 -7.72 50.12 -69.14
C PHE K 106 -9.21 49.90 -69.38
N TYR K 107 -10.01 49.93 -68.33
CA TYR K 107 -11.48 49.73 -68.46
C TYR K 107 -12.17 50.79 -67.59
N PRO K 108 -12.01 52.09 -67.90
CA PRO K 108 -12.51 53.14 -67.02
C PRO K 108 -13.99 53.55 -67.17
N GLY K 109 -14.45 54.47 -66.31
CA GLY K 109 -15.82 54.97 -66.39
C GLY K 109 -16.38 55.33 -65.02
N THR K 110 -17.60 55.87 -64.97
CA THR K 110 -18.26 56.18 -63.67
C THR K 110 -19.70 55.67 -63.73
N GLU K 111 -20.17 54.98 -62.67
CA GLU K 111 -21.52 54.38 -62.68
C GLU K 111 -22.59 55.47 -62.46
N CYS K 112 -22.18 56.73 -62.38
CA CYS K 112 -23.17 57.83 -62.24
C CYS K 112 -24.13 57.77 -63.43
N LEU K 113 -23.61 57.44 -64.62
CA LEU K 113 -24.46 57.35 -65.84
C LEU K 113 -25.44 58.51 -65.86
N ASP K 121 -21.13 55.46 -70.89
CA ASP K 121 -22.18 54.43 -70.70
C ASP K 121 -21.98 53.31 -71.72
N LEU K 122 -21.02 52.41 -71.47
CA LEU K 122 -20.72 51.30 -72.43
C LEU K 122 -20.75 49.97 -71.68
N ASP K 123 -21.55 49.00 -72.15
CA ASP K 123 -21.60 47.66 -71.55
C ASP K 123 -22.01 47.77 -70.07
N TYR K 124 -21.60 46.80 -69.25
CA TYR K 124 -21.92 46.82 -67.80
C TYR K 124 -20.61 46.82 -67.00
N VAL K 125 -20.40 47.84 -66.18
CA VAL K 125 -19.16 47.91 -65.34
C VAL K 125 -19.16 46.69 -64.41
N ARG K 126 -20.33 46.16 -64.07
CA ARG K 126 -20.43 44.96 -63.21
C ARG K 126 -19.56 43.84 -63.82
N ASN K 127 -19.47 43.80 -65.15
CA ASN K 127 -18.65 42.78 -65.84
C ASN K 127 -17.21 42.86 -65.33
N MET K 128 -16.73 44.08 -65.04
CA MET K 128 -15.32 44.26 -64.58
C MET K 128 -15.07 43.39 -63.35
N THR K 129 -16.12 43.06 -62.61
CA THR K 129 -15.97 42.19 -61.42
C THR K 129 -15.26 40.91 -61.83
N VAL K 130 -15.69 40.29 -62.93
CA VAL K 130 -15.07 39.00 -63.38
C VAL K 130 -13.59 39.24 -63.70
N ASN K 131 -13.28 40.37 -64.36
CA ASN K 131 -11.88 40.67 -64.74
C ASN K 131 -11.03 40.73 -63.48
N ILE K 132 -11.50 41.47 -62.47
CA ILE K 132 -10.70 41.64 -61.21
C ILE K 132 -10.52 40.27 -60.57
N ILE K 133 -11.57 39.47 -60.49
CA ILE K 133 -11.51 38.14 -59.82
C ILE K 133 -10.53 37.24 -60.58
N ALA K 134 -10.48 37.36 -61.90
CA ALA K 134 -9.65 36.44 -62.71
C ALA K 134 -8.22 36.98 -62.89
N GLN K 135 -7.99 38.25 -62.55
CA GLN K 135 -6.66 38.85 -62.83
C GLN K 135 -5.70 38.60 -61.66
N MET K 136 -6.22 38.52 -60.43
CA MET K 136 -5.35 38.39 -59.24
C MET K 136 -4.46 37.14 -59.32
N ALA K 137 -5.05 35.95 -59.43
CA ALA K 137 -4.27 34.71 -59.41
C ALA K 137 -3.10 34.91 -60.36
N PRO K 138 -3.33 35.33 -61.62
CA PRO K 138 -2.24 35.63 -62.54
C PRO K 138 -1.30 36.70 -61.97
N LEU K 139 -1.86 37.80 -61.48
CA LEU K 139 -1.02 38.92 -60.98
C LEU K 139 -0.07 38.41 -59.89
N VAL K 140 -0.63 37.76 -58.86
CA VAL K 140 0.21 37.29 -57.71
C VAL K 140 1.36 36.45 -58.27
N ALA K 141 1.04 35.45 -59.11
CA ALA K 141 2.08 34.55 -59.65
C ALA K 141 3.10 35.36 -60.46
N MET K 142 2.62 36.30 -61.27
CA MET K 142 3.53 37.11 -62.12
C MET K 142 4.56 37.80 -61.23
N TRP K 143 4.09 38.48 -60.18
CA TRP K 143 5.03 39.23 -59.29
C TRP K 143 6.02 38.26 -58.66
N GLU K 144 5.54 37.09 -58.19
CA GLU K 144 6.43 36.14 -57.50
C GLU K 144 7.62 35.84 -58.40
N HIS K 145 7.36 35.44 -59.65
CA HIS K 145 8.46 35.06 -60.58
C HIS K 145 9.32 36.28 -60.88
N ILE K 146 8.70 37.39 -61.27
CA ILE K 146 9.46 38.63 -61.62
C ILE K 146 10.28 39.03 -60.39
N ARG K 147 9.69 38.92 -59.20
CA ARG K 147 10.40 39.28 -57.94
C ARG K 147 11.67 38.40 -57.84
N ASN K 148 11.53 37.12 -58.16
CA ASN K 148 12.69 36.19 -58.09
C ASN K 148 13.47 36.28 -59.40
N GLY K 149 13.10 37.23 -60.27
CA GLY K 149 13.82 37.43 -61.54
C GLY K 149 13.32 36.49 -62.63
N TRP K 150 12.51 35.50 -62.24
CA TRP K 150 11.97 34.51 -63.23
C TRP K 150 10.94 35.20 -64.13
N ASP K 151 10.81 34.74 -65.37
CA ASP K 151 9.79 35.31 -66.30
C ASP K 151 8.42 34.72 -65.92
N PRO K 152 7.32 35.50 -66.02
CA PRO K 152 6.00 35.03 -65.61
C PRO K 152 5.53 33.77 -66.38
N VAL K 153 4.69 32.95 -65.75
CA VAL K 153 4.11 31.75 -66.41
C VAL K 153 2.67 32.08 -66.80
N ASN K 154 2.33 31.93 -68.08
CA ASN K 154 0.98 32.36 -68.55
C ASN K 154 -0.10 31.44 -67.96
N PRO K 155 -1.33 31.95 -67.78
CA PRO K 155 -2.42 31.14 -67.26
C PRO K 155 -3.02 30.23 -68.34
N LYS K 156 -4.10 29.51 -68.02
CA LYS K 156 -4.72 28.58 -69.00
C LYS K 156 -6.25 28.67 -68.94
N HIS K 157 -6.89 28.85 -70.10
CA HIS K 157 -8.37 28.92 -70.15
C HIS K 157 -8.95 27.61 -69.61
N ASP K 158 -8.40 26.49 -70.04
CA ASP K 158 -8.91 25.16 -69.59
C ASP K 158 -8.71 25.02 -68.08
N LEU K 159 -7.54 25.41 -67.57
CA LEU K 159 -7.26 25.27 -66.12
C LEU K 159 -8.12 26.26 -65.33
N SER K 160 -8.41 25.97 -64.06
CA SER K 160 -9.30 26.83 -63.25
C SER K 160 -8.46 27.76 -62.36
N VAL K 161 -9.13 28.60 -61.56
CA VAL K 161 -8.41 29.57 -60.70
C VAL K 161 -7.40 28.83 -59.84
N ALA K 162 -7.87 27.87 -59.04
CA ALA K 162 -6.96 27.16 -58.12
C ALA K 162 -5.87 26.46 -58.93
N GLU K 163 -6.26 25.77 -59.99
CA GLU K 163 -5.28 25.01 -60.81
C GLU K 163 -4.23 25.99 -61.33
N ASN K 164 -4.69 27.10 -61.94
CA ASN K 164 -3.75 28.10 -62.50
C ASN K 164 -2.83 28.57 -61.37
N LEU K 165 -3.38 28.82 -60.19
CA LEU K 165 -2.56 29.34 -59.06
C LEU K 165 -1.37 28.40 -58.85
N LEU K 166 -1.65 27.12 -58.57
CA LEU K 166 -0.56 26.17 -58.27
C LEU K 166 0.33 26.04 -59.51
N TYR K 167 -0.27 25.98 -60.69
CA TYR K 167 0.51 25.81 -61.93
C TYR K 167 1.45 27.00 -62.12
N MET K 168 0.96 28.22 -61.86
CA MET K 168 1.79 29.44 -62.10
C MET K 168 2.73 29.68 -60.92
N PHE K 169 2.69 28.81 -59.92
CA PHE K 169 3.61 28.94 -58.75
C PHE K 169 4.58 27.75 -58.71
N ASN K 170 4.15 26.60 -59.24
CA ASN K 170 5.00 25.38 -59.19
C ASN K 170 5.47 25.04 -60.61
N GLY K 171 4.82 25.60 -61.63
CA GLY K 171 5.23 25.37 -63.02
C GLY K 171 4.76 24.03 -63.56
N GLU K 172 3.71 23.47 -62.96
CA GLU K 172 3.17 22.16 -63.41
C GLU K 172 1.73 22.01 -62.91
N GLU K 173 0.86 21.41 -63.72
CA GLU K 173 -0.56 21.20 -63.30
C GLU K 173 -0.57 20.42 -62.00
N PRO K 174 -1.27 20.89 -60.94
CA PRO K 174 -1.23 20.22 -59.64
C PRO K 174 -2.13 18.98 -59.53
N ASP K 175 -1.82 18.08 -58.60
CA ASP K 175 -2.68 16.89 -58.37
C ASP K 175 -4.09 17.37 -58.04
N PRO K 176 -5.14 16.87 -58.72
CA PRO K 176 -6.50 17.34 -58.47
C PRO K 176 -6.79 17.39 -56.97
N LEU K 177 -6.27 16.42 -56.22
CA LEU K 177 -6.49 16.40 -54.74
C LEU K 177 -6.00 17.71 -54.14
N MET K 178 -4.71 18.02 -54.31
CA MET K 178 -4.14 19.26 -53.73
C MET K 178 -4.88 20.46 -54.32
N ALA K 179 -5.22 20.38 -55.61
CA ALA K 179 -5.95 21.49 -56.27
C ALA K 179 -7.29 21.71 -55.55
N LYS K 180 -7.99 20.62 -55.24
CA LYS K 180 -9.30 20.72 -54.53
C LYS K 180 -9.06 21.35 -53.16
N ILE K 181 -7.96 20.98 -52.51
CA ILE K 181 -7.62 21.58 -51.18
C ILE K 181 -7.56 23.09 -51.33
N MET K 182 -6.88 23.57 -52.37
CA MET K 182 -6.78 25.03 -52.62
C MET K 182 -8.19 25.60 -52.85
N ASP K 183 -8.99 24.91 -53.66
CA ASP K 183 -10.39 25.38 -53.94
C ASP K 183 -11.13 25.49 -52.61
N VAL K 184 -10.96 24.51 -51.72
CA VAL K 184 -11.64 24.52 -50.41
C VAL K 184 -11.21 25.78 -49.65
N CYS K 185 -9.90 26.03 -49.58
CA CYS K 185 -9.38 27.22 -48.86
C CYS K 185 -9.98 28.48 -49.50
N LEU K 186 -10.07 28.51 -50.83
CA LEU K 186 -10.62 29.69 -51.54
C LEU K 186 -12.06 29.93 -51.06
N ILE K 187 -12.87 28.87 -51.01
CA ILE K 187 -14.28 29.00 -50.54
C ILE K 187 -14.25 29.41 -49.07
N LEU K 188 -13.31 28.87 -48.29
CA LEU K 188 -13.21 29.20 -46.85
C LEU K 188 -12.91 30.69 -46.67
N HIS K 189 -12.04 31.26 -47.51
CA HIS K 189 -11.63 32.68 -47.36
C HIS K 189 -12.44 33.58 -48.29
N ALA K 190 -13.56 33.08 -48.81
CA ALA K 190 -14.37 33.86 -49.78
C ALA K 190 -14.92 35.13 -49.11
N GLU K 191 -15.51 35.00 -47.92
CA GLU K 191 -16.13 36.17 -47.24
C GLU K 191 -16.29 35.87 -45.74
N HIS K 192 -16.38 36.92 -44.92
CA HIS K 192 -16.56 36.73 -43.46
C HIS K 192 -17.16 38.01 -42.83
N THR K 193 -18.46 38.00 -42.54
CA THR K 193 -19.10 39.16 -41.87
C THR K 193 -18.64 40.46 -42.54
N LEU K 194 -18.13 41.41 -41.73
CA LEU K 194 -17.64 42.70 -42.28
C LEU K 194 -16.16 42.84 -41.93
N ASN K 195 -15.30 42.10 -42.61
CA ASN K 195 -13.84 42.19 -42.37
C ASN K 195 -13.38 43.61 -42.70
N ALA K 196 -12.29 44.07 -42.07
CA ALA K 196 -11.79 45.44 -42.30
C ALA K 196 -11.73 45.70 -43.81
N SER K 197 -11.18 44.74 -44.56
CA SER K 197 -11.10 44.89 -46.04
C SER K 197 -12.50 45.04 -46.62
N THR K 198 -13.44 44.18 -46.18
CA THR K 198 -14.82 44.22 -46.74
C THR K 198 -15.42 45.60 -46.47
N PHE K 199 -15.34 46.09 -45.24
CA PHE K 199 -15.95 47.40 -44.89
C PHE K 199 -15.28 48.51 -45.68
N ALA K 200 -13.96 48.42 -45.86
CA ALA K 200 -13.22 49.44 -46.63
C ALA K 200 -13.79 49.51 -48.05
N ALA K 201 -14.02 48.34 -48.66
CA ALA K 201 -14.59 48.31 -50.02
C ALA K 201 -15.96 49.00 -50.02
N LEU K 202 -16.75 48.76 -48.98
CA LEU K 202 -18.10 49.38 -48.86
C LEU K 202 -17.93 50.90 -48.86
N VAL K 203 -16.97 51.41 -48.07
CA VAL K 203 -16.76 52.88 -47.97
C VAL K 203 -16.37 53.41 -49.35
N ALA K 204 -15.47 52.71 -50.03
CA ALA K 204 -15.03 53.15 -51.37
C ALA K 204 -16.24 53.15 -52.31
N GLY K 205 -17.04 52.08 -52.27
CA GLY K 205 -18.25 52.01 -53.11
C GLY K 205 -19.21 53.12 -52.76
N SER K 206 -19.26 53.50 -51.48
CA SER K 206 -20.19 54.56 -51.03
C SER K 206 -19.91 55.85 -51.82
N THR K 207 -18.65 56.03 -52.22
CA THR K 207 -18.27 57.24 -53.01
C THR K 207 -18.48 56.96 -54.50
N LEU K 208 -19.12 55.83 -54.82
CA LEU K 208 -19.34 55.47 -56.24
C LEU K 208 -18.01 55.55 -57.00
N ALA K 209 -16.99 54.85 -56.51
CA ALA K 209 -15.67 54.84 -57.18
C ALA K 209 -15.53 53.57 -58.03
N THR K 210 -14.49 53.50 -58.86
CA THR K 210 -14.28 52.32 -59.74
C THR K 210 -14.10 51.07 -58.87
N PRO K 211 -14.59 49.90 -59.32
CA PRO K 211 -14.42 48.66 -58.57
C PRO K 211 -12.93 48.42 -58.28
N TYR K 212 -12.08 48.66 -59.27
CA TYR K 212 -10.63 48.45 -59.09
C TYR K 212 -10.16 49.28 -57.91
N SER K 213 -10.61 50.53 -57.83
CA SER K 213 -10.20 51.43 -56.71
C SER K 213 -10.62 50.81 -55.37
N VAL K 214 -11.88 50.38 -55.27
CA VAL K 214 -12.39 49.83 -53.97
C VAL K 214 -11.57 48.59 -53.61
N ILE K 215 -11.36 47.69 -54.57
CA ILE K 215 -10.61 46.43 -54.29
C ILE K 215 -9.19 46.76 -53.88
N SER K 216 -8.57 47.74 -54.55
CA SER K 216 -7.18 48.14 -54.21
C SER K 216 -7.11 48.54 -52.75
N ALA K 217 -8.06 49.37 -52.30
CA ALA K 217 -8.08 49.80 -50.88
C ALA K 217 -8.27 48.58 -49.99
N ALA K 218 -9.18 47.68 -50.37
CA ALA K 218 -9.44 46.47 -49.56
C ALA K 218 -8.14 45.65 -49.44
N ILE K 219 -7.37 45.58 -50.53
CA ILE K 219 -6.09 44.82 -50.52
C ILE K 219 -5.19 45.42 -49.43
N GLY K 220 -5.05 46.75 -49.42
CA GLY K 220 -4.22 47.42 -48.41
C GLY K 220 -4.73 47.16 -47.00
N THR K 221 -6.05 47.26 -46.81
CA THR K 221 -6.65 47.00 -45.48
C THR K 221 -6.32 45.56 -45.07
N LEU K 222 -6.47 44.62 -46.01
CA LEU K 222 -6.17 43.19 -45.72
C LEU K 222 -4.68 43.07 -45.40
N SER K 223 -3.83 43.79 -46.13
CA SER K 223 -2.36 43.69 -45.92
C SER K 223 -2.03 43.95 -44.46
N GLY K 224 -2.85 44.76 -43.78
CA GLY K 224 -2.63 45.03 -42.35
C GLY K 224 -2.38 43.74 -41.58
N PRO K 225 -1.42 43.71 -40.62
CA PRO K 225 -1.09 42.49 -39.90
C PRO K 225 -2.30 41.95 -39.13
N LEU K 226 -3.09 42.84 -38.54
CA LEU K 226 -4.28 42.43 -37.76
C LEU K 226 -5.26 41.69 -38.68
N HIS K 227 -5.53 42.27 -39.86
CA HIS K 227 -6.47 41.64 -40.82
C HIS K 227 -5.84 40.38 -41.44
N GLY K 228 -4.57 40.46 -41.83
CA GLY K 228 -3.88 39.32 -42.46
C GLY K 228 -2.62 38.94 -41.71
N GLY K 229 -2.73 38.13 -40.66
CA GLY K 229 -1.56 37.71 -39.87
C GLY K 229 -1.11 36.31 -40.23
N ALA K 230 -1.66 35.75 -41.31
CA ALA K 230 -1.28 34.39 -41.76
C ALA K 230 0.23 34.33 -41.97
N ASN K 231 0.82 35.40 -42.51
CA ASN K 231 2.29 35.45 -42.75
C ASN K 231 3.01 35.26 -41.41
N GLN K 232 2.45 35.80 -40.32
CA GLN K 232 3.07 35.67 -38.99
C GLN K 232 2.74 34.29 -38.41
N ARG K 233 3.26 33.24 -39.03
CA ARG K 233 2.98 31.85 -38.55
C ARG K 233 4.12 31.41 -37.64
N VAL K 234 5.35 31.34 -38.18
CA VAL K 234 6.52 30.88 -37.37
C VAL K 234 6.62 31.77 -36.14
N VAL K 235 6.69 31.15 -34.95
CA VAL K 235 6.77 31.94 -33.68
C VAL K 235 7.80 31.26 -32.76
N GLY K 236 9.07 31.27 -33.15
CA GLY K 236 10.13 30.64 -32.34
C GLY K 236 9.76 29.21 -31.99
N MET K 237 9.80 28.86 -30.71
CA MET K 237 9.44 27.48 -30.25
C MET K 237 10.05 26.46 -31.23
N ILE K 241 7.19 23.40 -26.09
CA ILE K 241 6.91 23.97 -24.74
C ILE K 241 6.26 25.35 -24.91
N GLY K 242 4.96 25.38 -25.20
CA GLY K 242 4.24 26.66 -25.36
C GLY K 242 4.13 27.40 -24.04
N SER K 243 3.93 26.68 -22.94
CA SER K 243 3.75 27.32 -21.61
C SER K 243 4.93 28.25 -21.30
N PRO K 244 6.20 27.79 -21.42
CA PRO K 244 7.35 28.63 -21.08
C PRO K 244 7.53 29.75 -22.11
N LYS K 245 6.49 30.56 -22.32
CA LYS K 245 6.57 31.68 -23.30
C LYS K 245 5.86 32.90 -22.69
N ASN K 246 5.82 33.00 -21.36
CA ASN K 246 5.12 34.12 -20.69
C ASN K 246 3.72 34.23 -21.29
N VAL K 247 3.04 33.09 -21.47
CA VAL K 247 1.69 33.08 -22.10
C VAL K 247 0.79 34.02 -21.32
N GLU K 248 0.87 34.01 -19.99
CA GLU K 248 0.04 34.90 -19.14
C GLU K 248 0.74 36.25 -18.98
N TRP K 262 0.81 33.48 -32.39
CA TRP K 262 0.06 34.48 -33.20
C TRP K 262 -1.14 33.81 -33.87
N GLY K 263 -2.34 34.37 -33.70
CA GLY K 263 -3.55 33.80 -34.30
C GLY K 263 -3.72 32.33 -33.95
N HIS K 266 -10.68 34.84 -32.78
CA HIS K 266 -11.28 35.91 -33.62
C HIS K 266 -12.15 36.83 -32.76
N ARG K 267 -12.28 38.09 -33.14
CA ARG K 267 -13.07 39.07 -32.34
C ARG K 267 -14.49 38.55 -32.17
N GLU K 268 -15.04 37.88 -33.19
CA GLU K 268 -16.42 37.36 -33.11
C GLU K 268 -16.37 35.85 -32.86
N TYR K 269 -15.38 35.16 -33.43
CA TYR K 269 -15.25 33.69 -33.23
C TYR K 269 -14.60 33.41 -31.88
N LYS K 270 -15.38 33.47 -30.80
CA LYS K 270 -14.83 33.13 -29.46
C LYS K 270 -14.39 31.67 -29.48
N VAL K 271 -15.18 30.79 -30.12
CA VAL K 271 -14.80 29.36 -30.24
C VAL K 271 -13.79 29.23 -31.41
N LYS K 272 -13.10 28.10 -31.51
CA LYS K 272 -12.15 27.88 -32.63
C LYS K 272 -12.87 28.10 -33.96
N ASP K 273 -12.25 28.86 -34.87
CA ASP K 273 -12.85 29.10 -36.20
C ASP K 273 -13.18 27.75 -36.85
N PRO K 274 -14.43 27.52 -37.31
CA PRO K 274 -14.77 26.27 -37.99
C PRO K 274 -13.83 26.10 -39.19
N ARG K 275 -13.54 27.20 -39.89
CA ARG K 275 -12.62 27.14 -41.06
C ARG K 275 -11.25 26.63 -40.57
N ALA K 276 -10.77 27.15 -39.44
CA ALA K 276 -9.47 26.73 -38.89
C ALA K 276 -9.52 25.23 -38.58
N THR K 277 -10.62 24.77 -38.01
CA THR K 277 -10.79 23.31 -37.72
C THR K 277 -10.70 22.54 -39.03
N ILE K 278 -11.37 23.04 -40.08
CA ILE K 278 -11.33 22.38 -41.41
C ILE K 278 -9.88 22.36 -41.89
N LEU K 279 -9.15 23.47 -41.69
CA LEU K 279 -7.73 23.55 -42.12
C LEU K 279 -6.92 22.47 -41.39
N HIS K 280 -7.16 22.30 -40.09
CA HIS K 280 -6.45 21.25 -39.32
C HIS K 280 -6.79 19.88 -39.93
N LYS K 281 -8.05 19.65 -40.27
CA LYS K 281 -8.46 18.38 -40.91
C LYS K 281 -7.73 18.25 -42.25
N LEU K 282 -7.59 19.36 -42.98
CA LEU K 282 -6.86 19.35 -44.27
C LEU K 282 -5.42 18.92 -44.02
N VAL K 283 -4.80 19.41 -42.95
CA VAL K 283 -3.41 19.01 -42.59
C VAL K 283 -3.40 17.49 -42.41
N GLU K 284 -4.41 16.96 -41.73
CA GLU K 284 -4.50 15.49 -41.52
C GLU K 284 -4.58 14.80 -42.88
N GLN K 285 -5.33 15.39 -43.82
CA GLN K 285 -5.43 14.81 -45.19
C GLN K 285 -4.04 14.78 -45.82
N LEU K 286 -3.28 15.87 -45.67
CA LEU K 286 -1.90 15.92 -46.21
C LEU K 286 -1.08 14.79 -45.56
N VAL K 287 -1.26 14.60 -44.25
CA VAL K 287 -0.53 13.51 -43.53
C VAL K 287 -0.95 12.17 -44.14
N ALA K 288 -2.24 12.01 -44.47
CA ALA K 288 -2.74 10.74 -45.05
C ALA K 288 -2.00 10.45 -46.36
N GLU K 289 -1.76 11.49 -47.18
CA GLU K 289 -1.03 11.30 -48.46
C GLU K 289 0.17 12.25 -48.49
N PHE K 298 8.10 18.96 -37.88
CA PHE K 298 8.69 20.04 -37.07
C PHE K 298 8.06 21.38 -37.46
N ASP K 299 7.80 22.25 -36.48
CA ASP K 299 7.16 23.57 -36.75
C ASP K 299 5.85 23.32 -37.51
N THR K 300 5.24 22.15 -37.32
CA THR K 300 3.98 21.80 -38.03
C THR K 300 2.93 21.43 -36.98
N ALA K 301 1.91 20.65 -37.38
CA ALA K 301 0.90 20.19 -36.40
C ALA K 301 1.63 19.70 -35.15
N LEU K 302 2.80 19.08 -35.33
CA LEU K 302 3.60 18.59 -34.18
C LEU K 302 3.68 19.71 -33.14
N LYS K 303 3.97 20.94 -33.58
CA LYS K 303 4.05 22.09 -32.64
C LYS K 303 2.72 22.85 -32.64
N LEU K 304 2.09 22.97 -33.81
CA LEU K 304 0.83 23.76 -33.91
C LEU K 304 -0.23 23.17 -32.96
N GLU K 305 -0.46 21.87 -33.05
CA GLU K 305 -1.50 21.22 -32.20
C GLU K 305 -1.07 21.34 -30.73
N GLU K 306 0.23 21.18 -30.47
CA GLU K 306 0.75 21.33 -29.08
C GLU K 306 0.36 22.73 -28.58
N VAL K 307 0.64 23.76 -29.39
CA VAL K 307 0.31 25.15 -29.00
C VAL K 307 -1.21 25.25 -28.80
N CYS K 308 -1.98 24.63 -29.68
CA CYS K 308 -3.46 24.68 -29.58
C CYS K 308 -3.87 24.21 -28.18
N ALA K 309 -3.29 23.10 -27.72
CA ALA K 309 -3.59 22.61 -26.35
C ALA K 309 -2.97 23.54 -25.32
N ASP K 310 -1.72 23.96 -25.53
CA ASP K 310 -1.01 24.85 -24.58
C ASP K 310 -1.94 26.04 -24.23
N ASN K 320 -6.77 31.66 -35.17
CA ASN K 320 -8.01 31.90 -35.98
C ASN K 320 -7.88 31.16 -37.32
N VAL K 321 -8.55 31.66 -38.36
CA VAL K 321 -8.45 31.04 -39.71
C VAL K 321 -6.96 31.02 -40.10
N ASP K 322 -6.22 32.08 -39.73
CA ASP K 322 -4.78 32.15 -40.07
C ASP K 322 -4.08 30.91 -39.53
N PHE K 323 -4.40 30.50 -38.31
CA PHE K 323 -3.80 29.27 -37.73
C PHE K 323 -4.01 28.12 -38.73
N TYR K 324 -2.99 27.27 -38.93
CA TYR K 324 -3.09 26.13 -39.87
C TYR K 324 -2.89 26.63 -41.31
N SER K 325 -3.48 27.78 -41.65
CA SER K 325 -3.42 28.28 -43.04
C SER K 325 -1.98 28.27 -43.55
N GLY K 326 -1.06 28.89 -42.80
CA GLY K 326 0.34 28.98 -43.25
C GLY K 326 0.95 27.60 -43.49
N ILE K 327 0.77 26.70 -42.53
CA ILE K 327 1.35 25.33 -42.64
C ILE K 327 0.84 24.70 -43.93
N LEU K 328 -0.48 24.75 -44.15
CA LEU K 328 -1.08 24.09 -45.35
C LEU K 328 -0.47 24.70 -46.62
N TYR K 329 -0.51 26.02 -46.75
CA TYR K 329 -0.02 26.68 -47.99
C TYR K 329 1.47 26.37 -48.17
N SER K 330 2.22 26.37 -47.06
CA SER K 330 3.68 26.08 -47.13
C SER K 330 3.89 24.70 -47.75
N GLU K 331 3.13 23.70 -47.28
CA GLU K 331 3.23 22.34 -47.84
C GLU K 331 2.79 22.38 -49.32
N MET K 332 1.70 23.12 -49.60
CA MET K 332 1.21 23.23 -51.00
C MET K 332 2.30 23.84 -51.87
N GLY K 333 3.35 24.39 -51.26
CA GLY K 333 4.48 24.94 -52.03
C GLY K 333 4.48 26.47 -52.05
N ILE K 334 3.31 27.08 -51.84
CA ILE K 334 3.20 28.57 -51.90
C ILE K 334 4.22 29.18 -50.94
N PRO K 335 5.00 30.19 -51.34
CA PRO K 335 5.93 30.86 -50.42
C PRO K 335 5.14 31.64 -49.36
N GLU K 336 5.68 31.75 -48.15
CA GLU K 336 4.95 32.42 -47.03
C GLU K 336 4.62 33.86 -47.44
N ASP K 337 5.48 34.49 -48.24
CA ASP K 337 5.26 35.90 -48.65
C ASP K 337 3.92 36.03 -49.37
N GLU K 338 3.55 35.03 -50.18
CA GLU K 338 2.31 35.12 -50.99
C GLU K 338 1.11 34.61 -50.19
N PHE K 339 1.32 34.16 -48.96
CA PHE K 339 0.21 33.57 -48.17
C PHE K 339 -0.94 34.58 -48.04
N THR K 340 -0.63 35.79 -47.58
CA THR K 340 -1.68 36.82 -47.38
C THR K 340 -2.38 37.10 -48.72
N ALA K 341 -1.59 37.15 -49.80
CA ALA K 341 -2.17 37.46 -51.13
C ALA K 341 -3.24 36.42 -51.48
N LEU K 342 -2.93 35.14 -51.28
CA LEU K 342 -3.95 34.08 -51.54
C LEU K 342 -5.26 34.48 -50.88
N PHE K 343 -5.22 34.79 -49.59
CA PHE K 343 -6.45 35.17 -48.84
C PHE K 343 -7.16 36.29 -49.61
N ALA K 344 -6.39 37.23 -50.15
CA ALA K 344 -6.98 38.34 -50.94
C ALA K 344 -7.67 37.76 -52.18
N VAL K 345 -7.03 36.80 -52.83
CA VAL K 345 -7.60 36.19 -54.07
C VAL K 345 -9.01 35.69 -53.74
N ALA K 346 -9.17 35.04 -52.58
CA ALA K 346 -10.48 34.48 -52.19
C ALA K 346 -11.43 35.61 -51.76
N ARG K 347 -10.95 36.54 -50.95
CA ARG K 347 -11.84 37.63 -50.42
C ARG K 347 -12.34 38.52 -51.56
N SER K 348 -11.69 38.44 -52.72
CA SER K 348 -12.07 39.33 -53.86
C SER K 348 -13.56 39.18 -54.15
N ALA K 349 -14.05 37.94 -54.22
CA ALA K 349 -15.48 37.70 -54.53
C ALA K 349 -16.35 38.45 -53.53
N GLY K 350 -16.09 38.25 -52.23
CA GLY K 350 -16.91 38.89 -51.19
C GLY K 350 -16.89 40.41 -51.33
N TRP K 351 -15.69 40.98 -51.52
CA TRP K 351 -15.57 42.45 -51.63
C TRP K 351 -16.46 42.95 -52.77
N LEU K 352 -16.31 42.36 -53.96
CA LEU K 352 -17.09 42.82 -55.14
C LEU K 352 -18.58 42.54 -54.90
N ALA K 353 -18.90 41.41 -54.28
CA ALA K 353 -20.31 41.07 -53.99
C ALA K 353 -20.91 42.13 -53.07
N HIS K 354 -20.22 42.45 -51.97
CA HIS K 354 -20.70 43.50 -51.04
C HIS K 354 -20.73 44.84 -51.79
N TRP K 355 -19.72 45.09 -52.62
CA TRP K 355 -19.68 46.35 -53.42
C TRP K 355 -20.92 46.40 -54.31
N ARG K 356 -21.26 45.30 -54.96
CA ARG K 356 -22.45 45.25 -55.84
C ARG K 356 -23.69 45.58 -55.01
N GLU K 357 -23.80 44.99 -53.82
CA GLU K 357 -24.96 45.27 -52.93
C GLU K 357 -24.96 46.75 -52.57
N GLN K 358 -23.79 47.29 -52.21
CA GLN K 358 -23.70 48.73 -51.84
C GLN K 358 -24.15 49.58 -53.02
N ILE K 359 -23.69 49.25 -54.23
CA ILE K 359 -24.07 50.04 -55.44
C ILE K 359 -25.60 50.03 -55.56
N SER K 360 -26.22 48.89 -55.25
CA SER K 360 -27.70 48.78 -55.32
C SER K 360 -28.34 49.81 -54.39
N ASP K 361 -27.89 49.87 -53.13
CA ASP K 361 -28.41 50.87 -52.16
C ASP K 361 -27.21 51.59 -51.53
N ASN K 362 -26.67 52.59 -52.21
CA ASN K 362 -25.43 53.25 -51.72
C ASN K 362 -25.78 54.52 -50.93
N ARG K 363 -25.23 54.65 -49.72
CA ARG K 363 -25.41 55.90 -48.93
C ARG K 363 -24.03 56.33 -48.44
N ILE K 364 -23.53 57.46 -48.94
CA ILE K 364 -22.14 57.88 -48.58
C ILE K 364 -21.99 57.78 -47.06
N TYR K 365 -20.89 57.19 -46.59
CA TYR K 365 -20.66 57.02 -45.13
C TYR K 365 -20.02 58.28 -44.56
N ARG K 366 -20.70 58.96 -43.64
CA ARG K 366 -20.15 60.18 -43.00
C ARG K 366 -20.37 60.08 -41.48
N PRO K 367 -19.60 59.25 -40.76
CA PRO K 367 -19.80 59.06 -39.31
C PRO K 367 -19.49 60.33 -38.52
N THR K 368 -19.97 60.41 -37.28
CA THR K 368 -19.70 61.58 -36.41
C THR K 368 -18.42 61.35 -35.61
N GLN K 369 -17.95 62.37 -34.89
CA GLN K 369 -16.70 62.25 -34.11
C GLN K 369 -16.93 62.76 -32.69
N ILE K 370 -16.13 62.29 -31.72
CA ILE K 370 -16.25 62.78 -30.32
C ILE K 370 -14.84 63.10 -29.81
N TYR K 371 -14.19 64.10 -30.41
CA TYR K 371 -12.79 64.40 -30.05
C TYR K 371 -12.67 65.79 -29.42
N VAL K 372 -11.70 65.97 -28.51
CA VAL K 372 -11.50 67.27 -27.83
C VAL K 372 -10.39 68.04 -28.57
N GLY K 373 -10.66 69.30 -28.93
CA GLY K 373 -9.67 70.11 -29.66
C GLY K 373 -9.31 71.39 -28.92
N SER K 374 -10.00 72.49 -29.20
CA SER K 374 -9.69 73.79 -28.58
C SER K 374 -8.95 73.58 -27.25
N ILE L 27 -40.14 31.68 66.54
CA ILE L 27 -39.65 30.30 66.20
C ILE L 27 -39.20 30.30 64.74
N LEU L 28 -38.38 29.32 64.34
CA LEU L 28 -37.90 29.22 62.94
C LEU L 28 -37.40 30.59 62.50
N SER L 29 -36.46 31.19 63.25
CA SER L 29 -35.95 32.54 62.92
C SER L 29 -35.38 32.56 61.51
N TYR L 30 -35.01 31.40 60.96
CA TYR L 30 -34.38 31.35 59.62
C TYR L 30 -35.44 31.68 58.56
N ARG L 31 -36.69 31.89 58.98
CA ARG L 31 -37.75 32.29 58.03
C ARG L 31 -37.53 33.76 57.66
N GLY L 32 -36.38 34.09 57.07
CA GLY L 32 -36.05 35.49 56.74
C GLY L 32 -37.11 36.10 55.85
N TYR L 33 -37.59 35.34 54.86
CA TYR L 33 -38.68 35.83 53.98
C TYR L 33 -39.93 34.99 54.25
N PRO L 34 -41.11 35.59 54.47
CA PRO L 34 -42.29 34.81 54.82
C PRO L 34 -42.43 33.59 53.91
N LEU L 35 -42.54 32.41 54.49
CA LEU L 35 -42.71 31.17 53.67
C LEU L 35 -43.89 31.40 52.73
N GLU L 36 -44.96 32.03 53.23
CA GLU L 36 -46.17 32.26 52.40
C GLU L 36 -45.83 33.20 51.24
N THR L 37 -45.07 34.26 51.51
CA THR L 37 -44.67 35.21 50.44
C THR L 37 -43.83 34.44 49.41
N LEU L 38 -43.25 33.31 49.82
CA LEU L 38 -42.48 32.46 48.87
C LEU L 38 -43.39 31.36 48.34
N ALA L 39 -44.23 30.79 49.21
CA ALA L 39 -45.19 29.75 48.76
C ALA L 39 -46.11 30.36 47.71
N GLU L 40 -46.48 31.63 47.89
CA GLU L 40 -47.36 32.33 46.92
C GLU L 40 -46.54 33.45 46.26
N ASN L 41 -46.58 33.53 44.93
CA ASN L 41 -45.85 34.59 44.18
C ASN L 41 -44.37 34.23 44.05
N SER L 42 -43.98 33.03 44.49
CA SER L 42 -42.57 32.59 44.32
C SER L 42 -42.53 31.09 43.98
N THR L 43 -41.42 30.62 43.43
CA THR L 43 -41.30 29.19 43.01
C THR L 43 -40.12 28.53 43.74
N PHE L 44 -40.04 27.21 43.67
CA PHE L 44 -38.95 26.47 44.35
C PHE L 44 -37.60 26.97 43.84
N GLU L 45 -37.47 27.10 42.52
CA GLU L 45 -36.18 27.54 41.92
C GLU L 45 -35.80 28.90 42.51
N GLU L 46 -36.74 29.85 42.52
CA GLU L 46 -36.48 31.18 43.11
C GLU L 46 -36.14 31.00 44.59
N THR L 47 -36.94 30.18 45.29
CA THR L 47 -36.71 29.95 46.75
C THR L 47 -35.29 29.39 46.94
N THR L 48 -34.87 28.45 46.10
CA THR L 48 -33.54 27.81 46.27
C THR L 48 -32.45 28.89 46.18
N LEU L 49 -32.48 29.70 45.12
CA LEU L 49 -31.46 30.77 44.95
C LEU L 49 -31.54 31.72 46.14
N LEU L 50 -32.76 32.01 46.61
CA LEU L 50 -32.93 32.86 47.81
C LEU L 50 -32.23 32.19 48.99
N LEU L 51 -32.42 30.87 49.16
CA LEU L 51 -31.78 30.13 50.27
C LEU L 51 -30.28 30.09 50.04
N LEU L 52 -29.84 29.83 48.80
CA LEU L 52 -28.39 29.68 48.51
C LEU L 52 -27.73 31.07 48.51
N ASP L 53 -28.07 31.92 47.54
CA ASP L 53 -27.44 33.25 47.43
C ASP L 53 -27.78 34.08 48.67
N GLY L 54 -28.95 33.84 49.26
CA GLY L 54 -29.37 34.63 50.44
C GLY L 54 -30.30 35.76 50.03
N GLU L 55 -30.42 36.00 48.72
CA GLU L 55 -31.30 37.09 48.21
C GLU L 55 -32.02 36.62 46.95
N LEU L 56 -33.22 37.16 46.69
CA LEU L 56 -33.98 36.79 45.47
C LEU L 56 -33.14 37.17 44.24
N PRO L 57 -32.97 36.28 43.24
CA PRO L 57 -32.12 36.56 42.09
C PRO L 57 -32.81 37.42 41.03
N THR L 58 -32.03 38.07 40.15
CA THR L 58 -32.63 38.84 39.04
C THR L 58 -33.32 37.86 38.09
N LYS L 59 -34.28 38.32 37.31
CA LYS L 59 -34.94 37.43 36.32
C LYS L 59 -33.84 36.72 35.52
N LYS L 60 -32.86 37.48 35.01
CA LYS L 60 -31.76 36.88 34.21
C LYS L 60 -31.01 35.86 35.08
N ALA L 61 -30.69 36.23 36.32
CA ALA L 61 -29.93 35.34 37.21
C ALA L 61 -30.72 34.04 37.43
N LEU L 62 -32.02 34.18 37.74
CA LEU L 62 -32.86 32.98 37.98
C LEU L 62 -32.89 32.14 36.71
N ASN L 63 -33.03 32.79 35.55
CA ASN L 63 -33.03 32.06 34.25
C ASN L 63 -31.74 31.26 34.13
N ASP L 64 -30.60 31.91 34.41
CA ASP L 64 -29.28 31.23 34.28
C ASP L 64 -29.26 29.99 35.17
N PHE L 65 -29.63 30.14 36.45
CA PHE L 65 -29.61 29.00 37.40
C PHE L 65 -30.58 27.93 36.91
N SER L 66 -31.79 28.33 36.52
CA SER L 66 -32.81 27.36 36.05
C SER L 66 -32.28 26.61 34.82
N GLN L 67 -31.65 27.35 33.89
CA GLN L 67 -31.12 26.72 32.66
C GLN L 67 -30.07 25.67 33.05
N GLN L 68 -29.14 26.03 33.93
CA GLN L 68 -28.10 25.07 34.38
C GLN L 68 -28.80 23.89 35.06
N LEU L 69 -29.77 24.18 35.92
CA LEU L 69 -30.53 23.11 36.61
C LEU L 69 -31.14 22.19 35.55
N LYS L 70 -31.78 22.78 34.54
CA LYS L 70 -32.45 21.99 33.49
C LYS L 70 -31.41 21.15 32.72
N ASP L 71 -30.28 21.76 32.36
CA ASP L 71 -29.27 21.04 31.54
C ASP L 71 -28.50 20.06 32.44
N ASN L 72 -28.84 20.02 33.73
CA ASN L 72 -28.16 19.09 34.67
C ASN L 72 -29.11 17.96 35.06
N TYR L 73 -30.26 17.87 34.42
CA TYR L 73 -31.25 16.80 34.73
C TYR L 73 -30.75 15.46 34.20
N ARG L 74 -29.80 15.48 33.25
CA ARG L 74 -29.30 14.24 32.62
C ARG L 74 -28.71 13.30 33.68
N ILE L 75 -28.88 11.99 33.50
CA ILE L 75 -28.33 10.99 34.46
C ILE L 75 -27.33 10.10 33.72
N LYS L 76 -26.14 9.91 34.27
CA LYS L 76 -25.10 9.04 33.64
C LYS L 76 -25.70 7.65 33.42
N TYR L 77 -25.39 7.02 32.28
CA TYR L 77 -25.99 5.70 31.96
C TYR L 77 -25.60 4.70 33.05
N HIS L 78 -24.41 4.85 33.63
CA HIS L 78 -23.94 3.90 34.66
C HIS L 78 -24.97 3.85 35.79
N ILE L 79 -25.53 5.01 36.16
CA ILE L 79 -26.49 5.06 37.30
C ILE L 79 -27.69 4.17 37.00
N ARG L 80 -28.28 4.30 35.81
CA ARG L 80 -29.50 3.51 35.49
C ARG L 80 -29.15 2.02 35.50
N GLN L 81 -27.98 1.67 34.95
CA GLN L 81 -27.53 0.26 34.97
C GLN L 81 -27.48 -0.22 36.42
N MET L 82 -26.92 0.61 37.30
CA MET L 82 -26.82 0.26 38.74
C MET L 82 -28.22 -0.02 39.29
N MET L 83 -29.19 0.84 38.96
CA MET L 83 -30.57 0.67 39.47
C MET L 83 -31.13 -0.66 38.96
N ARG L 84 -30.90 -0.97 37.69
CA ARG L 84 -31.42 -2.23 37.10
C ARG L 84 -30.78 -3.43 37.81
N HIS L 85 -29.57 -3.24 38.36
CA HIS L 85 -28.85 -4.36 39.03
C HIS L 85 -29.30 -4.52 40.49
N PHE L 86 -30.15 -3.62 40.99
CA PHE L 86 -30.53 -3.67 42.42
C PHE L 86 -31.94 -4.26 42.58
N PRO L 87 -32.26 -4.88 43.74
CA PRO L 87 -33.57 -5.54 43.93
C PRO L 87 -34.77 -4.60 43.90
N HIS L 88 -35.92 -5.08 43.40
CA HIS L 88 -37.15 -4.25 43.36
C HIS L 88 -37.60 -3.92 44.79
N THR L 89 -37.29 -4.80 45.74
CA THR L 89 -37.67 -4.58 47.16
C THR L 89 -36.98 -3.31 47.68
N GLY L 90 -35.96 -2.84 46.97
CA GLY L 90 -35.20 -1.65 47.43
C GLY L 90 -36.10 -0.46 47.71
N HIS L 91 -35.87 0.22 48.84
CA HIS L 91 -36.67 1.42 49.20
C HIS L 91 -36.11 2.65 48.50
N PRO L 92 -36.95 3.59 48.02
CA PRO L 92 -36.47 4.75 47.26
C PRO L 92 -35.35 5.48 48.01
N MET L 93 -35.54 5.74 49.31
CA MET L 93 -34.53 6.50 50.09
C MET L 93 -33.18 5.76 50.06
N ASP L 94 -33.21 4.45 50.26
CA ASP L 94 -31.96 3.65 50.29
C ASP L 94 -31.27 3.78 48.93
N MET L 95 -32.02 3.59 47.85
CA MET L 95 -31.45 3.70 46.49
C MET L 95 -30.95 5.14 46.28
N LEU L 96 -31.72 6.12 46.76
CA LEU L 96 -31.34 7.54 46.60
C LEU L 96 -29.98 7.77 47.26
N GLN L 97 -29.79 7.26 48.48
CA GLN L 97 -28.51 7.45 49.21
C GLN L 97 -27.39 6.80 48.39
N THR L 98 -27.59 5.56 47.96
CA THR L 98 -26.58 4.85 47.15
C THR L 98 -26.29 5.65 45.88
N ALA L 99 -27.35 6.09 45.19
CA ALA L 99 -27.18 6.82 43.91
C ALA L 99 -26.39 8.12 44.14
N VAL L 100 -26.77 8.90 45.15
CA VAL L 100 -26.09 10.21 45.38
C VAL L 100 -24.61 9.95 45.63
N SER L 101 -24.32 8.98 46.50
CA SER L 101 -22.90 8.65 46.81
C SER L 101 -22.17 8.28 45.52
N SER L 102 -22.79 7.42 44.70
CA SER L 102 -22.15 6.98 43.43
C SER L 102 -21.96 8.18 42.50
N LEU L 103 -22.93 9.10 42.48
CA LEU L 103 -22.85 10.26 41.56
C LEU L 103 -21.55 11.02 41.83
N GLY L 104 -21.13 11.10 43.09
CA GLY L 104 -19.91 11.85 43.44
C GLY L 104 -18.71 11.39 42.65
N MET L 105 -18.60 10.08 42.39
CA MET L 105 -17.42 9.53 41.66
C MET L 105 -17.35 10.13 40.26
N PHE L 106 -18.50 10.32 39.61
CA PHE L 106 -18.51 10.86 38.23
C PHE L 106 -17.96 12.29 38.21
N TYR L 107 -18.30 13.08 39.24
CA TYR L 107 -17.86 14.50 39.29
C TYR L 107 -16.88 14.68 40.45
N PRO L 108 -15.55 14.52 40.24
CA PRO L 108 -14.57 14.64 41.32
C PRO L 108 -14.15 16.09 41.59
N GLY L 109 -13.48 16.33 42.73
CA GLY L 109 -12.99 17.68 43.04
C GLY L 109 -12.49 17.80 44.46
N THR L 110 -11.65 18.82 44.74
CA THR L 110 -11.15 19.06 46.12
C THR L 110 -11.36 20.52 46.48
N GLU L 111 -12.32 20.82 47.36
CA GLU L 111 -12.59 22.20 47.78
C GLU L 111 -11.32 22.78 48.41
N CYS L 112 -10.54 21.93 49.10
CA CYS L 112 -9.30 22.40 49.76
C CYS L 112 -8.35 23.00 48.73
N LEU L 113 -8.26 22.37 47.54
CA LEU L 113 -7.36 22.87 46.48
C LEU L 113 -6.00 23.25 47.09
N CYS L 119 -5.45 23.87 41.33
CA CYS L 119 -5.70 22.40 41.30
C CYS L 119 -7.11 22.13 40.76
N GLU L 120 -8.13 22.61 41.47
CA GLU L 120 -9.53 22.37 41.05
C GLU L 120 -9.69 22.82 39.60
N ASP L 121 -10.25 21.96 38.74
CA ASP L 121 -10.41 22.30 37.31
C ASP L 121 -11.36 23.50 37.17
N LEU L 122 -12.42 23.54 37.99
CA LEU L 122 -13.42 24.64 37.89
C LEU L 122 -14.23 24.72 39.18
N ASP L 123 -15.01 25.78 39.37
CA ASP L 123 -15.82 25.96 40.60
C ASP L 123 -16.42 24.61 40.99
N TYR L 124 -16.06 24.10 42.17
CA TYR L 124 -16.59 22.80 42.65
C TYR L 124 -17.81 23.06 43.52
N VAL L 125 -18.16 24.34 43.69
CA VAL L 125 -19.34 24.71 44.53
C VAL L 125 -20.41 25.31 43.62
N ARG L 126 -21.69 25.21 44.02
CA ARG L 126 -22.81 25.75 43.21
C ARG L 126 -22.98 24.90 41.95
N ASN L 127 -21.90 24.69 41.20
CA ASN L 127 -21.97 23.80 40.01
C ASN L 127 -22.41 22.41 40.48
N MET L 128 -21.69 21.84 41.45
CA MET L 128 -22.11 20.53 42.02
C MET L 128 -23.45 20.72 42.72
N THR L 129 -23.63 21.87 43.38
CA THR L 129 -24.89 22.15 44.11
C THR L 129 -26.07 22.02 43.14
N VAL L 130 -26.01 22.73 42.01
CA VAL L 130 -27.14 22.71 41.04
C VAL L 130 -27.27 21.29 40.49
N ASN L 131 -26.15 20.62 40.23
CA ASN L 131 -26.19 19.22 39.72
C ASN L 131 -26.99 18.36 40.70
N ILE L 132 -26.67 18.45 41.99
CA ILE L 132 -27.34 17.60 43.01
C ILE L 132 -28.85 17.87 42.96
N ILE L 133 -29.24 19.15 43.01
CA ILE L 133 -30.68 19.50 43.03
C ILE L 133 -31.32 19.01 41.73
N ALA L 134 -30.61 19.13 40.61
CA ALA L 134 -31.18 18.76 39.30
C ALA L 134 -31.34 17.24 39.17
N GLN L 135 -30.42 16.46 39.75
CA GLN L 135 -30.47 14.98 39.55
C GLN L 135 -31.44 14.32 40.53
N MET L 136 -31.67 14.93 41.70
CA MET L 136 -32.51 14.25 42.73
C MET L 136 -33.84 13.80 42.11
N ALA L 137 -34.58 14.72 41.48
CA ALA L 137 -35.91 14.37 40.93
C ALA L 137 -35.78 13.23 39.91
N PRO L 138 -34.92 13.35 38.88
CA PRO L 138 -34.74 12.29 37.90
C PRO L 138 -34.41 10.95 38.57
N LEU L 139 -33.46 10.96 39.51
CA LEU L 139 -33.03 9.69 40.15
C LEU L 139 -34.24 9.02 40.81
N VAL L 140 -35.02 9.78 41.58
CA VAL L 140 -36.17 9.19 42.32
C VAL L 140 -37.13 8.54 41.31
N ALA L 141 -37.52 9.29 40.28
CA ALA L 141 -38.47 8.77 39.28
C ALA L 141 -37.86 7.58 38.54
N MET L 142 -36.57 7.70 38.18
CA MET L 142 -35.90 6.62 37.41
C MET L 142 -36.00 5.31 38.19
N TRP L 143 -35.64 5.34 39.48
CA TRP L 143 -35.69 4.11 40.31
C TRP L 143 -37.14 3.61 40.35
N GLU L 144 -38.10 4.53 40.46
CA GLU L 144 -39.53 4.12 40.57
C GLU L 144 -39.86 3.22 39.39
N HIS L 145 -39.62 3.70 38.16
CA HIS L 145 -39.97 2.92 36.95
C HIS L 145 -39.13 1.64 36.89
N ILE L 146 -37.82 1.76 37.10
CA ILE L 146 -36.91 0.58 37.00
C ILE L 146 -37.34 -0.44 38.06
N ARG L 147 -37.64 0.02 39.26
CA ARG L 147 -38.10 -0.88 40.35
C ARG L 147 -39.40 -1.55 39.91
N ASN L 148 -40.27 -0.80 39.23
CA ASN L 148 -41.56 -1.36 38.74
C ASN L 148 -41.26 -2.33 37.59
N GLY L 149 -40.03 -2.31 37.08
CA GLY L 149 -39.64 -3.23 35.99
C GLY L 149 -39.77 -2.56 34.63
N TRP L 150 -39.99 -1.24 34.61
CA TRP L 150 -40.17 -0.51 33.33
C TRP L 150 -39.00 0.43 33.09
N ASP L 151 -38.82 0.89 31.85
CA ASP L 151 -37.72 1.85 31.53
C ASP L 151 -38.05 3.20 32.16
N PRO L 152 -37.05 4.02 32.53
CA PRO L 152 -37.30 5.30 33.22
C PRO L 152 -37.89 6.36 32.28
N VAL L 153 -38.71 7.27 32.83
CA VAL L 153 -39.29 8.38 32.02
C VAL L 153 -38.30 9.54 32.03
N ASN L 154 -37.66 9.80 30.89
CA ASN L 154 -36.62 10.87 30.82
C ASN L 154 -37.26 12.22 31.15
N PRO L 155 -36.60 13.09 31.94
CA PRO L 155 -37.12 14.42 32.25
C PRO L 155 -37.09 15.30 31.00
N LYS L 156 -37.88 16.38 30.99
CA LYS L 156 -37.92 17.30 29.82
C LYS L 156 -37.29 18.64 30.21
N HIS L 157 -36.31 19.12 29.44
CA HIS L 157 -35.61 20.38 29.77
C HIS L 157 -36.62 21.52 29.92
N ASP L 158 -37.58 21.60 29.00
CA ASP L 158 -38.60 22.68 29.04
C ASP L 158 -39.35 22.62 30.37
N LEU L 159 -39.69 21.41 30.82
CA LEU L 159 -40.47 21.25 32.09
C LEU L 159 -39.58 21.64 33.28
N SER L 160 -40.18 22.23 34.32
CA SER L 160 -39.42 22.59 35.54
C SER L 160 -39.31 21.37 36.45
N VAL L 161 -38.66 21.52 37.61
CA VAL L 161 -38.47 20.37 38.54
C VAL L 161 -39.84 19.81 38.92
N ALA L 162 -40.75 20.66 39.40
CA ALA L 162 -42.09 20.20 39.83
C ALA L 162 -42.80 19.55 38.64
N GLU L 163 -42.75 20.22 37.48
CA GLU L 163 -43.42 19.69 36.27
C GLU L 163 -42.83 18.32 35.94
N ASN L 164 -41.50 18.23 35.86
CA ASN L 164 -40.84 16.94 35.53
C ASN L 164 -41.24 15.90 36.57
N LEU L 165 -41.17 16.24 37.87
CA LEU L 165 -41.47 15.26 38.93
C LEU L 165 -42.80 14.56 38.61
N LEU L 166 -43.89 15.33 38.53
CA LEU L 166 -45.22 14.72 38.27
C LEU L 166 -45.21 14.08 36.88
N TYR L 167 -44.62 14.76 35.90
CA TYR L 167 -44.60 14.23 34.51
C TYR L 167 -43.92 12.87 34.49
N MET L 168 -42.73 12.75 35.08
CA MET L 168 -41.97 11.47 35.02
C MET L 168 -42.73 10.40 35.81
N PHE L 169 -43.15 10.72 37.04
CA PHE L 169 -43.83 9.72 37.90
C PHE L 169 -45.13 9.27 37.23
N ASN L 170 -45.87 10.21 36.66
CA ASN L 170 -47.19 9.89 36.04
C ASN L 170 -46.97 9.55 34.56
N GLY L 171 -45.74 9.71 34.07
CA GLY L 171 -45.45 9.45 32.64
C GLY L 171 -46.19 10.42 31.73
N GLU L 172 -46.70 11.52 32.30
CA GLU L 172 -47.46 12.52 31.51
C GLU L 172 -47.46 13.86 32.23
N GLU L 173 -47.59 14.96 31.48
CA GLU L 173 -47.66 16.31 32.10
C GLU L 173 -49.03 16.49 32.76
N PRO L 174 -49.10 16.76 34.08
CA PRO L 174 -50.38 16.89 34.78
C PRO L 174 -51.01 18.26 34.56
N ASP L 175 -52.25 18.45 35.05
CA ASP L 175 -52.91 19.78 34.94
C ASP L 175 -52.05 20.80 35.71
N PRO L 176 -52.03 22.08 35.29
CA PRO L 176 -51.17 23.08 35.94
C PRO L 176 -51.44 23.10 37.45
N LEU L 177 -52.69 22.94 37.87
CA LEU L 177 -53.04 23.03 39.31
C LEU L 177 -52.16 22.08 40.12
N MET L 178 -52.12 20.80 39.74
CA MET L 178 -51.34 19.79 40.52
C MET L 178 -49.87 20.23 40.54
N ALA L 179 -49.35 20.69 39.40
CA ALA L 179 -47.95 21.13 39.33
C ALA L 179 -47.74 22.30 40.29
N LYS L 180 -48.67 23.26 40.30
CA LYS L 180 -48.58 24.42 41.22
C LYS L 180 -48.51 23.89 42.65
N ILE L 181 -49.41 22.97 43.01
CA ILE L 181 -49.46 22.44 44.41
C ILE L 181 -48.13 21.75 44.70
N MET L 182 -47.64 20.94 43.76
CA MET L 182 -46.35 20.23 43.95
C MET L 182 -45.25 21.27 44.20
N ASP L 183 -45.18 22.30 43.35
CA ASP L 183 -44.14 23.34 43.48
C ASP L 183 -44.27 23.98 44.87
N VAL L 184 -45.50 24.34 45.25
CA VAL L 184 -45.73 24.99 46.57
C VAL L 184 -45.29 24.02 47.67
N CYS L 185 -45.66 22.74 47.54
CA CYS L 185 -45.24 21.72 48.54
C CYS L 185 -43.71 21.71 48.60
N LEU L 186 -43.05 21.74 47.44
CA LEU L 186 -41.57 21.78 47.40
C LEU L 186 -41.09 23.04 48.12
N ILE L 187 -41.73 24.19 47.83
CA ILE L 187 -41.36 25.46 48.52
C ILE L 187 -41.46 25.25 50.04
N LEU L 188 -42.47 24.51 50.48
CA LEU L 188 -42.68 24.28 51.95
C LEU L 188 -41.55 23.40 52.50
N HIS L 189 -41.10 22.40 51.75
CA HIS L 189 -40.08 21.46 52.26
C HIS L 189 -38.67 21.90 51.86
N ALA L 190 -38.52 23.11 51.33
CA ALA L 190 -37.20 23.58 50.83
C ALA L 190 -36.18 23.63 51.98
N GLU L 191 -36.53 24.28 53.09
CA GLU L 191 -35.56 24.46 54.20
C GLU L 191 -36.30 24.52 55.54
N HIS L 192 -35.68 24.01 56.61
CA HIS L 192 -36.30 24.08 57.96
C HIS L 192 -35.22 24.23 59.03
N THR L 193 -34.67 25.43 59.18
CA THR L 193 -33.67 25.69 60.26
C THR L 193 -32.67 24.54 60.35
N LEU L 194 -32.53 23.93 61.54
CA LEU L 194 -31.52 22.86 61.73
C LEU L 194 -32.22 21.56 62.12
N ASN L 195 -32.77 20.83 61.14
CA ASN L 195 -33.38 19.50 61.44
C ASN L 195 -32.25 18.46 61.43
N ALA L 196 -32.48 17.31 62.07
CA ALA L 196 -31.42 16.27 62.15
C ALA L 196 -30.68 16.18 60.82
N SER L 197 -31.42 16.00 59.72
CA SER L 197 -30.77 15.84 58.39
C SER L 197 -29.83 17.01 58.12
N THR L 198 -30.31 18.23 58.33
CA THR L 198 -29.48 19.44 58.07
C THR L 198 -28.24 19.39 58.96
N PHE L 199 -28.43 19.08 60.25
CA PHE L 199 -27.28 19.07 61.20
C PHE L 199 -26.26 18.02 60.74
N ALA L 200 -26.74 16.84 60.32
CA ALA L 200 -25.84 15.78 59.84
C ALA L 200 -25.03 16.30 58.66
N ALA L 201 -25.70 17.01 57.74
CA ALA L 201 -25.01 17.56 56.56
C ALA L 201 -23.90 18.51 57.02
N LEU L 202 -24.17 19.32 58.04
CA LEU L 202 -23.17 20.28 58.54
C LEU L 202 -21.91 19.53 58.95
N VAL L 203 -22.07 18.47 59.74
CA VAL L 203 -20.90 17.66 60.21
C VAL L 203 -20.19 17.08 58.99
N ALA L 204 -20.96 16.57 58.03
CA ALA L 204 -20.37 15.94 56.82
C ALA L 204 -19.48 16.98 56.11
N GLY L 205 -20.02 18.17 55.86
CA GLY L 205 -19.24 19.24 55.20
C GLY L 205 -18.10 19.70 56.09
N SER L 206 -18.26 19.56 57.41
CA SER L 206 -17.22 20.02 58.36
C SER L 206 -15.89 19.33 58.04
N THR L 207 -15.96 18.05 57.64
CA THR L 207 -14.72 17.30 57.31
C THR L 207 -14.26 17.68 55.90
N LEU L 208 -15.01 18.55 55.22
CA LEU L 208 -14.67 18.96 53.82
C LEU L 208 -14.81 17.76 52.88
N ALA L 209 -15.87 16.97 53.05
CA ALA L 209 -16.10 15.81 52.16
C ALA L 209 -16.83 16.29 50.89
N THR L 210 -16.87 15.45 49.85
CA THR L 210 -17.54 15.82 48.58
C THR L 210 -18.99 16.20 48.88
N PRO L 211 -19.57 17.22 48.20
CA PRO L 211 -20.93 17.67 48.50
C PRO L 211 -21.93 16.50 48.35
N TYR L 212 -21.71 15.65 47.35
CA TYR L 212 -22.63 14.50 47.12
C TYR L 212 -22.68 13.63 48.37
N SER L 213 -21.50 13.32 48.94
CA SER L 213 -21.44 12.47 50.15
C SER L 213 -22.28 13.13 51.25
N VAL L 214 -22.20 14.45 51.38
CA VAL L 214 -22.98 15.18 52.42
C VAL L 214 -24.47 14.90 52.20
N ILE L 215 -24.98 15.16 51.00
CA ILE L 215 -26.42 14.96 50.71
C ILE L 215 -26.78 13.49 50.93
N SER L 216 -25.88 12.58 50.53
CA SER L 216 -26.14 11.13 50.69
C SER L 216 -26.40 10.83 52.17
N ALA L 217 -25.54 11.35 53.05
CA ALA L 217 -25.73 11.15 54.50
C ALA L 217 -27.04 11.82 54.94
N ALA L 218 -27.30 13.02 54.42
CA ALA L 218 -28.52 13.76 54.83
C ALA L 218 -29.77 12.96 54.48
N ILE L 219 -29.83 12.42 53.26
CA ILE L 219 -31.04 11.68 52.82
C ILE L 219 -31.18 10.42 53.69
N GLY L 220 -30.05 9.80 54.04
CA GLY L 220 -30.11 8.63 54.96
C GLY L 220 -30.67 9.04 56.31
N THR L 221 -30.23 10.19 56.83
CA THR L 221 -30.76 10.70 58.11
C THR L 221 -32.26 10.92 57.97
N LEU L 222 -32.68 11.58 56.89
CA LEU L 222 -34.12 11.81 56.64
C LEU L 222 -34.82 10.45 56.50
N SER L 223 -34.09 9.43 56.05
CA SER L 223 -34.70 8.09 55.84
C SER L 223 -35.30 7.58 57.15
N GLY L 224 -34.63 7.86 58.27
CA GLY L 224 -35.11 7.38 59.58
C GLY L 224 -36.54 7.81 59.84
N PRO L 225 -37.40 6.94 60.44
CA PRO L 225 -38.81 7.26 60.64
C PRO L 225 -39.00 8.49 61.54
N LEU L 226 -38.16 8.65 62.56
CA LEU L 226 -38.31 9.79 63.51
C LEU L 226 -38.20 11.11 62.76
N HIS L 227 -37.22 11.24 61.87
CA HIS L 227 -37.01 12.51 61.13
C HIS L 227 -37.73 12.46 59.79
N GLY L 228 -37.96 11.27 59.24
CA GLY L 228 -38.61 11.14 57.93
C GLY L 228 -40.08 10.82 58.04
N GLY L 229 -40.42 9.73 58.73
CA GLY L 229 -41.84 9.35 58.92
C GLY L 229 -42.59 9.47 57.62
N ALA L 230 -43.65 10.29 57.60
CA ALA L 230 -44.42 10.51 56.35
C ALA L 230 -44.80 9.16 55.75
N ASN L 231 -45.00 8.15 56.60
CA ASN L 231 -45.34 6.79 56.10
C ASN L 231 -46.42 6.19 57.01
N GLN L 232 -46.07 5.93 58.27
CA GLN L 232 -47.09 5.43 59.23
C GLN L 232 -48.22 6.45 59.32
N ARG L 233 -47.92 7.72 59.05
CA ARG L 233 -48.96 8.78 59.05
C ARG L 233 -50.02 8.37 58.02
N VAL L 234 -49.59 7.82 56.88
CA VAL L 234 -50.55 7.35 55.85
C VAL L 234 -51.33 6.17 56.44
N VAL L 235 -50.67 5.38 57.30
CA VAL L 235 -51.33 4.18 57.88
C VAL L 235 -52.35 4.62 58.92
N GLY L 236 -53.60 4.87 58.50
CA GLY L 236 -54.66 5.27 59.44
C GLY L 236 -55.76 4.23 59.50
N MET L 237 -56.19 3.85 60.71
CA MET L 237 -57.22 2.80 60.87
C MET L 237 -58.43 3.14 60.00
N LEU L 238 -59.04 4.31 60.24
CA LEU L 238 -60.24 4.73 59.48
C LEU L 238 -60.76 6.07 60.02
N GLN L 239 -61.71 6.70 59.33
CA GLN L 239 -62.31 7.96 59.81
C GLN L 239 -63.37 7.64 60.86
N GLU L 240 -63.92 8.68 61.52
CA GLU L 240 -64.95 8.46 62.57
C GLU L 240 -64.37 7.56 63.66
N ILE L 241 -63.05 7.60 63.84
CA ILE L 241 -62.39 6.78 64.90
C ILE L 241 -62.68 7.41 66.27
N GLY L 242 -62.61 6.62 67.33
CA GLY L 242 -62.83 7.16 68.69
C GLY L 242 -61.55 7.75 69.25
N SER L 243 -61.22 7.46 70.51
CA SER L 243 -59.95 7.96 71.11
C SER L 243 -59.16 6.79 71.70
N PRO L 244 -58.68 5.84 70.88
CA PRO L 244 -57.87 4.73 71.38
C PRO L 244 -56.39 5.16 71.40
N LYS L 245 -56.16 6.48 71.34
CA LYS L 245 -54.75 6.99 71.29
C LYS L 245 -54.14 6.88 72.69
N ASN L 246 -53.78 5.66 73.11
CA ASN L 246 -53.16 5.47 74.45
C ASN L 246 -51.89 6.33 74.53
N VAL L 247 -51.67 6.97 75.68
CA VAL L 247 -50.44 7.81 75.86
C VAL L 247 -49.21 6.93 75.71
N GLU L 248 -49.31 5.66 76.15
CA GLU L 248 -48.17 4.71 76.06
C GLU L 248 -46.86 5.50 75.95
N TRP L 262 -47.88 10.76 65.76
CA TRP L 262 -47.01 10.46 64.59
C TRP L 262 -47.07 11.62 63.59
N GLY L 263 -45.93 12.27 63.34
CA GLY L 263 -45.89 13.40 62.39
C GLY L 263 -46.75 14.55 62.86
N MET L 264 -46.89 14.73 64.17
CA MET L 264 -47.70 15.85 64.73
C MET L 264 -46.84 16.65 65.71
N GLY L 265 -45.84 16.02 66.32
CA GLY L 265 -45.01 16.71 67.34
C GLY L 265 -43.80 17.40 66.74
N HIS L 266 -43.32 18.45 67.39
CA HIS L 266 -42.10 19.16 66.93
C HIS L 266 -41.37 19.71 68.17
N ARG L 267 -40.33 19.01 68.63
CA ARG L 267 -39.64 19.41 69.88
C ARG L 267 -39.27 20.91 69.84
N GLU L 268 -39.24 21.51 68.65
CA GLU L 268 -38.98 22.96 68.55
C GLU L 268 -40.30 23.73 68.43
N TYR L 269 -41.32 23.14 67.80
CA TYR L 269 -42.59 23.87 67.57
C TYR L 269 -43.52 23.74 68.78
N LYS L 270 -44.30 24.79 69.05
CA LYS L 270 -45.29 24.74 70.16
C LYS L 270 -46.66 25.11 69.59
N VAL L 271 -46.70 25.58 68.34
CA VAL L 271 -47.98 25.93 67.68
C VAL L 271 -48.08 25.15 66.36
N LYS L 272 -49.25 25.11 65.73
CA LYS L 272 -49.43 24.29 64.50
C LYS L 272 -48.38 24.69 63.46
N ASP L 273 -47.72 23.71 62.85
CA ASP L 273 -46.73 24.00 61.78
C ASP L 273 -47.41 24.83 60.70
N PRO L 274 -46.90 26.02 60.35
CA PRO L 274 -47.49 26.83 59.29
C PRO L 274 -47.56 26.02 57.99
N ARG L 275 -46.49 25.27 57.70
CA ARG L 275 -46.48 24.43 56.49
C ARG L 275 -47.73 23.54 56.54
N ALA L 276 -48.02 22.99 57.71
CA ALA L 276 -49.19 22.09 57.86
C ALA L 276 -50.47 22.86 57.52
N THR L 277 -50.59 24.09 58.03
CA THR L 277 -51.77 24.92 57.70
C THR L 277 -51.85 25.04 56.18
N ILE L 278 -50.74 25.40 55.54
CA ILE L 278 -50.74 25.58 54.06
C ILE L 278 -51.23 24.28 53.43
N LEU L 279 -50.65 23.15 53.85
CA LEU L 279 -51.03 21.84 53.26
C LEU L 279 -52.52 21.60 53.49
N HIS L 280 -52.99 21.82 54.72
CA HIS L 280 -54.41 21.54 55.04
C HIS L 280 -55.28 22.30 54.04
N LYS L 281 -54.97 23.58 53.83
CA LYS L 281 -55.73 24.37 52.85
C LYS L 281 -55.60 23.69 51.49
N LEU L 282 -54.37 23.37 51.08
CA LEU L 282 -54.15 22.79 49.73
C LEU L 282 -54.94 21.48 49.60
N VAL L 283 -54.82 20.58 50.56
CA VAL L 283 -55.48 19.25 50.39
C VAL L 283 -56.98 19.50 50.17
N GLU L 284 -57.58 20.30 51.05
CA GLU L 284 -59.04 20.57 50.92
C GLU L 284 -59.28 21.20 49.56
N GLN L 285 -58.42 22.13 49.15
CA GLN L 285 -58.60 22.84 47.85
C GLN L 285 -58.63 21.83 46.72
N LEU L 286 -57.60 20.97 46.63
CA LEU L 286 -57.53 20.00 45.50
C LEU L 286 -58.72 19.03 45.60
N VAL L 287 -59.00 18.54 46.80
CA VAL L 287 -60.14 17.60 46.99
C VAL L 287 -61.42 18.33 46.58
N ALA L 288 -61.44 19.66 46.70
CA ALA L 288 -62.65 20.44 46.36
C ALA L 288 -63.05 20.18 44.91
N GLU L 289 -62.08 20.24 43.98
CA GLU L 289 -62.39 20.03 42.55
C GLU L 289 -61.99 18.60 42.16
N PHE L 298 -62.93 9.18 50.18
CA PHE L 298 -63.28 9.47 51.60
C PHE L 298 -62.46 8.57 52.52
N ASP L 299 -62.74 8.62 53.83
CA ASP L 299 -62.03 7.77 54.80
C ASP L 299 -60.54 8.11 54.78
N THR L 300 -60.19 9.31 54.28
CA THR L 300 -58.78 9.75 54.24
C THR L 300 -58.65 11.08 54.98
N ALA L 301 -58.85 12.21 54.30
CA ALA L 301 -58.80 13.52 54.95
C ALA L 301 -59.80 13.55 56.12
N LEU L 302 -60.90 12.80 55.98
CA LEU L 302 -61.94 12.76 57.05
C LEU L 302 -61.26 12.47 58.39
N LYS L 303 -60.58 11.33 58.50
CA LYS L 303 -59.94 10.94 59.79
C LYS L 303 -58.86 11.97 60.13
N LEU L 304 -58.10 12.43 59.13
CA LEU L 304 -57.01 13.42 59.39
C LEU L 304 -57.61 14.68 60.02
N GLU L 305 -58.73 15.17 59.48
CA GLU L 305 -59.36 16.41 60.01
C GLU L 305 -59.75 16.18 61.48
N GLU L 306 -60.43 15.07 61.77
CA GLU L 306 -60.86 14.77 63.16
C GLU L 306 -59.62 14.54 64.02
N VAL L 307 -58.56 13.98 63.44
CA VAL L 307 -57.27 13.79 64.19
C VAL L 307 -56.74 15.17 64.57
N CYS L 308 -56.87 16.15 63.67
CA CYS L 308 -56.44 17.54 63.99
C CYS L 308 -57.12 17.97 65.29
N ALA L 309 -58.37 17.52 65.49
CA ALA L 309 -59.10 17.87 66.73
C ALA L 309 -58.59 17.02 67.89
N ASP L 310 -57.43 17.38 68.45
CA ASP L 310 -56.86 16.63 69.60
C ASP L 310 -56.07 17.60 70.49
N ARG L 311 -56.76 18.54 71.13
CA ARG L 311 -56.09 19.54 72.01
C ARG L 311 -55.75 18.87 73.34
N LEU L 312 -56.47 17.81 73.70
CA LEU L 312 -56.19 17.05 74.95
C LEU L 312 -54.87 16.30 74.80
N PRO L 319 -50.05 18.90 65.36
CA PRO L 319 -49.71 18.24 64.09
C PRO L 319 -48.50 18.86 63.37
N ASN L 320 -47.71 18.03 62.69
CA ASN L 320 -46.50 18.51 61.97
C ASN L 320 -46.79 18.52 60.46
N VAL L 321 -45.79 18.86 59.66
CA VAL L 321 -45.97 18.96 58.18
C VAL L 321 -46.38 17.58 57.64
N ASP L 322 -45.78 16.51 58.18
CA ASP L 322 -46.05 15.14 57.65
C ASP L 322 -47.53 14.79 57.87
N PHE L 323 -48.25 15.59 58.66
CA PHE L 323 -49.66 15.25 58.98
C PHE L 323 -50.47 15.11 57.69
N TYR L 324 -50.36 16.08 56.78
CA TYR L 324 -51.19 16.07 55.55
C TYR L 324 -50.33 15.87 54.31
N SER L 325 -49.00 15.82 54.47
CA SER L 325 -48.12 15.72 53.29
C SER L 325 -48.53 14.51 52.43
N GLY L 326 -48.86 13.39 53.05
CA GLY L 326 -49.18 12.17 52.28
C GLY L 326 -50.43 12.32 51.45
N ILE L 327 -51.51 12.82 52.04
CA ILE L 327 -52.80 12.89 51.30
C ILE L 327 -52.57 13.66 50.00
N LEU L 328 -51.84 14.78 50.06
CA LEU L 328 -51.64 15.61 48.85
C LEU L 328 -50.93 14.77 47.79
N TYR L 329 -49.79 14.17 48.15
CA TYR L 329 -49.03 13.34 47.19
C TYR L 329 -49.93 12.20 46.70
N SER L 330 -50.66 11.57 47.63
CA SER L 330 -51.49 10.41 47.25
C SER L 330 -52.46 10.81 46.14
N GLU L 331 -53.05 11.99 46.25
CA GLU L 331 -54.00 12.47 45.21
C GLU L 331 -53.21 13.01 44.03
N MET L 332 -51.89 13.18 44.20
CA MET L 332 -51.04 13.65 43.07
C MET L 332 -50.45 12.44 42.35
N GLY L 333 -50.81 11.23 42.76
CA GLY L 333 -50.36 10.02 42.05
C GLY L 333 -49.08 9.45 42.62
N ILE L 334 -48.41 10.21 43.50
CA ILE L 334 -47.10 9.74 44.06
C ILE L 334 -47.34 8.50 44.92
N PRO L 335 -46.54 7.43 44.78
CA PRO L 335 -46.67 6.24 45.60
C PRO L 335 -46.28 6.55 47.05
N GLU L 336 -46.83 5.81 48.00
CA GLU L 336 -46.55 6.09 49.44
C GLU L 336 -45.06 5.94 49.70
N ASP L 337 -44.43 4.94 49.09
CA ASP L 337 -42.98 4.68 49.34
C ASP L 337 -42.17 5.92 48.96
N GLU L 338 -42.64 6.71 48.00
CA GLU L 338 -41.83 7.87 47.51
C GLU L 338 -42.07 9.09 48.38
N PHE L 339 -43.01 9.03 49.32
CA PHE L 339 -43.34 10.24 50.11
C PHE L 339 -42.06 10.82 50.72
N THR L 340 -41.33 10.00 51.49
CA THR L 340 -40.12 10.51 52.18
C THR L 340 -39.14 11.05 51.14
N ALA L 341 -38.99 10.34 50.02
CA ALA L 341 -38.02 10.75 48.98
C ALA L 341 -38.38 12.14 48.47
N LEU L 342 -39.67 12.39 48.24
CA LEU L 342 -40.07 13.71 47.69
C LEU L 342 -39.58 14.78 48.66
N PHE L 343 -39.69 14.51 49.96
CA PHE L 343 -39.22 15.49 50.97
C PHE L 343 -37.76 15.82 50.66
N ALA L 344 -36.95 14.79 50.43
CA ALA L 344 -35.51 15.01 50.15
C ALA L 344 -35.38 15.86 48.88
N VAL L 345 -36.22 15.61 47.89
CA VAL L 345 -36.12 16.36 46.60
C VAL L 345 -36.10 17.85 46.94
N ALA L 346 -36.81 18.25 48.00
CA ALA L 346 -36.91 19.68 48.34
C ALA L 346 -35.77 20.11 49.27
N ARG L 347 -35.61 19.43 50.41
CA ARG L 347 -34.59 19.84 51.40
C ARG L 347 -33.23 19.90 50.72
N SER L 348 -33.11 19.27 49.55
CA SER L 348 -31.84 19.31 48.80
C SER L 348 -31.34 20.76 48.80
N ALA L 349 -32.23 21.70 48.52
CA ALA L 349 -31.83 23.12 48.46
C ALA L 349 -31.27 23.53 49.82
N GLY L 350 -32.04 23.36 50.88
CA GLY L 350 -31.60 23.79 52.22
C GLY L 350 -30.29 23.12 52.58
N TRP L 351 -30.20 21.81 52.36
CA TRP L 351 -28.97 21.08 52.76
C TRP L 351 -27.74 21.71 52.08
N LEU L 352 -27.80 21.89 50.77
CA LEU L 352 -26.62 22.43 50.04
C LEU L 352 -26.37 23.88 50.49
N ALA L 353 -27.44 24.60 50.82
CA ALA L 353 -27.29 25.99 51.30
C ALA L 353 -26.49 26.00 52.60
N HIS L 354 -26.93 25.21 53.58
CA HIS L 354 -26.17 25.11 54.86
C HIS L 354 -24.72 24.74 54.55
N TRP L 355 -24.52 23.92 53.52
CA TRP L 355 -23.13 23.53 53.12
C TRP L 355 -22.39 24.79 52.65
N ARG L 356 -23.05 25.61 51.84
CA ARG L 356 -22.42 26.85 51.33
C ARG L 356 -22.10 27.77 52.51
N GLU L 357 -22.70 27.50 53.68
CA GLU L 357 -22.49 28.35 54.87
C GLU L 357 -21.34 27.79 55.70
N GLN L 358 -21.36 26.49 55.98
CA GLN L 358 -20.30 25.86 56.82
C GLN L 358 -18.95 26.07 56.14
N ILE L 359 -18.96 26.56 54.89
CA ILE L 359 -17.68 26.84 54.19
C ILE L 359 -16.74 27.55 55.17
N SER L 360 -17.25 28.59 55.84
CA SER L 360 -16.43 29.33 56.84
C SER L 360 -16.76 28.83 58.24
N ASP L 361 -16.42 27.56 58.55
CA ASP L 361 -16.74 26.99 59.88
C ASP L 361 -15.44 26.67 60.63
N ASN L 362 -14.49 26.02 59.95
CA ASN L 362 -13.23 25.61 60.62
C ASN L 362 -13.59 24.77 61.84
N ARG L 363 -14.76 24.12 61.80
CA ARG L 363 -15.21 23.29 62.95
C ARG L 363 -15.41 21.84 62.49
N ILE L 364 -14.74 20.90 63.16
CA ILE L 364 -14.90 19.45 62.82
C ILE L 364 -16.07 18.91 63.64
N TYR L 365 -16.70 19.77 64.45
CA TYR L 365 -17.86 19.35 65.28
C TYR L 365 -17.47 18.22 66.24
N ARG L 366 -16.53 18.50 67.16
CA ARG L 366 -16.16 17.49 68.19
C ARG L 366 -17.06 17.72 69.42
N PRO L 367 -18.14 16.93 69.59
CA PRO L 367 -19.08 17.16 70.70
C PRO L 367 -18.49 16.84 72.09
N THR L 368 -19.19 17.24 73.15
CA THR L 368 -18.73 16.96 74.53
C THR L 368 -18.73 15.46 74.79
N GLN L 369 -17.88 14.99 75.70
CA GLN L 369 -17.80 13.53 76.00
C GLN L 369 -18.10 13.28 77.48
N ILE L 370 -18.94 12.29 77.77
CA ILE L 370 -19.26 11.94 79.18
C ILE L 370 -18.86 10.47 79.38
N TYR L 371 -19.28 9.84 80.49
CA TYR L 371 -18.99 8.39 80.66
C TYR L 371 -19.99 7.60 79.83
N VAL L 372 -19.81 7.57 78.51
CA VAL L 372 -20.75 6.82 77.60
C VAL L 372 -19.98 5.65 76.97
N GLY L 373 -20.41 4.42 77.27
CA GLY L 373 -19.74 3.23 76.72
C GLY L 373 -18.23 3.35 76.82
N SER L 374 -17.51 3.13 75.72
CA SER L 374 -16.04 3.28 75.73
C SER L 374 -15.67 4.75 75.94
N ASP L 375 -15.21 5.09 77.15
CA ASP L 375 -14.83 6.50 77.46
C ASP L 375 -13.48 6.82 76.82
#